data_9K2K
#
_entry.id   9K2K
#
_cell.length_a   96.368
_cell.length_b   174.507
_cell.length_c   194.455
_cell.angle_alpha   90.00
_cell.angle_beta   90.00
_cell.angle_gamma   90.00
#
_symmetry.space_group_name_H-M   'P 21 21 21'
#
loop_
_entity.id
_entity.type
_entity.pdbx_description
1 polymer 'ATP-dependent Clp protease proteolytic subunit'
2 non-polymer (6~{S},9~{a}~{S})-6-(2-methylpropyl)-8-(naphthalen-1-ylmethyl)-4,7-bis(oxidanylidene)-~{N}-(phenylmethyl)-3,6,9,9~{a}-tetrahydro-2~{H}-pyrazino[1,2-a]pyrimidine-1-carboxamide
#
_entity_poly.entity_id   1
_entity_poly.type   'polypeptide(L)'
_entity_poly.pdbx_seq_one_letter_code
;MNLIPTVIETTNRGERAYDIYSRLLKDRIIMLGSQIDDNVANSIVSQLLFLQAQDSEKDIYLYINSPGGSVTAGFAIYDT
IQHIKPDVQTICIGMAASMGSFLLAAGAKGKRFALPNAEVMIHQPLGGAQGQATEIEIAANHILKTREKLNRILSERTGQ
SIEKIQKDTDRDNFLTAEEAKEYGLIDEVMVPETKHHHHHH
;
_entity_poly.pdbx_strand_id   A,B,C,D,E,F,G,H,I,J,K,L,M,N
#
# COMPACT_ATOMS: atom_id res chain seq x y z
N ILE A 4 22.42 -8.48 22.45
CA ILE A 4 23.67 -7.83 23.04
C ILE A 4 23.95 -8.36 24.46
N PRO A 5 24.99 -9.20 24.61
CA PRO A 5 25.23 -9.87 25.88
C PRO A 5 25.80 -8.99 27.00
N THR A 6 25.57 -9.42 28.23
CA THR A 6 26.04 -8.76 29.44
C THR A 6 27.21 -9.57 30.03
N VAL A 7 28.24 -8.87 30.51
CA VAL A 7 29.37 -9.47 31.23
C VAL A 7 29.44 -8.85 32.64
N ILE A 8 29.82 -9.65 33.65
CA ILE A 8 29.89 -9.20 35.05
C ILE A 8 31.32 -9.26 35.59
N GLU A 9 31.80 -8.16 36.19
CA GLU A 9 33.16 -8.10 36.84
C GLU A 9 33.15 -7.75 38.39
N ARG A 16 29.64 -5.61 39.38
CA ARG A 16 29.54 -4.60 38.33
C ARG A 16 29.19 -5.25 36.96
N ALA A 17 27.97 -4.98 36.47
CA ALA A 17 27.45 -5.55 35.20
C ALA A 17 27.56 -4.56 34.05
N TYR A 18 28.04 -5.03 32.92
CA TYR A 18 28.24 -4.22 31.73
C TYR A 18 27.67 -4.92 30.53
N ASP A 19 26.96 -4.20 29.67
CA ASP A 19 26.72 -4.68 28.31
C ASP A 19 28.09 -4.66 27.59
N ILE A 20 28.29 -5.60 26.68
CA ILE A 20 29.62 -5.85 26.09
C ILE A 20 30.27 -4.55 25.55
N TYR A 21 29.46 -3.69 24.90
CA TYR A 21 29.99 -2.45 24.30
C TYR A 21 30.41 -1.43 25.36
N SER A 22 29.63 -1.33 26.42
CA SER A 22 29.98 -0.48 27.56
C SER A 22 31.27 -0.93 28.25
N ARG A 23 31.52 -2.24 28.24
CA ARG A 23 32.74 -2.81 28.83
C ARG A 23 33.96 -2.47 28.00
N LEU A 24 33.82 -2.53 26.69
CA LEU A 24 34.87 -2.05 25.80
C LEU A 24 35.16 -0.57 26.06
N LEU A 25 34.12 0.23 26.30
CA LEU A 25 34.29 1.65 26.61
C LEU A 25 35.06 1.87 27.91
N LYS A 26 34.90 0.98 28.89
CA LYS A 26 35.69 1.07 30.13
C LYS A 26 37.18 0.94 29.86
N ASP A 27 37.56 0.16 28.85
CA ASP A 27 38.94 0.06 28.39
C ASP A 27 39.26 1.00 27.21
N ARG A 28 38.54 2.12 27.11
CA ARG A 28 38.82 3.18 26.14
C ARG A 28 38.70 2.77 24.67
N ILE A 29 37.82 1.80 24.41
CA ILE A 29 37.51 1.34 23.05
C ILE A 29 36.12 1.83 22.66
N ILE A 30 36.06 2.59 21.56
CA ILE A 30 34.83 3.12 21.03
C ILE A 30 34.47 2.35 19.73
N MET A 31 33.23 1.90 19.64
CA MET A 31 32.73 1.16 18.47
C MET A 31 32.01 2.08 17.50
N LEU A 32 32.61 2.29 16.34
CA LEU A 32 31.93 2.89 15.17
C LEU A 32 31.62 1.73 14.21
N GLY A 33 30.46 1.11 14.40
CA GLY A 33 30.14 -0.16 13.74
C GLY A 33 28.87 -0.13 12.91
N SER A 34 28.43 1.05 12.50
CA SER A 34 27.19 1.17 11.76
C SER A 34 27.23 2.36 10.82
N GLN A 35 26.14 2.56 10.07
CA GLN A 35 26.00 3.74 9.24
C GLN A 35 26.12 4.98 10.09
N ILE A 36 26.88 5.94 9.59
CA ILE A 36 27.12 7.18 10.30
C ILE A 36 25.95 8.14 10.08
N ASP A 37 25.15 8.36 11.10
CA ASP A 37 24.15 9.41 11.09
C ASP A 37 24.42 10.35 12.26
N ASP A 38 23.57 11.36 12.44
CA ASP A 38 23.75 12.31 13.55
C ASP A 38 23.74 11.63 14.96
N ASN A 39 22.89 10.62 15.18
CA ASN A 39 22.86 9.87 16.48
C ASN A 39 24.17 9.20 16.78
N VAL A 40 24.69 8.44 15.81
CA VAL A 40 25.94 7.71 15.96
C VAL A 40 27.08 8.67 16.22
N ALA A 41 27.13 9.78 15.47
CA ALA A 41 28.13 10.81 15.70
C ALA A 41 28.06 11.40 17.12
N ASN A 42 26.88 11.82 17.56
CA ASN A 42 26.71 12.40 18.90
C ASN A 42 27.20 11.46 20.01
N SER A 43 26.88 10.18 19.89
CA SER A 43 27.34 9.15 20.83
C SER A 43 28.87 9.06 20.85
N ILE A 44 29.47 8.93 19.67
CA ILE A 44 30.93 8.82 19.53
C ILE A 44 31.61 10.08 20.09
N VAL A 45 31.09 11.26 19.73
CA VAL A 45 31.59 12.53 20.26
C VAL A 45 31.55 12.54 21.79
N SER A 46 30.41 12.16 22.36
CA SER A 46 30.23 12.12 23.80
C SER A 46 31.17 11.14 24.48
N GLN A 47 31.40 10.00 23.84
CA GLN A 47 32.37 9.01 24.35
C GLN A 47 33.81 9.58 24.35
N LEU A 48 34.20 10.20 23.25
CA LEU A 48 35.52 10.82 23.13
C LEU A 48 35.78 11.89 24.18
N LEU A 49 34.80 12.75 24.43
CA LEU A 49 34.93 13.84 25.42
C LEU A 49 35.07 13.28 26.84
N PHE A 50 34.28 12.24 27.12
CA PHE A 50 34.31 11.53 28.39
C PHE A 50 35.63 10.84 28.62
N LEU A 51 36.10 10.08 27.64
CA LEU A 51 37.39 9.38 27.79
C LEU A 51 38.55 10.35 28.04
N GLN A 52 38.49 11.55 27.44
CA GLN A 52 39.48 12.60 27.72
C GLN A 52 39.45 13.04 29.18
N ALA A 53 38.24 13.30 29.69
CA ALA A 53 38.08 13.70 31.09
C ALA A 53 38.56 12.63 32.08
N GLN A 54 38.40 11.36 31.73
CA GLN A 54 38.91 10.23 32.52
C GLN A 54 40.41 10.23 32.60
N ASP A 55 41.05 10.38 31.44
CA ASP A 55 42.51 10.38 31.34
C ASP A 55 42.91 11.06 30.04
N SER A 56 43.55 12.22 30.12
CA SER A 56 43.96 12.99 28.94
C SER A 56 45.28 12.53 28.30
N GLU A 57 45.95 11.56 28.93
CA GLU A 57 47.23 11.03 28.45
C GLU A 57 47.04 9.72 27.64
N LYS A 58 46.24 8.80 28.18
CA LYS A 58 46.10 7.44 27.64
C LYS A 58 45.42 7.37 26.27
N ASP A 59 45.88 6.44 25.44
CA ASP A 59 45.32 6.23 24.11
C ASP A 59 43.85 5.81 24.15
N ILE A 60 43.12 6.23 23.12
CA ILE A 60 41.76 5.78 22.82
C ILE A 60 41.82 4.92 21.55
N TYR A 61 40.95 3.90 21.48
CA TYR A 61 40.90 2.98 20.32
C TYR A 61 39.56 3.06 19.62
N LEU A 62 39.59 3.51 18.36
CA LEU A 62 38.36 3.65 17.56
C LEU A 62 38.26 2.52 16.55
N TYR A 63 37.37 1.58 16.85
CA TYR A 63 37.03 0.45 15.96
C TYR A 63 36.12 0.96 14.85
N ILE A 64 36.45 0.64 13.60
CA ILE A 64 35.64 1.07 12.47
C ILE A 64 35.20 -0.10 11.60
N ASN A 65 33.88 -0.36 11.60
CA ASN A 65 33.23 -1.27 10.65
C ASN A 65 31.98 -0.59 10.14
N SER A 66 32.16 0.32 9.19
CA SER A 66 31.11 1.22 8.75
C SER A 66 31.14 1.44 7.25
N PRO A 67 29.94 1.49 6.60
CA PRO A 67 29.86 1.83 5.19
C PRO A 67 29.91 3.34 4.95
N GLY A 68 30.06 4.13 6.02
CA GLY A 68 30.04 5.57 5.94
C GLY A 68 28.66 6.11 6.20
N GLY A 69 28.35 7.27 5.61
CA GLY A 69 27.06 7.94 5.84
C GLY A 69 27.20 9.44 5.76
N SER A 70 26.50 10.16 6.65
CA SER A 70 26.46 11.62 6.64
C SER A 70 27.86 12.25 6.76
N VAL A 71 28.20 13.10 5.79
CA VAL A 71 29.47 13.83 5.78
C VAL A 71 29.57 14.74 6.99
N THR A 72 28.50 15.46 7.22
CA THR A 72 28.42 16.39 8.35
C THR A 72 28.56 15.75 9.74
N ALA A 73 27.87 14.64 9.95
CA ALA A 73 28.03 13.81 11.13
C ALA A 73 29.44 13.22 11.23
N GLY A 74 30.00 12.83 10.09
CA GLY A 74 31.38 12.39 10.03
C GLY A 74 32.36 13.44 10.51
N PHE A 75 32.17 14.68 10.06
CA PHE A 75 33.00 15.81 10.53
C PHE A 75 32.79 16.21 12.01
N ALA A 76 31.67 15.82 12.61
CA ALA A 76 31.51 15.97 14.04
C ALA A 76 32.51 15.08 14.77
N ILE A 77 32.62 13.83 14.31
CA ILE A 77 33.54 12.86 14.89
C ILE A 77 34.99 13.29 14.62
N TYR A 78 35.29 13.63 13.37
CA TYR A 78 36.63 14.07 12.99
C TYR A 78 37.15 15.23 13.84
N ASP A 79 36.40 16.33 13.89
CA ASP A 79 36.80 17.51 14.67
C ASP A 79 37.01 17.22 16.16
N THR A 80 36.16 16.36 16.73
CA THR A 80 36.29 15.97 18.12
C THR A 80 37.54 15.12 18.35
N ILE A 81 37.86 14.22 17.42
CA ILE A 81 39.12 13.44 17.48
C ILE A 81 40.33 14.39 17.52
N GLN A 82 40.38 15.32 16.57
CA GLN A 82 41.50 16.25 16.49
C GLN A 82 41.60 17.20 17.69
N HIS A 83 40.45 17.62 18.21
CA HIS A 83 40.41 18.54 19.36
C HIS A 83 40.99 17.95 20.64
N ILE A 84 40.64 16.71 20.97
CA ILE A 84 41.00 16.12 22.26
C ILE A 84 42.47 15.80 22.34
N LYS A 85 42.95 15.78 23.57
CA LYS A 85 44.38 15.63 23.87
C LYS A 85 44.91 14.21 23.55
N PRO A 86 44.17 13.13 23.93
CA PRO A 86 44.67 11.78 23.66
C PRO A 86 44.79 11.45 22.19
N ASP A 87 45.77 10.61 21.87
CA ASP A 87 45.83 9.99 20.56
C ASP A 87 44.63 9.07 20.41
N VAL A 88 43.99 9.12 19.24
CA VAL A 88 42.90 8.21 18.89
C VAL A 88 43.38 7.25 17.83
N GLN A 89 43.58 6.00 18.23
CA GLN A 89 43.92 4.95 17.27
C GLN A 89 42.69 4.61 16.46
N THR A 90 42.86 4.32 15.17
CA THR A 90 41.76 3.87 14.30
C THR A 90 42.08 2.48 13.74
N ILE A 91 41.13 1.56 13.85
CA ILE A 91 41.33 0.14 13.47
C ILE A 91 40.16 -0.31 12.62
N CYS A 92 40.43 -0.53 11.34
CA CYS A 92 39.43 -0.97 10.40
C CYS A 92 39.30 -2.49 10.39
N ILE A 93 38.13 -2.98 10.79
CA ILE A 93 37.85 -4.42 10.85
C ILE A 93 36.57 -4.66 10.04
N GLY A 94 36.63 -5.61 9.10
CA GLY A 94 35.52 -5.85 8.21
C GLY A 94 35.49 -4.92 7.02
N MET A 95 35.05 -3.68 7.25
CA MET A 95 34.88 -2.68 6.17
C MET A 95 34.93 -1.24 6.68
N ALA A 96 35.62 -0.37 5.95
CA ALA A 96 35.53 1.09 6.15
C ALA A 96 35.33 1.76 4.80
N ALA A 97 34.15 2.33 4.58
CA ALA A 97 33.82 2.95 3.30
C ALA A 97 33.33 4.39 3.47
N SER A 98 33.48 5.20 2.42
CA SER A 98 32.97 6.58 2.38
C SER A 98 33.57 7.40 3.55
N MET A 99 32.72 7.98 4.40
CA MET A 99 33.17 8.75 5.56
C MET A 99 33.86 7.86 6.60
N GLY A 100 33.57 6.55 6.56
CA GLY A 100 34.22 5.58 7.43
C GLY A 100 35.70 5.46 7.16
N SER A 101 36.08 5.42 5.89
CA SER A 101 37.50 5.38 5.49
C SER A 101 38.17 6.75 5.66
N PHE A 102 37.38 7.82 5.56
CA PHE A 102 37.90 9.15 5.87
C PHE A 102 38.35 9.22 7.32
N LEU A 103 37.49 8.74 8.21
CA LEU A 103 37.77 8.72 9.65
C LEU A 103 38.88 7.75 10.02
N LEU A 104 38.97 6.65 9.28
CA LEU A 104 40.10 5.72 9.42
C LEU A 104 41.42 6.45 9.23
N ALA A 105 41.50 7.23 8.16
CA ALA A 105 42.67 8.07 7.86
C ALA A 105 42.93 9.20 8.88
N ALA A 106 41.91 9.61 9.63
CA ALA A 106 42.02 10.71 10.60
C ALA A 106 42.61 10.31 11.96
N GLY A 107 42.92 9.02 12.11
CA GLY A 107 43.51 8.54 13.33
C GLY A 107 44.88 9.14 13.55
N ALA A 108 45.33 9.08 14.81
CA ALA A 108 46.61 9.62 15.21
C ALA A 108 47.74 9.06 14.37
N LYS A 109 48.69 9.93 14.02
CA LYS A 109 49.82 9.59 13.14
C LYS A 109 50.58 8.37 13.66
N GLY A 110 50.70 7.36 12.80
CA GLY A 110 51.39 6.11 13.14
C GLY A 110 50.55 5.07 13.86
N LYS A 111 49.30 5.39 14.19
CA LYS A 111 48.41 4.48 14.93
C LYS A 111 47.08 4.23 14.18
N ARG A 112 47.16 4.16 12.86
CA ARG A 112 46.03 3.85 11.98
C ARG A 112 46.26 2.44 11.43
N PHE A 113 45.38 1.51 11.81
CA PHE A 113 45.52 0.10 11.48
C PHE A 113 44.35 -0.47 10.70
N ALA A 114 44.60 -1.61 10.06
CA ALA A 114 43.54 -2.42 9.46
C ALA A 114 43.97 -3.86 9.54
N LEU A 115 43.01 -4.74 9.83
CA LEU A 115 43.28 -6.17 9.88
C LEU A 115 43.35 -6.72 8.44
N PRO A 116 44.00 -7.90 8.22
CA PRO A 116 44.45 -8.33 6.88
C PRO A 116 43.37 -8.37 5.78
N ASN A 117 42.21 -8.93 6.09
CA ASN A 117 41.12 -9.05 5.12
C ASN A 117 40.05 -7.95 5.21
N ALA A 118 40.37 -6.84 5.87
CA ALA A 118 39.43 -5.71 5.95
C ALA A 118 39.39 -4.99 4.60
N GLU A 119 38.24 -4.41 4.30
CA GLU A 119 37.95 -3.75 3.02
C GLU A 119 37.90 -2.25 3.24
N VAL A 120 38.66 -1.51 2.44
CA VAL A 120 38.63 -0.05 2.50
C VAL A 120 38.15 0.44 1.15
N MET A 121 37.19 1.35 1.14
CA MET A 121 36.71 1.95 -0.08
C MET A 121 36.66 3.47 0.04
N ILE A 122 37.06 4.15 -1.03
CA ILE A 122 36.97 5.62 -1.11
C ILE A 122 36.20 6.02 -2.37
N HIS A 123 35.40 7.08 -2.25
CA HIS A 123 34.65 7.62 -3.39
C HIS A 123 34.26 9.09 -3.14
N GLN A 124 33.52 9.70 -4.08
CA GLN A 124 33.01 11.07 -3.89
C GLN A 124 31.76 11.04 -3.03
N PRO A 125 31.44 12.17 -2.39
CA PRO A 125 30.20 12.31 -1.63
C PRO A 125 28.99 12.30 -2.55
N LEU A 126 27.90 11.77 -2.01
CA LEU A 126 26.63 11.59 -2.71
C LEU A 126 25.64 12.57 -2.14
N GLY A 127 24.75 13.07 -2.98
CA GLY A 127 23.75 14.00 -2.54
C GLY A 127 22.64 14.16 -3.53
N GLY A 128 21.85 15.21 -3.35
CA GLY A 128 20.68 15.43 -4.16
C GLY A 128 20.22 16.86 -4.13
N ALA A 129 19.50 17.25 -5.17
CA ALA A 129 19.00 18.59 -5.33
C ALA A 129 17.72 18.55 -6.13
N GLN A 130 16.70 19.28 -5.68
CA GLN A 130 15.47 19.35 -6.42
C GLN A 130 14.83 20.70 -6.29
N GLY A 131 14.34 21.23 -7.41
CA GLY A 131 13.64 22.50 -7.44
C GLY A 131 14.12 23.41 -8.55
N GLN A 132 14.13 24.71 -8.27
CA GLN A 132 14.51 25.74 -9.22
C GLN A 132 15.97 25.63 -9.61
N ALA A 133 16.31 26.18 -10.78
CA ALA A 133 17.71 26.19 -11.26
C ALA A 133 18.68 26.82 -10.25
N THR A 134 18.31 27.93 -9.61
CA THR A 134 19.20 28.56 -8.63
C THR A 134 19.34 27.73 -7.34
N GLU A 135 18.30 26.96 -6.99
CA GLU A 135 18.34 26.03 -5.84
C GLU A 135 19.27 24.86 -6.09
N ILE A 136 19.23 24.33 -7.31
CA ILE A 136 20.14 23.25 -7.74
C ILE A 136 21.59 23.73 -7.80
N GLU A 137 21.78 24.95 -8.28
CA GLU A 137 23.10 25.58 -8.28
C GLU A 137 23.69 25.63 -6.88
N ILE A 138 22.90 26.13 -5.93
CA ILE A 138 23.33 26.22 -4.53
C ILE A 138 23.77 24.86 -3.98
N ALA A 139 22.95 23.83 -4.23
CA ALA A 139 23.23 22.48 -3.74
C ALA A 139 24.44 21.88 -4.43
N ALA A 140 24.58 22.14 -5.72
CA ALA A 140 25.75 21.69 -6.48
C ALA A 140 27.04 22.35 -6.03
N ASN A 141 27.00 23.67 -5.83
CA ASN A 141 28.15 24.40 -5.28
C ASN A 141 28.54 23.89 -3.90
N HIS A 142 27.52 23.62 -3.09
CA HIS A 142 27.73 23.11 -1.76
C HIS A 142 28.42 21.73 -1.76
N ILE A 143 27.87 20.77 -2.49
CA ILE A 143 28.49 19.41 -2.50
C ILE A 143 29.89 19.40 -3.12
N LEU A 144 30.12 20.25 -4.11
CA LEU A 144 31.47 20.43 -4.68
C LEU A 144 32.47 21.04 -3.68
N LYS A 145 32.04 22.06 -2.93
CA LYS A 145 32.88 22.67 -1.89
C LYS A 145 33.19 21.64 -0.80
N THR A 146 32.19 20.83 -0.42
CA THR A 146 32.42 19.73 0.56
C THR A 146 33.31 18.62 -0.03
N ARG A 147 33.32 18.41 -1.35
CA ARG A 147 34.30 17.48 -1.96
C ARG A 147 35.74 18.01 -1.87
N GLU A 148 35.93 19.30 -2.15
CA GLU A 148 37.26 19.93 -2.05
C GLU A 148 37.79 19.82 -0.62
N LYS A 149 36.90 20.08 0.34
CA LYS A 149 37.21 20.01 1.77
C LYS A 149 37.68 18.63 2.19
N LEU A 150 36.94 17.61 1.77
CA LEU A 150 37.29 16.22 2.07
C LEU A 150 38.59 15.81 1.40
N ASN A 151 38.74 16.18 0.13
CA ASN A 151 39.94 15.88 -0.65
C ASN A 151 41.20 16.56 -0.08
N ARG A 152 41.05 17.81 0.36
CA ARG A 152 42.15 18.56 0.99
C ARG A 152 42.67 17.85 2.24
N ILE A 153 41.75 17.47 3.14
CA ILE A 153 42.12 16.78 4.38
C ILE A 153 42.69 15.38 4.10
N LEU A 154 42.08 14.63 3.19
CA LEU A 154 42.65 13.32 2.81
C LEU A 154 44.06 13.46 2.26
N SER A 155 44.31 14.53 1.50
CA SER A 155 45.64 14.83 0.96
C SER A 155 46.67 15.05 2.09
N GLU A 156 46.27 15.86 3.07
CA GLU A 156 47.10 16.14 4.25
C GLU A 156 47.46 14.87 5.03
N ARG A 157 46.54 13.91 5.13
CA ARG A 157 46.70 12.77 6.01
C ARG A 157 47.21 11.48 5.36
N THR A 158 47.07 11.37 4.05
CA THR A 158 47.66 10.28 3.29
C THR A 158 49.03 10.65 2.72
N GLY A 159 49.24 11.94 2.47
CA GLY A 159 50.41 12.42 1.74
C GLY A 159 50.27 12.41 0.23
N GLN A 160 49.11 12.00 -0.28
CA GLN A 160 48.82 12.04 -1.72
C GLN A 160 48.41 13.43 -2.11
N SER A 161 48.51 13.75 -3.40
CA SER A 161 48.11 15.06 -3.91
C SER A 161 46.59 15.18 -4.04
N ILE A 162 46.09 16.41 -3.98
CA ILE A 162 44.67 16.69 -4.19
C ILE A 162 44.23 16.16 -5.55
N GLU A 163 45.06 16.36 -6.57
CA GLU A 163 44.78 15.92 -7.94
C GLU A 163 44.62 14.41 -8.05
N LYS A 164 45.47 13.66 -7.35
CA LYS A 164 45.41 12.18 -7.37
C LYS A 164 44.17 11.64 -6.63
N ILE A 165 43.85 12.25 -5.50
CA ILE A 165 42.66 11.87 -4.73
C ILE A 165 41.39 12.12 -5.53
N GLN A 166 41.31 13.25 -6.21
CA GLN A 166 40.17 13.57 -7.10
C GLN A 166 39.96 12.47 -8.17
N LYS A 167 41.03 12.12 -8.87
CA LYS A 167 41.02 11.08 -9.91
C LYS A 167 40.60 9.74 -9.31
N ASP A 168 41.21 9.40 -8.17
CA ASP A 168 40.99 8.11 -7.51
C ASP A 168 39.65 7.96 -6.80
N THR A 169 39.02 9.06 -6.38
CA THR A 169 37.68 9.02 -5.80
C THR A 169 36.54 9.20 -6.80
N ASP A 170 36.83 9.39 -8.08
CA ASP A 170 35.79 9.70 -9.09
C ASP A 170 34.71 8.61 -9.16
N ARG A 171 35.18 7.38 -9.17
CA ARG A 171 34.22 6.25 -9.10
C ARG A 171 34.62 5.44 -7.87
N ASP A 172 33.77 4.55 -7.40
CA ASP A 172 34.06 3.65 -6.28
C ASP A 172 35.42 2.96 -6.49
N ASN A 173 36.25 2.98 -5.45
CA ASN A 173 37.62 2.46 -5.49
C ASN A 173 37.82 1.55 -4.28
N PHE A 174 37.77 0.25 -4.52
CA PHE A 174 38.00 -0.72 -3.47
C PHE A 174 39.52 -0.97 -3.32
N LEU A 175 39.98 -0.94 -2.07
CA LEU A 175 41.37 -1.23 -1.69
C LEU A 175 41.45 -2.41 -0.71
N THR A 176 42.47 -3.25 -0.86
CA THR A 176 42.89 -4.18 0.20
C THR A 176 43.57 -3.42 1.33
N ALA A 177 43.67 -4.07 2.48
CA ALA A 177 44.35 -3.49 3.63
C ALA A 177 45.75 -3.06 3.23
N GLU A 178 46.43 -3.95 2.52
CA GLU A 178 47.79 -3.67 2.06
C GLU A 178 47.84 -2.46 1.12
N GLU A 179 46.89 -2.40 0.21
CA GLU A 179 46.76 -1.25 -0.71
C GLU A 179 46.47 0.06 0.01
N ALA A 180 45.68 -0.02 1.09
CA ALA A 180 45.40 1.14 1.92
C ALA A 180 46.64 1.66 2.62
N LYS A 181 47.52 0.76 3.03
CA LYS A 181 48.81 1.13 3.63
C LYS A 181 49.64 1.89 2.61
N GLU A 182 49.78 1.32 1.41
CA GLU A 182 50.55 1.98 0.32
C GLU A 182 49.99 3.31 -0.02
N TYR A 183 48.67 3.43 0.02
CA TYR A 183 48.00 4.68 -0.30
C TYR A 183 48.20 5.76 0.79
N GLY A 184 48.40 5.35 2.04
CA GLY A 184 48.54 6.29 3.16
C GLY A 184 47.29 6.50 4.01
N LEU A 185 46.25 5.71 3.76
CA LEU A 185 45.03 5.75 4.57
C LEU A 185 45.27 5.12 5.94
N ILE A 186 46.16 4.13 5.98
CA ILE A 186 46.60 3.52 7.24
C ILE A 186 48.12 3.47 7.27
N ASP A 187 48.65 3.21 8.47
CA ASP A 187 50.09 3.10 8.70
C ASP A 187 50.60 1.65 8.67
N GLU A 188 49.83 0.72 9.23
CA GLU A 188 50.21 -0.70 9.23
C GLU A 188 49.02 -1.65 9.07
N VAL A 189 49.26 -2.81 8.47
CA VAL A 189 48.32 -3.92 8.50
C VAL A 189 48.62 -4.72 9.75
N MET A 190 47.64 -4.86 10.64
CA MET A 190 47.86 -5.53 11.93
C MET A 190 47.91 -7.06 11.73
N VAL A 191 49.13 -7.59 11.72
CA VAL A 191 49.37 -9.03 11.49
C VAL A 191 49.03 -9.84 12.77
N PRO A 192 48.70 -11.16 12.62
CA PRO A 192 48.52 -12.02 13.76
C PRO A 192 49.90 -12.52 14.20
N GLU A 193 50.10 -12.68 15.50
CA GLU A 193 51.41 -13.14 16.04
C GLU A 193 51.58 -14.64 15.81
N ILE B 4 13.57 -15.08 25.98
CA ILE B 4 14.97 -15.40 26.43
C ILE B 4 15.10 -15.53 27.95
N PRO B 5 15.27 -16.75 28.46
CA PRO B 5 15.15 -16.98 29.89
C PRO B 5 16.37 -16.55 30.70
N THR B 6 16.13 -16.31 31.99
CA THR B 6 17.15 -15.89 32.97
C THR B 6 17.48 -17.05 33.90
N VAL B 7 18.78 -17.22 34.18
CA VAL B 7 19.25 -18.22 35.13
C VAL B 7 20.00 -17.50 36.24
N ILE B 8 19.86 -18.00 37.47
CA ILE B 8 20.52 -17.40 38.65
C ILE B 8 21.57 -18.37 39.20
N GLU B 9 22.83 -17.90 39.31
CA GLU B 9 23.93 -18.74 39.79
C GLU B 9 24.57 -18.01 40.96
N GLU B 15 24.50 -14.66 44.80
CA GLU B 15 23.76 -14.97 43.56
C GLU B 15 23.85 -13.84 42.50
N ARG B 16 24.32 -14.18 41.30
CA ARG B 16 24.29 -13.30 40.08
C ARG B 16 23.26 -13.87 39.05
N ALA B 17 22.50 -12.95 38.43
CA ALA B 17 21.47 -13.27 37.42
C ALA B 17 22.01 -13.04 36.01
N TYR B 18 21.79 -14.00 35.13
CA TYR B 18 22.27 -13.95 33.76
C TYR B 18 21.15 -14.33 32.81
N ASP B 19 21.03 -13.61 31.71
CA ASP B 19 20.28 -14.14 30.56
C ASP B 19 21.09 -15.30 29.99
N ILE B 20 20.38 -16.31 29.46
CA ILE B 20 21.00 -17.60 29.11
C ILE B 20 22.25 -17.40 28.21
N TYR B 21 22.19 -16.48 27.25
CA TYR B 21 23.31 -16.26 26.33
C TYR B 21 24.53 -15.64 27.03
N SER B 22 24.26 -14.68 27.93
CA SER B 22 25.31 -14.07 28.74
C SER B 22 26.02 -15.08 29.65
N ARG B 23 25.27 -16.08 30.10
CA ARG B 23 25.81 -17.15 30.94
C ARG B 23 26.75 -18.04 30.15
N LEU B 24 26.36 -18.34 28.91
CA LEU B 24 27.23 -19.08 28.02
C LEU B 24 28.53 -18.27 27.80
N LEU B 25 28.41 -16.95 27.66
CA LEU B 25 29.59 -16.11 27.48
C LEU B 25 30.51 -16.14 28.70
N LYS B 26 29.96 -16.29 29.91
CA LYS B 26 30.78 -16.47 31.11
C LYS B 26 31.66 -17.72 31.04
N ASP B 27 31.19 -18.77 30.37
CA ASP B 27 31.99 -19.98 30.08
C ASP B 27 32.65 -19.96 28.69
N ARG B 28 32.90 -18.77 28.17
CA ARG B 28 33.68 -18.59 26.93
C ARG B 28 33.03 -19.21 25.68
N ILE B 29 31.70 -19.24 25.68
CA ILE B 29 30.92 -19.69 24.53
C ILE B 29 30.25 -18.46 23.88
N ILE B 30 30.54 -18.26 22.60
CA ILE B 30 29.94 -17.20 21.81
C ILE B 30 28.93 -17.79 20.84
N MET B 31 27.74 -17.19 20.78
CA MET B 31 26.67 -17.64 19.89
C MET B 31 26.65 -16.83 18.60
N LEU B 32 26.98 -17.48 17.49
CA LEU B 32 26.72 -16.97 16.16
C LEU B 32 25.51 -17.76 15.65
N GLY B 33 24.30 -17.26 15.94
CA GLY B 33 23.05 -17.98 15.68
C GLY B 33 22.07 -17.29 14.76
N SER B 34 22.52 -16.35 13.93
CA SER B 34 21.60 -15.59 13.09
C SER B 34 22.29 -15.15 11.82
N GLN B 35 21.54 -14.45 10.97
CA GLN B 35 22.11 -13.85 9.78
C GLN B 35 23.26 -12.92 10.18
N ILE B 36 24.37 -13.01 9.45
CA ILE B 36 25.55 -12.20 9.73
C ILE B 36 25.39 -10.83 9.08
N ASP B 37 25.18 -9.81 9.90
CA ASP B 37 25.22 -8.41 9.44
C ASP B 37 26.30 -7.69 10.25
N ASP B 38 26.47 -6.40 10.01
CA ASP B 38 27.46 -5.62 10.74
C ASP B 38 27.23 -5.63 12.29
N ASN B 39 25.98 -5.60 12.75
CA ASN B 39 25.68 -5.65 14.22
C ASN B 39 26.17 -6.92 14.86
N VAL B 40 25.79 -8.03 14.25
CA VAL B 40 26.16 -9.34 14.75
C VAL B 40 27.67 -9.47 14.77
N ALA B 41 28.32 -9.04 13.70
CA ALA B 41 29.78 -9.08 13.64
C ALA B 41 30.41 -8.26 14.77
N ASN B 42 29.96 -7.03 14.95
CA ASN B 42 30.51 -6.15 16.00
C ASN B 42 30.39 -6.73 17.41
N SER B 43 29.25 -7.34 17.70
CA SER B 43 29.03 -8.05 18.96
C SER B 43 30.02 -9.22 19.13
N ILE B 44 30.12 -10.09 18.11
CA ILE B 44 31.00 -11.25 18.16
C ILE B 44 32.46 -10.79 18.33
N VAL B 45 32.88 -9.78 17.55
CA VAL B 45 34.23 -9.20 17.65
C VAL B 45 34.49 -8.72 19.10
N SER B 46 33.55 -7.95 19.65
CA SER B 46 33.68 -7.43 21.01
C SER B 46 33.74 -8.52 22.06
N GLN B 47 32.97 -9.59 21.86
CA GLN B 47 33.04 -10.77 22.74
C GLN B 47 34.43 -11.45 22.67
N LEU B 48 34.93 -11.67 21.45
CA LEU B 48 36.25 -12.28 21.25
C LEU B 48 37.37 -11.50 21.91
N LEU B 49 37.34 -10.18 21.77
CA LEU B 49 38.40 -9.31 22.35
C LEU B 49 38.37 -9.36 23.87
N PHE B 50 37.15 -9.35 24.41
CA PHE B 50 36.91 -9.43 25.86
C PHE B 50 37.36 -10.75 26.43
N LEU B 51 36.98 -11.85 25.79
CA LEU B 51 37.38 -13.17 26.28
C LEU B 51 38.91 -13.35 26.28
N GLN B 52 39.60 -12.73 25.32
CA GLN B 52 41.06 -12.71 25.32
C GLN B 52 41.61 -11.99 26.55
N ALA B 53 41.06 -10.81 26.85
CA ALA B 53 41.50 -10.01 28.00
C ALA B 53 41.27 -10.72 29.33
N GLN B 54 40.20 -11.52 29.40
CA GLN B 54 39.91 -12.36 30.56
C GLN B 54 40.98 -13.42 30.74
N ASP B 55 41.30 -14.13 29.66
CA ASP B 55 42.27 -15.23 29.70
C ASP B 55 42.76 -15.49 28.28
N SER B 56 44.03 -15.19 28.03
CA SER B 56 44.62 -15.36 26.70
C SER B 56 45.06 -16.79 26.38
N GLU B 57 44.96 -17.70 27.34
CA GLU B 57 45.37 -19.10 27.19
C GLU B 57 44.19 -20.00 26.87
N LYS B 58 43.09 -19.83 27.61
CA LYS B 58 41.93 -20.75 27.55
C LYS B 58 41.16 -20.69 26.23
N ASP B 59 40.65 -21.85 25.82
CA ASP B 59 39.88 -21.95 24.59
C ASP B 59 38.59 -21.15 24.64
N ILE B 60 38.21 -20.66 23.46
CA ILE B 60 36.91 -20.04 23.20
C ILE B 60 36.09 -20.99 22.30
N TYR B 61 34.78 -21.04 22.50
CA TYR B 61 33.87 -21.90 21.72
C TYR B 61 32.90 -21.05 20.90
N LEU B 62 33.00 -21.13 19.57
CA LEU B 62 32.10 -20.41 18.68
C LEU B 62 31.04 -21.35 18.10
N TYR B 63 29.82 -21.21 18.63
CA TYR B 63 28.64 -21.93 18.15
C TYR B 63 28.17 -21.27 16.86
N ILE B 64 27.92 -22.08 15.82
CA ILE B 64 27.46 -21.55 14.53
C ILE B 64 26.16 -22.22 14.07
N ASN B 65 25.07 -21.44 14.06
CA ASN B 65 23.81 -21.82 13.41
C ASN B 65 23.33 -20.63 12.60
N SER B 66 23.90 -20.48 11.41
CA SER B 66 23.73 -19.27 10.60
C SER B 66 23.61 -19.61 9.11
N PRO B 67 22.72 -18.91 8.39
CA PRO B 67 22.66 -19.02 6.94
C PRO B 67 23.70 -18.15 6.21
N GLY B 68 24.55 -17.45 6.96
CA GLY B 68 25.56 -16.58 6.39
C GLY B 68 25.04 -15.17 6.34
N GLY B 69 25.54 -14.40 5.37
CA GLY B 69 25.18 -12.98 5.26
C GLY B 69 26.32 -12.16 4.68
N SER B 70 26.51 -10.96 5.21
CA SER B 70 27.53 -10.03 4.72
C SER B 70 28.93 -10.63 4.75
N VAL B 71 29.56 -10.63 3.59
CA VAL B 71 30.96 -11.08 3.44
C VAL B 71 31.88 -10.21 4.30
N THR B 72 31.71 -8.90 4.18
CA THR B 72 32.53 -7.95 4.88
C THR B 72 32.45 -8.07 6.42
N ALA B 73 31.23 -8.19 6.93
CA ALA B 73 30.98 -8.48 8.36
C ALA B 73 31.56 -9.82 8.77
N GLY B 74 31.47 -10.79 7.89
CA GLY B 74 32.06 -12.09 8.10
C GLY B 74 33.56 -11.98 8.30
N PHE B 75 34.21 -11.21 7.44
CA PHE B 75 35.66 -11.00 7.56
C PHE B 75 36.08 -10.18 8.79
N ALA B 76 35.15 -9.43 9.37
CA ALA B 76 35.41 -8.78 10.67
C ALA B 76 35.59 -9.84 11.74
N ILE B 77 34.71 -10.84 11.72
CA ILE B 77 34.77 -11.97 12.67
C ILE B 77 36.03 -12.82 12.40
N TYR B 78 36.26 -13.17 11.14
CA TYR B 78 37.41 -14.00 10.73
C TYR B 78 38.73 -13.40 11.18
N ASP B 79 38.99 -12.16 10.79
CA ASP B 79 40.24 -11.48 11.17
C ASP B 79 40.46 -11.38 12.69
N THR B 80 39.38 -11.14 13.45
CA THR B 80 39.45 -11.07 14.92
C THR B 80 39.75 -12.44 15.52
N ILE B 81 39.15 -13.51 14.98
CA ILE B 81 39.48 -14.89 15.39
C ILE B 81 40.99 -15.17 15.22
N GLN B 82 41.51 -14.89 14.02
CA GLN B 82 42.92 -15.14 13.73
C GLN B 82 43.86 -14.27 14.56
N HIS B 83 43.47 -13.02 14.80
CA HIS B 83 44.30 -12.08 15.56
C HIS B 83 44.52 -12.48 17.01
N ILE B 84 43.46 -12.90 17.69
CA ILE B 84 43.54 -13.18 19.14
C ILE B 84 44.36 -14.43 19.44
N LYS B 85 44.91 -14.44 20.65
CA LYS B 85 45.83 -15.49 21.09
C LYS B 85 45.13 -16.85 21.33
N PRO B 86 43.96 -16.87 22.02
CA PRO B 86 43.29 -18.15 22.26
C PRO B 86 42.87 -18.88 20.98
N ASP B 87 42.90 -20.20 21.03
CA ASP B 87 42.24 -21.02 20.02
C ASP B 87 40.72 -20.77 20.08
N VAL B 88 40.10 -20.61 18.91
CA VAL B 88 38.64 -20.47 18.81
C VAL B 88 38.08 -21.73 18.17
N GLN B 89 37.41 -22.55 18.96
CA GLN B 89 36.74 -23.74 18.45
C GLN B 89 35.50 -23.30 17.71
N THR B 90 35.18 -24.00 16.62
CA THR B 90 33.95 -23.74 15.88
C THR B 90 33.11 -24.99 15.87
N ILE B 91 31.82 -24.84 16.19
CA ILE B 91 30.89 -25.97 16.29
C ILE B 91 29.61 -25.65 15.53
N CYS B 92 29.41 -26.36 14.44
CA CYS B 92 28.22 -26.18 13.61
C CYS B 92 27.07 -27.03 14.12
N ILE B 93 25.99 -26.37 14.55
CA ILE B 93 24.80 -27.06 15.04
C ILE B 93 23.60 -26.52 14.28
N GLY B 94 22.80 -27.43 13.73
CA GLY B 94 21.70 -27.04 12.86
C GLY B 94 22.11 -26.77 11.42
N MET B 95 22.72 -25.60 11.18
CA MET B 95 23.12 -25.16 9.82
C MET B 95 24.28 -24.17 9.83
N ALA B 96 25.22 -24.33 8.91
CA ALA B 96 26.22 -23.29 8.60
C ALA B 96 26.31 -23.12 7.10
N ALA B 97 25.85 -21.99 6.59
CA ALA B 97 25.82 -21.72 5.13
C ALA B 97 26.53 -20.42 4.77
N SER B 98 27.02 -20.33 3.53
CA SER B 98 27.63 -19.11 2.98
C SER B 98 28.86 -18.67 3.81
N MET B 99 28.83 -17.46 4.35
CA MET B 99 29.88 -16.97 5.26
C MET B 99 29.91 -17.71 6.61
N GLY B 100 28.78 -18.32 7.00
CA GLY B 100 28.71 -19.16 8.19
C GLY B 100 29.59 -20.39 8.09
N SER B 101 29.58 -21.06 6.94
CA SER B 101 30.46 -22.21 6.72
C SER B 101 31.91 -21.80 6.49
N PHE B 102 32.12 -20.59 5.97
CA PHE B 102 33.46 -20.05 5.83
C PHE B 102 34.10 -19.90 7.20
N LEU B 103 33.33 -19.33 8.13
CA LEU B 103 33.79 -19.13 9.51
C LEU B 103 33.92 -20.43 10.27
N LEU B 104 33.07 -21.40 9.96
CA LEU B 104 33.20 -22.74 10.53
C LEU B 104 34.59 -23.29 10.21
N ALA B 105 34.99 -23.17 8.95
CA ALA B 105 36.33 -23.59 8.50
C ALA B 105 37.51 -22.79 9.09
N ALA B 106 37.23 -21.58 9.58
CA ALA B 106 38.26 -20.70 10.12
C ALA B 106 38.63 -20.96 11.57
N GLY B 107 37.96 -21.93 12.18
CA GLY B 107 38.26 -22.31 13.55
C GLY B 107 39.66 -22.87 13.67
N ALA B 108 40.15 -22.88 14.90
CA ALA B 108 41.49 -23.36 15.21
C ALA B 108 41.71 -24.78 14.72
N LYS B 109 42.91 -25.02 14.18
CA LYS B 109 43.27 -26.30 13.56
C LYS B 109 43.02 -27.46 14.51
N GLY B 110 42.22 -28.42 14.06
CA GLY B 110 41.90 -29.61 14.85
C GLY B 110 40.74 -29.45 15.80
N LYS B 111 40.17 -28.24 15.90
CA LYS B 111 39.05 -27.95 16.81
C LYS B 111 37.84 -27.35 16.06
N ARG B 112 37.58 -27.84 14.84
CA ARG B 112 36.43 -27.47 14.03
C ARG B 112 35.48 -28.67 13.97
N PHE B 113 34.31 -28.50 14.57
CA PHE B 113 33.36 -29.60 14.76
C PHE B 113 32.00 -29.35 14.10
N ALA B 114 31.24 -30.42 13.91
CA ALA B 114 29.84 -30.33 13.55
C ALA B 114 29.13 -31.51 14.15
N LEU B 115 27.91 -31.30 14.63
CA LEU B 115 27.10 -32.37 15.18
C LEU B 115 26.49 -33.19 14.02
N PRO B 116 26.07 -34.45 14.29
CA PRO B 116 25.82 -35.42 13.20
C PRO B 116 24.85 -34.99 12.09
N ASN B 117 23.73 -34.40 12.48
CA ASN B 117 22.70 -33.97 11.51
C ASN B 117 22.75 -32.47 11.15
N ALA B 118 23.88 -31.82 11.43
CA ALA B 118 24.05 -30.43 11.02
C ALA B 118 24.28 -30.35 9.52
N GLU B 119 23.84 -29.24 8.94
CA GLU B 119 23.86 -28.99 7.48
C GLU B 119 24.91 -27.93 7.17
N VAL B 120 25.81 -28.26 6.24
CA VAL B 120 26.84 -27.31 5.81
C VAL B 120 26.61 -27.06 4.34
N MET B 121 26.61 -25.78 3.94
CA MET B 121 26.45 -25.41 2.54
C MET B 121 27.50 -24.40 2.15
N ILE B 122 28.06 -24.57 0.96
CA ILE B 122 29.02 -23.62 0.37
C ILE B 122 28.52 -23.17 -1.01
N HIS B 123 28.74 -21.89 -1.32
CA HIS B 123 28.39 -21.34 -2.63
C HIS B 123 29.21 -20.06 -2.93
N GLN B 124 28.97 -19.42 -4.09
CA GLN B 124 29.63 -18.16 -4.41
C GLN B 124 28.93 -17.03 -3.70
N PRO B 125 29.64 -15.91 -3.51
CA PRO B 125 29.02 -14.71 -2.95
C PRO B 125 28.01 -14.11 -3.91
N LEU B 126 27.00 -13.49 -3.31
CA LEU B 126 25.88 -12.87 -4.01
C LEU B 126 26.01 -11.34 -3.88
N GLY B 127 25.58 -10.64 -4.91
CA GLY B 127 25.62 -9.18 -4.88
C GLY B 127 24.72 -8.57 -5.92
N GLY B 128 24.97 -7.32 -6.20
CA GLY B 128 24.19 -6.58 -7.17
C GLY B 128 24.93 -5.36 -7.68
N ALA B 129 24.52 -4.92 -8.86
CA ALA B 129 25.10 -3.75 -9.48
C ALA B 129 24.02 -3.07 -10.33
N GLN B 130 23.89 -1.76 -10.22
CA GLN B 130 22.97 -1.04 -11.06
C GLN B 130 23.52 0.32 -11.45
N GLY B 131 23.35 0.68 -12.72
CA GLY B 131 23.76 1.98 -13.24
C GLY B 131 24.52 1.88 -14.55
N GLN B 132 25.48 2.78 -14.72
CA GLN B 132 26.30 2.86 -15.94
C GLN B 132 27.16 1.61 -16.14
N ALA B 133 27.56 1.37 -17.38
CA ALA B 133 28.42 0.23 -17.71
C ALA B 133 29.71 0.20 -16.88
N THR B 134 30.36 1.36 -16.68
CA THR B 134 31.61 1.38 -15.90
C THR B 134 31.37 1.13 -14.40
N GLU B 135 30.19 1.52 -13.90
CA GLU B 135 29.80 1.23 -12.52
C GLU B 135 29.58 -0.24 -12.29
N ILE B 136 28.94 -0.89 -13.27
CA ILE B 136 28.70 -2.34 -13.24
C ILE B 136 30.00 -3.12 -13.33
N GLU B 137 30.90 -2.63 -14.18
CA GLU B 137 32.25 -3.20 -14.28
C GLU B 137 32.95 -3.19 -12.92
N ILE B 138 32.95 -2.04 -12.26
CA ILE B 138 33.59 -1.88 -10.94
C ILE B 138 33.03 -2.88 -9.93
N ALA B 139 31.71 -3.01 -9.89
CA ALA B 139 31.02 -3.91 -8.96
C ALA B 139 31.30 -5.35 -9.29
N ALA B 140 31.33 -5.67 -10.58
CA ALA B 140 31.65 -7.03 -11.05
C ALA B 140 33.10 -7.42 -10.72
N ASN B 141 34.04 -6.50 -10.97
CA ASN B 141 35.45 -6.72 -10.61
C ASN B 141 35.61 -6.93 -9.11
N HIS B 142 34.88 -6.13 -8.35
CA HIS B 142 34.92 -6.23 -6.92
C HIS B 142 34.42 -7.57 -6.40
N ILE B 143 33.23 -8.00 -6.81
CA ILE B 143 32.69 -9.27 -6.29
C ILE B 143 33.53 -10.46 -6.73
N LEU B 144 34.11 -10.38 -7.92
CA LEU B 144 35.01 -11.43 -8.41
C LEU B 144 36.33 -11.49 -7.60
N LYS B 145 36.88 -10.32 -7.27
CA LYS B 145 38.09 -10.25 -6.43
C LYS B 145 37.78 -10.80 -5.05
N THR B 146 36.60 -10.46 -4.50
CA THR B 146 36.19 -11.02 -3.21
C THR B 146 35.92 -12.55 -3.30
N ARG B 147 35.53 -13.08 -4.46
CA ARG B 147 35.42 -14.54 -4.63
C ARG B 147 36.77 -15.21 -4.59
N GLU B 148 37.76 -14.63 -5.28
CA GLU B 148 39.14 -15.17 -5.27
C GLU B 148 39.71 -15.21 -3.86
N LYS B 149 39.46 -14.13 -3.13
CA LYS B 149 39.87 -13.98 -1.74
C LYS B 149 39.29 -15.05 -0.83
N LEU B 150 37.99 -15.28 -0.94
CA LEU B 150 37.32 -16.31 -0.17
C LEU B 150 37.81 -17.70 -0.54
N ASN B 151 37.94 -17.93 -1.84
CA ASN B 151 38.37 -19.23 -2.37
C ASN B 151 39.81 -19.55 -1.95
N ARG B 152 40.68 -18.54 -1.99
CA ARG B 152 42.06 -18.71 -1.56
C ARG B 152 42.15 -19.15 -0.09
N ILE B 153 41.43 -18.47 0.80
CA ILE B 153 41.44 -18.80 2.24
C ILE B 153 40.79 -20.15 2.49
N LEU B 154 39.67 -20.45 1.84
CA LEU B 154 39.06 -21.77 1.97
C LEU B 154 40.02 -22.87 1.53
N SER B 155 40.80 -22.60 0.48
CA SER B 155 41.82 -23.55 -0.01
C SER B 155 42.88 -23.83 1.06
N GLU B 156 43.37 -22.76 1.68
CA GLU B 156 44.35 -22.83 2.77
C GLU B 156 43.87 -23.66 3.95
N ARG B 157 42.59 -23.56 4.29
CA ARG B 157 42.06 -24.13 5.53
C ARG B 157 41.39 -25.49 5.38
N THR B 158 40.96 -25.84 4.16
CA THR B 158 40.45 -27.18 3.85
C THR B 158 41.52 -28.10 3.30
N GLY B 159 42.52 -27.51 2.64
CA GLY B 159 43.54 -28.27 1.94
C GLY B 159 43.15 -28.61 0.51
N GLN B 160 41.97 -28.17 0.08
CA GLN B 160 41.52 -28.38 -1.30
C GLN B 160 42.16 -27.31 -2.18
N SER B 161 42.22 -27.57 -3.49
CA SER B 161 42.76 -26.61 -4.45
C SER B 161 41.79 -25.48 -4.75
N ILE B 162 42.33 -24.32 -5.16
CA ILE B 162 41.50 -23.18 -5.57
C ILE B 162 40.56 -23.58 -6.71
N GLU B 163 41.09 -24.36 -7.66
CA GLU B 163 40.32 -24.84 -8.81
C GLU B 163 39.14 -25.71 -8.41
N LYS B 164 39.32 -26.58 -7.41
CA LYS B 164 38.23 -27.46 -6.96
C LYS B 164 37.15 -26.70 -6.21
N ILE B 165 37.57 -25.75 -5.38
CA ILE B 165 36.64 -24.91 -4.64
C ILE B 165 35.77 -24.06 -5.59
N GLN B 166 36.38 -23.48 -6.61
CA GLN B 166 35.68 -22.72 -7.66
C GLN B 166 34.57 -23.55 -8.30
N LYS B 167 34.93 -24.75 -8.76
CA LYS B 167 33.98 -25.71 -9.35
C LYS B 167 32.86 -26.07 -8.37
N ASP B 168 33.25 -26.39 -7.13
CA ASP B 168 32.30 -26.85 -6.10
C ASP B 168 31.42 -25.77 -5.50
N THR B 169 31.85 -24.51 -5.56
CA THR B 169 31.01 -23.39 -5.10
C THR B 169 30.16 -22.72 -6.20
N ASP B 170 30.25 -23.20 -7.45
CA ASP B 170 29.57 -22.54 -8.58
C ASP B 170 28.05 -22.45 -8.35
N ARG B 171 27.50 -23.55 -7.89
CA ARG B 171 26.07 -23.56 -7.55
C ARG B 171 26.00 -24.00 -6.10
N ASP B 172 24.87 -23.82 -5.45
CA ASP B 172 24.66 -24.25 -4.07
C ASP B 172 25.07 -25.73 -3.92
N ASN B 173 25.86 -26.01 -2.89
CA ASN B 173 26.41 -27.34 -2.62
C ASN B 173 26.15 -27.70 -1.16
N PHE B 174 25.13 -28.53 -0.94
CA PHE B 174 24.81 -29.01 0.39
C PHE B 174 25.67 -30.22 0.76
N LEU B 175 26.25 -30.19 1.96
CA LEU B 175 27.08 -31.26 2.51
C LEU B 175 26.51 -31.77 3.83
N THR B 176 26.59 -33.08 4.06
CA THR B 176 26.40 -33.64 5.42
C THR B 176 27.60 -33.30 6.27
N ALA B 177 27.42 -33.45 7.57
CA ALA B 177 28.52 -33.27 8.51
C ALA B 177 29.72 -34.14 8.11
N GLU B 178 29.44 -35.42 7.82
CA GLU B 178 30.47 -36.37 7.43
C GLU B 178 31.17 -35.93 6.13
N GLU B 179 30.39 -35.46 5.15
CA GLU B 179 30.93 -34.91 3.90
C GLU B 179 31.80 -33.65 4.12
N ALA B 180 31.41 -32.82 5.10
CA ALA B 180 32.19 -31.65 5.47
C ALA B 180 33.56 -32.00 6.07
N LYS B 181 33.61 -33.07 6.86
CA LYS B 181 34.86 -33.62 7.37
C LYS B 181 35.77 -34.05 6.24
N GLU B 182 35.25 -34.86 5.32
CA GLU B 182 35.99 -35.35 4.14
C GLU B 182 36.49 -34.20 3.28
N TYR B 183 35.68 -33.15 3.17
CA TYR B 183 36.05 -31.94 2.42
C TYR B 183 37.13 -31.08 3.09
N GLY B 184 37.22 -31.12 4.42
CA GLY B 184 38.21 -30.33 5.17
C GLY B 184 37.66 -29.06 5.79
N LEU B 185 36.35 -28.86 5.73
CA LEU B 185 35.71 -27.72 6.36
C LEU B 185 35.68 -27.89 7.88
N ILE B 186 35.59 -29.14 8.33
CA ILE B 186 35.69 -29.48 9.75
C ILE B 186 36.70 -30.60 9.94
N ASP B 187 37.11 -30.79 11.19
CA ASP B 187 38.08 -31.85 11.57
C ASP B 187 37.40 -33.13 12.08
N GLU B 188 36.26 -32.97 12.73
CA GLU B 188 35.56 -34.19 13.21
C GLU B 188 34.06 -33.97 13.45
N VAL B 189 33.26 -35.00 13.21
CA VAL B 189 31.86 -35.01 13.57
C VAL B 189 31.76 -35.37 15.05
N MET B 190 31.16 -34.49 15.83
CA MET B 190 31.07 -34.71 17.28
C MET B 190 29.99 -35.75 17.58
N VAL B 191 30.45 -36.97 17.86
CA VAL B 191 29.56 -38.10 18.18
C VAL B 191 29.00 -37.98 19.62
N PRO B 192 27.78 -38.53 19.84
CA PRO B 192 27.25 -38.67 21.19
C PRO B 192 27.87 -39.83 21.94
N GLU B 193 27.72 -39.78 23.25
CA GLU B 193 27.71 -40.98 24.10
C GLU B 193 26.53 -41.85 23.53
N THR B 194 26.47 -43.18 23.66
CA THR B 194 25.33 -43.93 23.03
C THR B 194 24.60 -44.87 23.99
N ILE C 4 3.50 -11.73 30.68
CA ILE C 4 4.32 -12.82 31.33
C ILE C 4 4.60 -12.52 32.82
N PRO C 5 3.95 -13.27 33.71
CA PRO C 5 4.00 -12.91 35.13
C PRO C 5 5.29 -13.27 35.84
N THR C 6 5.54 -12.57 36.95
CA THR C 6 6.71 -12.78 37.81
C THR C 6 6.29 -13.48 39.09
N VAL C 7 7.10 -14.43 39.52
CA VAL C 7 6.91 -15.12 40.81
C VAL C 7 8.13 -14.90 41.66
N ILE C 8 7.92 -14.82 42.96
CA ILE C 8 9.02 -14.60 43.83
C ILE C 8 9.18 -15.67 44.89
N GLU C 9 10.38 -16.22 44.98
CA GLU C 9 10.65 -17.30 45.95
C GLU C 9 11.84 -16.90 46.84
N GLU C 15 12.82 -13.93 48.35
CA GLU C 15 14.20 -13.47 48.18
C GLU C 15 14.74 -13.40 46.69
N ARG C 16 14.44 -14.32 45.74
CA ARG C 16 14.78 -14.19 44.26
C ARG C 16 13.52 -14.14 43.36
N ALA C 17 13.52 -13.21 42.39
CA ALA C 17 12.37 -12.95 41.47
C ALA C 17 12.62 -13.61 40.13
N TYR C 18 11.61 -14.32 39.63
CA TYR C 18 11.73 -15.04 38.37
C TYR C 18 10.52 -14.75 37.52
N ASP C 19 10.72 -14.54 36.23
CA ASP C 19 9.63 -14.65 35.28
C ASP C 19 9.25 -16.13 35.22
N ILE C 20 7.97 -16.40 35.02
CA ILE C 20 7.42 -17.76 35.17
C ILE C 20 8.24 -18.81 34.37
N TYR C 21 8.67 -18.47 33.14
CA TYR C 21 9.43 -19.40 32.29
C TYR C 21 10.84 -19.68 32.83
N SER C 22 11.49 -18.63 33.33
CA SER C 22 12.79 -18.77 34.00
C SER C 22 12.73 -19.62 35.28
N ARG C 23 11.60 -19.57 35.97
CA ARG C 23 11.37 -20.40 37.16
C ARG C 23 11.22 -21.86 36.80
N LEU C 24 10.51 -22.15 35.71
CA LEU C 24 10.44 -23.50 35.20
C LEU C 24 11.85 -23.99 34.86
N LEU C 25 12.67 -23.14 34.26
CA LEU C 25 14.03 -23.51 33.89
C LEU C 25 14.87 -23.85 35.14
N LYS C 26 14.61 -23.20 36.27
CA LYS C 26 15.28 -23.54 37.53
C LYS C 26 14.98 -24.98 37.98
N ASP C 27 13.78 -25.47 37.68
CA ASP C 27 13.43 -26.89 37.87
C ASP C 27 13.66 -27.78 36.62
N ARG C 28 14.59 -27.38 35.75
CA ARG C 28 15.01 -28.19 34.58
C ARG C 28 13.90 -28.46 33.54
N ILE C 29 12.97 -27.52 33.42
CA ILE C 29 11.89 -27.57 32.43
C ILE C 29 12.17 -26.50 31.36
N ILE C 30 12.26 -26.96 30.12
CA ILE C 30 12.46 -26.10 28.96
C ILE C 30 11.15 -26.03 28.14
N MET C 31 10.73 -24.81 27.78
CA MET C 31 9.50 -24.57 27.01
C MET C 31 9.81 -24.40 25.52
N LEU C 32 9.39 -25.39 24.73
CA LEU C 32 9.33 -25.27 23.27
C LEU C 32 7.86 -25.06 22.93
N GLY C 33 7.45 -23.81 22.93
CA GLY C 33 6.04 -23.43 22.84
C GLY C 33 5.66 -22.56 21.66
N SER C 34 6.47 -22.54 20.61
CA SER C 34 6.22 -21.65 19.50
C SER C 34 6.76 -22.24 18.21
N GLN C 35 6.58 -21.51 17.12
CA GLN C 35 7.17 -21.91 15.86
C GLN C 35 8.68 -22.03 16.02
N ILE C 36 9.24 -23.11 15.49
CA ILE C 36 10.69 -23.37 15.57
C ILE C 36 11.42 -22.59 14.49
N ASP C 37 12.14 -21.55 14.89
CA ASP C 37 13.06 -20.83 13.99
C ASP C 37 14.47 -20.90 14.60
N ASP C 38 15.45 -20.29 13.95
CA ASP C 38 16.83 -20.31 14.46
C ASP C 38 16.96 -19.69 15.89
N ASN C 39 16.20 -18.63 16.21
CA ASN C 39 16.24 -18.03 17.58
C ASN C 39 15.78 -18.98 18.65
N VAL C 40 14.62 -19.61 18.43
CA VAL C 40 14.05 -20.54 19.37
C VAL C 40 15.00 -21.70 19.56
N ALA C 41 15.57 -22.24 18.48
CA ALA C 41 16.54 -23.33 18.57
C ALA C 41 17.76 -22.95 19.38
N ASN C 42 18.35 -21.81 19.08
CA ASN C 42 19.51 -21.34 19.83
C ASN C 42 19.27 -21.22 21.34
N SER C 43 18.11 -20.68 21.72
CA SER C 43 17.70 -20.58 23.13
C SER C 43 17.58 -21.95 23.78
N ILE C 44 16.86 -22.86 23.13
CA ILE C 44 16.67 -24.23 23.65
C ILE C 44 18.03 -24.96 23.77
N VAL C 45 18.88 -24.85 22.74
CA VAL C 45 20.24 -25.42 22.75
C VAL C 45 21.05 -24.89 23.96
N SER C 46 21.04 -23.57 24.12
CA SER C 46 21.72 -22.94 25.25
C SER C 46 21.19 -23.38 26.61
N GLN C 47 19.88 -23.55 26.72
CA GLN C 47 19.27 -24.06 27.96
C GLN C 47 19.74 -25.49 28.25
N LEU C 48 19.70 -26.35 27.23
CA LEU C 48 20.13 -27.76 27.35
C LEU C 48 21.58 -27.91 27.79
N LEU C 49 22.46 -27.09 27.21
CA LEU C 49 23.90 -27.11 27.57
C LEU C 49 24.14 -26.66 29.01
N PHE C 50 23.42 -25.62 29.41
CA PHE C 50 23.45 -25.08 30.78
C PHE C 50 22.91 -26.06 31.82
N LEU C 51 21.75 -26.65 31.54
CA LEU C 51 21.20 -27.66 32.46
C LEU C 51 22.12 -28.87 32.66
N GLN C 52 22.86 -29.26 31.61
CA GLN C 52 23.90 -30.31 31.73
C GLN C 52 25.04 -29.91 32.67
N ALA C 53 25.55 -28.69 32.50
CA ALA C 53 26.60 -28.18 33.37
C ALA C 53 26.15 -28.07 34.84
N GLN C 54 24.87 -27.75 35.08
CA GLN C 54 24.29 -27.72 36.44
C GLN C 54 24.31 -29.10 37.08
N ASP C 55 23.85 -30.09 36.34
CA ASP C 55 23.76 -31.45 36.81
C ASP C 55 23.65 -32.38 35.61
N SER C 56 24.68 -33.20 35.39
CA SER C 56 24.73 -34.13 34.23
C SER C 56 23.96 -35.45 34.45
N GLU C 57 23.44 -35.66 35.66
CA GLU C 57 22.70 -36.87 36.04
C GLU C 57 21.19 -36.68 35.94
N LYS C 58 20.70 -35.57 36.47
CA LYS C 58 19.26 -35.32 36.61
C LYS C 58 18.52 -35.12 35.31
N ASP C 59 17.28 -35.59 35.26
CA ASP C 59 16.43 -35.46 34.08
C ASP C 59 16.11 -34.01 33.73
N ILE C 60 15.98 -33.76 32.43
CA ILE C 60 15.48 -32.50 31.86
C ILE C 60 14.09 -32.77 31.26
N TYR C 61 13.19 -31.78 31.35
CA TYR C 61 11.83 -31.91 30.83
C TYR C 61 11.61 -30.93 29.69
N LEU C 62 11.37 -31.45 28.49
CA LEU C 62 11.08 -30.60 27.31
C LEU C 62 9.59 -30.58 26.97
N TYR C 63 8.95 -29.47 27.34
CA TYR C 63 7.54 -29.20 27.02
C TYR C 63 7.41 -28.82 25.55
N ILE C 64 6.49 -29.45 24.82
CA ILE C 64 6.31 -29.18 23.40
C ILE C 64 4.87 -28.80 23.08
N ASN C 65 4.68 -27.54 22.70
CA ASN C 65 3.42 -27.04 22.10
C ASN C 65 3.78 -26.20 20.89
N SER C 66 4.04 -26.87 19.77
CA SER C 66 4.63 -26.23 18.61
C SER C 66 4.07 -26.78 17.32
N PRO C 67 3.84 -25.91 16.32
CA PRO C 67 3.40 -26.36 14.99
C PRO C 67 4.59 -26.79 14.12
N GLY C 68 5.81 -26.76 14.68
CA GLY C 68 7.00 -27.09 13.94
C GLY C 68 7.63 -25.85 13.37
N GLY C 69 8.33 -26.01 12.25
CA GLY C 69 9.04 -24.91 11.62
C GLY C 69 10.30 -25.38 10.92
N SER C 70 11.38 -24.60 11.03
CA SER C 70 12.63 -24.89 10.33
C SER C 70 13.19 -26.26 10.67
N VAL C 71 13.43 -27.05 9.62
CA VAL C 71 14.03 -28.40 9.77
C VAL C 71 15.43 -28.30 10.35
N THR C 72 16.21 -27.39 9.80
CA THR C 72 17.58 -27.16 10.22
C THR C 72 17.71 -26.72 11.71
N ALA C 73 16.88 -25.77 12.12
CA ALA C 73 16.77 -25.35 13.51
C ALA C 73 16.30 -26.48 14.40
N GLY C 74 15.39 -27.28 13.88
CA GLY C 74 14.93 -28.48 14.59
C GLY C 74 16.06 -29.44 14.87
N PHE C 75 16.90 -29.68 13.86
CA PHE C 75 18.07 -30.55 14.03
C PHE C 75 19.16 -29.99 14.94
N ALA C 76 19.17 -28.69 15.15
CA ALA C 76 20.02 -28.10 16.17
C ALA C 76 19.61 -28.58 17.56
N ILE C 77 18.30 -28.57 17.80
CA ILE C 77 17.73 -29.02 19.06
C ILE C 77 17.94 -30.52 19.22
N TYR C 78 17.60 -31.27 18.17
CA TYR C 78 17.74 -32.73 18.18
C TYR C 78 19.16 -33.17 18.54
N ASP C 79 20.15 -32.69 17.78
CA ASP C 79 21.53 -33.07 18.00
C ASP C 79 22.02 -32.75 19.42
N THR C 80 21.60 -31.61 19.94
CA THR C 80 21.98 -31.19 21.29
C THR C 80 21.34 -32.08 22.35
N ILE C 81 20.08 -32.48 22.14
CA ILE C 81 19.42 -33.44 23.04
C ILE C 81 20.21 -34.74 23.09
N GLN C 82 20.54 -35.29 21.93
CA GLN C 82 21.28 -36.55 21.88
C GLN C 82 22.69 -36.44 22.46
N HIS C 83 23.35 -35.32 22.23
CA HIS C 83 24.71 -35.11 22.68
C HIS C 83 24.87 -35.09 24.20
N ILE C 84 23.98 -34.38 24.88
CA ILE C 84 24.11 -34.19 26.32
C ILE C 84 23.83 -35.47 27.12
N LYS C 85 24.43 -35.52 28.31
CA LYS C 85 24.42 -36.70 29.16
C LYS C 85 23.03 -36.98 29.77
N PRO C 86 22.34 -35.96 30.31
CA PRO C 86 21.01 -36.22 30.91
C PRO C 86 19.96 -36.72 29.93
N ASP C 87 19.05 -37.55 30.44
CA ASP C 87 17.85 -37.89 29.69
C ASP C 87 17.06 -36.61 29.52
N VAL C 88 16.53 -36.40 28.32
CA VAL C 88 15.57 -35.32 28.05
C VAL C 88 14.17 -35.92 27.83
N GLN C 89 13.28 -35.72 28.79
CA GLN C 89 11.88 -36.11 28.64
C GLN C 89 11.19 -35.14 27.69
N THR C 90 10.28 -35.65 26.88
CA THR C 90 9.49 -34.83 25.96
C THR C 90 8.03 -35.02 26.29
N ILE C 91 7.30 -33.90 26.42
CA ILE C 91 5.90 -33.91 26.83
C ILE C 91 5.09 -33.01 25.90
N CYS C 92 4.25 -33.63 25.10
CA CYS C 92 3.41 -32.90 24.16
C CYS C 92 2.13 -32.46 24.81
N ILE C 93 1.93 -31.16 24.90
CA ILE C 93 0.72 -30.58 25.49
C ILE C 93 0.13 -29.60 24.47
N GLY C 94 -1.15 -29.74 24.18
CA GLY C 94 -1.80 -28.95 23.13
C GLY C 94 -1.60 -29.50 21.74
N MET C 95 -0.41 -29.29 21.18
CA MET C 95 -0.09 -29.70 19.81
C MET C 95 1.40 -29.89 19.58
N ALA C 96 1.76 -30.95 18.85
CA ALA C 96 3.14 -31.13 18.30
C ALA C 96 3.03 -31.52 16.83
N ALA C 97 3.44 -30.64 15.92
CA ALA C 97 3.31 -30.87 14.48
C ALA C 97 4.64 -30.67 13.78
N SER C 98 4.79 -31.33 12.62
CA SER C 98 5.98 -31.18 11.77
C SER C 98 7.28 -31.54 12.52
N MET C 99 8.22 -30.61 12.61
CA MET C 99 9.46 -30.79 13.37
C MET C 99 9.20 -30.89 14.89
N GLY C 100 8.07 -30.36 15.36
CA GLY C 100 7.66 -30.47 16.75
C GLY C 100 7.38 -31.90 17.17
N SER C 101 6.68 -32.64 16.32
CA SER C 101 6.42 -34.06 16.57
C SER C 101 7.69 -34.92 16.34
N PHE C 102 8.58 -34.49 15.46
CA PHE C 102 9.86 -35.16 15.28
C PHE C 102 10.65 -35.11 16.57
N LEU C 103 10.71 -33.93 17.17
CA LEU C 103 11.42 -33.71 18.43
C LEU C 103 10.75 -34.40 19.61
N LEU C 104 9.42 -34.49 19.58
CA LEU C 104 8.67 -35.27 20.56
C LEU C 104 9.16 -36.71 20.57
N ALA C 105 9.29 -37.29 19.38
CA ALA C 105 9.83 -38.65 19.20
C ALA C 105 11.33 -38.83 19.58
N ALA C 106 12.08 -37.73 19.61
CA ALA C 106 13.51 -37.76 19.94
C ALA C 106 13.85 -37.76 21.41
N GLY C 107 12.81 -37.71 22.26
CA GLY C 107 13.00 -37.76 23.69
C GLY C 107 13.59 -39.07 24.12
N ALA C 108 14.16 -39.08 25.31
CA ALA C 108 14.81 -40.25 25.89
C ALA C 108 13.87 -41.45 25.90
N LYS C 109 14.42 -42.63 25.59
CA LYS C 109 13.65 -43.88 25.49
C LYS C 109 12.85 -44.14 26.75
N GLY C 110 11.54 -44.29 26.58
CA GLY C 110 10.63 -44.56 27.69
C GLY C 110 10.09 -43.33 28.44
N LYS C 111 10.57 -42.14 28.07
CA LYS C 111 10.18 -40.89 28.74
C LYS C 111 9.61 -39.86 27.76
N ARG C 112 8.86 -40.35 26.76
CA ARG C 112 8.20 -39.51 25.76
C ARG C 112 6.72 -39.60 26.07
N PHE C 113 6.14 -38.47 26.46
CA PHE C 113 4.75 -38.41 26.89
C PHE C 113 3.87 -37.46 26.06
N ALA C 114 2.57 -37.65 26.16
CA ALA C 114 1.59 -36.69 25.67
C ALA C 114 0.39 -36.72 26.58
N LEU C 115 -0.21 -35.57 26.83
CA LEU C 115 -1.43 -35.50 27.63
C LEU C 115 -2.65 -35.89 26.77
N PRO C 116 -3.76 -36.31 27.40
CA PRO C 116 -4.81 -37.08 26.68
C PRO C 116 -5.39 -36.45 25.40
N ASN C 117 -5.69 -35.16 25.45
CA ASN C 117 -6.27 -34.43 24.31
C ASN C 117 -5.24 -33.65 23.47
N ALA C 118 -3.96 -33.98 23.60
CA ALA C 118 -2.92 -33.34 22.79
C ALA C 118 -2.97 -33.89 21.38
N GLU C 119 -2.60 -33.05 20.43
CA GLU C 119 -2.69 -33.34 19.00
C GLU C 119 -1.29 -33.55 18.46
N VAL C 120 -1.06 -34.66 17.79
CA VAL C 120 0.22 -34.93 17.13
C VAL C 120 -0.04 -35.04 15.63
N MET C 121 0.77 -34.35 14.82
CA MET C 121 0.67 -34.40 13.37
C MET C 121 2.04 -34.65 12.77
N ILE C 122 2.08 -35.50 11.75
CA ILE C 122 3.28 -35.77 10.97
C ILE C 122 3.02 -35.54 9.48
N HIS C 123 4.01 -35.00 8.78
CA HIS C 123 3.92 -34.78 7.34
C HIS C 123 5.32 -34.67 6.69
N GLN C 124 5.39 -34.42 5.38
CA GLN C 124 6.67 -34.20 4.73
C GLN C 124 7.11 -32.77 4.95
N PRO C 125 8.42 -32.50 4.81
CA PRO C 125 8.94 -31.15 4.84
C PRO C 125 8.50 -30.32 3.64
N LEU C 126 8.36 -29.03 3.90
CA LEU C 126 7.88 -28.06 2.93
C LEU C 126 9.06 -27.16 2.54
N GLY C 127 9.07 -26.70 1.31
CA GLY C 127 10.13 -25.82 0.84
C GLY C 127 9.75 -25.10 -0.42
N GLY C 128 10.76 -24.57 -1.10
CA GLY C 128 10.57 -23.81 -2.32
C GLY C 128 11.84 -23.71 -3.14
N ALA C 129 11.65 -23.47 -4.43
CA ALA C 129 12.75 -23.37 -5.37
C ALA C 129 12.32 -22.46 -6.48
N GLN C 130 13.19 -21.53 -6.86
CA GLN C 130 12.91 -20.66 -7.99
C GLN C 130 14.16 -20.32 -8.76
N GLY C 131 14.05 -20.36 -10.09
CA GLY C 131 15.15 -20.01 -10.98
C GLY C 131 15.35 -21.02 -12.09
N GLN C 132 16.60 -21.22 -12.46
CA GLN C 132 16.98 -22.12 -13.56
C GLN C 132 16.65 -23.58 -13.25
N ALA C 133 16.52 -24.40 -14.29
CA ALA C 133 16.24 -25.81 -14.13
C ALA C 133 17.26 -26.51 -13.23
N THR C 134 18.55 -26.19 -13.38
CA THR C 134 19.57 -26.86 -12.55
C THR C 134 19.53 -26.39 -11.09
N GLU C 135 19.08 -25.14 -10.86
CA GLU C 135 18.88 -24.62 -9.50
C GLU C 135 17.73 -25.31 -8.82
N ILE C 136 16.65 -25.53 -9.55
CA ILE C 136 15.49 -26.25 -9.02
C ILE C 136 15.83 -27.71 -8.72
N GLU C 137 16.61 -28.33 -9.60
CA GLU C 137 17.11 -29.68 -9.37
C GLU C 137 17.85 -29.76 -8.04
N ILE C 138 18.79 -28.85 -7.82
CA ILE C 138 19.60 -28.81 -6.59
C ILE C 138 18.72 -28.73 -5.36
N ALA C 139 17.74 -27.83 -5.40
CA ALA C 139 16.81 -27.64 -4.29
C ALA C 139 15.92 -28.86 -4.07
N ALA C 140 15.47 -29.46 -5.17
CA ALA C 140 14.64 -30.67 -5.11
C ALA C 140 15.41 -31.85 -4.55
N ASN C 141 16.64 -32.04 -5.01
CA ASN C 141 17.53 -33.08 -4.46
C ASN C 141 17.79 -32.89 -2.98
N HIS C 142 17.98 -31.63 -2.60
CA HIS C 142 18.21 -31.27 -1.22
C HIS C 142 17.01 -31.59 -0.30
N ILE C 143 15.81 -31.13 -0.65
CA ILE C 143 14.64 -31.39 0.20
C ILE C 143 14.29 -32.87 0.26
N LEU C 144 14.53 -33.59 -0.82
CA LEU C 144 14.33 -35.05 -0.84
C LEU C 144 15.35 -35.78 0.04
N LYS C 145 16.62 -35.37 0.01
CA LYS C 145 17.66 -35.93 0.89
C LYS C 145 17.32 -35.64 2.35
N THR C 146 16.82 -34.42 2.64
CA THR C 146 16.37 -34.09 4.01
C THR C 146 15.10 -34.86 4.42
N ARG C 147 14.25 -35.25 3.48
CA ARG C 147 13.12 -36.16 3.79
C ARG C 147 13.60 -37.55 4.18
N GLU C 148 14.55 -38.10 3.43
CA GLU C 148 15.12 -39.43 3.74
C GLU C 148 15.75 -39.45 5.12
N LYS C 149 16.49 -38.38 5.43
CA LYS C 149 17.14 -38.17 6.71
C LYS C 149 16.15 -38.15 7.87
N LEU C 150 15.08 -37.37 7.73
CA LEU C 150 14.02 -37.32 8.75
C LEU C 150 13.30 -38.66 8.91
N ASN C 151 12.97 -39.29 7.78
CA ASN C 151 12.28 -40.57 7.75
C ASN C 151 13.13 -41.68 8.40
N ARG C 152 14.43 -41.68 8.10
CA ARG C 152 15.34 -42.66 8.67
C ARG C 152 15.35 -42.58 10.20
N ILE C 153 15.51 -41.37 10.73
CA ILE C 153 15.54 -41.15 12.20
C ILE C 153 14.19 -41.45 12.85
N LEU C 154 13.11 -41.02 12.23
CA LEU C 154 11.77 -41.39 12.74
C LEU C 154 11.58 -42.91 12.80
N SER C 155 12.11 -43.61 11.80
CA SER C 155 12.06 -45.07 11.74
C SER C 155 12.78 -45.69 12.94
N GLU C 156 13.99 -45.18 13.20
CA GLU C 156 14.82 -45.64 14.32
C GLU C 156 14.13 -45.46 15.67
N ARG C 157 13.36 -44.37 15.82
CA ARG C 157 12.82 -43.99 17.13
C ARG C 157 11.39 -44.40 17.40
N THR C 158 10.63 -44.66 16.34
CA THR C 158 9.29 -45.21 16.46
C THR C 158 9.28 -46.74 16.37
N GLY C 159 10.26 -47.30 15.65
CA GLY C 159 10.28 -48.71 15.31
C GLY C 159 9.51 -49.07 14.05
N GLN C 160 8.93 -48.06 13.38
CA GLN C 160 8.22 -48.27 12.11
C GLN C 160 9.23 -48.32 10.99
N SER C 161 8.85 -48.90 9.87
CA SER C 161 9.74 -48.99 8.70
C SER C 161 9.81 -47.65 7.96
N ILE C 162 10.90 -47.44 7.24
CA ILE C 162 11.06 -46.25 6.39
C ILE C 162 9.91 -46.17 5.38
N GLU C 163 9.55 -47.31 4.79
CA GLU C 163 8.47 -47.39 3.78
C GLU C 163 7.11 -46.95 4.34
N LYS C 164 6.82 -47.34 5.58
CA LYS C 164 5.54 -46.97 6.22
C LYS C 164 5.48 -45.49 6.57
N ILE C 165 6.60 -44.97 7.06
CA ILE C 165 6.69 -43.56 7.39
C ILE C 165 6.51 -42.69 6.14
N GLN C 166 7.14 -43.09 5.03
CA GLN C 166 6.99 -42.39 3.75
C GLN C 166 5.52 -42.29 3.34
N LYS C 167 4.85 -43.44 3.34
CA LYS C 167 3.42 -43.51 3.01
C LYS C 167 2.59 -42.62 3.94
N ASP C 168 2.86 -42.74 5.25
CA ASP C 168 2.06 -42.06 6.29
C ASP C 168 2.33 -40.58 6.41
N THR C 169 3.51 -40.12 5.98
CA THR C 169 3.81 -38.67 5.94
C THR C 169 3.51 -37.97 4.60
N ASP C 170 3.03 -38.70 3.59
CA ASP C 170 2.79 -38.12 2.26
C ASP C 170 1.85 -36.90 2.32
N ARG C 171 0.79 -37.05 3.07
CA ARG C 171 -0.12 -35.91 3.26
C ARG C 171 -0.18 -35.70 4.77
N ASP C 172 -0.76 -34.60 5.19
CA ASP C 172 -0.97 -34.32 6.62
C ASP C 172 -1.70 -35.49 7.30
N ASN C 173 -1.17 -35.93 8.44
CA ASN C 173 -1.68 -37.09 9.18
C ASN C 173 -1.85 -36.70 10.65
N PHE C 174 -3.08 -36.43 11.04
CA PHE C 174 -3.38 -36.10 12.43
C PHE C 174 -3.56 -37.40 13.23
N LEU C 175 -2.92 -37.43 14.41
CA LEU C 175 -3.00 -38.52 15.37
C LEU C 175 -3.52 -38.04 16.73
N THR C 176 -4.34 -38.86 17.39
CA THR C 176 -4.62 -38.69 18.83
C THR C 176 -3.40 -39.10 19.63
N ALA C 177 -3.37 -38.67 20.89
CA ALA C 177 -2.31 -39.06 21.81
C ALA C 177 -2.18 -40.59 21.85
N GLU C 178 -3.32 -41.27 21.96
CA GLU C 178 -3.36 -42.74 22.00
C GLU C 178 -2.80 -43.34 20.70
N GLU C 179 -3.19 -42.77 19.56
CA GLU C 179 -2.67 -43.20 18.25
C GLU C 179 -1.16 -42.97 18.11
N ALA C 180 -0.67 -41.88 18.70
CA ALA C 180 0.77 -41.59 18.73
C ALA C 180 1.56 -42.62 19.53
N LYS C 181 0.98 -43.10 20.64
CA LYS C 181 1.57 -44.18 21.42
C LYS C 181 1.69 -45.44 20.58
N GLU C 182 0.59 -45.84 19.93
CA GLU C 182 0.54 -47.03 19.09
C GLU C 182 1.55 -46.92 17.97
N TYR C 183 1.72 -45.71 17.45
CA TYR C 183 2.64 -45.46 16.34
C TYR C 183 4.11 -45.50 16.76
N GLY C 184 4.40 -45.19 18.03
CA GLY C 184 5.77 -45.19 18.55
C GLY C 184 6.41 -43.80 18.66
N LEU C 185 5.64 -42.76 18.42
CA LEU C 185 6.12 -41.40 18.58
C LEU C 185 6.25 -41.04 20.05
N ILE C 186 5.41 -41.64 20.89
CA ILE C 186 5.49 -41.50 22.33
C ILE C 186 5.42 -42.87 22.98
N ASP C 187 5.79 -42.91 24.24
CA ASP C 187 5.79 -44.15 25.02
C ASP C 187 4.50 -44.31 25.86
N GLU C 188 4.01 -43.21 26.44
CA GLU C 188 2.78 -43.26 27.26
C GLU C 188 1.93 -42.02 27.11
N VAL C 189 0.62 -42.19 27.28
CA VAL C 189 -0.30 -41.07 27.46
C VAL C 189 -0.37 -40.78 28.93
N MET C 190 -0.02 -39.55 29.32
CA MET C 190 0.06 -39.19 30.74
C MET C 190 -1.35 -38.96 31.32
N VAL C 191 -1.82 -39.97 32.04
CA VAL C 191 -3.14 -39.97 32.67
C VAL C 191 -3.16 -38.98 33.86
N PRO C 192 -4.34 -38.40 34.18
CA PRO C 192 -4.47 -37.58 35.41
C PRO C 192 -4.39 -38.33 36.77
N GLU C 193 -3.82 -37.65 37.77
CA GLU C 193 -3.31 -38.23 39.02
C GLU C 193 -4.44 -38.51 40.04
N THR C 194 -4.04 -38.98 41.22
CA THR C 194 -4.98 -39.37 42.26
C THR C 194 -4.62 -38.74 43.60
N ILE D 4 -0.11 -0.94 33.06
CA ILE D 4 -0.21 -2.04 34.11
C ILE D 4 0.45 -1.63 35.43
N PRO D 5 -0.36 -1.32 36.46
CA PRO D 5 0.18 -0.74 37.68
C PRO D 5 0.93 -1.71 38.58
N THR D 6 1.81 -1.14 39.41
CA THR D 6 2.61 -1.85 40.39
C THR D 6 2.05 -1.62 41.80
N VAL D 7 2.01 -2.67 42.60
CA VAL D 7 1.61 -2.60 44.02
C VAL D 7 2.69 -3.19 44.90
N ILE D 8 2.62 -2.81 46.18
CA ILE D 8 3.66 -3.26 47.14
C ILE D 8 3.04 -4.12 48.24
N GLU D 9 3.61 -5.31 48.50
CA GLU D 9 3.14 -6.16 49.64
C GLU D 9 4.09 -5.99 50.82
N THR D 10 3.57 -5.96 52.05
CA THR D 10 4.40 -5.67 53.24
C THR D 10 5.08 -6.79 54.08
N THR D 11 4.36 -7.49 54.99
CA THR D 11 4.84 -8.66 55.77
C THR D 11 6.09 -8.32 56.63
N ASN D 12 6.87 -9.34 57.01
CA ASN D 12 8.30 -9.16 57.35
C ASN D 12 9.29 -9.85 56.38
N GLU D 15 9.28 -6.29 52.35
CA GLU D 15 8.47 -5.66 51.31
C GLU D 15 8.93 -5.96 49.90
N ARG D 16 8.01 -6.47 49.08
CA ARG D 16 8.21 -6.83 47.66
C ARG D 16 7.24 -6.03 46.72
N ALA D 17 7.73 -5.67 45.53
CA ALA D 17 6.97 -4.96 44.50
C ALA D 17 6.45 -5.97 43.47
N TYR D 18 5.19 -5.83 43.11
CA TYR D 18 4.53 -6.73 42.15
C TYR D 18 3.78 -5.91 41.13
N ASP D 19 3.84 -6.32 39.87
CA ASP D 19 2.82 -5.88 38.90
C ASP D 19 1.50 -6.55 39.30
N ILE D 20 0.39 -5.85 39.09
CA ILE D 20 -0.92 -6.26 39.62
C ILE D 20 -1.24 -7.74 39.28
N TYR D 21 -0.92 -8.19 38.06
CA TYR D 21 -1.22 -9.58 37.64
C TYR D 21 -0.36 -10.60 38.37
N SER D 22 0.91 -10.29 38.55
CA SER D 22 1.81 -11.12 39.34
C SER D 22 1.39 -11.25 40.80
N ARG D 23 0.77 -10.20 41.34
CA ARG D 23 0.27 -10.20 42.69
C ARG D 23 -0.92 -11.11 42.83
N LEU D 24 -1.79 -11.08 41.83
CA LEU D 24 -2.91 -12.03 41.79
C LEU D 24 -2.38 -13.46 41.76
N LEU D 25 -1.31 -13.69 41.00
CA LEU D 25 -0.70 -15.01 40.93
C LEU D 25 -0.16 -15.46 42.28
N LYS D 26 0.34 -14.53 43.09
CA LYS D 26 0.79 -14.88 44.46
C LYS D 26 -0.34 -15.45 45.32
N ASP D 27 -1.57 -14.99 45.09
CA ASP D 27 -2.78 -15.53 45.73
C ASP D 27 -3.47 -16.62 44.89
N ARG D 28 -2.72 -17.30 44.03
CA ARG D 28 -3.22 -18.44 43.25
C ARG D 28 -4.38 -18.09 42.28
N ILE D 29 -4.38 -16.86 41.78
CA ILE D 29 -5.32 -16.40 40.75
C ILE D 29 -4.59 -16.25 39.40
N ILE D 30 -5.06 -16.97 38.39
CA ILE D 30 -4.54 -16.93 37.06
C ILE D 30 -5.52 -16.16 36.16
N MET D 31 -5.01 -15.21 35.38
CA MET D 31 -5.79 -14.43 34.44
C MET D 31 -5.74 -15.05 33.02
N LEU D 32 -6.88 -15.59 32.56
CA LEU D 32 -7.13 -15.87 31.14
C LEU D 32 -8.04 -14.76 30.60
N GLY D 33 -7.43 -13.66 30.13
CA GLY D 33 -8.15 -12.42 29.80
C GLY D 33 -7.99 -11.95 28.36
N SER D 34 -7.62 -12.84 27.44
CA SER D 34 -7.37 -12.44 26.06
C SER D 34 -7.67 -13.59 25.09
N GLN D 35 -7.51 -13.34 23.80
CA GLN D 35 -7.62 -14.38 22.78
C GLN D 35 -6.60 -15.50 23.10
N ILE D 36 -7.08 -16.73 23.04
CA ILE D 36 -6.28 -17.90 23.36
C ILE D 36 -5.42 -18.25 22.16
N ASP D 37 -4.12 -18.01 22.25
CA ASP D 37 -3.14 -18.50 21.27
C ASP D 37 -2.12 -19.38 22.01
N ASP D 38 -1.13 -19.91 21.30
CA ASP D 38 -0.13 -20.75 21.90
C ASP D 38 0.65 -20.04 23.06
N ASN D 39 0.95 -18.75 22.93
CA ASN D 39 1.66 -18.00 24.01
C ASN D 39 0.88 -17.96 25.30
N VAL D 40 -0.39 -17.58 25.17
CA VAL D 40 -1.27 -17.46 26.32
C VAL D 40 -1.40 -18.81 26.99
N ALA D 41 -1.57 -19.86 26.19
CA ALA D 41 -1.68 -21.20 26.74
C ALA D 41 -0.43 -21.60 27.51
N ASN D 42 0.72 -21.41 26.90
CA ASN D 42 2.00 -21.78 27.54
C ASN D 42 2.18 -21.08 28.90
N SER D 43 1.83 -19.79 28.97
CA SER D 43 1.90 -19.01 30.21
C SER D 43 0.96 -19.59 31.29
N ILE D 44 -0.30 -19.84 30.92
CA ILE D 44 -1.31 -20.41 31.84
C ILE D 44 -0.86 -21.78 32.31
N VAL D 45 -0.39 -22.62 31.40
CA VAL D 45 0.14 -23.97 31.73
C VAL D 45 1.27 -23.86 32.75
N SER D 46 2.23 -22.99 32.46
CA SER D 46 3.36 -22.77 33.37
C SER D 46 2.94 -22.27 34.74
N GLN D 47 1.95 -21.38 34.78
CA GLN D 47 1.39 -20.90 36.04
C GLN D 47 0.74 -22.02 36.84
N LEU D 48 -0.08 -22.82 36.16
CA LEU D 48 -0.75 -23.97 36.80
C LEU D 48 0.24 -24.97 37.40
N LEU D 49 1.32 -25.27 36.67
CA LEU D 49 2.30 -26.24 37.13
C LEU D 49 3.05 -25.73 38.35
N PHE D 50 3.38 -24.43 38.30
CA PHE D 50 4.03 -23.73 39.40
C PHE D 50 3.17 -23.67 40.65
N LEU D 51 1.91 -23.28 40.49
CA LEU D 51 1.01 -23.22 41.64
C LEU D 51 0.80 -24.59 42.32
N GLN D 52 0.82 -25.67 41.54
CA GLN D 52 0.83 -27.02 42.10
C GLN D 52 2.07 -27.30 42.96
N ALA D 53 3.25 -26.96 42.45
CA ALA D 53 4.50 -27.15 43.18
C ALA D 53 4.57 -26.35 44.47
N GLN D 54 3.96 -25.16 44.47
CA GLN D 54 3.83 -24.32 45.68
C GLN D 54 2.97 -25.01 46.74
N ASP D 55 1.81 -25.50 46.34
CA ASP D 55 0.87 -26.14 47.24
C ASP D 55 -0.09 -27.01 46.42
N SER D 56 0.00 -28.33 46.58
CA SER D 56 -0.83 -29.27 45.82
C SER D 56 -2.25 -29.46 46.39
N GLU D 57 -2.53 -28.86 47.54
CA GLU D 57 -3.83 -28.99 48.23
C GLU D 57 -4.74 -27.82 47.95
N LYS D 58 -4.19 -26.61 48.03
CA LYS D 58 -4.97 -25.37 47.94
C LYS D 58 -5.58 -25.09 46.56
N ASP D 59 -6.78 -24.50 46.57
CA ASP D 59 -7.48 -24.14 45.33
C ASP D 59 -6.73 -23.12 44.49
N ILE D 60 -6.89 -23.25 43.18
CA ILE D 60 -6.45 -22.27 42.17
C ILE D 60 -7.71 -21.62 41.58
N TYR D 61 -7.61 -20.32 41.26
CA TYR D 61 -8.71 -19.54 40.68
C TYR D 61 -8.37 -19.10 39.25
N LEU D 62 -9.12 -19.61 38.26
CA LEU D 62 -8.95 -19.22 36.87
C LEU D 62 -10.02 -18.22 36.42
N TYR D 63 -9.62 -16.96 36.31
CA TYR D 63 -10.43 -15.87 35.78
C TYR D 63 -10.52 -15.99 34.27
N ILE D 64 -11.73 -15.93 33.71
CA ILE D 64 -11.92 -16.05 32.26
C ILE D 64 -12.70 -14.86 31.71
N ASN D 65 -12.01 -14.04 30.90
CA ASN D 65 -12.64 -12.99 30.05
C ASN D 65 -12.03 -13.08 28.67
N SER D 66 -12.52 -14.03 27.88
CA SER D 66 -11.88 -14.42 26.62
C SER D 66 -12.92 -14.72 25.54
N PRO D 67 -12.66 -14.29 24.30
CA PRO D 67 -13.49 -14.67 23.17
C PRO D 67 -13.15 -16.05 22.63
N GLY D 68 -12.17 -16.74 23.23
CA GLY D 68 -11.73 -18.04 22.77
C GLY D 68 -10.51 -17.89 21.87
N GLY D 69 -10.35 -18.83 20.94
CA GLY D 69 -9.20 -18.84 20.06
C GLY D 69 -8.81 -20.25 19.70
N SER D 70 -7.52 -20.52 19.64
CA SER D 70 -7.00 -21.81 19.18
C SER D 70 -7.54 -22.97 20.00
N VAL D 71 -8.13 -23.95 19.33
CA VAL D 71 -8.61 -25.18 19.97
C VAL D 71 -7.44 -25.95 20.62
N THR D 72 -6.35 -26.13 19.86
CA THR D 72 -5.16 -26.86 20.30
C THR D 72 -4.57 -26.24 21.57
N ALA D 73 -4.36 -24.91 21.55
CA ALA D 73 -3.87 -24.16 22.71
C ALA D 73 -4.83 -24.27 23.87
N GLY D 74 -6.13 -24.25 23.57
CA GLY D 74 -7.16 -24.45 24.58
C GLY D 74 -6.99 -25.79 25.28
N PHE D 75 -6.76 -26.84 24.49
CA PHE D 75 -6.58 -28.18 25.05
C PHE D 75 -5.26 -28.33 25.83
N ALA D 76 -4.30 -27.45 25.59
CA ALA D 76 -3.09 -27.40 26.43
C ALA D 76 -3.46 -26.99 27.85
N ILE D 77 -4.29 -25.97 27.96
CA ILE D 77 -4.78 -25.49 29.24
C ILE D 77 -5.68 -26.53 29.90
N TYR D 78 -6.65 -27.06 29.14
CA TYR D 78 -7.58 -28.07 29.64
C TYR D 78 -6.86 -29.27 30.26
N ASP D 79 -5.99 -29.91 29.49
CA ASP D 79 -5.26 -31.11 29.95
C ASP D 79 -4.41 -30.85 31.21
N THR D 80 -3.80 -29.66 31.28
CA THR D 80 -3.01 -29.27 32.44
C THR D 80 -3.90 -29.04 33.67
N ILE D 81 -5.08 -28.43 33.50
CA ILE D 81 -6.03 -28.29 34.60
C ILE D 81 -6.38 -29.68 35.16
N GLN D 82 -6.77 -30.61 34.28
CA GLN D 82 -7.18 -31.94 34.72
C GLN D 82 -6.05 -32.73 35.35
N HIS D 83 -4.84 -32.56 34.81
CA HIS D 83 -3.66 -33.29 35.30
C HIS D 83 -3.25 -32.94 36.73
N ILE D 84 -3.25 -31.65 37.06
CA ILE D 84 -2.76 -31.20 38.38
C ILE D 84 -3.71 -31.57 39.51
N LYS D 85 -3.11 -31.69 40.70
CA LYS D 85 -3.80 -32.16 41.88
C LYS D 85 -4.84 -31.16 42.44
N PRO D 86 -4.48 -29.87 42.55
CA PRO D 86 -5.47 -28.89 43.05
C PRO D 86 -6.73 -28.76 42.20
N ASP D 87 -7.85 -28.46 42.86
CA ASP D 87 -9.03 -28.00 42.18
C ASP D 87 -8.71 -26.65 41.52
N VAL D 88 -9.15 -26.50 40.26
CA VAL D 88 -9.08 -25.20 39.54
C VAL D 88 -10.49 -24.61 39.40
N GLN D 89 -10.76 -23.56 40.16
CA GLN D 89 -12.03 -22.86 40.03
C GLN D 89 -11.99 -22.07 38.73
N THR D 90 -13.13 -21.96 38.07
CA THR D 90 -13.26 -21.12 36.87
C THR D 90 -14.34 -20.06 37.10
N ILE D 91 -14.01 -18.81 36.77
CA ILE D 91 -14.89 -17.67 37.02
C ILE D 91 -14.97 -16.80 35.77
N CYS D 92 -16.14 -16.82 35.15
CA CYS D 92 -16.39 -16.03 33.94
C CYS D 92 -16.85 -14.62 34.26
N ILE D 93 -16.04 -13.64 33.89
CA ILE D 93 -16.34 -12.23 34.15
C ILE D 93 -16.24 -11.52 32.82
N GLY D 94 -17.29 -10.76 32.49
CA GLY D 94 -17.36 -10.09 31.18
C GLY D 94 -17.87 -11.00 30.07
N MET D 95 -17.00 -11.90 29.59
CA MET D 95 -17.33 -12.80 28.48
C MET D 95 -16.49 -14.08 28.47
N ALA D 96 -17.13 -15.20 28.20
CA ALA D 96 -16.42 -16.45 27.86
C ALA D 96 -17.04 -17.08 26.60
N ALA D 97 -16.29 -17.07 25.50
CA ALA D 97 -16.81 -17.57 24.21
C ALA D 97 -15.89 -18.62 23.59
N SER D 98 -16.45 -19.49 22.75
CA SER D 98 -15.71 -20.50 21.99
C SER D 98 -14.93 -21.42 22.96
N MET D 99 -13.61 -21.49 22.83
CA MET D 99 -12.75 -22.31 23.72
C MET D 99 -12.72 -21.74 25.14
N GLY D 100 -13.02 -20.45 25.29
CA GLY D 100 -13.13 -19.82 26.59
C GLY D 100 -14.25 -20.39 27.42
N SER D 101 -15.41 -20.58 26.82
CA SER D 101 -16.55 -21.20 27.51
C SER D 101 -16.33 -22.70 27.71
N PHE D 102 -15.56 -23.34 26.82
CA PHE D 102 -15.21 -24.74 27.00
C PHE D 102 -14.41 -24.91 28.26
N LEU D 103 -13.42 -24.03 28.42
CA LEU D 103 -12.55 -24.04 29.61
C LEU D 103 -13.29 -23.63 30.88
N LEU D 104 -14.27 -22.73 30.75
CA LEU D 104 -15.13 -22.38 31.86
C LEU D 104 -15.80 -23.65 32.42
N ALA D 105 -16.35 -24.46 31.52
CA ALA D 105 -16.97 -25.74 31.87
C ALA D 105 -16.00 -26.80 32.42
N ALA D 106 -14.71 -26.65 32.13
CA ALA D 106 -13.68 -27.61 32.57
C ALA D 106 -13.16 -27.39 33.99
N GLY D 107 -13.67 -26.37 34.66
CA GLY D 107 -13.34 -26.15 36.04
C GLY D 107 -13.79 -27.28 36.94
N ALA D 108 -13.20 -27.32 38.13
CA ALA D 108 -13.48 -28.35 39.11
C ALA D 108 -14.98 -28.40 39.45
N LYS D 109 -15.49 -29.63 39.60
CA LYS D 109 -16.91 -29.88 39.84
C LYS D 109 -17.39 -29.06 41.04
N GLY D 110 -18.44 -28.26 40.82
CA GLY D 110 -19.05 -27.45 41.87
C GLY D 110 -18.40 -26.10 42.10
N LYS D 111 -17.30 -25.82 41.40
CA LYS D 111 -16.56 -24.58 41.55
C LYS D 111 -16.39 -23.84 40.20
N ARG D 112 -17.42 -23.91 39.36
CA ARG D 112 -17.48 -23.17 38.09
C ARG D 112 -18.50 -22.04 38.23
N PHE D 113 -18.04 -20.80 38.16
CA PHE D 113 -18.87 -19.64 38.46
C PHE D 113 -18.95 -18.66 37.29
N ALA D 114 -19.95 -17.79 37.34
CA ALA D 114 -20.03 -16.63 36.45
C ALA D 114 -20.74 -15.51 37.18
N LEU D 115 -20.28 -14.29 36.98
CA LEU D 115 -20.90 -13.11 37.62
C LEU D 115 -22.16 -12.75 36.83
N PRO D 116 -23.11 -12.02 37.45
CA PRO D 116 -24.48 -11.92 36.95
C PRO D 116 -24.66 -11.49 35.49
N ASN D 117 -23.93 -10.46 35.08
CA ASN D 117 -24.03 -9.94 33.70
C ASN D 117 -22.93 -10.44 32.74
N ALA D 118 -22.25 -11.53 33.09
CA ALA D 118 -21.26 -12.12 32.22
C ALA D 118 -21.96 -12.82 31.08
N GLU D 119 -21.30 -12.85 29.93
CA GLU D 119 -21.81 -13.40 28.68
C GLU D 119 -21.10 -14.72 28.38
N VAL D 120 -21.86 -15.77 28.14
CA VAL D 120 -21.30 -17.06 27.75
C VAL D 120 -21.82 -17.39 26.36
N MET D 121 -20.93 -17.79 25.46
CA MET D 121 -21.32 -18.18 24.10
C MET D 121 -20.68 -19.50 23.73
N ILE D 122 -21.47 -20.36 23.08
CA ILE D 122 -20.96 -21.64 22.56
C ILE D 122 -21.26 -21.75 21.05
N HIS D 123 -20.33 -22.32 20.30
CA HIS D 123 -20.51 -22.54 18.87
C HIS D 123 -19.58 -23.67 18.37
N GLN D 124 -19.60 -23.95 17.06
CA GLN D 124 -18.69 -24.95 16.48
C GLN D 124 -17.34 -24.31 16.27
N PRO D 125 -16.28 -25.15 16.19
CA PRO D 125 -14.95 -24.66 15.82
C PRO D 125 -14.88 -24.18 14.38
N LEU D 126 -14.02 -23.18 14.17
CA LEU D 126 -13.85 -22.52 12.89
C LEU D 126 -12.50 -22.90 12.34
N GLY D 127 -12.40 -22.99 11.03
CA GLY D 127 -11.14 -23.34 10.41
C GLY D 127 -11.12 -22.98 8.94
N GLY D 128 -10.17 -23.58 8.24
CA GLY D 128 -9.99 -23.32 6.83
C GLY D 128 -9.21 -24.43 6.14
N ALA D 129 -9.42 -24.53 4.83
CA ALA D 129 -8.78 -25.53 4.01
C ALA D 129 -8.64 -24.98 2.61
N GLN D 130 -7.46 -25.13 2.03
CA GLN D 130 -7.26 -24.68 0.68
C GLN D 130 -6.30 -25.60 -0.04
N GLY D 131 -6.65 -25.93 -1.28
CA GLY D 131 -5.81 -26.74 -2.14
C GLY D 131 -6.58 -27.85 -2.82
N GLN D 132 -5.92 -29.00 -2.99
CA GLN D 132 -6.47 -30.13 -3.70
C GLN D 132 -7.66 -30.74 -2.96
N ALA D 133 -8.51 -31.46 -3.69
CA ALA D 133 -9.67 -32.10 -3.08
C ALA D 133 -9.30 -33.02 -1.92
N THR D 134 -8.21 -33.79 -2.04
CA THR D 134 -7.82 -34.71 -0.96
C THR D 134 -7.27 -33.97 0.25
N GLU D 135 -6.65 -32.79 0.02
CA GLU D 135 -6.18 -31.92 1.10
C GLU D 135 -7.35 -31.31 1.89
N ILE D 136 -8.39 -30.88 1.17
CA ILE D 136 -9.61 -30.34 1.79
C ILE D 136 -10.34 -31.41 2.58
N GLU D 137 -10.38 -32.62 2.04
CA GLU D 137 -10.93 -33.79 2.74
C GLU D 137 -10.23 -34.00 4.09
N ILE D 138 -8.91 -34.03 4.07
CA ILE D 138 -8.11 -34.22 5.30
C ILE D 138 -8.43 -33.17 6.35
N ALA D 139 -8.47 -31.92 5.93
CA ALA D 139 -8.78 -30.80 6.82
C ALA D 139 -10.20 -30.84 7.34
N ALA D 140 -11.15 -31.20 6.47
CA ALA D 140 -12.55 -31.36 6.86
C ALA D 140 -12.73 -32.49 7.87
N ASN D 141 -12.09 -33.64 7.60
CA ASN D 141 -12.15 -34.80 8.54
C ASN D 141 -11.57 -34.42 9.87
N HIS D 142 -10.47 -33.67 9.83
CA HIS D 142 -9.81 -33.22 11.04
C HIS D 142 -10.69 -32.29 11.89
N ILE D 143 -11.26 -31.24 11.30
CA ILE D 143 -12.08 -30.30 12.08
C ILE D 143 -13.35 -30.97 12.61
N LEU D 144 -13.90 -31.90 11.84
CA LEU D 144 -15.07 -32.66 12.30
C LEU D 144 -14.73 -33.59 13.47
N LYS D 145 -13.57 -34.25 13.41
CA LYS D 145 -13.12 -35.11 14.52
C LYS D 145 -12.90 -34.26 15.77
N THR D 146 -12.34 -33.07 15.58
CA THR D 146 -12.14 -32.12 16.68
C THR D 146 -13.47 -31.61 17.23
N ARG D 147 -14.48 -31.51 16.39
CA ARG D 147 -15.82 -31.14 16.88
C ARG D 147 -16.40 -32.24 17.77
N GLU D 148 -16.28 -33.50 17.35
CA GLU D 148 -16.78 -34.63 18.13
C GLU D 148 -16.12 -34.67 19.49
N LYS D 149 -14.80 -34.45 19.47
CA LYS D 149 -13.97 -34.42 20.67
C LYS D 149 -14.40 -33.35 21.67
N LEU D 150 -14.61 -32.13 21.18
CA LEU D 150 -15.12 -31.03 22.00
C LEU D 150 -16.52 -31.29 22.53
N ASN D 151 -17.39 -31.78 21.66
CA ASN D 151 -18.79 -32.09 22.00
C ASN D 151 -18.87 -33.21 23.06
N ARG D 152 -18.04 -34.25 22.90
CA ARG D 152 -17.98 -35.36 23.86
C ARG D 152 -17.62 -34.89 25.27
N ILE D 153 -16.56 -34.08 25.37
CA ILE D 153 -16.13 -33.51 26.67
C ILE D 153 -17.15 -32.52 27.26
N LEU D 154 -17.71 -31.65 26.43
CA LEU D 154 -18.77 -30.76 26.90
C LEU D 154 -19.96 -31.55 27.46
N SER D 155 -20.27 -32.69 26.81
CA SER D 155 -21.37 -33.56 27.23
C SER D 155 -21.09 -34.13 28.63
N GLU D 156 -19.85 -34.60 28.82
CA GLU D 156 -19.40 -35.14 30.09
C GLU D 156 -19.50 -34.13 31.23
N ARG D 157 -19.24 -32.86 30.95
CA ARG D 157 -19.09 -31.85 32.00
C ARG D 157 -20.33 -31.01 32.25
N THR D 158 -21.23 -30.92 31.28
CA THR D 158 -22.52 -30.25 31.44
C THR D 158 -23.61 -31.20 31.84
N GLY D 159 -23.47 -32.47 31.45
CA GLY D 159 -24.51 -33.47 31.62
C GLY D 159 -25.52 -33.50 30.51
N GLN D 160 -25.33 -32.66 29.50
CA GLN D 160 -26.18 -32.66 28.31
C GLN D 160 -25.71 -33.74 27.36
N SER D 161 -26.58 -34.17 26.46
CA SER D 161 -26.27 -35.22 25.47
C SER D 161 -25.43 -34.66 24.34
N ILE D 162 -24.68 -35.53 23.70
CA ILE D 162 -23.90 -35.16 22.53
C ILE D 162 -24.80 -34.59 21.43
N GLU D 163 -25.95 -35.22 21.23
CA GLU D 163 -26.93 -34.79 20.22
C GLU D 163 -27.43 -33.36 20.48
N LYS D 164 -27.69 -33.01 21.74
CA LYS D 164 -28.19 -31.67 22.09
C LYS D 164 -27.12 -30.60 21.92
N ILE D 165 -25.89 -30.93 22.31
CA ILE D 165 -24.76 -30.01 22.15
C ILE D 165 -24.49 -29.71 20.67
N GLN D 166 -24.54 -30.75 19.84
CA GLN D 166 -24.42 -30.59 18.37
C GLN D 166 -25.45 -29.59 17.81
N LYS D 167 -26.72 -29.81 18.13
CA LYS D 167 -27.83 -28.93 17.72
C LYS D 167 -27.58 -27.51 18.23
N ASP D 168 -27.23 -27.39 19.52
CA ASP D 168 -27.10 -26.08 20.18
C ASP D 168 -25.84 -25.32 19.82
N THR D 169 -24.79 -26.00 19.38
CA THR D 169 -23.58 -25.32 18.89
C THR D 169 -23.56 -25.04 17.36
N ASP D 170 -24.59 -25.43 16.62
CA ASP D 170 -24.58 -25.31 15.16
C ASP D 170 -24.35 -23.87 14.71
N ARG D 171 -25.12 -22.94 15.28
CA ARG D 171 -24.88 -21.51 15.08
C ARG D 171 -24.41 -20.95 16.41
N ASP D 172 -23.96 -19.70 16.40
CA ASP D 172 -23.65 -18.97 17.61
C ASP D 172 -24.85 -18.98 18.55
N ASN D 173 -24.59 -19.30 19.81
CA ASN D 173 -25.61 -19.42 20.87
C ASN D 173 -25.18 -18.61 22.08
N PHE D 174 -25.76 -17.42 22.23
CA PHE D 174 -25.48 -16.58 23.40
C PHE D 174 -26.36 -17.00 24.57
N LEU D 175 -25.74 -17.15 25.75
CA LEU D 175 -26.38 -17.50 27.01
C LEU D 175 -26.14 -16.41 28.07
N THR D 176 -27.16 -16.12 28.89
CA THR D 176 -26.96 -15.39 30.15
C THR D 176 -26.25 -16.30 31.15
N ALA D 177 -25.70 -15.68 32.19
CA ALA D 177 -25.09 -16.42 33.29
C ALA D 177 -26.07 -17.46 33.84
N GLU D 178 -27.31 -17.01 34.06
CA GLU D 178 -28.36 -17.88 34.59
C GLU D 178 -28.65 -19.05 33.64
N GLU D 179 -28.73 -18.76 32.34
CA GLU D 179 -28.92 -19.79 31.32
C GLU D 179 -27.75 -20.78 31.25
N ALA D 180 -26.53 -20.30 31.49
CA ALA D 180 -25.34 -21.16 31.53
C ALA D 180 -25.40 -22.14 32.70
N LYS D 181 -25.93 -21.67 33.84
CA LYS D 181 -26.15 -22.53 35.02
C LYS D 181 -27.10 -23.64 34.68
N GLU D 182 -28.24 -23.28 34.12
CA GLU D 182 -29.27 -24.24 33.69
C GLU D 182 -28.72 -25.25 32.69
N TYR D 183 -27.85 -24.77 31.81
CA TYR D 183 -27.24 -25.63 30.77
C TYR D 183 -26.19 -26.59 31.33
N GLY D 184 -25.55 -26.23 32.43
CA GLY D 184 -24.50 -27.05 33.04
C GLY D 184 -23.07 -26.64 32.73
N LEU D 185 -22.90 -25.48 32.09
CA LEU D 185 -21.56 -24.92 31.82
C LEU D 185 -20.94 -24.34 33.08
N ILE D 186 -21.80 -23.86 33.98
CA ILE D 186 -21.38 -23.43 35.32
C ILE D 186 -22.27 -24.08 36.40
N ASP D 187 -21.81 -24.00 37.64
CA ASP D 187 -22.55 -24.51 38.78
C ASP D 187 -23.38 -23.44 39.50
N GLU D 188 -22.85 -22.22 39.62
CA GLU D 188 -23.55 -21.11 40.27
C GLU D 188 -23.29 -19.77 39.64
N VAL D 189 -24.28 -18.90 39.73
CA VAL D 189 -24.08 -17.48 39.44
C VAL D 189 -23.62 -16.83 40.74
N MET D 190 -22.46 -16.19 40.73
CA MET D 190 -21.92 -15.57 41.93
C MET D 190 -22.62 -14.25 42.22
N VAL D 191 -23.53 -14.30 43.19
CA VAL D 191 -24.28 -13.15 43.68
C VAL D 191 -23.39 -12.17 44.46
N PRO D 192 -23.70 -10.84 44.45
CA PRO D 192 -23.04 -9.85 45.34
C PRO D 192 -23.42 -9.80 46.85
N GLU D 193 -22.59 -9.17 47.68
CA GLU D 193 -23.02 -8.62 49.00
C GLU D 193 -24.23 -7.68 48.87
N LEU E 3 5.77 8.89 28.30
CA LEU E 3 6.45 9.50 29.42
C LEU E 3 5.47 9.67 30.58
N ILE E 4 5.56 8.74 31.50
CA ILE E 4 4.76 8.74 32.68
C ILE E 4 5.78 8.99 33.73
N PRO E 5 5.58 10.06 34.45
CA PRO E 5 6.52 10.48 35.46
C PRO E 5 6.57 9.61 36.67
N THR E 6 7.74 9.56 37.27
CA THR E 6 7.99 8.81 38.51
C THR E 6 8.05 9.78 39.70
N VAL E 7 7.44 9.37 40.82
CA VAL E 7 7.50 10.13 42.09
C VAL E 7 8.13 9.22 43.14
N ILE E 8 8.93 9.81 44.03
CA ILE E 8 9.62 9.06 45.09
C ILE E 8 9.07 9.49 46.45
N GLU E 9 8.60 8.51 47.23
CA GLU E 9 8.07 8.80 48.56
C GLU E 9 9.11 8.48 49.63
N THR E 10 9.10 9.30 50.70
CA THR E 10 10.07 9.18 51.84
C THR E 10 9.37 8.74 53.14
N THR E 11 10.05 7.83 53.86
CA THR E 11 9.63 7.42 55.23
C THR E 11 10.85 7.38 56.15
N ASN E 12 10.72 6.73 57.32
CA ASN E 12 11.81 6.67 58.32
C ASN E 12 12.69 5.46 58.07
N ARG E 13 12.17 4.41 57.46
CA ARG E 13 13.02 3.24 57.14
C ARG E 13 13.46 3.13 55.66
N GLY E 14 13.26 4.18 54.87
CA GLY E 14 13.51 4.11 53.43
C GLY E 14 12.69 5.01 52.50
N GLU E 15 12.92 4.81 51.20
CA GLU E 15 12.21 5.44 50.04
C GLU E 15 11.66 4.38 49.03
N ARG E 16 10.59 4.76 48.39
CA ARG E 16 9.97 3.94 47.38
C ARG E 16 9.66 4.79 46.18
N ALA E 17 9.94 4.25 45.01
CA ALA E 17 9.64 4.90 43.71
C ALA E 17 8.37 4.33 43.06
N TYR E 18 7.51 5.22 42.60
CA TYR E 18 6.23 4.87 41.99
C TYR E 18 6.05 5.64 40.70
N ASP E 19 5.58 4.97 39.66
CA ASP E 19 5.01 5.68 38.51
C ASP E 19 3.70 6.34 39.00
N ILE E 20 3.39 7.51 38.46
CA ILE E 20 2.33 8.34 39.01
C ILE E 20 1.01 7.54 39.19
N TYR E 21 0.67 6.69 38.23
CA TYR E 21 -0.59 5.91 38.29
C TYR E 21 -0.57 4.88 39.41
N SER E 22 0.56 4.21 39.57
CA SER E 22 0.75 3.26 40.66
C SER E 22 0.66 3.91 42.03
N ARG E 23 1.08 5.17 42.12
CA ARG E 23 1.00 5.94 43.35
C ARG E 23 -0.44 6.28 43.69
N LEU E 24 -1.23 6.64 42.67
CA LEU E 24 -2.65 6.82 42.85
C LEU E 24 -3.30 5.51 43.35
N LEU E 25 -2.88 4.37 42.80
CA LEU E 25 -3.40 3.08 43.25
C LEU E 25 -3.08 2.78 44.72
N LYS E 26 -1.93 3.26 45.22
CA LYS E 26 -1.60 3.14 46.64
C LYS E 26 -2.61 3.85 47.54
N ASP E 27 -3.19 4.95 47.06
CA ASP E 27 -4.29 5.65 47.74
C ASP E 27 -5.69 5.25 47.25
N ARG E 28 -5.81 4.04 46.73
CA ARG E 28 -7.11 3.44 46.35
C ARG E 28 -7.84 4.20 45.23
N ILE E 29 -7.07 4.81 44.33
CA ILE E 29 -7.58 5.47 43.14
C ILE E 29 -7.23 4.65 41.90
N ILE E 30 -8.26 4.28 41.16
CA ILE E 30 -8.12 3.52 39.93
C ILE E 30 -8.43 4.44 38.75
N MET E 31 -7.54 4.43 37.75
CA MET E 31 -7.72 5.24 36.52
C MET E 31 -8.37 4.42 35.37
N LEU E 32 -9.60 4.79 35.02
CA LEU E 32 -10.25 4.34 33.78
C LEU E 32 -10.21 5.52 32.84
N GLY E 33 -9.10 5.63 32.10
CA GLY E 33 -8.79 6.82 31.30
C GLY E 33 -8.62 6.57 29.82
N SER E 34 -9.16 5.48 29.29
CA SER E 34 -8.97 5.16 27.89
C SER E 34 -10.16 4.36 27.34
N GLN E 35 -10.10 4.01 26.06
CA GLN E 35 -11.14 3.14 25.42
C GLN E 35 -11.15 1.82 26.17
N ILE E 36 -12.35 1.38 26.49
CA ILE E 36 -12.56 0.16 27.27
C ILE E 36 -12.45 -1.04 26.34
N ASP E 37 -11.37 -1.79 26.46
CA ASP E 37 -11.24 -3.09 25.80
C ASP E 37 -11.02 -4.16 26.88
N ASP E 38 -10.85 -5.41 26.47
CA ASP E 38 -10.65 -6.49 27.42
C ASP E 38 -9.41 -6.27 28.31
N ASN E 39 -8.32 -5.73 27.78
CA ASN E 39 -7.10 -5.45 28.59
C ASN E 39 -7.37 -4.48 29.73
N VAL E 40 -7.98 -3.34 29.38
CA VAL E 40 -8.29 -2.29 30.33
C VAL E 40 -9.22 -2.84 31.41
N ALA E 41 -10.24 -3.60 31.00
CA ALA E 41 -11.13 -4.23 31.95
C ALA E 41 -10.41 -5.18 32.90
N ASN E 42 -9.59 -6.08 32.39
CA ASN E 42 -8.83 -7.03 33.22
C ASN E 42 -7.94 -6.35 34.27
N SER E 43 -7.29 -5.27 33.87
CA SER E 43 -6.46 -4.46 34.78
C SER E 43 -7.32 -3.85 35.89
N ILE E 44 -8.41 -3.19 35.50
CA ILE E 44 -9.30 -2.55 36.46
C ILE E 44 -9.84 -3.62 37.43
N VAL E 45 -10.29 -4.75 36.89
CA VAL E 45 -10.85 -5.83 37.71
C VAL E 45 -9.82 -6.26 38.73
N SER E 46 -8.60 -6.49 38.26
CA SER E 46 -7.51 -6.93 39.12
C SER E 46 -7.18 -5.90 40.21
N GLN E 47 -7.24 -4.62 39.86
CA GLN E 47 -7.03 -3.55 40.83
C GLN E 47 -8.13 -3.56 41.91
N LEU E 48 -9.37 -3.68 41.48
CA LEU E 48 -10.51 -3.73 42.39
C LEU E 48 -10.43 -4.88 43.38
N LEU E 49 -10.07 -6.05 42.90
CA LEU E 49 -9.97 -7.24 43.75
C LEU E 49 -8.85 -7.12 44.78
N PHE E 50 -7.72 -6.56 44.34
CA PHE E 50 -6.58 -6.27 45.19
C PHE E 50 -6.92 -5.24 46.24
N LEU E 51 -7.53 -4.14 45.85
CA LEU E 51 -7.88 -3.11 46.83
C LEU E 51 -8.83 -3.62 47.93
N GLN E 52 -9.72 -4.54 47.57
CA GLN E 52 -10.57 -5.21 48.55
C GLN E 52 -9.75 -6.01 49.54
N ALA E 53 -8.81 -6.79 49.04
CA ALA E 53 -7.95 -7.62 49.90
C ALA E 53 -7.10 -6.78 50.86
N GLN E 54 -6.67 -5.59 50.41
CA GLN E 54 -5.95 -4.62 51.25
C GLN E 54 -6.81 -4.14 52.40
N ASP E 55 -8.04 -3.74 52.08
CA ASP E 55 -8.97 -3.20 53.06
C ASP E 55 -10.39 -3.30 52.50
N SER E 56 -11.22 -4.14 53.11
CA SER E 56 -12.60 -4.34 52.64
C SER E 56 -13.60 -3.29 53.12
N GLU E 57 -13.15 -2.37 53.98
CA GLU E 57 -14.00 -1.30 54.54
C GLU E 57 -13.86 0.03 53.78
N LYS E 58 -12.62 0.41 53.50
CA LYS E 58 -12.30 1.73 52.93
C LYS E 58 -12.78 1.94 51.50
N ASP E 59 -13.17 3.17 51.20
CA ASP E 59 -13.66 3.53 49.86
C ASP E 59 -12.57 3.38 48.79
N ILE E 60 -13.02 3.03 47.59
CA ILE E 60 -12.21 3.03 46.36
C ILE E 60 -12.72 4.18 45.47
N TYR E 61 -11.81 4.83 44.74
CA TYR E 61 -12.14 5.96 43.83
C TYR E 61 -11.87 5.59 42.37
N LEU E 62 -12.92 5.52 41.55
CA LEU E 62 -12.80 5.21 40.13
C LEU E 62 -12.92 6.46 39.28
N TYR E 63 -11.77 6.92 38.80
CA TYR E 63 -11.67 8.06 37.88
C TYR E 63 -12.09 7.59 36.50
N ILE E 64 -12.98 8.35 35.86
CA ILE E 64 -13.47 8.00 34.52
C ILE E 64 -13.26 9.15 33.52
N ASN E 65 -12.36 8.93 32.55
CA ASN E 65 -12.21 9.77 31.34
C ASN E 65 -12.11 8.86 30.13
N SER E 66 -13.27 8.39 29.67
CA SER E 66 -13.32 7.34 28.67
C SER E 66 -14.46 7.57 27.68
N PRO E 67 -14.20 7.29 26.39
CA PRO E 67 -15.26 7.34 25.38
C PRO E 67 -16.11 6.06 25.36
N GLY E 68 -15.82 5.11 26.25
CA GLY E 68 -16.52 3.84 26.29
C GLY E 68 -15.77 2.80 25.50
N GLY E 69 -16.50 1.82 24.97
CA GLY E 69 -15.88 0.72 24.24
C GLY E 69 -16.67 -0.55 24.44
N SER E 70 -15.98 -1.68 24.57
CA SER E 70 -16.62 -3.00 24.62
C SER E 70 -17.64 -3.09 25.75
N VAL E 71 -18.86 -3.48 25.39
CA VAL E 71 -19.94 -3.70 26.34
C VAL E 71 -19.57 -4.85 27.30
N THR E 72 -19.09 -5.96 26.75
CA THR E 72 -18.69 -7.16 27.51
C THR E 72 -17.60 -6.83 28.55
N ALA E 73 -16.56 -6.15 28.11
CA ALA E 73 -15.48 -5.68 28.97
C ALA E 73 -15.99 -4.70 30.01
N GLY E 74 -16.91 -3.83 29.61
CA GLY E 74 -17.56 -2.93 30.54
C GLY E 74 -18.26 -3.70 31.65
N PHE E 75 -18.99 -4.75 31.29
CA PHE E 75 -19.70 -5.56 32.29
C PHE E 75 -18.77 -6.39 33.19
N ALA E 76 -17.54 -6.61 32.74
CA ALA E 76 -16.52 -7.20 33.62
C ALA E 76 -16.24 -6.26 34.79
N ILE E 77 -16.07 -4.97 34.48
CA ILE E 77 -15.80 -3.94 35.48
C ILE E 77 -17.02 -3.74 36.36
N TYR E 78 -18.19 -3.63 35.75
CA TYR E 78 -19.44 -3.44 36.47
C TYR E 78 -19.64 -4.53 37.52
N ASP E 79 -19.66 -5.78 37.07
CA ASP E 79 -19.92 -6.93 37.98
C ASP E 79 -18.92 -7.03 39.13
N THR E 80 -17.66 -6.72 38.85
CA THR E 80 -16.63 -6.69 39.87
C THR E 80 -16.86 -5.54 40.89
N ILE E 81 -17.28 -4.36 40.42
CA ILE E 81 -17.62 -3.25 41.33
C ILE E 81 -18.72 -3.68 42.29
N GLN E 82 -19.78 -4.24 41.74
CA GLN E 82 -20.91 -4.66 42.56
C GLN E 82 -20.57 -5.79 43.51
N HIS E 83 -19.73 -6.71 43.07
CA HIS E 83 -19.35 -7.88 43.88
C HIS E 83 -18.55 -7.53 45.14
N ILE E 84 -17.58 -6.64 45.01
CA ILE E 84 -16.69 -6.32 46.13
C ILE E 84 -17.38 -5.55 47.24
N LYS E 85 -16.83 -5.70 48.44
CA LYS E 85 -17.41 -5.15 49.65
C LYS E 85 -17.31 -3.61 49.72
N PRO E 86 -16.14 -3.02 49.39
CA PRO E 86 -16.04 -1.57 49.48
C PRO E 86 -16.94 -0.80 48.53
N ASP E 87 -17.37 0.38 48.95
CA ASP E 87 -18.01 1.33 48.05
C ASP E 87 -16.98 1.76 47.01
N VAL E 88 -17.40 1.81 45.74
CA VAL E 88 -16.58 2.34 44.64
C VAL E 88 -17.15 3.68 44.18
N GLN E 89 -16.45 4.77 44.51
CA GLN E 89 -16.86 6.10 44.06
C GLN E 89 -16.51 6.19 42.59
N THR E 90 -17.36 6.88 41.83
CA THR E 90 -17.09 7.14 40.40
C THR E 90 -17.05 8.64 40.17
N ILE E 91 -15.99 9.10 39.49
CA ILE E 91 -15.75 10.52 39.27
C ILE E 91 -15.43 10.75 37.78
N CYS E 92 -16.35 11.41 37.09
CA CYS E 92 -16.20 11.74 35.68
C CYS E 92 -15.46 13.05 35.48
N ILE E 93 -14.28 12.96 34.87
CA ILE E 93 -13.44 14.14 34.61
C ILE E 93 -13.11 14.13 33.14
N GLY E 94 -13.36 15.26 32.46
CA GLY E 94 -13.21 15.34 31.02
C GLY E 94 -14.40 14.83 30.25
N MET E 95 -14.53 13.51 30.18
CA MET E 95 -15.58 12.85 29.40
C MET E 95 -15.91 11.44 29.88
N ALA E 96 -17.20 11.10 29.93
CA ALA E 96 -17.66 9.71 30.11
C ALA E 96 -18.74 9.41 29.10
N ALA E 97 -18.45 8.56 28.12
CA ALA E 97 -19.39 8.24 27.03
C ALA E 97 -19.61 6.73 26.88
N SER E 98 -20.76 6.35 26.34
CA SER E 98 -21.10 4.96 26.04
C SER E 98 -21.03 4.11 27.33
N MET E 99 -20.20 3.07 27.34
CA MET E 99 -20.03 2.20 28.52
C MET E 99 -19.35 2.95 29.67
N GLY E 100 -18.63 4.03 29.35
CA GLY E 100 -18.01 4.88 30.35
C GLY E 100 -19.02 5.57 31.22
N SER E 101 -20.08 6.09 30.62
CA SER E 101 -21.16 6.73 31.36
C SER E 101 -22.06 5.70 32.05
N PHE E 102 -22.15 4.50 31.49
CA PHE E 102 -22.83 3.40 32.18
C PHE E 102 -22.15 3.06 33.51
N LEU E 103 -20.83 2.94 33.47
CA LEU E 103 -20.02 2.68 34.65
C LEU E 103 -19.99 3.84 35.64
N LEU E 104 -20.04 5.06 35.13
CA LEU E 104 -20.18 6.22 35.99
C LEU E 104 -21.42 6.05 36.87
N ALA E 105 -22.53 5.67 36.24
CA ALA E 105 -23.80 5.44 36.94
C ALA E 105 -23.80 4.26 37.89
N ALA E 106 -22.86 3.33 37.69
CA ALA E 106 -22.75 2.11 38.50
C ALA E 106 -21.98 2.29 39.82
N GLY E 107 -21.49 3.50 40.06
CA GLY E 107 -20.84 3.81 41.32
C GLY E 107 -21.78 3.72 42.51
N ALA E 108 -21.19 3.60 43.68
CA ALA E 108 -21.92 3.42 44.92
C ALA E 108 -22.91 4.56 45.11
N LYS E 109 -24.10 4.20 45.62
CA LYS E 109 -25.19 5.15 45.82
C LYS E 109 -24.74 6.35 46.64
N GLY E 110 -24.93 7.54 46.07
CA GLY E 110 -24.58 8.79 46.74
C GLY E 110 -23.14 9.24 46.55
N LYS E 111 -22.32 8.41 45.88
CA LYS E 111 -20.90 8.71 45.68
C LYS E 111 -20.50 8.67 44.19
N ARG E 112 -21.41 9.13 43.33
CA ARG E 112 -21.18 9.26 41.89
C ARG E 112 -21.06 10.75 41.55
N PHE E 113 -19.88 11.17 41.11
CA PHE E 113 -19.57 12.59 40.93
C PHE E 113 -19.16 12.91 39.50
N ALA E 114 -19.25 14.20 39.15
CA ALA E 114 -18.65 14.73 37.92
C ALA E 114 -18.20 16.14 38.18
N LEU E 115 -17.05 16.50 37.63
CA LEU E 115 -16.54 17.88 37.77
C LEU E 115 -17.31 18.80 36.81
N PRO E 116 -17.34 20.11 37.07
CA PRO E 116 -18.31 21.02 36.43
C PRO E 116 -18.38 21.00 34.91
N ASN E 117 -17.23 21.00 34.24
CA ASN E 117 -17.17 21.00 32.75
C ASN E 117 -16.96 19.63 32.10
N ALA E 118 -17.20 18.56 32.86
CA ALA E 118 -17.10 17.22 32.31
C ALA E 118 -18.29 16.97 31.40
N GLU E 119 -18.07 16.11 30.42
CA GLU E 119 -19.05 15.77 29.40
C GLU E 119 -19.54 14.34 29.61
N VAL E 120 -20.86 14.16 29.68
CA VAL E 120 -21.45 12.82 29.79
C VAL E 120 -22.30 12.59 28.56
N MET E 121 -22.14 11.44 27.91
CA MET E 121 -22.93 11.08 26.74
C MET E 121 -23.48 9.68 26.89
N ILE E 122 -24.74 9.50 26.50
CA ILE E 122 -25.41 8.20 26.48
C ILE E 122 -25.96 7.93 25.08
N HIS E 123 -25.89 6.67 24.66
CA HIS E 123 -26.44 6.24 23.37
C HIS E 123 -26.69 4.72 23.36
N GLN E 124 -27.14 4.18 22.22
CA GLN E 124 -27.33 2.72 22.09
C GLN E 124 -25.99 2.06 21.77
N PRO E 125 -25.87 0.76 22.07
CA PRO E 125 -24.70 -0.01 21.70
C PRO E 125 -24.58 -0.15 20.20
N LEU E 126 -23.34 -0.21 19.75
CA LEU E 126 -22.98 -0.31 18.34
C LEU E 126 -22.42 -1.71 18.08
N GLY E 127 -22.66 -2.23 16.89
CA GLY E 127 -22.16 -3.54 16.54
C GLY E 127 -22.18 -3.76 15.06
N GLY E 128 -22.10 -5.02 14.68
CA GLY E 128 -22.07 -5.39 13.28
C GLY E 128 -22.44 -6.84 13.07
N ALA E 129 -22.89 -7.13 11.87
CA ALA E 129 -23.30 -8.46 11.50
C ALA E 129 -23.04 -8.64 10.02
N GLN E 130 -22.44 -9.77 9.63
CA GLN E 130 -22.24 -10.06 8.23
C GLN E 130 -22.36 -11.52 7.94
N GLY E 131 -23.06 -11.85 6.86
CA GLY E 131 -23.22 -13.24 6.42
C GLY E 131 -24.65 -13.59 6.06
N GLN E 132 -25.03 -14.83 6.34
CA GLN E 132 -26.37 -15.36 6.04
C GLN E 132 -27.47 -14.65 6.83
N ALA E 133 -28.70 -14.71 6.31
CA ALA E 133 -29.84 -14.08 6.98
C ALA E 133 -30.02 -14.58 8.41
N THR E 134 -29.85 -15.88 8.66
CA THR E 134 -30.01 -16.41 10.02
C THR E 134 -28.87 -16.01 10.96
N GLU E 135 -27.67 -15.80 10.41
CA GLU E 135 -26.54 -15.24 11.18
C GLU E 135 -26.78 -13.79 11.59
N ILE E 136 -27.33 -12.99 10.69
CA ILE E 136 -27.65 -11.58 10.96
C ILE E 136 -28.78 -11.48 11.99
N GLU E 137 -29.76 -12.38 11.88
CA GLU E 137 -30.81 -12.49 12.87
C GLU E 137 -30.24 -12.72 14.27
N ILE E 138 -29.35 -13.70 14.39
CA ILE E 138 -28.71 -14.03 15.67
C ILE E 138 -27.98 -12.83 16.29
N ALA E 139 -27.21 -12.14 15.46
CA ALA E 139 -26.47 -10.95 15.89
C ALA E 139 -27.39 -9.79 16.26
N ALA E 140 -28.46 -9.59 15.49
CA ALA E 140 -29.45 -8.57 15.77
C ALA E 140 -30.21 -8.84 17.05
N ASN E 141 -30.63 -10.09 17.25
CA ASN E 141 -31.28 -10.49 18.50
C ASN E 141 -30.35 -10.26 19.69
N HIS E 142 -29.08 -10.60 19.50
CA HIS E 142 -28.09 -10.46 20.55
C HIS E 142 -27.88 -9.00 20.95
N ILE E 143 -27.64 -8.11 20.00
CA ILE E 143 -27.40 -6.70 20.34
C ILE E 143 -28.64 -6.02 20.94
N LEU E 144 -29.82 -6.43 20.49
CA LEU E 144 -31.09 -5.94 21.07
C LEU E 144 -31.30 -6.43 22.52
N LYS E 145 -30.97 -7.70 22.79
CA LYS E 145 -31.05 -8.25 24.15
C LYS E 145 -30.07 -7.51 25.05
N THR E 146 -28.88 -7.22 24.53
CA THR E 146 -27.88 -6.45 25.25
C THR E 146 -28.32 -5.00 25.49
N ARG E 147 -29.10 -4.44 24.57
CA ARG E 147 -29.66 -3.10 24.80
C ARG E 147 -30.68 -3.11 25.93
N GLU E 148 -31.55 -4.11 25.97
CA GLU E 148 -32.54 -4.24 27.05
C GLU E 148 -31.86 -4.35 28.40
N LYS E 149 -30.81 -5.17 28.43
CA LYS E 149 -29.99 -5.40 29.62
C LYS E 149 -29.36 -4.11 30.15
N LEU E 150 -28.75 -3.34 29.25
CA LEU E 150 -28.14 -2.05 29.63
C LEU E 150 -29.18 -1.04 30.09
N ASN E 151 -30.28 -0.98 29.37
CA ASN E 151 -31.38 -0.07 29.68
C ASN E 151 -32.01 -0.39 31.03
N ARG E 152 -32.21 -1.68 31.31
CA ARG E 152 -32.79 -2.12 32.56
C ARG E 152 -31.93 -1.64 33.72
N ILE E 153 -30.63 -1.86 33.64
CA ILE E 153 -29.70 -1.49 34.74
C ILE E 153 -29.58 0.03 34.87
N LEU E 154 -29.51 0.73 33.76
CA LEU E 154 -29.53 2.20 33.81
C LEU E 154 -30.80 2.73 34.48
N SER E 155 -31.92 2.06 34.21
CA SER E 155 -33.21 2.41 34.83
C SER E 155 -33.17 2.26 36.36
N GLU E 156 -32.63 1.13 36.81
CA GLU E 156 -32.46 0.85 38.23
C GLU E 156 -31.60 1.88 38.94
N ARG E 157 -30.57 2.40 38.27
CA ARG E 157 -29.56 3.23 38.93
C ARG E 157 -29.75 4.71 38.77
N THR E 158 -30.49 5.13 37.76
CA THR E 158 -30.87 6.54 37.57
C THR E 158 -32.22 6.84 38.18
N GLY E 159 -33.08 5.83 38.24
CA GLY E 159 -34.47 6.00 38.66
C GLY E 159 -35.40 6.40 37.53
N GLN E 160 -34.86 6.51 36.31
CA GLN E 160 -35.67 6.78 35.11
C GLN E 160 -36.30 5.49 34.62
N SER E 161 -37.37 5.60 33.85
CA SER E 161 -38.07 4.42 33.30
C SER E 161 -37.31 3.83 32.12
N ILE E 162 -37.52 2.55 31.89
CA ILE E 162 -36.93 1.86 30.72
C ILE E 162 -37.36 2.56 29.42
N GLU E 163 -38.63 2.96 29.35
CA GLU E 163 -39.20 3.65 28.16
C GLU E 163 -38.51 4.98 27.88
N LYS E 164 -38.19 5.74 28.93
CA LYS E 164 -37.52 7.04 28.77
C LYS E 164 -36.07 6.88 28.33
N ILE E 165 -35.39 5.90 28.92
CA ILE E 165 -34.00 5.62 28.56
C ILE E 165 -33.88 5.18 27.10
N GLN E 166 -34.79 4.31 26.64
CA GLN E 166 -34.85 3.89 25.25
C GLN E 166 -34.95 5.09 24.30
N LYS E 167 -35.92 5.97 24.57
CA LYS E 167 -36.14 7.21 23.78
C LYS E 167 -34.88 8.08 23.80
N ASP E 168 -34.33 8.28 25.00
CA ASP E 168 -33.18 9.19 25.20
C ASP E 168 -31.84 8.65 24.70
N THR E 169 -31.69 7.33 24.60
CA THR E 169 -30.49 6.73 24.02
C THR E 169 -30.56 6.43 22.53
N ASP E 170 -31.69 6.71 21.87
CA ASP E 170 -31.87 6.36 20.45
C ASP E 170 -30.77 6.97 19.57
N ARG E 171 -30.49 8.23 19.85
CA ARG E 171 -29.40 8.90 19.12
C ARG E 171 -28.46 9.44 20.19
N ASP E 172 -27.27 9.83 19.79
CA ASP E 172 -26.29 10.39 20.72
C ASP E 172 -26.94 11.53 21.50
N ASN E 173 -26.74 11.51 22.82
CA ASN E 173 -27.33 12.48 23.75
C ASN E 173 -26.25 13.02 24.67
N PHE E 174 -25.79 14.24 24.37
CA PHE E 174 -24.79 14.89 25.20
C PHE E 174 -25.47 15.61 26.35
N LEU E 175 -24.91 15.41 27.55
CA LEU E 175 -25.35 16.03 28.80
C LEU E 175 -24.23 16.85 29.44
N THR E 176 -24.57 18.00 30.02
CA THR E 176 -23.69 18.67 31.00
C THR E 176 -23.67 17.89 32.30
N ALA E 177 -22.67 18.20 33.12
CA ALA E 177 -22.55 17.61 34.45
C ALA E 177 -23.86 17.81 35.23
N GLU E 178 -24.39 19.03 35.18
CA GLU E 178 -25.62 19.35 35.87
C GLU E 178 -26.78 18.58 35.33
N GLU E 179 -26.85 18.48 34.02
CA GLU E 179 -27.90 17.66 33.39
C GLU E 179 -27.82 16.19 33.76
N ALA E 180 -26.60 15.68 33.93
CA ALA E 180 -26.39 14.31 34.36
C ALA E 180 -26.90 14.07 35.78
N LYS E 181 -26.71 15.07 36.65
CA LYS E 181 -27.25 15.02 38.03
C LYS E 181 -28.76 14.92 37.98
N GLU E 182 -29.40 15.82 37.23
CA GLU E 182 -30.85 15.83 37.06
C GLU E 182 -31.37 14.52 36.50
N TYR E 183 -30.60 13.93 35.60
CA TYR E 183 -30.97 12.65 34.97
C TYR E 183 -30.83 11.45 35.91
N GLY E 184 -29.92 11.54 36.88
CA GLY E 184 -29.68 10.44 37.83
C GLY E 184 -28.47 9.58 37.54
N LEU E 185 -27.67 9.99 36.56
CA LEU E 185 -26.42 9.30 36.24
C LEU E 185 -25.35 9.58 37.30
N ILE E 186 -25.42 10.75 37.91
CA ILE E 186 -24.57 11.10 39.04
C ILE E 186 -25.41 11.68 40.16
N ASP E 187 -24.82 11.76 41.35
CA ASP E 187 -25.48 12.29 42.54
C ASP E 187 -25.15 13.77 42.79
N GLU E 188 -23.90 14.18 42.55
CA GLU E 188 -23.49 15.57 42.73
C GLU E 188 -22.49 16.03 41.71
N VAL E 189 -22.53 17.33 41.41
CA VAL E 189 -21.45 17.98 40.67
C VAL E 189 -20.42 18.45 41.70
N MET E 190 -19.18 17.99 41.58
CA MET E 190 -18.15 18.32 42.55
C MET E 190 -17.64 19.76 42.34
N VAL E 191 -18.12 20.66 43.20
CA VAL E 191 -17.75 22.08 43.18
C VAL E 191 -16.29 22.26 43.66
N PRO E 192 -15.59 23.32 43.18
CA PRO E 192 -14.26 23.66 43.74
C PRO E 192 -14.24 24.16 45.20
N ILE F 4 15.86 10.99 26.61
CA ILE F 4 15.47 11.66 27.90
C ILE F 4 16.51 11.39 29.01
N PRO F 5 17.30 12.41 29.38
CA PRO F 5 18.41 12.18 30.29
C PRO F 5 18.03 11.99 31.76
N THR F 6 18.93 11.33 32.48
CA THR F 6 18.81 11.06 33.91
C THR F 6 19.74 11.97 34.71
N VAL F 7 19.25 12.47 35.84
CA VAL F 7 20.07 13.27 36.78
C VAL F 7 20.06 12.57 38.13
N ILE F 8 21.18 12.64 38.83
CA ILE F 8 21.32 11.99 40.13
C ILE F 8 21.48 13.08 41.20
N GLU F 9 20.67 13.03 42.24
CA GLU F 9 20.74 14.09 43.28
C GLU F 9 21.22 13.51 44.62
N THR F 10 22.13 14.21 45.28
CA THR F 10 22.64 13.73 46.58
C THR F 10 21.67 14.18 47.66
N THR F 11 21.32 13.27 48.56
CA THR F 11 20.33 13.50 49.63
C THR F 11 20.76 12.77 50.91
N ASN F 12 19.82 12.47 51.81
CA ASN F 12 20.15 11.60 52.95
C ASN F 12 19.91 10.13 52.49
N ARG F 13 20.79 9.22 52.88
CA ARG F 13 20.78 7.80 52.50
C ARG F 13 20.79 7.63 50.99
N GLY F 14 21.61 8.45 50.31
CA GLY F 14 22.08 8.16 48.94
C GLY F 14 21.82 9.23 47.88
N GLU F 15 22.12 8.79 46.66
CA GLU F 15 21.77 9.48 45.44
C GLU F 15 20.48 8.86 44.97
N ARG F 16 19.45 9.68 44.77
CA ARG F 16 18.24 9.26 44.04
C ARG F 16 18.48 9.64 42.61
N ALA F 17 18.10 8.74 41.71
CA ALA F 17 18.15 8.96 40.26
C ALA F 17 16.76 9.33 39.73
N TYR F 18 16.73 10.37 38.90
CA TYR F 18 15.49 10.90 38.34
C TYR F 18 15.66 11.12 36.86
N ASP F 19 14.67 10.74 36.07
CA ASP F 19 14.58 11.25 34.71
C ASP F 19 14.25 12.73 34.83
N ILE F 20 14.77 13.54 33.90
CA ILE F 20 14.71 15.00 34.01
C ILE F 20 13.27 15.51 34.30
N TYR F 21 12.25 14.95 33.66
CA TYR F 21 10.85 15.38 33.87
C TYR F 21 10.34 15.05 35.26
N SER F 22 10.68 13.85 35.75
CA SER F 22 10.35 13.45 37.12
C SER F 22 11.00 14.34 38.17
N ARG F 23 12.20 14.85 37.86
CA ARG F 23 12.92 15.76 38.75
C ARG F 23 12.23 17.11 38.82
N LEU F 24 11.74 17.59 37.68
CA LEU F 24 10.93 18.80 37.67
C LEU F 24 9.66 18.60 38.50
N LEU F 25 9.04 17.42 38.41
CA LEU F 25 7.86 17.11 39.22
C LEU F 25 8.15 17.13 40.73
N LYS F 26 9.37 16.75 41.13
CA LYS F 26 9.77 16.86 42.55
C LYS F 26 9.76 18.29 43.06
N ASP F 27 10.07 19.25 42.17
CA ASP F 27 9.93 20.68 42.47
C ASP F 27 8.59 21.29 42.02
N ARG F 28 7.54 20.47 41.93
CA ARG F 28 6.16 20.93 41.66
C ARG F 28 5.98 21.60 40.29
N ILE F 29 6.77 21.15 39.32
CA ILE F 29 6.67 21.59 37.92
C ILE F 29 6.10 20.46 37.08
N ILE F 30 4.97 20.74 36.43
CA ILE F 30 4.31 19.80 35.54
C ILE F 30 4.52 20.26 34.09
N MET F 31 4.93 19.32 33.24
CA MET F 31 5.17 19.58 31.80
C MET F 31 3.93 19.21 30.95
N LEU F 32 3.27 20.22 30.39
CA LEU F 32 2.28 20.05 29.32
C LEU F 32 2.99 20.48 28.02
N GLY F 33 3.67 19.53 27.39
CA GLY F 33 4.57 19.82 26.28
C GLY F 33 4.25 19.12 24.99
N SER F 34 3.02 18.68 24.82
CA SER F 34 2.65 17.91 23.62
C SER F 34 1.19 18.11 23.27
N GLN F 35 0.74 17.47 22.21
CA GLN F 35 -0.67 17.47 21.85
C GLN F 35 -1.48 16.92 23.00
N ILE F 36 -2.58 17.59 23.31
CA ILE F 36 -3.44 17.20 24.41
C ILE F 36 -4.37 16.11 23.93
N ASP F 37 -4.15 14.89 24.40
CA ASP F 37 -5.11 13.80 24.23
C ASP F 37 -5.52 13.28 25.61
N ASP F 38 -6.36 12.24 25.66
CA ASP F 38 -6.79 11.68 26.94
C ASP F 38 -5.61 11.19 27.84
N ASN F 39 -4.57 10.60 27.25
CA ASN F 39 -3.39 10.13 28.02
C ASN F 39 -2.66 11.24 28.71
N VAL F 40 -2.35 12.27 27.94
CA VAL F 40 -1.68 13.45 28.47
C VAL F 40 -2.51 14.09 29.60
N ALA F 41 -3.82 14.23 29.39
CA ALA F 41 -4.70 14.80 30.40
C ALA F 41 -4.69 13.98 31.69
N ASN F 42 -4.87 12.67 31.57
CA ASN F 42 -4.85 11.79 32.74
C ASN F 42 -3.57 11.92 33.57
N SER F 43 -2.43 11.99 32.89
CA SER F 43 -1.12 12.14 33.54
C SER F 43 -1.06 13.46 34.30
N ILE F 44 -1.42 14.55 33.62
CA ILE F 44 -1.40 15.89 34.23
C ILE F 44 -2.35 15.92 35.44
N VAL F 45 -3.57 15.37 35.27
CA VAL F 45 -4.55 15.31 36.36
C VAL F 45 -3.94 14.58 37.56
N SER F 46 -3.36 13.42 37.31
CA SER F 46 -2.75 12.62 38.36
C SER F 46 -1.61 13.32 39.06
N GLN F 47 -0.82 14.07 38.29
CA GLN F 47 0.27 14.88 38.86
C GLN F 47 -0.29 15.97 39.77
N LEU F 48 -1.30 16.69 39.29
CA LEU F 48 -1.94 17.75 40.07
C LEU F 48 -2.50 17.26 41.41
N LEU F 49 -3.16 16.09 41.38
CA LEU F 49 -3.78 15.56 42.57
C LEU F 49 -2.74 15.14 43.59
N PHE F 50 -1.67 14.55 43.08
CA PHE F 50 -0.52 14.15 43.88
C PHE F 50 0.19 15.34 44.53
N LEU F 51 0.48 16.36 43.73
CA LEU F 51 1.14 17.55 44.28
C LEU F 51 0.33 18.23 45.37
N GLN F 52 -1.00 18.19 45.26
CA GLN F 52 -1.87 18.67 46.32
C GLN F 52 -1.70 17.87 47.60
N ALA F 53 -1.69 16.55 47.48
CA ALA F 53 -1.52 15.67 48.65
C ALA F 53 -0.17 15.86 49.34
N GLN F 54 0.86 16.16 48.55
CA GLN F 54 2.21 16.49 49.07
C GLN F 54 2.18 17.77 49.91
N ASP F 55 1.56 18.81 49.37
CA ASP F 55 1.49 20.11 50.02
C ASP F 55 0.34 20.88 49.39
N SER F 56 -0.72 21.14 50.17
CA SER F 56 -1.89 21.87 49.68
C SER F 56 -1.74 23.41 49.69
N GLU F 57 -0.63 23.91 50.22
CA GLU F 57 -0.36 25.35 50.32
C GLU F 57 0.53 25.85 49.17
N LYS F 58 1.61 25.11 48.89
CA LYS F 58 2.65 25.54 47.96
C LYS F 58 2.20 25.60 46.50
N ASP F 59 2.73 26.58 45.76
CA ASP F 59 2.41 26.75 44.34
C ASP F 59 2.85 25.57 43.49
N ILE F 60 2.05 25.31 42.44
CA ILE F 60 2.38 24.37 41.34
C ILE F 60 2.66 25.18 40.07
N TYR F 61 3.60 24.70 39.24
CA TYR F 61 4.00 25.40 38.00
C TYR F 61 3.67 24.54 36.80
N LEU F 62 2.75 25.02 35.96
CA LEU F 62 2.36 24.31 34.74
C LEU F 62 2.99 24.93 33.50
N TYR F 63 4.01 24.25 32.99
CA TYR F 63 4.71 24.60 31.75
C TYR F 63 3.84 24.22 30.57
N ILE F 64 3.66 25.15 29.63
CA ILE F 64 2.82 24.89 28.45
C ILE F 64 3.59 25.17 27.15
N ASN F 65 3.87 24.10 26.40
CA ASN F 65 4.34 24.17 25.01
C ASN F 65 3.53 23.17 24.18
N SER F 66 2.33 23.56 23.81
CA SER F 66 1.35 22.64 23.24
C SER F 66 0.55 23.31 22.12
N PRO F 67 0.28 22.56 21.02
CA PRO F 67 -0.59 23.07 19.96
C PRO F 67 -2.08 22.87 20.28
N GLY F 68 -2.39 22.33 21.46
CA GLY F 68 -3.76 22.08 21.87
C GLY F 68 -4.11 20.65 21.53
N GLY F 69 -5.39 20.40 21.29
CA GLY F 69 -5.88 19.04 21.05
C GLY F 69 -7.30 18.87 21.58
N SER F 70 -7.59 17.71 22.16
CA SER F 70 -8.93 17.35 22.61
C SER F 70 -9.49 18.38 23.59
N VAL F 71 -10.65 18.93 23.25
CA VAL F 71 -11.37 19.85 24.15
C VAL F 71 -11.75 19.13 25.48
N THR F 72 -12.32 17.92 25.38
CA THR F 72 -12.73 17.11 26.53
C THR F 72 -11.57 16.84 27.50
N ALA F 73 -10.46 16.38 26.94
CA ALA F 73 -9.25 16.16 27.71
C ALA F 73 -8.73 17.44 28.32
N GLY F 74 -8.83 18.54 27.56
CA GLY F 74 -8.45 19.84 28.06
C GLY F 74 -9.24 20.21 29.30
N PHE F 75 -10.56 19.99 29.25
CA PHE F 75 -11.44 20.27 30.39
C PHE F 75 -11.23 19.33 31.59
N ALA F 76 -10.62 18.17 31.37
CA ALA F 76 -10.18 17.36 32.49
C ALA F 76 -9.11 18.09 33.28
N ILE F 77 -8.14 18.66 32.56
CA ILE F 77 -7.04 19.39 33.17
C ILE F 77 -7.57 20.65 33.83
N TYR F 78 -8.38 21.40 33.10
CA TYR F 78 -8.97 22.65 33.61
C TYR F 78 -9.69 22.43 34.94
N ASP F 79 -10.66 21.51 34.96
CA ASP F 79 -11.46 21.26 36.17
C ASP F 79 -10.62 20.84 37.37
N THR F 80 -9.58 20.04 37.11
CA THR F 80 -8.67 19.59 38.15
C THR F 80 -7.83 20.76 38.70
N ILE F 81 -7.36 21.65 37.83
CA ILE F 81 -6.66 22.87 38.26
C ILE F 81 -7.55 23.67 39.21
N GLN F 82 -8.79 23.94 38.79
CA GLN F 82 -9.72 24.74 39.60
C GLN F 82 -10.10 24.07 40.91
N HIS F 83 -10.25 22.74 40.88
CA HIS F 83 -10.65 21.98 42.06
C HIS F 83 -9.62 22.00 43.20
N ILE F 84 -8.34 21.82 42.86
CA ILE F 84 -7.30 21.69 43.88
C ILE F 84 -7.01 23.01 44.58
N LYS F 85 -6.51 22.87 45.81
CA LYS F 85 -6.32 23.99 46.73
C LYS F 85 -5.14 24.89 46.28
N PRO F 86 -3.99 24.31 45.85
CA PRO F 86 -2.85 25.17 45.47
C PRO F 86 -3.13 26.02 44.24
N ASP F 87 -2.51 27.20 44.20
CA ASP F 87 -2.46 28.00 43.00
C ASP F 87 -1.66 27.23 41.96
N VAL F 88 -2.15 27.18 40.73
CA VAL F 88 -1.41 26.62 39.61
C VAL F 88 -0.97 27.75 38.70
N GLN F 89 0.33 28.02 38.70
CA GLN F 89 0.91 28.98 37.76
C GLN F 89 0.95 28.34 36.37
N THR F 90 0.72 29.16 35.33
CA THR F 90 0.82 28.71 33.93
C THR F 90 1.87 29.55 33.20
N ILE F 91 2.78 28.87 32.51
CA ILE F 91 3.92 29.52 31.85
C ILE F 91 4.05 29.01 30.43
N CYS F 92 3.75 29.88 29.47
CA CYS F 92 3.80 29.54 28.05
C CYS F 92 5.19 29.77 27.48
N ILE F 93 5.82 28.69 27.05
CA ILE F 93 7.16 28.74 26.49
C ILE F 93 7.11 28.05 25.13
N GLY F 94 7.61 28.72 24.11
CA GLY F 94 7.51 28.24 22.74
C GLY F 94 6.18 28.57 22.08
N MET F 95 5.13 27.82 22.45
CA MET F 95 3.81 27.94 21.84
C MET F 95 2.69 27.43 22.73
N ALA F 96 1.58 28.16 22.77
CA ALA F 96 0.33 27.69 23.36
C ALA F 96 -0.81 28.00 22.39
N ALA F 97 -1.39 26.96 21.79
CA ALA F 97 -2.47 27.11 20.80
C ALA F 97 -3.71 26.29 21.15
N SER F 98 -4.87 26.72 20.65
CA SER F 98 -6.14 26.01 20.84
C SER F 98 -6.46 25.82 22.35
N MET F 99 -6.62 24.57 22.80
CA MET F 99 -6.89 24.24 24.20
C MET F 99 -5.67 24.55 25.10
N GLY F 100 -4.48 24.60 24.50
CA GLY F 100 -3.28 24.98 25.20
C GLY F 100 -3.30 26.41 25.69
N SER F 101 -3.75 27.34 24.85
CA SER F 101 -3.91 28.73 25.24
C SER F 101 -5.12 28.93 26.18
N PHE F 102 -6.14 28.06 26.06
CA PHE F 102 -7.26 28.08 26.99
C PHE F 102 -6.78 27.79 28.40
N LEU F 103 -5.96 26.75 28.52
CA LEU F 103 -5.39 26.33 29.81
C LEU F 103 -4.37 27.33 30.33
N LEU F 104 -3.65 27.99 29.43
CA LEU F 104 -2.76 29.10 29.82
C LEU F 104 -3.54 30.17 30.57
N ALA F 105 -4.68 30.55 30.01
CA ALA F 105 -5.59 31.50 30.65
C ALA F 105 -6.24 31.03 31.97
N ALA F 106 -6.30 29.72 32.17
CA ALA F 106 -6.94 29.12 33.36
C ALA F 106 -6.05 29.07 34.61
N GLY F 107 -4.82 29.55 34.48
CA GLY F 107 -3.91 29.62 35.60
C GLY F 107 -4.42 30.57 36.66
N ALA F 108 -3.88 30.39 37.86
CA ALA F 108 -4.25 31.20 39.01
C ALA F 108 -4.10 32.69 38.72
N LYS F 109 -5.06 33.47 39.20
CA LYS F 109 -5.10 34.93 38.96
C LYS F 109 -3.79 35.59 39.36
N GLY F 110 -3.19 36.30 38.41
CA GLY F 110 -1.95 37.03 38.63
C GLY F 110 -0.68 36.20 38.44
N LYS F 111 -0.82 34.90 38.18
CA LYS F 111 0.32 34.01 38.01
C LYS F 111 0.29 33.27 36.66
N ARG F 112 -0.18 33.96 35.62
CA ARG F 112 -0.21 33.44 34.24
C ARG F 112 0.85 34.18 33.43
N PHE F 113 1.87 33.46 32.97
CA PHE F 113 3.06 34.05 32.36
C PHE F 113 3.32 33.54 30.95
N ALA F 114 4.11 34.29 30.21
CA ALA F 114 4.65 33.84 28.93
C ALA F 114 6.00 34.47 28.73
N LEU F 115 6.94 33.71 28.19
CA LEU F 115 8.28 34.23 27.90
C LEU F 115 8.22 35.07 26.62
N PRO F 116 9.21 35.97 26.40
CA PRO F 116 9.04 37.08 25.43
C PRO F 116 8.68 36.66 24.00
N ASN F 117 9.34 35.64 23.47
CA ASN F 117 9.12 35.17 22.10
C ASN F 117 8.17 33.96 21.98
N ALA F 118 7.39 33.68 23.03
CA ALA F 118 6.41 32.61 22.98
C ALA F 118 5.25 33.05 22.11
N GLU F 119 4.62 32.07 21.46
CA GLU F 119 3.50 32.27 20.53
C GLU F 119 2.19 31.80 21.15
N VAL F 120 1.18 32.66 21.16
CA VAL F 120 -0.13 32.28 21.67
C VAL F 120 -1.09 32.39 20.52
N MET F 121 -1.92 31.36 20.33
CA MET F 121 -2.95 31.36 19.28
C MET F 121 -4.29 30.94 19.85
N ILE F 122 -5.34 31.63 19.41
CA ILE F 122 -6.72 31.28 19.78
C ILE F 122 -7.56 31.08 18.52
N HIS F 123 -8.46 30.11 18.56
CA HIS F 123 -9.39 29.87 17.45
C HIS F 123 -10.63 29.09 17.92
N GLN F 124 -11.53 28.74 17.00
CA GLN F 124 -12.71 27.93 17.35
C GLN F 124 -12.31 26.48 17.40
N PRO F 125 -13.09 25.66 18.13
CA PRO F 125 -12.90 24.22 18.13
C PRO F 125 -13.20 23.61 16.79
N LEU F 126 -12.48 22.53 16.50
CA LEU F 126 -12.57 21.79 15.24
C LEU F 126 -13.20 20.45 15.52
N GLY F 127 -13.96 19.95 14.56
CA GLY F 127 -14.61 18.68 14.72
C GLY F 127 -15.09 18.12 13.42
N GLY F 128 -15.99 17.14 13.51
CA GLY F 128 -16.45 16.43 12.34
C GLY F 128 -17.74 15.69 12.59
N ALA F 129 -18.47 15.46 11.51
CA ALA F 129 -19.77 14.83 11.56
C ALA F 129 -20.01 14.13 10.25
N GLN F 130 -20.46 12.88 10.32
CA GLN F 130 -20.79 12.16 9.12
C GLN F 130 -21.95 11.24 9.34
N GLY F 131 -22.86 11.21 8.37
CA GLY F 131 -24.02 10.33 8.39
C GLY F 131 -25.30 11.05 8.03
N GLN F 132 -26.38 10.63 8.69
CA GLN F 132 -27.71 11.19 8.44
C GLN F 132 -27.83 12.65 8.85
N ALA F 133 -28.79 13.35 8.27
CA ALA F 133 -29.02 14.76 8.58
C ALA F 133 -29.24 15.01 10.08
N THR F 134 -29.99 14.14 10.75
CA THR F 134 -30.23 14.33 12.19
C THR F 134 -28.98 14.04 13.04
N GLU F 135 -28.11 13.15 12.57
CA GLU F 135 -26.81 12.89 13.21
C GLU F 135 -25.88 14.10 13.11
N ILE F 136 -25.85 14.72 11.94
CA ILE F 136 -25.04 15.91 11.70
C ILE F 136 -25.54 17.07 12.54
N GLU F 137 -26.87 17.21 12.63
CA GLU F 137 -27.49 18.21 13.49
C GLU F 137 -26.99 18.06 14.93
N ILE F 138 -27.04 16.83 15.46
CA ILE F 138 -26.62 16.54 16.83
C ILE F 138 -25.18 16.95 17.07
N ALA F 139 -24.31 16.59 16.13
CA ALA F 139 -22.88 16.92 16.20
C ALA F 139 -22.62 18.42 16.08
N ALA F 140 -23.36 19.08 15.19
CA ALA F 140 -23.27 20.52 15.03
C ALA F 140 -23.74 21.28 16.28
N ASN F 141 -24.88 20.87 16.84
CA ASN F 141 -25.39 21.46 18.09
C ASN F 141 -24.39 21.27 19.22
N HIS F 142 -23.79 20.09 19.27
CA HIS F 142 -22.80 19.77 20.29
C HIS F 142 -21.55 20.65 20.20
N ILE F 143 -20.93 20.74 19.03
CA ILE F 143 -19.71 21.56 18.89
C ILE F 143 -19.99 23.06 19.12
N LEU F 144 -21.18 23.53 18.73
CA LEU F 144 -21.58 24.91 19.00
C LEU F 144 -21.79 25.20 20.47
N LYS F 145 -22.43 24.26 21.18
CA LYS F 145 -22.60 24.37 22.64
C LYS F 145 -21.24 24.37 23.34
N THR F 146 -20.34 23.53 22.88
CA THR F 146 -18.96 23.53 23.36
C THR F 146 -18.19 24.82 23.04
N ARG F 147 -18.49 25.47 21.92
CA ARG F 147 -17.91 26.79 21.63
C ARG F 147 -18.39 27.86 22.59
N GLU F 148 -19.69 27.86 22.88
CA GLU F 148 -20.26 28.81 23.85
C GLU F 148 -19.60 28.63 25.22
N LYS F 149 -19.46 27.37 25.64
CA LYS F 149 -18.86 26.99 26.91
C LYS F 149 -17.42 27.50 27.04
N LEU F 150 -16.62 27.28 25.98
CA LEU F 150 -15.23 27.77 25.95
C LEU F 150 -15.16 29.29 25.96
N ASN F 151 -16.01 29.92 25.16
CA ASN F 151 -16.06 31.36 25.03
C ASN F 151 -16.47 32.01 26.35
N ARG F 152 -17.45 31.42 27.03
CA ARG F 152 -17.93 31.94 28.32
C ARG F 152 -16.80 31.96 29.36
N ILE F 153 -16.08 30.86 29.48
CA ILE F 153 -14.95 30.75 30.43
C ILE F 153 -13.79 31.65 30.04
N LEU F 154 -13.44 31.71 28.76
CA LEU F 154 -12.41 32.67 28.31
C LEU F 154 -12.79 34.11 28.64
N SER F 155 -14.07 34.44 28.52
CA SER F 155 -14.58 35.75 28.86
C SER F 155 -14.36 36.07 30.33
N GLU F 156 -14.72 35.11 31.18
CA GLU F 156 -14.55 35.22 32.63
C GLU F 156 -13.09 35.45 33.05
N ARG F 157 -12.14 34.82 32.34
CA ARG F 157 -10.73 34.80 32.75
C ARG F 157 -9.83 35.82 32.07
N THR F 158 -10.25 36.32 30.91
CA THR F 158 -9.56 37.44 30.24
C THR F 158 -10.15 38.80 30.62
N GLY F 159 -11.45 38.81 30.95
CA GLY F 159 -12.20 40.04 31.13
C GLY F 159 -12.78 40.62 29.84
N GLN F 160 -12.57 39.94 28.71
CA GLN F 160 -13.15 40.35 27.44
C GLN F 160 -14.58 39.87 27.37
N SER F 161 -15.39 40.48 26.50
CA SER F 161 -16.79 40.08 26.31
C SER F 161 -16.92 38.81 25.47
N ILE F 162 -18.02 38.09 25.67
CA ILE F 162 -18.31 36.89 24.86
C ILE F 162 -18.35 37.25 23.38
N GLU F 163 -18.96 38.40 23.06
CA GLU F 163 -19.08 38.88 21.67
C GLU F 163 -17.72 39.12 21.03
N LYS F 164 -16.77 39.69 21.78
CA LYS F 164 -15.43 39.98 21.25
C LYS F 164 -14.61 38.70 21.02
N ILE F 165 -14.72 37.76 21.97
CA ILE F 165 -14.04 36.47 21.85
C ILE F 165 -14.54 35.68 20.63
N GLN F 166 -15.86 35.67 20.42
CA GLN F 166 -16.48 35.04 19.23
C GLN F 166 -15.89 35.59 17.92
N LYS F 167 -15.88 36.92 17.78
CA LYS F 167 -15.30 37.61 16.62
C LYS F 167 -13.82 37.26 16.46
N ASP F 168 -13.07 37.34 17.56
CA ASP F 168 -11.63 37.14 17.54
C ASP F 168 -11.18 35.70 17.36
N THR F 169 -12.03 34.73 17.73
CA THR F 169 -11.71 33.31 17.53
C THR F 169 -12.26 32.73 16.21
N ASP F 170 -12.95 33.52 15.40
CA ASP F 170 -13.58 33.01 14.17
C ASP F 170 -12.57 32.36 13.22
N ARG F 171 -11.46 33.04 12.95
CA ARG F 171 -10.33 32.46 12.24
C ARG F 171 -9.19 32.33 13.23
N ASP F 172 -8.12 31.66 12.80
CA ASP F 172 -6.88 31.59 13.56
C ASP F 172 -6.35 33.00 13.85
N ASN F 173 -6.00 33.23 15.11
CA ASN F 173 -5.55 34.53 15.60
C ASN F 173 -4.25 34.34 16.37
N PHE F 174 -3.14 34.68 15.73
CA PHE F 174 -1.84 34.63 16.37
C PHE F 174 -1.58 35.92 17.17
N LEU F 175 -1.13 35.74 18.42
CA LEU F 175 -0.76 36.83 19.33
C LEU F 175 0.71 36.70 19.76
N THR F 176 1.41 37.84 19.89
CA THR F 176 2.66 37.90 20.65
C THR F 176 2.38 37.77 22.12
N ALA F 177 3.43 37.48 22.88
CA ALA F 177 3.34 37.43 24.33
C ALA F 177 2.75 38.74 24.87
N GLU F 178 3.28 39.86 24.38
CA GLU F 178 2.82 41.19 24.80
C GLU F 178 1.33 41.40 24.46
N GLU F 179 0.93 40.97 23.27
CA GLU F 179 -0.48 41.03 22.86
C GLU F 179 -1.39 40.16 23.72
N ALA F 180 -0.89 39.00 24.15
CA ALA F 180 -1.62 38.11 25.04
C ALA F 180 -1.86 38.74 26.41
N LYS F 181 -0.88 39.51 26.90
CA LYS F 181 -1.02 40.27 28.14
C LYS F 181 -2.14 41.28 28.00
N GLU F 182 -2.09 42.07 26.93
CA GLU F 182 -3.11 43.10 26.64
C GLU F 182 -4.49 42.50 26.51
N TYR F 183 -4.56 41.32 25.92
CA TYR F 183 -5.82 40.60 25.74
C TYR F 183 -6.41 40.03 27.05
N GLY F 184 -5.54 39.72 28.02
CA GLY F 184 -5.97 39.12 29.29
C GLY F 184 -5.80 37.60 29.41
N LEU F 185 -5.14 37.00 28.42
CA LEU F 185 -4.81 35.56 28.46
C LEU F 185 -3.69 35.27 29.44
N ILE F 186 -2.79 36.23 29.62
CA ILE F 186 -1.74 36.17 30.64
C ILE F 186 -1.72 37.50 31.44
N ASP F 187 -1.03 37.47 32.58
CA ASP F 187 -0.89 38.62 33.45
C ASP F 187 0.41 39.39 33.22
N GLU F 188 1.50 38.66 32.96
CA GLU F 188 2.82 39.29 32.70
C GLU F 188 3.65 38.55 31.66
N VAL F 189 4.48 39.29 30.94
CA VAL F 189 5.55 38.70 30.12
C VAL F 189 6.76 38.57 31.02
N MET F 190 7.21 37.33 31.22
CA MET F 190 8.38 37.05 32.08
C MET F 190 9.64 37.54 31.38
N VAL F 191 10.11 38.73 31.74
CA VAL F 191 11.26 39.37 31.05
C VAL F 191 12.56 38.65 31.40
N PRO F 192 13.50 38.47 30.45
CA PRO F 192 14.79 37.90 30.77
C PRO F 192 15.49 38.90 31.67
N GLU F 193 15.14 38.92 32.96
CA GLU F 193 15.73 39.89 33.91
C GLU F 193 17.15 40.22 33.43
N ILE G 4 23.42 3.15 22.77
CA ILE G 4 23.87 4.23 23.73
C ILE G 4 24.56 3.65 24.97
N PRO G 5 25.89 3.80 25.06
CA PRO G 5 26.65 3.10 26.10
C PRO G 5 26.52 3.69 27.50
N THR G 6 26.79 2.84 28.48
CA THR G 6 26.75 3.18 29.90
C THR G 6 28.18 3.30 30.43
N VAL G 7 28.40 4.31 31.26
CA VAL G 7 29.68 4.49 31.98
C VAL G 7 29.42 4.47 33.50
N ILE G 8 30.33 3.88 34.26
CA ILE G 8 30.19 3.76 35.71
C ILE G 8 31.26 4.61 36.36
N GLU G 9 30.80 5.58 37.15
CA GLU G 9 31.75 6.50 37.82
C GLU G 9 31.96 6.02 39.25
N THR G 10 33.20 5.72 39.60
CA THR G 10 33.53 5.22 40.88
C THR G 10 34.15 6.35 41.73
N THR G 11 33.58 6.64 42.92
CA THR G 11 33.99 7.80 43.77
C THR G 11 34.05 7.46 45.28
N ASN G 12 34.07 8.48 46.15
CA ASN G 12 34.14 8.27 47.61
C ASN G 12 32.74 8.19 48.23
N ARG G 13 31.72 8.79 47.59
CA ARG G 13 30.34 8.72 48.09
C ARG G 13 29.49 7.62 47.41
N GLY G 14 30.07 6.80 46.52
CA GLY G 14 29.27 5.96 45.64
C GLY G 14 29.84 5.50 44.30
N GLU G 15 29.00 4.70 43.66
CA GLU G 15 29.34 3.89 42.52
C GLU G 15 28.60 4.27 41.28
N ARG G 16 27.82 5.38 41.25
CA ARG G 16 26.77 5.60 40.16
C ARG G 16 27.00 5.25 38.58
N ALA G 17 25.94 4.68 37.97
CA ALA G 17 25.92 4.31 36.52
C ALA G 17 25.17 5.37 35.74
N TYR G 18 25.74 5.78 34.61
CA TYR G 18 25.17 6.83 33.77
C TYR G 18 25.18 6.37 32.33
N ASP G 19 24.09 6.62 31.61
CA ASP G 19 24.16 6.61 30.15
C ASP G 19 25.00 7.83 29.73
N ILE G 20 25.75 7.67 28.65
CA ILE G 20 26.79 8.65 28.28
C ILE G 20 26.24 10.09 28.26
N TYR G 21 25.02 10.28 27.76
CA TYR G 21 24.43 11.63 27.65
C TYR G 21 24.09 12.20 29.02
N SER G 22 23.56 11.37 29.90
CA SER G 22 23.30 11.77 31.27
C SER G 22 24.56 12.17 32.03
N ARG G 23 25.69 11.52 31.68
CA ARG G 23 26.99 11.83 32.29
C ARG G 23 27.50 13.17 31.85
N LEU G 24 27.31 13.49 30.58
CA LEU G 24 27.60 14.83 30.08
C LEU G 24 26.75 15.88 30.81
N LEU G 25 25.47 15.56 31.06
CA LEU G 25 24.60 16.47 31.80
C LEU G 25 25.08 16.72 33.23
N LYS G 26 25.72 15.72 33.85
CA LYS G 26 26.32 15.90 35.18
C LYS G 26 27.43 16.95 35.18
N ASP G 27 28.16 17.06 34.07
CA ASP G 27 29.15 18.14 33.86
C ASP G 27 28.57 19.38 33.10
N ARG G 28 27.25 19.60 33.20
CA ARG G 28 26.59 20.79 32.67
C ARG G 28 26.70 20.92 31.14
N ILE G 29 26.75 19.79 30.46
CA ILE G 29 26.73 19.72 28.98
C ILE G 29 25.38 19.19 28.50
N ILE G 30 24.68 19.99 27.69
CA ILE G 30 23.39 19.63 27.10
C ILE G 30 23.58 19.33 25.60
N MET G 31 23.05 18.19 25.15
CA MET G 31 23.14 17.76 23.75
C MET G 31 21.89 18.15 22.97
N LEU G 32 22.06 19.09 22.04
CA LEU G 32 21.07 19.38 21.00
C LEU G 32 21.63 18.77 19.72
N GLY G 33 21.31 17.49 19.50
CA GLY G 33 21.91 16.69 18.44
C GLY G 33 20.95 16.11 17.43
N SER G 34 19.76 16.68 17.29
CA SER G 34 18.75 16.11 16.40
C SER G 34 17.85 17.19 15.85
N GLN G 35 16.90 16.79 15.01
CA GLN G 35 15.85 17.71 14.57
C GLN G 35 15.10 18.29 15.76
N ILE G 36 14.88 19.60 15.73
CA ILE G 36 14.23 20.32 16.82
C ILE G 36 12.72 20.16 16.66
N ASP G 37 12.11 19.37 17.53
CA ASP G 37 10.64 19.33 17.64
C ASP G 37 10.25 19.72 19.07
N ASP G 38 8.96 19.72 19.38
CA ASP G 38 8.51 20.05 20.71
C ASP G 38 9.15 19.15 21.83
N ASN G 39 9.35 17.85 21.58
CA ASN G 39 9.94 16.93 22.59
C ASN G 39 11.34 17.31 22.92
N VAL G 40 12.14 17.52 21.89
CA VAL G 40 13.53 17.90 22.06
C VAL G 40 13.63 19.24 22.80
N ALA G 41 12.80 20.20 22.42
CA ALA G 41 12.76 21.48 23.13
C ALA G 41 12.42 21.34 24.62
N ASN G 42 11.35 20.61 24.93
CA ASN G 42 10.94 20.41 26.32
C ASN G 42 12.06 19.81 27.19
N SER G 43 12.78 18.82 26.63
CA SER G 43 13.91 18.18 27.30
C SER G 43 15.02 19.19 27.56
N ILE G 44 15.42 19.92 26.53
CA ILE G 44 16.50 20.93 26.65
C ILE G 44 16.08 22.00 27.69
N VAL G 45 14.85 22.49 27.60
CA VAL G 45 14.32 23.47 28.55
C VAL G 45 14.43 22.95 29.98
N SER G 46 13.96 21.73 30.20
CA SER G 46 14.00 21.10 31.51
C SER G 46 15.42 20.94 32.02
N GLN G 47 16.36 20.59 31.13
CA GLN G 47 17.77 20.47 31.50
C GLN G 47 18.33 21.83 31.94
N LEU G 48 18.05 22.86 31.15
CA LEU G 48 18.51 24.22 31.46
C LEU G 48 18.01 24.71 32.80
N LEU G 49 16.74 24.46 33.10
CA LEU G 49 16.15 24.92 34.36
C LEU G 49 16.77 24.20 35.56
N PHE G 50 17.00 22.90 35.39
CA PHE G 50 17.64 22.05 36.39
C PHE G 50 19.09 22.46 36.65
N LEU G 51 19.86 22.66 35.59
CA LEU G 51 21.25 23.09 35.75
C LEU G 51 21.39 24.44 36.47
N GLN G 52 20.43 25.34 36.25
CA GLN G 52 20.37 26.59 37.02
C GLN G 52 20.16 26.35 38.50
N ALA G 53 19.19 25.49 38.83
CA ALA G 53 18.91 25.17 40.23
C ALA G 53 20.10 24.50 40.95
N GLN G 54 20.88 23.71 40.21
CA GLN G 54 22.10 23.11 40.73
C GLN G 54 23.12 24.17 41.09
N ASP G 55 23.35 25.10 40.16
CA ASP G 55 24.34 26.15 40.33
C ASP G 55 24.01 27.28 39.36
N SER G 56 23.62 28.43 39.91
CA SER G 56 23.24 29.61 39.09
C SER G 56 24.43 30.47 38.62
N GLU G 57 25.65 30.15 39.09
CA GLU G 57 26.89 30.89 38.75
C GLU G 57 27.62 30.19 37.56
N LYS G 58 27.77 28.86 37.62
CA LYS G 58 28.60 28.08 36.66
C LYS G 58 28.06 28.04 35.23
N ASP G 59 28.98 28.04 34.27
CA ASP G 59 28.63 27.94 32.86
C ASP G 59 27.94 26.62 32.50
N ILE G 60 27.04 26.72 31.52
CA ILE G 60 26.39 25.58 30.84
C ILE G 60 26.95 25.51 29.41
N TYR G 61 27.11 24.28 28.89
CA TYR G 61 27.62 24.04 27.53
C TYR G 61 26.56 23.39 26.64
N LEU G 62 26.12 24.10 25.60
CA LEU G 62 25.11 23.60 24.65
C LEU G 62 25.75 23.15 23.35
N TYR G 63 25.86 21.84 23.20
CA TYR G 63 26.38 21.19 21.99
C TYR G 63 25.29 21.23 20.93
N ILE G 64 25.65 21.65 19.72
CA ILE G 64 24.67 21.77 18.63
C ILE G 64 25.14 21.00 17.38
N ASN G 65 24.43 19.92 17.06
CA ASN G 65 24.57 19.20 15.77
C ASN G 65 23.18 18.91 15.24
N SER G 66 22.56 19.93 14.65
CA SER G 66 21.14 19.89 14.32
C SER G 66 20.87 20.55 12.98
N PRO G 67 19.97 19.95 12.17
CA PRO G 67 19.51 20.59 10.94
C PRO G 67 18.40 21.62 11.18
N GLY G 68 18.01 21.85 12.43
CA GLY G 68 16.99 22.82 12.77
C GLY G 68 15.68 22.08 12.90
N GLY G 69 14.60 22.78 12.63
CA GLY G 69 13.25 22.24 12.83
C GLY G 69 12.27 23.31 13.25
N SER G 70 11.36 22.96 14.16
CA SER G 70 10.26 23.85 14.56
C SER G 70 10.79 25.20 15.09
N VAL G 71 10.30 26.28 14.50
CA VAL G 71 10.63 27.63 14.94
C VAL G 71 10.12 27.84 16.38
N THR G 72 8.85 27.46 16.63
CA THR G 72 8.21 27.61 17.95
C THR G 72 8.98 26.89 19.04
N ALA G 73 9.31 25.62 18.78
CA ALA G 73 10.13 24.81 19.68
C ALA G 73 11.53 25.39 19.88
N GLY G 74 12.09 25.92 18.80
CA GLY G 74 13.35 26.64 18.88
C GLY G 74 13.30 27.83 19.83
N PHE G 75 12.24 28.62 19.73
CA PHE G 75 12.04 29.77 20.64
C PHE G 75 11.75 29.38 22.10
N ALA G 76 11.30 28.15 22.34
CA ALA G 76 11.21 27.64 23.70
C ALA G 76 12.60 27.53 24.30
N ILE G 77 13.53 27.00 23.51
CA ILE G 77 14.93 26.86 23.94
C ILE G 77 15.60 28.23 24.09
N TYR G 78 15.43 29.08 23.07
CA TYR G 78 16.00 30.43 23.08
C TYR G 78 15.59 31.22 24.34
N ASP G 79 14.28 31.36 24.56
CA ASP G 79 13.78 32.13 25.69
C ASP G 79 14.27 31.61 27.05
N THR G 80 14.36 30.29 27.18
CA THR G 80 14.86 29.66 28.40
C THR G 80 16.35 29.94 28.61
N ILE G 81 17.14 29.91 27.53
CA ILE G 81 18.57 30.28 27.59
C ILE G 81 18.71 31.70 28.13
N GLN G 82 17.98 32.64 27.53
CA GLN G 82 18.06 34.06 27.93
C GLN G 82 17.55 34.29 29.35
N HIS G 83 16.50 33.57 29.75
CA HIS G 83 15.91 33.73 31.08
C HIS G 83 16.83 33.34 32.23
N ILE G 84 17.51 32.20 32.11
CA ILE G 84 18.33 31.67 33.20
C ILE G 84 19.60 32.50 33.44
N LYS G 85 20.05 32.42 34.68
CA LYS G 85 21.15 33.24 35.17
C LYS G 85 22.51 32.82 34.57
N PRO G 86 22.83 31.50 34.51
CA PRO G 86 24.12 31.11 33.95
C PRO G 86 24.31 31.48 32.48
N ASP G 87 25.56 31.75 32.11
CA ASP G 87 25.93 31.84 30.71
C ASP G 87 25.75 30.46 30.08
N VAL G 88 25.14 30.44 28.90
CA VAL G 88 25.04 29.21 28.11
C VAL G 88 26.00 29.31 26.91
N GLN G 89 27.08 28.55 26.95
CA GLN G 89 27.97 28.44 25.81
C GLN G 89 27.29 27.62 24.72
N THR G 90 27.51 27.99 23.46
CA THR G 90 27.03 27.23 22.31
C THR G 90 28.21 26.77 21.46
N ILE G 91 28.23 25.48 21.12
CA ILE G 91 29.33 24.86 20.38
C ILE G 91 28.79 24.03 19.21
N CYS G 92 29.02 24.52 18.00
CA CYS G 92 28.56 23.84 16.79
C CYS G 92 29.57 22.81 16.33
N ILE G 93 29.16 21.55 16.33
CA ILE G 93 30.01 20.45 15.91
C ILE G 93 29.24 19.67 14.86
N GLY G 94 29.89 19.43 13.73
CA GLY G 94 29.21 18.78 12.59
C GLY G 94 28.39 19.73 11.73
N MET G 95 27.22 20.13 12.23
CA MET G 95 26.29 21.00 11.49
C MET G 95 25.34 21.78 12.40
N ALA G 96 25.10 23.04 12.10
CA ALA G 96 24.01 23.81 12.69
C ALA G 96 23.27 24.54 11.59
N ALA G 97 22.03 24.14 11.31
CA ALA G 97 21.22 24.71 10.23
C ALA G 97 19.86 25.19 10.70
N SER G 98 19.28 26.16 9.99
CA SER G 98 17.94 26.70 10.27
C SER G 98 17.86 27.27 11.72
N MET G 99 16.95 26.74 12.53
CA MET G 99 16.80 27.14 13.93
C MET G 99 18.02 26.71 14.77
N GLY G 100 18.75 25.71 14.30
CA GLY G 100 19.98 25.27 14.96
C GLY G 100 21.07 26.34 14.94
N SER G 101 21.23 26.99 13.80
CA SER G 101 22.19 28.09 13.69
C SER G 101 21.68 29.38 14.37
N PHE G 102 20.36 29.56 14.44
CA PHE G 102 19.76 30.64 15.22
C PHE G 102 20.14 30.52 16.69
N LEU G 103 19.96 29.31 17.23
CA LEU G 103 20.32 29.01 18.63
C LEU G 103 21.82 29.05 18.89
N LEU G 104 22.63 28.68 17.89
CA LEU G 104 24.07 28.82 17.97
C LEU G 104 24.43 30.29 18.25
N ALA G 105 23.83 31.20 17.49
CA ALA G 105 23.99 32.64 17.67
C ALA G 105 23.45 33.21 18.99
N ALA G 106 22.52 32.49 19.63
CA ALA G 106 21.89 32.92 20.88
C ALA G 106 22.69 32.62 22.14
N GLY G 107 23.85 31.99 21.97
CA GLY G 107 24.72 31.70 23.10
C GLY G 107 25.24 32.96 23.73
N ALA G 108 25.72 32.82 24.97
CA ALA G 108 26.25 33.93 25.74
C ALA G 108 27.35 34.67 24.98
N LYS G 109 27.33 36.00 25.07
CA LYS G 109 28.27 36.87 24.36
C LYS G 109 29.73 36.47 24.63
N GLY G 110 30.46 36.20 23.55
CA GLY G 110 31.86 35.80 23.64
C GLY G 110 32.11 34.32 23.86
N LYS G 111 31.05 33.53 24.03
CA LYS G 111 31.17 32.10 24.28
C LYS G 111 30.37 31.25 23.27
N ARG G 112 30.34 31.71 22.02
CA ARG G 112 29.71 31.00 20.90
C ARG G 112 30.82 30.46 19.99
N PHE G 113 30.93 29.14 19.91
CA PHE G 113 32.04 28.48 19.23
C PHE G 113 31.57 27.56 18.10
N ALA G 114 32.50 27.24 17.20
CA ALA G 114 32.32 26.17 16.22
C ALA G 114 33.65 25.53 15.96
N LEU G 115 33.67 24.22 15.81
CA LEU G 115 34.90 23.49 15.51
C LEU G 115 35.23 23.66 14.01
N PRO G 116 36.52 23.46 13.60
CA PRO G 116 37.01 23.95 12.29
C PRO G 116 36.21 23.53 11.04
N ASN G 117 35.84 22.25 10.95
CA ASN G 117 35.09 21.74 9.80
C ASN G 117 33.56 21.64 10.01
N ALA G 118 33.03 22.35 11.01
CA ALA G 118 31.58 22.39 11.23
C ALA G 118 30.94 23.24 10.16
N GLU G 119 29.69 22.89 9.84
CA GLU G 119 28.90 23.53 8.79
C GLU G 119 27.79 24.37 9.42
N VAL G 120 27.71 25.64 9.04
CA VAL G 120 26.64 26.50 9.51
C VAL G 120 25.83 26.93 8.29
N MET G 121 24.51 26.82 8.38
CA MET G 121 23.62 27.25 7.32
C MET G 121 22.50 28.12 7.86
N ILE G 122 22.19 29.19 7.12
CA ILE G 122 21.07 30.07 7.47
C ILE G 122 20.13 30.18 6.26
N HIS G 123 18.83 30.24 6.53
CA HIS G 123 17.81 30.44 5.48
C HIS G 123 16.50 31.00 6.08
N GLN G 124 15.47 31.18 5.24
CA GLN G 124 14.17 31.62 5.73
C GLN G 124 13.42 30.44 6.31
N PRO G 125 12.45 30.72 7.19
CA PRO G 125 11.56 29.69 7.68
C PRO G 125 10.66 29.12 6.58
N LEU G 126 10.34 27.85 6.75
CA LEU G 126 9.52 27.09 5.81
C LEU G 126 8.16 26.81 6.45
N GLY G 127 7.11 26.76 5.66
CA GLY G 127 5.79 26.47 6.17
C GLY G 127 4.84 26.04 5.08
N GLY G 128 3.55 26.10 5.40
CA GLY G 128 2.52 25.71 4.48
C GLY G 128 1.18 26.30 4.83
N ALA G 129 0.32 26.40 3.82
CA ALA G 129 -1.01 26.94 4.00
C ALA G 129 -1.93 26.29 2.99
N GLN G 130 -3.11 25.87 3.44
CA GLN G 130 -4.08 25.30 2.52
C GLN G 130 -5.51 25.63 2.92
N GLY G 131 -6.32 25.99 1.94
CA GLY G 131 -7.73 26.33 2.17
C GLY G 131 -8.18 27.59 1.47
N GLN G 132 -9.09 28.30 2.13
CA GLN G 132 -9.64 29.57 1.62
C GLN G 132 -8.59 30.69 1.51
N ALA G 133 -8.87 31.66 0.64
CA ALA G 133 -7.96 32.77 0.43
C ALA G 133 -7.63 33.49 1.74
N THR G 134 -8.62 33.70 2.61
CA THR G 134 -8.37 34.44 3.86
C THR G 134 -7.56 33.61 4.86
N GLU G 135 -7.70 32.28 4.78
CA GLU G 135 -6.89 31.35 5.59
C GLU G 135 -5.42 31.38 5.17
N ILE G 136 -5.19 31.41 3.86
CA ILE G 136 -3.83 31.48 3.30
C ILE G 136 -3.17 32.83 3.63
N GLU G 137 -3.95 33.89 3.58
CA GLU G 137 -3.51 35.21 4.00
C GLU G 137 -3.00 35.16 5.44
N ILE G 138 -3.82 34.61 6.34
CA ILE G 138 -3.48 34.53 7.77
C ILE G 138 -2.16 33.80 7.98
N ALA G 139 -2.00 32.66 7.31
CA ALA G 139 -0.79 31.85 7.40
C ALA G 139 0.43 32.56 6.79
N ALA G 140 0.23 33.23 5.66
CA ALA G 140 1.28 34.02 5.03
C ALA G 140 1.73 35.21 5.90
N ASN G 141 0.78 35.95 6.47
CA ASN G 141 1.09 37.04 7.40
C ASN G 141 1.85 36.52 8.62
N HIS G 142 1.42 35.37 9.12
CA HIS G 142 2.06 34.74 10.27
C HIS G 142 3.51 34.37 9.98
N ILE G 143 3.78 33.64 8.90
CA ILE G 143 5.16 33.21 8.62
C ILE G 143 6.08 34.39 8.28
N LEU G 144 5.52 35.42 7.66
CA LEU G 144 6.27 36.66 7.42
C LEU G 144 6.60 37.43 8.73
N LYS G 145 5.67 37.48 9.67
CA LYS G 145 5.94 38.16 10.95
C LYS G 145 7.00 37.35 11.70
N THR G 146 6.88 36.04 11.65
CA THR G 146 7.89 35.16 12.25
C THR G 146 9.27 35.30 11.58
N ARG G 147 9.31 35.59 10.28
CA ARG G 147 10.59 35.92 9.63
C ARG G 147 11.19 37.24 10.16
N GLU G 148 10.37 38.28 10.32
CA GLU G 148 10.82 39.57 10.84
C GLU G 148 11.40 39.41 12.23
N LYS G 149 10.68 38.64 13.03
CA LYS G 149 11.07 38.30 14.40
C LYS G 149 12.44 37.60 14.49
N LEU G 150 12.64 36.58 13.67
CA LEU G 150 13.91 35.87 13.60
C LEU G 150 15.04 36.78 13.10
N ASN G 151 14.75 37.55 12.07
CA ASN G 151 15.73 38.44 11.46
C ASN G 151 16.15 39.54 12.43
N ARG G 152 15.18 40.09 13.16
CA ARG G 152 15.45 41.13 14.17
C ARG G 152 16.42 40.64 15.24
N ILE G 153 16.15 39.45 15.79
CA ILE G 153 17.02 38.86 16.82
C ILE G 153 18.39 38.46 16.26
N LEU G 154 18.43 37.87 15.08
CA LEU G 154 19.72 37.58 14.43
C LEU G 154 20.56 38.86 14.21
N SER G 155 19.89 39.96 13.87
CA SER G 155 20.53 41.26 13.70
C SER G 155 21.17 41.75 15.00
N GLU G 156 20.41 41.66 16.09
CA GLU G 156 20.88 42.02 17.42
C GLU G 156 22.11 41.23 17.86
N ARG G 157 22.19 39.95 17.50
CA ARG G 157 23.20 39.04 18.03
C ARG G 157 24.41 38.81 17.15
N THR G 158 24.27 39.08 15.85
CA THR G 158 25.40 39.08 14.91
C THR G 158 26.02 40.46 14.75
N GLY G 159 25.21 41.51 14.91
CA GLY G 159 25.60 42.87 14.62
C GLY G 159 25.37 43.27 13.16
N GLN G 160 24.83 42.37 12.36
CA GLN G 160 24.50 42.66 10.96
C GLN G 160 23.16 43.37 10.92
N SER G 161 22.88 44.08 9.83
CA SER G 161 21.60 44.80 9.66
C SER G 161 20.48 43.84 9.30
N ILE G 162 19.25 44.23 9.63
CA ILE G 162 18.07 43.46 9.25
C ILE G 162 18.03 43.26 7.74
N GLU G 163 18.35 44.32 7.01
CA GLU G 163 18.31 44.28 5.56
C GLU G 163 19.34 43.33 4.92
N LYS G 164 20.52 43.20 5.52
CA LYS G 164 21.54 42.24 5.06
C LYS G 164 21.14 40.79 5.36
N ILE G 165 20.58 40.57 6.54
CA ILE G 165 20.11 39.24 6.93
C ILE G 165 18.99 38.75 6.02
N GLN G 166 18.05 39.64 5.69
CA GLN G 166 16.97 39.34 4.75
C GLN G 166 17.52 38.86 3.38
N LYS G 167 18.44 39.63 2.81
CA LYS G 167 19.12 39.31 1.51
C LYS G 167 19.84 37.97 1.64
N ASP G 168 20.61 37.80 2.71
CA ASP G 168 21.45 36.62 2.92
C ASP G 168 20.70 35.34 3.29
N THR G 169 19.51 35.46 3.88
CA THR G 169 18.66 34.28 4.19
C THR G 169 17.64 33.94 3.10
N ASP G 170 17.58 34.70 2.01
CA ASP G 170 16.57 34.48 0.96
C ASP G 170 16.62 33.04 0.39
N ARG G 171 17.81 32.58 0.01
CA ARG G 171 18.04 31.19 -0.36
C ARG G 171 18.93 30.57 0.71
N ASP G 172 19.11 29.25 0.63
CA ASP G 172 20.04 28.52 1.49
C ASP G 172 21.45 29.11 1.35
N ASN G 173 22.09 29.37 2.50
CA ASN G 173 23.39 30.03 2.56
C ASN G 173 24.28 29.19 3.46
N PHE G 174 25.16 28.40 2.84
CA PHE G 174 26.15 27.63 3.59
C PHE G 174 27.38 28.48 3.93
N LEU G 175 27.81 28.41 5.20
CA LEU G 175 28.98 29.11 5.73
C LEU G 175 29.98 28.09 6.31
N THR G 176 31.28 28.34 6.11
CA THR G 176 32.33 27.70 6.91
C THR G 176 32.33 28.27 8.33
N ALA G 177 32.98 27.54 9.24
CA ALA G 177 33.14 27.99 10.61
C ALA G 177 33.76 29.39 10.63
N GLU G 178 34.81 29.57 9.82
CA GLU G 178 35.52 30.85 9.72
C GLU G 178 34.59 31.96 9.19
N GLU G 179 33.80 31.63 8.18
CA GLU G 179 32.79 32.56 7.64
C GLU G 179 31.70 32.93 8.67
N ALA G 180 31.31 31.97 9.50
CA ALA G 180 30.36 32.21 10.56
C ALA G 180 30.89 33.19 11.60
N LYS G 181 32.18 33.10 11.90
CA LYS G 181 32.86 34.04 12.81
C LYS G 181 32.80 35.44 12.23
N GLU G 182 33.20 35.57 10.97
CA GLU G 182 33.16 36.87 10.27
C GLU G 182 31.75 37.46 10.21
N TYR G 183 30.75 36.58 10.05
CA TYR G 183 29.36 36.99 10.01
C TYR G 183 28.79 37.44 11.36
N GLY G 184 29.34 36.90 12.46
CA GLY G 184 28.87 37.24 13.80
C GLY G 184 27.94 36.21 14.43
N LEU G 185 27.76 35.07 13.77
CA LEU G 185 26.99 33.95 14.32
C LEU G 185 27.74 33.24 15.45
N ILE G 186 29.07 33.24 15.38
CA ILE G 186 29.93 32.76 16.46
C ILE G 186 31.01 33.79 16.77
N ASP G 187 31.67 33.60 17.90
CA ASP G 187 32.75 34.48 18.34
C ASP G 187 34.13 33.94 17.98
N GLU G 188 34.33 32.63 18.09
CA GLU G 188 35.62 32.00 17.75
C GLU G 188 35.47 30.64 17.11
N VAL G 189 36.43 30.29 16.26
CA VAL G 189 36.60 28.92 15.80
C VAL G 189 37.50 28.22 16.81
N MET G 190 37.01 27.13 17.42
CA MET G 190 37.76 26.42 18.47
C MET G 190 38.88 25.56 17.86
N VAL G 191 40.11 26.03 17.98
CA VAL G 191 41.22 25.31 17.30
C VAL G 191 41.83 24.27 18.24
N PRO G 192 42.40 23.12 17.77
CA PRO G 192 42.87 22.06 18.68
C PRO G 192 44.06 22.41 19.58
N GLU G 193 43.85 22.35 20.90
CA GLU G 193 44.95 22.59 21.89
C GLU G 193 46.01 23.58 21.39
N THR G 194 47.24 23.13 21.17
CA THR G 194 48.37 24.03 20.81
C THR G 194 47.89 25.45 20.54
N LEU H 3 -20.22 -6.11 -23.54
CA LEU H 3 -21.22 -7.12 -23.05
C LEU H 3 -22.68 -6.62 -23.24
N ILE H 4 -22.85 -5.29 -23.32
CA ILE H 4 -24.07 -4.61 -23.84
C ILE H 4 -24.36 -4.94 -25.32
N PRO H 5 -25.42 -5.72 -25.56
CA PRO H 5 -25.66 -6.23 -26.92
C PRO H 5 -26.24 -5.22 -27.91
N THR H 6 -26.01 -5.51 -29.19
CA THR H 6 -26.47 -4.69 -30.32
C THR H 6 -27.64 -5.38 -31.02
N VAL H 7 -28.66 -4.60 -31.39
CA VAL H 7 -29.80 -5.09 -32.17
C VAL H 7 -29.84 -4.31 -33.49
N ILE H 8 -30.23 -4.97 -34.57
CA ILE H 8 -30.32 -4.35 -35.89
C ILE H 8 -31.80 -4.30 -36.30
N GLU H 9 -32.34 -3.09 -36.45
CA GLU H 9 -33.77 -2.93 -36.84
C GLU H 9 -33.83 -2.37 -38.27
N ARG H 16 -30.32 -0.08 -39.72
CA ARG H 16 -29.96 0.73 -38.52
C ARG H 16 -29.59 -0.15 -37.30
N ALA H 17 -28.35 0.02 -36.79
CA ALA H 17 -27.82 -0.73 -35.63
C ALA H 17 -27.89 0.10 -34.35
N TYR H 18 -28.39 -0.52 -33.27
CA TYR H 18 -28.58 0.16 -32.00
C TYR H 18 -28.00 -0.72 -30.89
N ASP H 19 -27.28 -0.12 -29.95
CA ASP H 19 -27.06 -0.76 -28.67
C ASP H 19 -28.44 -0.80 -27.95
N ILE H 20 -28.67 -1.85 -27.18
CA ILE H 20 -30.00 -2.16 -26.63
C ILE H 20 -30.59 -0.93 -25.90
N TYR H 21 -29.79 -0.18 -25.16
CA TYR H 21 -30.29 0.99 -24.41
C TYR H 21 -30.69 2.14 -25.34
N SER H 22 -29.90 2.37 -26.38
CA SER H 22 -30.25 3.36 -27.40
C SER H 22 -31.54 3.03 -28.15
N ARG H 23 -31.81 1.73 -28.31
CA ARG H 23 -33.04 1.26 -28.95
C ARG H 23 -34.27 1.51 -28.08
N LEU H 24 -34.13 1.30 -26.79
CA LEU H 24 -35.17 1.67 -25.86
C LEU H 24 -35.42 3.18 -25.94
N LEU H 25 -34.36 3.98 -26.07
CA LEU H 25 -34.50 5.43 -26.18
C LEU H 25 -35.27 5.84 -27.44
N LYS H 26 -35.13 5.07 -28.51
CA LYS H 26 -35.93 5.32 -29.73
C LYS H 26 -37.43 5.16 -29.52
N ASP H 27 -37.83 4.26 -28.61
CA ASP H 27 -39.22 4.15 -28.16
C ASP H 27 -39.54 4.97 -26.88
N ARG H 28 -38.79 6.03 -26.63
CA ARG H 28 -39.06 6.98 -25.52
C ARG H 28 -38.95 6.37 -24.11
N ILE H 29 -38.07 5.37 -23.97
CA ILE H 29 -37.74 4.74 -22.69
C ILE H 29 -36.34 5.16 -22.23
N ILE H 30 -36.27 5.77 -21.06
CA ILE H 30 -35.02 6.21 -20.45
C ILE H 30 -34.68 5.30 -19.28
N MET H 31 -33.44 4.81 -19.24
CA MET H 31 -32.96 3.92 -18.17
C MET H 31 -32.22 4.70 -17.08
N LEU H 32 -32.82 4.77 -15.90
CA LEU H 32 -32.13 5.20 -14.67
C LEU H 32 -31.86 3.93 -13.85
N GLY H 33 -30.72 3.32 -14.14
CA GLY H 33 -30.41 1.98 -13.66
C GLY H 33 -29.15 1.88 -12.82
N SER H 34 -28.69 2.98 -12.25
CA SER H 34 -27.44 2.97 -11.51
C SER H 34 -27.45 4.03 -10.43
N GLN H 35 -26.34 4.12 -9.68
CA GLN H 35 -26.19 5.19 -8.70
C GLN H 35 -26.30 6.55 -9.39
N ILE H 36 -27.05 7.46 -8.78
CA ILE H 36 -27.29 8.78 -9.33
C ILE H 36 -26.10 9.66 -8.98
N ASP H 37 -25.29 9.99 -9.98
CA ASP H 37 -24.25 11.02 -9.84
C ASP H 37 -24.49 12.10 -10.91
N ASP H 38 -23.64 13.11 -10.96
CA ASP H 38 -23.81 14.20 -11.92
C ASP H 38 -23.82 13.69 -13.39
N ASN H 39 -22.99 12.69 -13.74
CA ASN H 39 -22.98 12.15 -15.11
C ASN H 39 -24.29 11.54 -15.51
N VAL H 40 -24.80 10.67 -14.65
CA VAL H 40 -26.06 9.99 -14.90
C VAL H 40 -27.18 11.01 -15.04
N ALA H 41 -27.21 12.01 -14.16
CA ALA H 41 -28.21 13.06 -14.24
C ALA H 41 -28.14 13.80 -15.57
N ASN H 42 -26.94 14.24 -15.95
CA ASN H 42 -26.77 15.00 -17.20
C ASN H 42 -27.27 14.22 -18.43
N SER H 43 -26.97 12.92 -18.47
CA SER H 43 -27.44 12.04 -19.54
C SER H 43 -28.95 11.96 -19.57
N ILE H 44 -29.56 11.70 -18.41
CA ILE H 44 -31.03 11.61 -18.29
C ILE H 44 -31.67 12.96 -18.71
N VAL H 45 -31.13 14.07 -18.19
CA VAL H 45 -31.64 15.40 -18.53
C VAL H 45 -31.60 15.59 -20.05
N SER H 46 -30.46 15.27 -20.65
CA SER H 46 -30.28 15.41 -22.11
C SER H 46 -31.24 14.53 -22.90
N GLN H 47 -31.49 13.33 -22.42
CA GLN H 47 -32.47 12.43 -23.03
C GLN H 47 -33.87 13.02 -22.96
N LEU H 48 -34.26 13.49 -21.78
CA LEU H 48 -35.59 14.12 -21.59
C LEU H 48 -35.84 15.33 -22.51
N LEU H 49 -34.84 16.19 -22.67
CA LEU H 49 -34.97 17.39 -23.49
C LEU H 49 -35.12 17.01 -24.95
N PHE H 50 -34.36 16.00 -25.36
CA PHE H 50 -34.38 15.47 -26.73
C PHE H 50 -35.69 14.80 -27.05
N LEU H 51 -36.16 13.93 -26.18
CA LEU H 51 -37.47 13.30 -26.38
C LEU H 51 -38.62 14.32 -26.49
N GLN H 52 -38.54 15.43 -25.76
CA GLN H 52 -39.51 16.52 -25.90
C GLN H 52 -39.46 17.12 -27.31
N ALA H 53 -38.27 17.40 -27.79
CA ALA H 53 -38.10 18.00 -29.11
C ALA H 53 -38.60 17.07 -30.23
N GLN H 54 -38.46 15.76 -30.03
CA GLN H 54 -38.98 14.76 -30.98
C GLN H 54 -40.49 14.82 -31.04
N ASP H 55 -41.13 14.84 -29.86
CA ASP H 55 -42.60 14.83 -29.75
C ASP H 55 -42.99 15.36 -28.37
N SER H 56 -43.60 16.53 -28.31
CA SER H 56 -44.00 17.15 -27.03
C SER H 56 -45.31 16.63 -26.46
N GLU H 57 -46.00 15.75 -27.21
CA GLU H 57 -47.29 15.19 -26.79
C GLU H 57 -47.11 13.81 -26.16
N LYS H 58 -46.32 12.95 -26.81
CA LYS H 58 -46.23 11.53 -26.45
C LYS H 58 -45.56 11.27 -25.11
N ASP H 59 -46.04 10.24 -24.42
CA ASP H 59 -45.48 9.85 -23.12
C ASP H 59 -44.02 9.41 -23.21
N ILE H 60 -43.28 9.69 -22.12
CA ILE H 60 -41.92 9.19 -21.88
C ILE H 60 -42.01 8.17 -20.74
N TYR H 61 -41.18 7.14 -20.81
CA TYR H 61 -41.13 6.09 -19.79
C TYR H 61 -39.77 6.09 -19.06
N LEU H 62 -39.77 6.39 -17.76
CA LEU H 62 -38.56 6.38 -16.94
C LEU H 62 -38.47 5.12 -16.09
N TYR H 63 -37.60 4.21 -16.52
CA TYR H 63 -37.28 2.98 -15.79
C TYR H 63 -36.37 3.31 -14.62
N ILE H 64 -36.70 2.83 -13.41
CA ILE H 64 -35.90 3.11 -12.24
C ILE H 64 -35.47 1.81 -11.55
N ASN H 65 -34.17 1.51 -11.58
CA ASN H 65 -33.52 0.48 -10.74
C ASN H 65 -32.26 1.10 -10.14
N SER H 66 -32.43 1.88 -9.08
CA SER H 66 -31.35 2.70 -8.52
C SER H 66 -31.38 2.72 -7.01
N PRO H 67 -30.20 2.65 -6.38
CA PRO H 67 -30.11 2.85 -4.93
C PRO H 67 -30.14 4.33 -4.50
N GLY H 68 -30.26 5.26 -5.46
CA GLY H 68 -30.22 6.68 -5.17
C GLY H 68 -28.83 7.21 -5.37
N GLY H 69 -28.50 8.29 -4.64
CA GLY H 69 -27.20 8.96 -4.79
C GLY H 69 -27.31 10.44 -4.54
N SER H 70 -26.60 11.24 -5.33
CA SER H 70 -26.54 12.70 -5.15
C SER H 70 -27.93 13.35 -5.18
N VAL H 71 -28.26 14.07 -4.10
CA VAL H 71 -29.51 14.81 -4.00
C VAL H 71 -29.58 15.87 -5.12
N THR H 72 -28.49 16.61 -5.28
CA THR H 72 -28.40 17.68 -6.24
C THR H 72 -28.56 17.23 -7.70
N ALA H 73 -27.88 16.14 -8.05
CA ALA H 73 -28.06 15.45 -9.34
C ALA H 73 -29.47 14.92 -9.51
N GLY H 74 -30.05 14.41 -8.42
CA GLY H 74 -31.44 13.98 -8.42
C GLY H 74 -32.39 15.09 -8.78
N PHE H 75 -32.18 16.26 -8.18
CA PHE H 75 -33.01 17.43 -8.48
C PHE H 75 -32.81 17.99 -9.90
N ALA H 76 -31.69 17.68 -10.53
CA ALA H 76 -31.51 18.01 -11.95
C ALA H 76 -32.51 17.26 -12.77
N ILE H 77 -32.65 15.97 -12.46
CA ILE H 77 -33.59 15.08 -13.15
C ILE H 77 -35.02 15.49 -12.83
N TYR H 78 -35.32 15.68 -11.55
CA TYR H 78 -36.66 16.09 -11.11
C TYR H 78 -37.15 17.36 -11.83
N ASP H 79 -36.38 18.44 -11.73
CA ASP H 79 -36.77 19.72 -12.35
C ASP H 79 -37.00 19.62 -13.87
N THR H 80 -36.16 18.82 -14.54
CA THR H 80 -36.29 18.60 -15.98
C THR H 80 -37.54 17.79 -16.31
N ILE H 81 -37.88 16.79 -15.51
CA ILE H 81 -39.15 16.07 -15.65
C ILE H 81 -40.34 17.02 -15.56
N GLN H 82 -40.39 17.83 -14.50
CA GLN H 82 -41.49 18.78 -14.30
C GLN H 82 -41.56 19.87 -15.38
N HIS H 83 -40.41 20.34 -15.84
CA HIS H 83 -40.36 21.39 -16.86
C HIS H 83 -40.91 20.99 -18.23
N ILE H 84 -40.58 19.79 -18.70
CA ILE H 84 -40.96 19.35 -20.05
C ILE H 84 -42.45 19.05 -20.17
N LYS H 85 -42.95 19.20 -21.39
CA LYS H 85 -44.37 19.13 -21.70
C LYS H 85 -44.93 17.70 -21.57
N PRO H 86 -44.23 16.68 -22.11
CA PRO H 86 -44.74 15.31 -21.99
C PRO H 86 -44.85 14.79 -20.58
N ASP H 87 -45.84 13.92 -20.38
CA ASP H 87 -45.92 13.15 -19.14
C ASP H 87 -44.73 12.20 -19.10
N VAL H 88 -44.08 12.10 -17.93
CA VAL H 88 -42.99 11.13 -17.70
C VAL H 88 -43.47 10.03 -16.76
N GLN H 89 -43.69 8.84 -17.31
CA GLN H 89 -44.08 7.70 -16.49
C GLN H 89 -42.86 7.24 -15.75
N THR H 90 -43.05 6.79 -14.49
CA THR H 90 -41.97 6.22 -13.70
C THR H 90 -42.32 4.79 -13.34
N ILE H 91 -41.38 3.88 -13.57
CA ILE H 91 -41.60 2.43 -13.36
C ILE H 91 -40.44 1.82 -12.57
N CYS H 92 -40.73 1.44 -11.32
CA CYS H 92 -39.71 0.87 -10.42
C CYS H 92 -39.61 -0.63 -10.62
N ILE H 93 -38.45 -1.08 -11.08
CA ILE H 93 -38.20 -2.49 -11.32
C ILE H 93 -36.91 -2.86 -10.58
N GLY H 94 -36.98 -3.93 -9.78
CA GLY H 94 -35.87 -4.29 -8.89
C GLY H 94 -35.82 -3.51 -7.58
N MET H 95 -35.38 -2.26 -7.64
CA MET H 95 -35.20 -1.41 -6.47
C MET H 95 -35.26 0.10 -6.80
N ALA H 96 -35.91 0.89 -5.95
CA ALA H 96 -35.79 2.34 -5.96
C ALA H 96 -35.58 2.83 -4.54
N ALA H 97 -34.38 3.33 -4.25
CA ALA H 97 -34.03 3.80 -2.90
C ALA H 97 -33.51 5.24 -2.89
N SER H 98 -33.67 5.92 -1.75
CA SER H 98 -33.14 7.27 -1.53
C SER H 98 -33.72 8.26 -2.58
N MET H 99 -32.87 8.91 -3.37
CA MET H 99 -33.29 9.83 -4.44
C MET H 99 -33.98 9.10 -5.58
N GLY H 100 -33.72 7.80 -5.69
CA GLY H 100 -34.41 6.96 -6.66
C GLY H 100 -35.89 6.85 -6.40
N SER H 101 -36.27 6.65 -5.14
CA SER H 101 -37.68 6.56 -4.77
C SER H 101 -38.32 7.93 -4.76
N PHE H 102 -37.53 8.97 -4.53
CA PHE H 102 -38.03 10.35 -4.66
C PHE H 102 -38.48 10.62 -6.10
N LEU H 103 -37.63 10.23 -7.04
CA LEU H 103 -37.91 10.40 -8.47
C LEU H 103 -39.03 9.52 -8.95
N LEU H 104 -39.15 8.33 -8.36
CA LEU H 104 -40.27 7.45 -8.64
C LEU H 104 -41.57 8.18 -8.36
N ALA H 105 -41.64 8.81 -7.20
CA ALA H 105 -42.79 9.62 -6.79
C ALA H 105 -43.05 10.87 -7.65
N ALA H 106 -42.02 11.35 -8.34
CA ALA H 106 -42.11 12.56 -9.17
C ALA H 106 -42.64 12.34 -10.58
N GLY H 107 -42.95 11.10 -10.91
CA GLY H 107 -43.60 10.78 -12.16
C GLY H 107 -44.98 11.42 -12.29
N ALA H 108 -45.44 11.52 -13.54
CA ALA H 108 -46.71 12.14 -13.88
C ALA H 108 -47.84 11.49 -13.11
N LYS H 109 -48.77 12.33 -12.65
CA LYS H 109 -49.91 11.89 -11.82
C LYS H 109 -50.67 10.77 -12.49
N GLY H 110 -50.79 9.65 -11.76
CA GLY H 110 -51.54 8.48 -12.24
C GLY H 110 -50.71 7.51 -13.06
N LYS H 111 -49.46 7.85 -13.35
CA LYS H 111 -48.59 7.04 -14.20
C LYS H 111 -47.27 6.68 -13.50
N ARG H 112 -47.35 6.46 -12.19
CA ARG H 112 -46.21 6.02 -11.37
C ARG H 112 -46.44 4.55 -10.98
N PHE H 113 -45.59 3.66 -11.47
CA PHE H 113 -45.79 2.21 -11.35
C PHE H 113 -44.62 1.52 -10.65
N ALA H 114 -44.89 0.31 -10.16
CA ALA H 114 -43.85 -0.58 -9.68
C ALA H 114 -44.30 -1.99 -9.96
N LEU H 115 -43.36 -2.83 -10.35
CA LEU H 115 -43.65 -4.25 -10.57
C LEU H 115 -43.75 -4.97 -9.22
N PRO H 116 -44.44 -6.14 -9.17
CA PRO H 116 -44.88 -6.74 -7.87
C PRO H 116 -43.81 -6.93 -6.78
N ASN H 117 -42.65 -7.47 -7.15
CA ASN H 117 -41.57 -7.73 -6.19
C ASN H 117 -40.47 -6.65 -6.14
N ALA H 118 -40.76 -5.45 -6.66
CA ALA H 118 -39.80 -4.36 -6.61
C ALA H 118 -39.76 -3.83 -5.20
N GLU H 119 -38.60 -3.29 -4.84
CA GLU H 119 -38.31 -2.81 -3.49
C GLU H 119 -38.24 -1.29 -3.52
N VAL H 120 -38.98 -0.64 -2.64
CA VAL H 120 -38.92 0.82 -2.49
C VAL H 120 -38.43 1.11 -1.09
N MET H 121 -37.44 2.00 -0.97
CA MET H 121 -36.93 2.44 0.33
C MET H 121 -36.85 3.95 0.40
N ILE H 122 -37.24 4.50 1.55
CA ILE H 122 -37.15 5.93 1.82
C ILE H 122 -36.36 6.17 3.12
N HIS H 123 -35.54 7.22 3.13
CA HIS H 123 -34.78 7.61 4.32
C HIS H 123 -34.35 9.09 4.25
N GLN H 124 -33.61 9.56 5.25
CA GLN H 124 -33.11 10.93 5.24
C GLN H 124 -31.87 10.99 4.36
N PRO H 125 -31.55 12.19 3.84
CA PRO H 125 -30.30 12.41 3.15
C PRO H 125 -29.07 12.25 4.05
N LEU H 126 -27.98 11.78 3.44
CA LEU H 126 -26.71 11.51 4.09
C LEU H 126 -25.69 12.53 3.62
N GLY H 127 -24.77 12.90 4.50
CA GLY H 127 -23.75 13.88 4.15
C GLY H 127 -22.58 13.84 5.10
N GLY H 128 -21.81 14.92 5.06
CA GLY H 128 -20.65 15.05 5.94
C GLY H 128 -20.19 16.48 6.10
N ALA H 129 -19.47 16.72 7.19
CA ALA H 129 -18.96 18.05 7.51
C ALA H 129 -17.66 17.89 8.30
N GLN H 130 -16.65 18.65 7.93
CA GLN H 130 -15.41 18.62 8.67
C GLN H 130 -14.76 19.98 8.72
N GLY H 131 -14.26 20.35 9.89
CA GLY H 131 -13.53 21.60 10.08
C GLY H 131 -14.00 22.37 11.31
N GLN H 132 -14.00 23.69 11.20
CA GLN H 132 -14.37 24.60 12.28
C GLN H 132 -15.83 24.46 12.65
N ALA H 133 -16.15 24.86 13.88
CA ALA H 133 -17.53 24.80 14.36
C ALA H 133 -18.50 25.54 13.44
N THR H 134 -18.13 26.72 12.95
CA THR H 134 -19.02 27.49 12.08
C THR H 134 -19.19 26.85 10.69
N GLU H 135 -18.14 26.14 10.22
CA GLU H 135 -18.22 25.37 8.96
C GLU H 135 -19.18 24.19 9.10
N ILE H 136 -19.13 23.50 10.24
CA ILE H 136 -20.02 22.37 10.54
C ILE H 136 -21.45 22.84 10.67
N GLU H 137 -21.63 24.00 11.30
CA GLU H 137 -22.95 24.64 11.40
C GLU H 137 -23.55 24.87 10.01
N ILE H 138 -22.77 25.48 9.12
CA ILE H 138 -23.20 25.76 7.74
C ILE H 138 -23.65 24.50 7.02
N ALA H 139 -22.85 23.44 7.12
CA ALA H 139 -23.15 22.17 6.48
C ALA H 139 -24.36 21.50 7.08
N ALA H 140 -24.48 21.57 8.41
CA ALA H 140 -25.65 21.02 9.12
C ALA H 140 -26.95 21.76 8.76
N ASN H 141 -26.90 23.10 8.73
CA ASN H 141 -28.05 23.92 8.29
C ASN H 141 -28.43 23.59 6.87
N HIS H 142 -27.43 23.41 6.02
CA HIS H 142 -27.64 23.07 4.63
C HIS H 142 -28.33 21.71 4.43
N ILE H 143 -27.81 20.64 5.03
CA ILE H 143 -28.43 19.32 4.87
C ILE H 143 -29.84 19.24 5.50
N LEU H 144 -30.06 19.98 6.59
CA LEU H 144 -31.39 20.08 7.18
C LEU H 144 -32.39 20.84 6.28
N LYS H 145 -31.94 21.93 5.66
CA LYS H 145 -32.78 22.70 4.71
C LYS H 145 -33.10 21.83 3.50
N THR H 146 -32.12 21.07 3.02
CA THR H 146 -32.38 20.10 1.93
C THR H 146 -33.29 18.93 2.37
N ARG H 147 -33.30 18.55 3.65
CA ARG H 147 -34.30 17.57 4.14
C ARG H 147 -35.72 18.13 4.10
N GLU H 148 -35.88 19.38 4.54
CA GLU H 148 -37.19 20.04 4.53
C GLU H 148 -37.74 20.13 3.11
N LYS H 149 -36.85 20.50 2.21
CA LYS H 149 -37.16 20.61 0.77
C LYS H 149 -37.62 19.29 0.15
N LEU H 150 -36.90 18.22 0.42
CA LEU H 150 -37.29 16.86 -0.04
C LEU H 150 -38.61 16.41 0.59
N ASN H 151 -38.75 16.64 1.90
CA ASN H 151 -39.96 16.24 2.64
C ASN H 151 -41.20 17.01 2.16
N ARG H 152 -41.04 18.30 1.90
CA ARG H 152 -42.12 19.13 1.38
C ARG H 152 -42.65 18.60 0.04
N ILE H 153 -41.74 18.31 -0.89
CA ILE H 153 -42.12 17.79 -2.21
C ILE H 153 -42.70 16.39 -2.13
N LEU H 154 -42.11 15.53 -1.33
CA LEU H 154 -42.69 14.19 -1.12
C LEU H 154 -44.13 14.29 -0.56
N SER H 155 -44.35 15.25 0.31
CA SER H 155 -45.68 15.48 0.91
C SER H 155 -46.69 15.86 -0.16
N GLU H 156 -46.29 16.78 -1.04
CA GLU H 156 -47.11 17.21 -2.16
C GLU H 156 -47.49 16.09 -3.09
N ARG H 157 -46.58 15.13 -3.31
CA ARG H 157 -46.75 14.09 -4.35
C ARG H 157 -47.28 12.76 -3.86
N THR H 158 -47.15 12.49 -2.56
CA THR H 158 -47.77 11.31 -1.92
C THR H 158 -49.12 11.62 -1.31
N GLY H 159 -49.32 12.88 -0.91
CA GLY H 159 -50.49 13.28 -0.14
C GLY H 159 -50.34 13.07 1.35
N GLN H 160 -49.18 12.59 1.81
CA GLN H 160 -48.89 12.44 3.24
C GLN H 160 -48.44 13.76 3.80
N SER H 161 -48.56 13.91 5.12
CA SER H 161 -48.14 15.15 5.79
C SER H 161 -46.62 15.23 5.91
N ILE H 162 -46.11 16.45 6.01
CA ILE H 162 -44.67 16.67 6.26
C ILE H 162 -44.25 15.95 7.56
N GLU H 163 -45.09 16.05 8.60
CA GLU H 163 -44.80 15.42 9.92
C GLU H 163 -44.68 13.92 9.82
N LYS H 164 -45.53 13.28 9.02
CA LYS H 164 -45.48 11.81 8.86
C LYS H 164 -44.26 11.36 8.07
N ILE H 165 -43.93 12.11 7.03
CA ILE H 165 -42.74 11.81 6.21
C ILE H 165 -41.45 11.93 7.02
N GLN H 166 -41.35 12.98 7.83
CA GLN H 166 -40.22 13.15 8.77
C GLN H 166 -40.03 11.93 9.69
N LYS H 167 -41.11 11.53 10.36
CA LYS H 167 -41.12 10.34 11.24
C LYS H 167 -40.73 9.08 10.46
N ASP H 168 -41.33 8.88 9.29
CA ASP H 168 -41.14 7.66 8.47
C ASP H 168 -39.80 7.59 7.74
N THR H 169 -39.16 8.73 7.48
CA THR H 169 -37.81 8.73 6.90
C THR H 169 -36.66 8.79 7.91
N ASP H 170 -36.95 8.83 9.21
CA ASP H 170 -35.90 8.97 10.23
C ASP H 170 -34.85 7.88 10.14
N ARG H 171 -35.35 6.67 9.95
CA ARG H 171 -34.44 5.54 9.76
C ARG H 171 -34.83 4.91 8.43
N ASP H 172 -33.99 4.05 7.91
CA ASP H 172 -34.30 3.30 6.68
C ASP H 172 -35.67 2.62 6.81
N ASN H 173 -36.51 2.80 5.79
CA ASN H 173 -37.86 2.28 5.76
C ASN H 173 -38.10 1.53 4.45
N PHE H 174 -38.05 0.20 4.52
CA PHE H 174 -38.29 -0.63 3.34
C PHE H 174 -39.80 -0.85 3.18
N LEU H 175 -40.27 -0.66 1.93
CA LEU H 175 -41.67 -0.86 1.53
C LEU H 175 -41.77 -1.89 0.41
N THR H 176 -42.81 -2.74 0.45
CA THR H 176 -43.24 -3.52 -0.72
C THR H 176 -43.87 -2.59 -1.74
N ALA H 177 -43.98 -3.10 -2.97
CA ALA H 177 -44.67 -2.37 -4.02
C ALA H 177 -46.08 -1.97 -3.57
N GLU H 178 -46.80 -2.93 -2.99
CA GLU H 178 -48.16 -2.69 -2.50
C GLU H 178 -48.17 -1.61 -1.42
N GLU H 179 -47.21 -1.67 -0.50
CA GLU H 179 -47.09 -0.66 0.55
C GLU H 179 -46.78 0.73 -0.01
N ALA H 180 -46.00 0.77 -1.09
CA ALA H 180 -45.66 2.02 -1.76
C ALA H 180 -46.89 2.67 -2.41
N LYS H 181 -47.78 1.83 -2.95
CA LYS H 181 -49.07 2.29 -3.45
C LYS H 181 -49.90 2.92 -2.35
N GLU H 182 -50.05 2.19 -1.24
CA GLU H 182 -50.80 2.69 -0.07
C GLU H 182 -50.22 4.00 0.47
N TYR H 183 -48.89 4.11 0.43
CA TYR H 183 -48.18 5.31 0.91
C TYR H 183 -48.36 6.52 -0.02
N GLY H 184 -48.56 6.28 -1.32
CA GLY H 184 -48.70 7.35 -2.33
C GLY H 184 -47.46 7.64 -3.15
N LEU H 185 -46.43 6.81 -3.01
CA LEU H 185 -45.19 6.93 -3.81
C LEU H 185 -45.41 6.45 -5.23
N ILE H 186 -46.32 5.49 -5.40
CA ILE H 186 -46.79 5.06 -6.71
C ILE H 186 -48.33 5.04 -6.76
N ASP H 187 -48.88 4.95 -7.97
CA ASP H 187 -50.32 4.91 -8.21
C ASP H 187 -50.85 3.49 -8.37
N GLU H 188 -50.08 2.62 -9.03
CA GLU H 188 -50.49 1.21 -9.21
C GLU H 188 -49.32 0.24 -9.18
N VAL H 189 -49.60 -0.99 -8.75
CA VAL H 189 -48.67 -2.10 -8.93
C VAL H 189 -48.99 -2.73 -10.27
N MET H 190 -48.01 -2.78 -11.17
CA MET H 190 -48.22 -3.28 -12.53
C MET H 190 -48.30 -4.80 -12.56
N VAL H 191 -49.52 -5.30 -12.66
CA VAL H 191 -49.82 -6.73 -12.67
C VAL H 191 -49.38 -7.35 -14.01
N PRO H 192 -48.99 -8.65 -14.03
CA PRO H 192 -48.72 -9.35 -15.31
C PRO H 192 -49.95 -9.56 -16.23
N ILE I 4 -14.26 -11.19 -27.80
CA ILE I 4 -15.60 -11.66 -28.25
C ILE I 4 -15.60 -11.66 -29.78
N PRO I 5 -15.76 -12.81 -30.44
CA PRO I 5 -15.70 -12.83 -31.91
C PRO I 5 -16.92 -12.28 -32.64
N THR I 6 -16.70 -11.86 -33.88
CA THR I 6 -17.71 -11.30 -34.78
C THR I 6 -18.08 -12.33 -35.85
N VAL I 7 -19.37 -12.43 -36.15
CA VAL I 7 -19.87 -13.27 -37.24
C VAL I 7 -20.61 -12.38 -38.24
N ILE I 8 -20.52 -12.70 -39.54
CA ILE I 8 -21.17 -11.93 -40.59
C ILE I 8 -22.27 -12.78 -41.27
N ARG I 16 -25.24 -6.42 -41.42
CA ARG I 16 -24.96 -7.83 -41.56
C ARG I 16 -23.85 -8.37 -40.58
N ALA I 17 -23.10 -7.53 -39.83
CA ALA I 17 -22.05 -8.01 -38.83
C ALA I 17 -22.58 -7.98 -37.38
N TYR I 18 -22.36 -9.07 -36.64
CA TYR I 18 -22.83 -9.21 -35.27
C TYR I 18 -21.70 -9.73 -34.39
N ASP I 19 -21.54 -9.18 -33.20
CA ASP I 19 -20.80 -9.86 -32.16
C ASP I 19 -21.62 -11.09 -31.75
N ILE I 20 -20.94 -12.17 -31.39
CA ILE I 20 -21.58 -13.48 -31.19
C ILE I 20 -22.82 -13.39 -30.28
N TYR I 21 -22.74 -12.61 -29.20
CA TYR I 21 -23.86 -12.50 -28.24
C TYR I 21 -25.06 -11.77 -28.86
N SER I 22 -24.78 -10.71 -29.62
CA SER I 22 -25.84 -9.98 -30.32
C SER I 22 -26.55 -10.84 -31.36
N ARG I 23 -25.82 -11.79 -31.94
CA ARG I 23 -26.39 -12.74 -32.91
C ARG I 23 -27.31 -13.72 -32.24
N LEU I 24 -26.93 -14.19 -31.06
CA LEU I 24 -27.83 -15.01 -30.27
C LEU I 24 -29.10 -14.24 -29.94
N LEU I 25 -28.97 -12.94 -29.63
CA LEU I 25 -30.12 -12.12 -29.33
C LEU I 25 -31.06 -11.99 -30.54
N LYS I 26 -30.52 -12.01 -31.75
CA LYS I 26 -31.36 -12.00 -32.97
C LYS I 26 -32.25 -13.23 -33.08
N ASP I 27 -31.78 -14.38 -32.56
CA ASP I 27 -32.60 -15.60 -32.43
C ASP I 27 -33.27 -15.74 -31.05
N ARG I 28 -33.52 -14.62 -30.36
CA ARG I 28 -34.29 -14.59 -29.09
C ARG I 28 -33.63 -15.36 -27.92
N ILE I 29 -32.30 -15.42 -27.94
CA ILE I 29 -31.51 -16.02 -26.87
C ILE I 29 -30.80 -14.91 -26.07
N ILE I 30 -31.09 -14.88 -24.77
CA ILE I 30 -30.48 -13.92 -23.85
C ILE I 30 -29.47 -14.66 -22.97
N MET I 31 -28.27 -14.11 -22.85
CA MET I 31 -27.19 -14.67 -22.01
C MET I 31 -27.14 -14.04 -20.63
N LEU I 32 -27.49 -14.83 -19.61
CA LEU I 32 -27.23 -14.49 -18.21
C LEU I 32 -26.05 -15.34 -17.78
N GLY I 33 -24.85 -14.82 -18.02
CA GLY I 33 -23.61 -15.59 -17.88
C GLY I 33 -22.60 -15.04 -16.90
N SER I 34 -23.04 -14.23 -15.93
CA SER I 34 -22.11 -13.61 -15.01
C SER I 34 -22.78 -13.34 -13.68
N GLN I 35 -22.03 -12.75 -12.76
CA GLN I 35 -22.60 -12.29 -11.51
C GLN I 35 -23.71 -11.30 -11.79
N ILE I 36 -24.83 -11.45 -11.08
CA ILE I 36 -25.99 -10.59 -11.24
C ILE I 36 -25.79 -9.34 -10.42
N ASP I 37 -25.55 -8.22 -11.11
CA ASP I 37 -25.57 -6.88 -10.48
C ASP I 37 -26.60 -6.02 -11.21
N ASP I 38 -26.75 -4.76 -10.80
CA ASP I 38 -27.77 -3.89 -11.39
C ASP I 38 -27.55 -3.72 -12.93
N ASN I 39 -26.29 -3.65 -13.38
CA ASN I 39 -26.01 -3.53 -14.84
C ASN I 39 -26.52 -4.70 -15.64
N VAL I 40 -26.16 -5.90 -15.19
CA VAL I 40 -26.55 -7.13 -15.85
C VAL I 40 -28.07 -7.24 -15.88
N ALA I 41 -28.72 -6.93 -14.77
CA ALA I 41 -30.18 -6.93 -14.72
C ALA I 41 -30.82 -5.97 -15.71
N ASN I 42 -30.35 -4.72 -15.73
CA ASN I 42 -30.88 -3.71 -16.66
C ASN I 42 -30.77 -4.12 -18.13
N SER I 43 -29.63 -4.70 -18.50
CA SER I 43 -29.42 -5.24 -19.85
C SER I 43 -30.42 -6.36 -20.16
N ILE I 44 -30.53 -7.36 -19.28
CA ILE I 44 -31.46 -8.50 -19.47
C ILE I 44 -32.92 -7.99 -19.57
N VAL I 45 -33.31 -7.09 -18.66
CA VAL I 45 -34.64 -6.48 -18.69
C VAL I 45 -34.89 -5.83 -20.06
N SER I 46 -33.94 -5.01 -20.51
CA SER I 46 -34.06 -4.30 -21.80
C SER I 46 -34.14 -5.24 -22.97
N GLN I 47 -33.39 -6.33 -22.93
CA GLN I 47 -33.49 -7.37 -23.94
C GLN I 47 -34.88 -8.01 -23.96
N LEU I 48 -35.38 -8.39 -22.77
CA LEU I 48 -36.70 -9.02 -22.65
C LEU I 48 -37.82 -8.13 -23.21
N LEU I 49 -37.77 -6.84 -22.90
CA LEU I 49 -38.81 -5.90 -23.35
C LEU I 49 -38.79 -5.72 -24.86
N PHE I 50 -37.57 -5.67 -25.40
CA PHE I 50 -37.34 -5.59 -26.84
C PHE I 50 -37.79 -6.82 -27.59
N LEU I 51 -37.41 -8.00 -27.10
CA LEU I 51 -37.87 -9.24 -27.74
C LEU I 51 -39.41 -9.40 -27.76
N GLN I 52 -40.08 -8.89 -26.71
CA GLN I 52 -41.54 -8.85 -26.69
C GLN I 52 -42.10 -7.96 -27.80
N ALA I 53 -41.54 -6.77 -27.96
CA ALA I 53 -41.96 -5.84 -29.01
C ALA I 53 -41.73 -6.39 -30.42
N GLN I 54 -40.66 -7.16 -30.61
CA GLN I 54 -40.38 -7.85 -31.87
C GLN I 54 -41.48 -8.85 -32.19
N ASP I 55 -41.82 -9.69 -31.21
CA ASP I 55 -42.80 -10.76 -31.39
C ASP I 55 -43.29 -11.18 -30.00
N SER I 56 -44.57 -10.91 -29.72
CA SER I 56 -45.16 -11.23 -28.42
C SER I 56 -45.63 -12.69 -28.27
N GLU I 57 -45.54 -13.47 -29.34
CA GLU I 57 -45.94 -14.88 -29.33
C GLU I 57 -44.79 -15.83 -29.14
N LYS I 58 -43.71 -15.58 -29.88
CA LYS I 58 -42.55 -16.51 -29.95
C LYS I 58 -41.78 -16.65 -28.63
N ASP I 59 -41.29 -17.86 -28.38
CA ASP I 59 -40.51 -18.15 -27.18
C ASP I 59 -39.19 -17.37 -27.13
N ILE I 60 -38.79 -17.03 -25.90
CA ILE I 60 -37.49 -16.46 -25.57
C ILE I 60 -36.71 -17.52 -24.80
N TYR I 61 -35.39 -17.55 -25.01
CA TYR I 61 -34.50 -18.53 -24.36
C TYR I 61 -33.50 -17.81 -23.44
N LEU I 62 -33.59 -18.07 -22.14
CA LEU I 62 -32.68 -17.49 -21.15
C LEU I 62 -31.63 -18.51 -20.69
N TYR I 63 -30.42 -18.34 -21.22
CA TYR I 63 -29.26 -19.12 -20.83
C TYR I 63 -28.78 -18.65 -19.47
N ILE I 64 -28.55 -19.58 -18.55
CA ILE I 64 -28.07 -19.24 -17.21
C ILE I 64 -26.78 -19.99 -16.85
N ASN I 65 -25.68 -19.23 -16.73
CA ASN I 65 -24.40 -19.70 -16.14
C ASN I 65 -23.93 -18.62 -15.17
N SER I 66 -24.51 -18.61 -13.98
CA SER I 66 -24.31 -17.52 -13.02
C SER I 66 -24.20 -18.04 -11.59
N PRO I 67 -23.29 -17.45 -10.78
CA PRO I 67 -23.21 -17.76 -9.36
C PRO I 67 -24.24 -16.99 -8.54
N GLY I 68 -25.07 -16.19 -9.18
CA GLY I 68 -26.07 -15.37 -8.50
C GLY I 68 -25.54 -13.98 -8.27
N GLY I 69 -26.04 -13.33 -7.23
CA GLY I 69 -25.65 -11.95 -6.93
C GLY I 69 -26.79 -11.19 -6.28
N SER I 70 -26.95 -9.94 -6.65
CA SER I 70 -27.93 -9.05 -6.03
C SER I 70 -29.35 -9.63 -6.10
N VAL I 71 -29.99 -9.76 -4.93
CA VAL I 71 -31.38 -10.20 -4.84
C VAL I 71 -32.29 -9.21 -5.57
N THR I 72 -32.10 -7.93 -5.29
CA THR I 72 -32.89 -6.88 -5.87
C THR I 72 -32.82 -6.79 -7.41
N ALA I 73 -31.60 -6.88 -7.94
CA ALA I 73 -31.34 -6.99 -9.39
C ALA I 73 -31.93 -8.27 -9.97
N GLY I 74 -31.84 -9.36 -9.23
CA GLY I 74 -32.50 -10.60 -9.60
C GLY I 74 -34.00 -10.46 -9.76
N PHE I 75 -34.64 -9.80 -8.80
CA PHE I 75 -36.09 -9.53 -8.89
C PHE I 75 -36.51 -8.53 -10.01
N ALA I 76 -35.57 -7.71 -10.49
CA ALA I 76 -35.82 -6.92 -11.69
C ALA I 76 -36.02 -7.84 -12.89
N ILE I 77 -35.16 -8.84 -13.02
CA ILE I 77 -35.22 -9.84 -14.11
C ILE I 77 -36.47 -10.69 -13.95
N TYR I 78 -36.69 -11.21 -12.74
CA TYR I 78 -37.87 -12.05 -12.45
C TYR I 78 -39.19 -11.37 -12.84
N ASP I 79 -39.43 -10.18 -12.30
CA ASP I 79 -40.69 -9.45 -12.55
C ASP I 79 -40.91 -9.17 -14.03
N THR I 80 -39.82 -8.86 -14.75
CA THR I 80 -39.89 -8.60 -16.19
C THR I 80 -40.21 -9.89 -16.97
N ILE I 81 -39.63 -11.03 -16.58
CA ILE I 81 -39.97 -12.32 -17.17
C ILE I 81 -41.47 -12.57 -17.02
N GLN I 82 -41.98 -12.43 -15.80
CA GLN I 82 -43.41 -12.70 -15.53
C GLN I 82 -44.35 -11.72 -16.23
N HIS I 83 -43.95 -10.46 -16.31
CA HIS I 83 -44.77 -9.43 -16.93
C HIS I 83 -44.99 -9.65 -18.43
N ILE I 84 -43.93 -9.99 -19.16
CA ILE I 84 -44.02 -10.09 -20.64
C ILE I 84 -44.84 -11.29 -21.11
N LYS I 85 -45.39 -11.13 -22.30
CA LYS I 85 -46.35 -12.08 -22.87
C LYS I 85 -45.68 -13.39 -23.28
N PRO I 86 -44.53 -13.35 -23.97
CA PRO I 86 -43.88 -14.61 -24.35
C PRO I 86 -43.45 -15.49 -23.20
N ASP I 87 -43.49 -16.79 -23.43
CA ASP I 87 -42.84 -17.75 -22.53
C ASP I 87 -41.33 -17.51 -22.56
N VAL I 88 -40.70 -17.51 -21.38
CA VAL I 88 -39.25 -17.42 -21.27
C VAL I 88 -38.72 -18.78 -20.80
N GLN I 89 -38.06 -19.50 -21.71
CA GLN I 89 -37.39 -20.74 -21.34
C GLN I 89 -36.13 -20.42 -20.57
N THR I 90 -35.82 -21.24 -19.57
CA THR I 90 -34.59 -21.10 -18.79
C THR I 90 -33.76 -22.36 -18.94
N ILE I 91 -32.48 -22.20 -19.25
CA ILE I 91 -31.57 -23.32 -19.50
C ILE I 91 -30.27 -23.14 -18.72
N CYS I 92 -30.09 -23.98 -17.72
CA CYS I 92 -28.89 -23.92 -16.87
C CYS I 92 -27.75 -24.74 -17.47
N ILE I 93 -26.67 -24.06 -17.82
CA ILE I 93 -25.49 -24.68 -18.41
C ILE I 93 -24.28 -24.25 -17.59
N GLY I 94 -23.49 -25.22 -17.15
CA GLY I 94 -22.38 -24.96 -16.25
C GLY I 94 -22.80 -24.87 -14.79
N MET I 95 -23.41 -23.75 -14.41
CA MET I 95 -23.79 -23.50 -13.01
C MET I 95 -24.93 -22.49 -12.89
N ALA I 96 -25.87 -22.76 -11.99
CA ALA I 96 -26.83 -21.75 -11.54
C ALA I 96 -26.91 -21.76 -10.02
N ALA I 97 -26.43 -20.70 -9.38
CA ALA I 97 -26.40 -20.63 -7.90
C ALA I 97 -27.07 -19.36 -7.36
N SER I 98 -27.54 -19.43 -6.13
CA SER I 98 -28.16 -18.29 -5.43
C SER I 98 -29.38 -17.73 -6.23
N MET I 99 -29.35 -16.46 -6.61
CA MET I 99 -30.40 -15.83 -7.41
C MET I 99 -30.44 -16.41 -8.84
N GLY I 100 -29.33 -16.98 -9.30
CA GLY I 100 -29.29 -17.65 -10.58
C GLY I 100 -30.18 -18.87 -10.65
N SER I 101 -30.17 -19.69 -9.59
CA SER I 101 -31.06 -20.85 -9.52
C SER I 101 -32.51 -20.45 -9.22
N PHE I 102 -32.70 -19.32 -8.54
CA PHE I 102 -34.04 -18.77 -8.34
C PHE I 102 -34.67 -18.43 -9.70
N LEU I 103 -33.89 -17.75 -10.54
CA LEU I 103 -34.34 -17.37 -11.89
C LEU I 103 -34.50 -18.56 -12.81
N LEU I 104 -33.67 -19.58 -12.63
CA LEU I 104 -33.83 -20.83 -13.36
C LEU I 104 -35.23 -21.40 -13.11
N ALA I 105 -35.63 -21.44 -11.85
CA ALA I 105 -36.97 -21.89 -11.44
C ALA I 105 -38.12 -21.00 -11.92
N ALA I 106 -37.82 -19.74 -12.23
CA ALA I 106 -38.83 -18.76 -12.66
C ALA I 106 -39.20 -18.82 -14.15
N GLY I 107 -38.55 -19.71 -14.89
CA GLY I 107 -38.87 -19.93 -16.28
C GLY I 107 -40.29 -20.45 -16.46
N ALA I 108 -40.79 -20.29 -17.67
CA ALA I 108 -42.13 -20.69 -18.03
C ALA I 108 -42.36 -22.17 -17.71
N LYS I 109 -43.57 -22.45 -17.19
CA LYS I 109 -43.95 -23.79 -16.77
C LYS I 109 -43.72 -24.83 -17.86
N GLY I 110 -42.94 -25.86 -17.55
CA GLY I 110 -42.64 -26.95 -18.48
C GLY I 110 -41.46 -26.69 -19.40
N LYS I 111 -40.87 -25.48 -19.34
CA LYS I 111 -39.76 -25.10 -20.22
C LYS I 111 -38.53 -24.62 -19.42
N ARG I 112 -38.29 -25.26 -18.27
CA ARG I 112 -37.11 -25.01 -17.43
C ARG I 112 -36.19 -26.21 -17.54
N PHE I 113 -35.01 -26.00 -18.10
CA PHE I 113 -34.09 -27.08 -18.44
C PHE I 113 -32.74 -26.93 -17.77
N ALA I 114 -32.01 -28.04 -17.72
CA ALA I 114 -30.57 -28.03 -17.34
C ALA I 114 -29.87 -29.14 -18.08
N LEU I 115 -28.66 -28.87 -18.54
CA LEU I 115 -27.88 -29.88 -19.24
C LEU I 115 -27.30 -30.85 -18.20
N PRO I 116 -26.90 -32.08 -18.63
CA PRO I 116 -26.64 -33.20 -17.67
C PRO I 116 -25.66 -32.95 -16.52
N ASN I 117 -24.52 -32.34 -16.82
CA ASN I 117 -23.49 -32.04 -15.80
C ASN I 117 -23.53 -30.59 -15.23
N ALA I 118 -24.65 -29.87 -15.41
CA ALA I 118 -24.79 -28.53 -14.85
C ALA I 118 -25.01 -28.64 -13.36
N GLU I 119 -24.55 -27.62 -12.64
CA GLU I 119 -24.59 -27.57 -11.19
C GLU I 119 -25.63 -26.56 -10.74
N VAL I 120 -26.52 -26.98 -9.86
CA VAL I 120 -27.53 -26.07 -9.31
C VAL I 120 -27.30 -26.01 -7.81
N MET I 121 -27.27 -24.80 -7.26
CA MET I 121 -27.11 -24.61 -5.81
C MET I 121 -28.15 -23.64 -5.29
N ILE I 122 -28.71 -23.96 -4.12
CA ILE I 122 -29.65 -23.08 -3.41
C ILE I 122 -29.16 -22.81 -1.99
N HIS I 123 -29.35 -21.58 -1.52
CA HIS I 123 -28.98 -21.20 -0.15
C HIS I 123 -29.77 -19.96 0.30
N GLN I 124 -29.51 -19.48 1.51
CA GLN I 124 -30.16 -18.26 1.99
C GLN I 124 -29.45 -17.06 1.41
N PRO I 125 -30.15 -15.92 1.35
CA PRO I 125 -29.50 -14.67 0.99
C PRO I 125 -28.45 -14.21 2.01
N LEU I 126 -27.43 -13.52 1.49
CA LEU I 126 -26.33 -13.00 2.27
C LEU I 126 -26.42 -11.47 2.34
N GLY I 127 -25.99 -10.89 3.44
CA GLY I 127 -26.04 -9.46 3.60
C GLY I 127 -25.16 -8.99 4.74
N GLY I 128 -25.40 -7.75 5.16
CA GLY I 128 -24.59 -7.12 6.17
C GLY I 128 -25.28 -5.94 6.81
N ALA I 129 -24.84 -5.63 8.02
CA ALA I 129 -25.42 -4.54 8.81
C ALA I 129 -24.35 -3.99 9.73
N GLN I 130 -24.26 -2.68 9.79
CA GLN I 130 -23.31 -2.07 10.69
C GLN I 130 -23.85 -0.78 11.25
N GLY I 131 -23.65 -0.59 12.55
CA GLY I 131 -24.04 0.64 13.23
C GLY I 131 -24.80 0.37 14.51
N GLN I 132 -25.76 1.24 14.81
CA GLN I 132 -26.56 1.19 16.05
C GLN I 132 -27.42 -0.06 16.10
N ALA I 133 -27.80 -0.46 17.31
CA ALA I 133 -28.65 -1.63 17.50
C ALA I 133 -29.95 -1.56 16.69
N THR I 134 -30.59 -0.38 16.65
CA THR I 134 -31.84 -0.24 15.89
C THR I 134 -31.65 -0.29 14.38
N GLU I 135 -30.48 0.15 13.91
CA GLU I 135 -30.09 0.03 12.49
C GLU I 135 -29.89 -1.43 12.10
N ILE I 136 -29.24 -2.21 12.97
CA ILE I 136 -28.98 -3.64 12.73
C ILE I 136 -30.29 -4.41 12.74
N GLU I 137 -31.18 -4.03 13.65
CA GLU I 137 -32.53 -4.59 13.71
C GLU I 137 -33.23 -4.40 12.36
N ILE I 138 -33.22 -3.16 11.86
CA ILE I 138 -33.86 -2.83 10.56
C ILE I 138 -33.33 -3.67 9.41
N ALA I 139 -32.01 -3.78 9.34
CA ALA I 139 -31.35 -4.61 8.32
C ALA I 139 -31.63 -6.09 8.47
N ALA I 140 -31.65 -6.58 9.71
CA ALA I 140 -31.99 -7.98 9.99
C ALA I 140 -33.43 -8.31 9.63
N ASN I 141 -34.37 -7.42 10.00
CA ASN I 141 -35.78 -7.60 9.63
C ASN I 141 -35.95 -7.62 8.13
N HIS I 142 -35.21 -6.74 7.45
CA HIS I 142 -35.27 -6.63 6.02
C HIS I 142 -34.78 -7.89 5.32
N ILE I 143 -33.59 -8.38 5.67
CA ILE I 143 -33.07 -9.61 5.00
C ILE I 143 -33.92 -10.85 5.32
N LEU I 144 -34.49 -10.92 6.52
CA LEU I 144 -35.44 -12.00 6.87
C LEU I 144 -36.76 -11.93 6.08
N LYS I 145 -37.30 -10.72 5.89
CA LYS I 145 -38.51 -10.51 5.06
C LYS I 145 -38.21 -10.87 3.59
N THR I 146 -37.04 -10.49 3.09
CA THR I 146 -36.62 -10.91 1.74
C THR I 146 -36.33 -12.43 1.64
N ARG I 147 -35.95 -13.12 2.73
CA ARG I 147 -35.88 -14.59 2.72
C ARG I 147 -37.24 -15.23 2.60
N GLU I 148 -38.22 -14.72 3.35
CA GLU I 148 -39.60 -15.24 3.28
C GLU I 148 -40.14 -15.10 1.87
N LYS I 149 -39.90 -13.93 1.30
CA LYS I 149 -40.34 -13.60 -0.05
C LYS I 149 -39.76 -14.54 -1.11
N LEU I 150 -38.46 -14.80 -1.03
CA LEU I 150 -37.80 -15.74 -1.94
C LEU I 150 -38.31 -17.18 -1.74
N ASN I 151 -38.43 -17.58 -0.48
CA ASN I 151 -38.90 -18.91 -0.13
C ASN I 151 -40.34 -19.15 -0.61
N ARG I 152 -41.20 -18.13 -0.44
CA ARG I 152 -42.60 -18.22 -0.86
C ARG I 152 -42.70 -18.48 -2.36
N ILE I 153 -41.97 -17.70 -3.16
CA ILE I 153 -41.99 -17.84 -4.62
C ILE I 153 -41.34 -19.15 -5.07
N LEU I 154 -40.23 -19.53 -4.45
CA LEU I 154 -39.66 -20.86 -4.73
C LEU I 154 -40.64 -22.00 -4.44
N SER I 155 -41.43 -21.85 -3.37
CA SER I 155 -42.44 -22.84 -3.00
C SER I 155 -43.50 -22.96 -4.09
N GLU I 156 -43.97 -21.81 -4.57
CA GLU I 156 -44.96 -21.73 -5.64
C GLU I 156 -44.50 -22.40 -6.92
N ARG I 157 -43.21 -22.28 -7.24
CA ARG I 157 -42.69 -22.71 -8.55
C ARG I 157 -42.03 -24.09 -8.59
N THR I 158 -41.61 -24.59 -7.43
CA THR I 158 -41.12 -25.96 -7.31
C THR I 158 -42.24 -26.93 -6.89
N GLY I 159 -43.24 -26.42 -6.16
CA GLY I 159 -44.26 -27.26 -5.53
C GLY I 159 -43.85 -27.82 -4.17
N GLN I 160 -42.66 -27.46 -3.69
CA GLN I 160 -42.23 -27.82 -2.33
C GLN I 160 -42.83 -26.85 -1.33
N SER I 161 -42.90 -27.28 -0.07
CA SER I 161 -43.44 -26.43 1.01
C SER I 161 -42.44 -25.34 1.43
N ILE I 162 -42.96 -24.25 1.97
CA ILE I 162 -42.11 -23.20 2.53
C ILE I 162 -41.18 -23.78 3.60
N GLU I 163 -41.72 -24.66 4.46
CA GLU I 163 -40.96 -25.28 5.57
C GLU I 163 -39.78 -26.10 5.06
N LYS I 164 -39.98 -26.83 3.96
CA LYS I 164 -38.91 -27.67 3.39
C LYS I 164 -37.81 -26.83 2.72
N ILE I 165 -38.23 -25.77 2.02
CA ILE I 165 -37.29 -24.85 1.41
C ILE I 165 -36.40 -24.15 2.44
N GLN I 166 -37.01 -23.69 3.54
CA GLN I 166 -36.29 -23.09 4.67
C GLN I 166 -35.18 -24.02 5.18
N LYS I 167 -35.56 -25.26 5.48
CA LYS I 167 -34.62 -26.29 5.96
C LYS I 167 -33.52 -26.53 4.94
N ASP I 168 -33.91 -26.69 3.67
CA ASP I 168 -32.98 -27.04 2.60
C ASP I 168 -32.08 -25.90 2.14
N THR I 169 -32.49 -24.65 2.35
CA THR I 169 -31.63 -23.50 2.04
C THR I 169 -30.79 -22.98 3.22
N ASP I 170 -30.90 -23.61 4.40
CA ASP I 170 -30.18 -23.13 5.59
C ASP I 170 -28.66 -23.04 5.37
N ARG I 171 -28.15 -24.08 4.74
CA ARG I 171 -26.73 -24.08 4.39
C ARG I 171 -26.68 -24.27 2.89
N ASP I 172 -25.51 -24.05 2.30
CA ASP I 172 -25.29 -24.33 0.88
C ASP I 172 -25.71 -25.77 0.54
N ASN I 173 -26.51 -25.90 -0.52
CA ASN I 173 -27.09 -27.18 -0.95
C ASN I 173 -26.84 -27.37 -2.44
N PHE I 174 -25.84 -28.17 -2.76
CA PHE I 174 -25.53 -28.48 -4.14
C PHE I 174 -26.41 -29.63 -4.64
N LEU I 175 -26.98 -29.44 -5.84
CA LEU I 175 -27.84 -30.41 -6.55
C LEU I 175 -27.26 -30.75 -7.90
N THR I 176 -27.35 -32.01 -8.29
CA THR I 176 -27.20 -32.41 -9.71
C THR I 176 -28.40 -31.96 -10.51
N ALA I 177 -28.23 -31.95 -11.83
CA ALA I 177 -29.32 -31.61 -12.74
C ALA I 177 -30.52 -32.50 -12.45
N GLU I 178 -30.25 -33.80 -12.32
CA GLU I 178 -31.31 -34.76 -12.04
C GLU I 178 -31.99 -34.47 -10.70
N GLU I 179 -31.20 -34.14 -9.67
CA GLU I 179 -31.74 -33.77 -8.35
C GLU I 179 -32.57 -32.49 -8.40
N ALA I 180 -32.17 -31.55 -9.25
CA ALA I 180 -32.95 -30.32 -9.48
C ALA I 180 -34.32 -30.59 -10.11
N LYS I 181 -34.39 -31.56 -11.03
CA LYS I 181 -35.65 -32.00 -11.64
C LYS I 181 -36.58 -32.57 -10.57
N GLU I 182 -36.06 -33.50 -9.77
CA GLU I 182 -36.81 -34.09 -8.65
C GLU I 182 -37.30 -33.05 -7.66
N TYR I 183 -36.48 -32.03 -7.42
CA TYR I 183 -36.81 -30.95 -6.50
C TYR I 183 -37.89 -30.00 -7.04
N GLY I 184 -37.98 -29.87 -8.36
CA GLY I 184 -38.95 -28.96 -9.00
C GLY I 184 -38.39 -27.61 -9.45
N LEU I 185 -37.07 -27.45 -9.36
CA LEU I 185 -36.38 -26.24 -9.86
C LEU I 185 -36.35 -26.23 -11.39
N ILE I 186 -36.29 -27.41 -12.00
CA ILE I 186 -36.40 -27.58 -13.45
C ILE I 186 -37.43 -28.66 -13.79
N ASP I 187 -37.87 -28.68 -15.04
CA ASP I 187 -38.85 -29.64 -15.55
C ASP I 187 -38.18 -30.86 -16.22
N GLU I 188 -37.09 -30.65 -16.96
CA GLU I 188 -36.36 -31.75 -17.63
C GLU I 188 -34.87 -31.53 -17.69
N VAL I 189 -34.13 -32.64 -17.69
CA VAL I 189 -32.70 -32.62 -18.00
C VAL I 189 -32.59 -32.80 -19.50
N MET I 190 -31.97 -31.82 -20.16
CA MET I 190 -31.88 -31.86 -21.62
C MET I 190 -30.83 -32.85 -22.09
N VAL I 191 -31.31 -34.01 -22.52
CA VAL I 191 -30.47 -35.09 -23.03
C VAL I 191 -29.84 -34.73 -24.41
N PRO I 192 -28.65 -35.30 -24.74
CA PRO I 192 -28.06 -35.11 -26.11
C PRO I 192 -28.78 -35.82 -27.29
N GLU I 193 -28.71 -35.20 -28.48
CA GLU I 193 -29.57 -35.54 -29.62
C GLU I 193 -29.31 -36.94 -30.18
N ILE J 4 -3.93 -7.70 -32.14
CA ILE J 4 -4.75 -8.70 -32.92
C ILE J 4 -5.01 -8.23 -34.36
N PRO J 5 -4.35 -8.87 -35.35
CA PRO J 5 -4.41 -8.38 -36.71
C PRO J 5 -5.71 -8.65 -37.46
N THR J 6 -5.96 -7.82 -38.48
CA THR J 6 -7.14 -7.90 -39.34
C THR J 6 -6.73 -8.47 -40.71
N VAL J 7 -7.57 -9.34 -41.25
CA VAL J 7 -7.39 -9.88 -42.60
C VAL J 7 -8.61 -9.54 -43.43
N ILE J 8 -8.38 -9.25 -44.71
CA ILE J 8 -9.46 -8.89 -45.63
C ILE J 8 -9.63 -10.03 -46.65
N GLU J 9 -10.84 -10.57 -46.77
CA GLU J 9 -11.12 -11.67 -47.70
C GLU J 9 -11.87 -11.13 -48.95
N THR J 10 -11.46 -11.60 -50.12
CA THR J 10 -11.93 -11.05 -51.37
C THR J 10 -13.08 -12.00 -51.83
N THR J 11 -14.03 -11.42 -52.57
CA THR J 11 -15.17 -12.16 -53.15
C THR J 11 -15.39 -11.68 -54.59
N ASN J 12 -16.58 -11.89 -55.14
CA ASN J 12 -16.91 -11.40 -56.48
C ASN J 12 -17.79 -10.13 -56.47
N GLU J 15 -15.53 -7.48 -50.65
CA GLU J 15 -14.44 -7.70 -49.69
C GLU J 15 -14.86 -7.47 -48.22
N ARG J 16 -14.80 -8.51 -47.39
CA ARG J 16 -15.17 -8.48 -45.94
C ARG J 16 -13.90 -8.51 -45.07
N ALA J 17 -13.89 -7.69 -44.01
CA ALA J 17 -12.77 -7.57 -43.05
C ALA J 17 -13.04 -8.39 -41.77
N TYR J 18 -12.06 -9.16 -41.34
CA TYR J 18 -12.18 -10.02 -40.17
C TYR J 18 -10.97 -9.84 -39.28
N ASP J 19 -11.19 -9.76 -37.96
CA ASP J 19 -10.10 -10.00 -37.03
C ASP J 19 -9.73 -11.50 -37.14
N ILE J 20 -8.45 -11.82 -36.99
CA ILE J 20 -7.94 -13.15 -37.29
C ILE J 20 -8.78 -14.25 -36.60
N TYR J 21 -9.20 -14.05 -35.34
CA TYR J 21 -9.97 -15.08 -34.60
C TYR J 21 -11.37 -15.26 -35.17
N SER J 22 -12.01 -14.16 -35.54
CA SER J 22 -13.31 -14.21 -36.20
C SER J 22 -13.26 -14.93 -37.55
N ARG J 23 -12.13 -14.82 -38.23
CA ARG J 23 -11.92 -15.49 -39.52
C ARG J 23 -11.79 -16.97 -39.34
N LEU J 24 -11.08 -17.38 -38.29
CA LEU J 24 -11.03 -18.80 -37.93
C LEU J 24 -12.44 -19.33 -37.63
N LEU J 25 -13.25 -18.52 -36.94
CA LEU J 25 -14.63 -18.90 -36.63
C LEU J 25 -15.48 -19.09 -37.90
N LYS J 26 -15.21 -18.31 -38.94
CA LYS J 26 -15.89 -18.50 -40.23
C LYS J 26 -15.62 -19.88 -40.83
N ASP J 27 -14.44 -20.44 -40.59
CA ASP J 27 -14.09 -21.82 -40.99
C ASP J 27 -14.32 -22.84 -39.86
N ARG J 28 -15.23 -22.53 -38.94
CA ARG J 28 -15.66 -23.46 -37.89
C ARG J 28 -14.54 -23.88 -36.91
N ILE J 29 -13.59 -22.97 -36.69
CA ILE J 29 -12.52 -23.14 -35.71
C ILE J 29 -12.77 -22.23 -34.51
N ILE J 30 -12.86 -22.83 -33.33
CA ILE J 30 -13.06 -22.11 -32.07
C ILE J 30 -11.76 -22.17 -31.26
N MET J 31 -11.34 -21.01 -30.76
CA MET J 31 -10.11 -20.88 -29.96
C MET J 31 -10.42 -20.91 -28.46
N LEU J 32 -9.98 -21.98 -27.79
CA LEU J 32 -9.91 -22.04 -26.35
C LEU J 32 -8.45 -21.88 -26.01
N GLY J 33 -8.03 -20.63 -25.85
CA GLY J 33 -6.61 -20.29 -25.71
C GLY J 33 -6.24 -19.56 -24.42
N SER J 34 -7.04 -19.67 -23.38
CA SER J 34 -6.77 -18.95 -22.15
C SER J 34 -7.30 -19.69 -20.94
N GLN J 35 -7.11 -19.11 -19.76
CA GLN J 35 -7.72 -19.65 -18.55
C GLN J 35 -9.23 -19.72 -18.72
N ILE J 36 -9.81 -20.85 -18.31
CA ILE J 36 -11.25 -21.08 -18.42
C ILE J 36 -11.95 -20.41 -17.25
N ASP J 37 -12.67 -19.33 -17.52
CA ASP J 37 -13.59 -18.74 -16.56
C ASP J 37 -14.98 -18.73 -17.18
N ASP J 38 -15.96 -18.18 -16.45
CA ASP J 38 -17.33 -18.13 -16.96
C ASP J 38 -17.45 -17.35 -18.31
N ASN J 39 -16.69 -16.26 -18.48
CA ASN J 39 -16.73 -15.49 -19.75
C ASN J 39 -16.30 -16.31 -20.94
N VAL J 40 -15.14 -16.96 -20.80
CA VAL J 40 -14.58 -17.78 -21.85
C VAL J 40 -15.52 -18.91 -22.19
N ALA J 41 -16.09 -19.56 -21.18
CA ALA J 41 -17.07 -20.61 -21.41
C ALA J 41 -18.30 -20.12 -22.18
N ASN J 42 -18.89 -19.01 -21.74
CA ASN J 42 -20.07 -18.45 -22.42
C ASN J 42 -19.82 -18.13 -23.89
N SER J 43 -18.67 -17.56 -24.20
CA SER J 43 -18.26 -17.28 -25.58
C SER J 43 -18.16 -18.58 -26.40
N ILE J 44 -17.43 -19.58 -25.88
CA ILE J 44 -17.26 -20.87 -26.56
C ILE J 44 -18.63 -21.53 -26.78
N VAL J 45 -19.47 -21.55 -25.73
CA VAL J 45 -20.83 -22.12 -25.82
C VAL J 45 -21.62 -21.44 -26.94
N SER J 46 -21.59 -20.11 -26.95
CA SER J 46 -22.30 -19.33 -27.97
C SER J 46 -21.78 -19.58 -29.38
N GLN J 47 -20.46 -19.77 -29.51
CA GLN J 47 -19.87 -20.13 -30.80
C GLN J 47 -20.34 -21.51 -31.26
N LEU J 48 -20.30 -22.49 -30.37
CA LEU J 48 -20.74 -23.86 -30.67
C LEU J 48 -22.20 -23.92 -31.12
N LEU J 49 -23.08 -23.18 -30.44
CA LEU J 49 -24.51 -23.16 -30.78
C LEU J 49 -24.76 -22.54 -32.15
N PHE J 50 -24.02 -21.47 -32.42
CA PHE J 50 -24.05 -20.76 -33.70
C PHE J 50 -23.55 -21.62 -34.84
N LEU J 51 -22.39 -22.26 -34.66
CA LEU J 51 -21.86 -23.13 -35.71
C LEU J 51 -22.78 -24.31 -36.05
N GLN J 52 -23.51 -24.82 -35.06
CA GLN J 52 -24.55 -25.82 -35.31
C GLN J 52 -25.67 -25.28 -36.20
N ALA J 53 -26.17 -24.09 -35.88
CA ALA J 53 -27.24 -23.44 -36.67
C ALA J 53 -26.83 -23.13 -38.10
N GLN J 54 -25.55 -22.81 -38.29
CA GLN J 54 -24.97 -22.65 -39.64
C GLN J 54 -25.02 -23.95 -40.44
N ASP J 55 -24.56 -25.03 -39.83
CA ASP J 55 -24.47 -26.33 -40.48
C ASP J 55 -24.37 -27.42 -39.40
N SER J 56 -25.41 -28.25 -39.29
CA SER J 56 -25.46 -29.30 -38.28
C SER J 56 -24.74 -30.59 -38.66
N GLU J 57 -24.22 -30.65 -39.89
CA GLU J 57 -23.49 -31.82 -40.39
C GLU J 57 -21.97 -31.66 -40.28
N LYS J 58 -21.48 -30.49 -40.69
CA LYS J 58 -20.01 -30.26 -40.79
C LYS J 58 -19.27 -30.24 -39.46
N ASP J 59 -18.02 -30.72 -39.47
CA ASP J 59 -17.17 -30.74 -38.28
C ASP J 59 -16.83 -29.33 -37.76
N ILE J 60 -16.69 -29.25 -36.43
CA ILE J 60 -16.18 -28.08 -35.72
C ILE J 60 -14.77 -28.45 -35.16
N TYR J 61 -13.87 -27.47 -35.13
CA TYR J 61 -12.51 -27.66 -34.64
C TYR J 61 -12.26 -26.81 -33.41
N LEU J 62 -12.02 -27.48 -32.27
CA LEU J 62 -11.73 -26.80 -31.00
C LEU J 62 -10.24 -26.83 -30.65
N TYR J 63 -9.59 -25.68 -30.85
CA TYR J 63 -8.18 -25.48 -30.52
C TYR J 63 -8.06 -25.29 -29.03
N ILE J 64 -7.13 -26.02 -28.41
CA ILE J 64 -6.94 -25.93 -26.96
C ILE J 64 -5.48 -25.60 -26.60
N ASN J 65 -5.27 -24.38 -26.07
CA ASN J 65 -4.01 -23.98 -25.41
C ASN J 65 -4.38 -23.29 -24.11
N SER J 66 -4.67 -24.11 -23.11
CA SER J 66 -5.24 -23.63 -21.84
C SER J 66 -4.64 -24.35 -20.62
N PRO J 67 -4.35 -23.61 -19.53
CA PRO J 67 -3.96 -24.22 -18.28
C PRO J 67 -5.15 -24.76 -17.48
N GLY J 68 -6.37 -24.61 -18.00
CA GLY J 68 -7.58 -25.03 -17.30
C GLY J 68 -8.19 -23.85 -16.56
N GLY J 69 -8.90 -24.14 -15.48
CA GLY J 69 -9.60 -23.11 -14.72
C GLY J 69 -10.87 -23.67 -14.10
N SER J 70 -11.93 -22.87 -14.10
CA SER J 70 -13.19 -23.24 -13.45
C SER J 70 -13.76 -24.58 -13.96
N VAL J 71 -13.98 -25.51 -13.03
CA VAL J 71 -14.61 -26.80 -13.34
C VAL J 71 -16.00 -26.57 -13.91
N THR J 72 -16.77 -25.74 -13.24
CA THR J 72 -18.15 -25.46 -13.60
C THR J 72 -18.30 -24.82 -15.00
N ALA J 73 -17.47 -23.82 -15.28
CA ALA J 73 -17.34 -23.24 -16.63
C ALA J 73 -16.88 -24.27 -17.66
N GLY J 74 -15.96 -25.13 -17.25
CA GLY J 74 -15.52 -26.24 -18.09
C GLY J 74 -16.68 -27.14 -18.48
N PHE J 75 -17.52 -27.50 -17.53
CA PHE J 75 -18.68 -28.33 -17.80
C PHE J 75 -19.77 -27.64 -18.64
N ALA J 76 -19.78 -26.31 -18.69
CA ALA J 76 -20.63 -25.58 -19.61
C ALA J 76 -20.23 -25.88 -21.05
N ILE J 77 -18.93 -25.85 -21.29
CA ILE J 77 -18.37 -26.16 -22.60
C ILE J 77 -18.61 -27.65 -22.93
N TYR J 78 -18.27 -28.53 -21.98
CA TYR J 78 -18.41 -29.98 -22.19
C TYR J 78 -19.83 -30.35 -22.60
N ASP J 79 -20.82 -29.96 -21.78
CA ASP J 79 -22.24 -30.31 -22.05
C ASP J 79 -22.74 -29.78 -23.38
N THR J 80 -22.29 -28.59 -23.78
CA THR J 80 -22.65 -28.00 -25.06
C THR J 80 -22.01 -28.76 -26.22
N ILE J 81 -20.75 -29.18 -26.07
CA ILE J 81 -20.10 -30.05 -27.08
C ILE J 81 -20.91 -31.34 -27.30
N GLN J 82 -21.23 -32.04 -26.21
CA GLN J 82 -21.99 -33.28 -26.31
C GLN J 82 -23.40 -33.09 -26.87
N HIS J 83 -24.05 -31.98 -26.51
CA HIS J 83 -25.43 -31.71 -26.93
C HIS J 83 -25.59 -31.49 -28.42
N ILE J 84 -24.68 -30.71 -29.01
CA ILE J 84 -24.80 -30.36 -30.42
C ILE J 84 -24.52 -31.51 -31.37
N LYS J 85 -25.13 -31.41 -32.55
CA LYS J 85 -25.15 -32.48 -33.53
C LYS J 85 -23.78 -32.69 -34.17
N PRO J 86 -23.07 -31.61 -34.57
CA PRO J 86 -21.76 -31.82 -35.21
C PRO J 86 -20.71 -32.46 -34.32
N ASP J 87 -19.81 -33.22 -34.92
CA ASP J 87 -18.60 -33.68 -34.23
C ASP J 87 -17.75 -32.44 -33.92
N VAL J 88 -17.21 -32.39 -32.69
CA VAL J 88 -16.27 -31.35 -32.28
C VAL J 88 -14.88 -31.97 -32.14
N GLN J 89 -13.99 -31.65 -33.09
CA GLN J 89 -12.60 -32.09 -32.99
C GLN J 89 -11.91 -31.26 -31.93
N THR J 90 -11.00 -31.89 -31.20
CA THR J 90 -10.19 -31.19 -30.19
C THR J 90 -8.72 -31.33 -30.54
N ILE J 91 -7.99 -30.21 -30.55
CA ILE J 91 -6.58 -30.17 -30.97
C ILE J 91 -5.73 -29.40 -29.94
N CYS J 92 -4.89 -30.13 -29.21
CA CYS J 92 -4.05 -29.54 -28.17
C CYS J 92 -2.75 -29.04 -28.74
N ILE J 93 -2.54 -27.73 -28.67
CA ILE J 93 -1.35 -27.09 -29.21
C ILE J 93 -0.76 -26.25 -28.10
N GLY J 94 0.53 -26.44 -27.84
CA GLY J 94 1.18 -25.79 -26.69
C GLY J 94 0.98 -26.52 -25.39
N MET J 95 -0.22 -26.39 -24.80
CA MET J 95 -0.55 -26.97 -23.49
C MET J 95 -2.04 -27.18 -23.28
N ALA J 96 -2.41 -28.31 -22.70
CA ALA J 96 -3.75 -28.52 -22.16
C ALA J 96 -3.65 -29.10 -20.75
N ALA J 97 -4.04 -28.32 -19.74
CA ALA J 97 -3.93 -28.75 -18.34
C ALA J 97 -5.27 -28.62 -17.61
N SER J 98 -5.43 -29.42 -16.55
CA SER J 98 -6.60 -29.36 -15.67
C SER J 98 -7.89 -29.59 -16.49
N MET J 99 -8.82 -28.65 -16.46
CA MET J 99 -10.08 -28.74 -17.21
C MET J 99 -9.83 -28.66 -18.72
N GLY J 100 -8.70 -28.09 -19.11
CA GLY J 100 -8.31 -28.04 -20.51
C GLY J 100 -8.05 -29.41 -21.10
N SER J 101 -7.34 -30.26 -20.35
CA SER J 101 -7.10 -31.64 -20.78
C SER J 101 -8.34 -32.51 -20.64
N PHE J 102 -9.22 -32.16 -19.71
CA PHE J 102 -10.52 -32.83 -19.63
C PHE J 102 -11.31 -32.61 -20.91
N LEU J 103 -11.35 -31.35 -21.37
CA LEU J 103 -12.08 -30.98 -22.58
C LEU J 103 -11.41 -31.52 -23.83
N LEU J 104 -10.10 -31.63 -23.81
CA LEU J 104 -9.36 -32.29 -24.88
C LEU J 104 -9.89 -33.71 -25.08
N ALA J 105 -10.02 -34.45 -23.97
CA ALA J 105 -10.56 -35.81 -23.97
C ALA J 105 -12.04 -35.92 -24.39
N ALA J 106 -12.77 -34.81 -24.27
CA ALA J 106 -14.22 -34.79 -24.57
C ALA J 106 -14.56 -34.57 -26.03
N GLY J 107 -13.54 -34.42 -26.86
CA GLY J 107 -13.73 -34.32 -28.29
C GLY J 107 -14.33 -35.58 -28.88
N ALA J 108 -14.89 -35.42 -30.07
CA ALA J 108 -15.56 -36.51 -30.77
C ALA J 108 -14.61 -37.70 -30.95
N LYS J 109 -15.17 -38.91 -30.78
CA LYS J 109 -14.42 -40.15 -30.84
C LYS J 109 -13.63 -40.25 -32.13
N GLY J 110 -12.32 -40.43 -31.98
CA GLY J 110 -11.42 -40.59 -33.12
C GLY J 110 -10.89 -39.29 -33.70
N LYS J 111 -11.37 -38.16 -33.18
CA LYS J 111 -10.97 -36.84 -33.68
C LYS J 111 -10.39 -35.95 -32.56
N ARG J 112 -9.66 -36.56 -31.64
CA ARG J 112 -8.96 -35.86 -30.56
C ARG J 112 -7.46 -35.92 -30.85
N PHE J 113 -6.86 -34.75 -31.08
CA PHE J 113 -5.48 -34.65 -31.54
C PHE J 113 -4.61 -33.82 -30.62
N ALA J 114 -3.30 -34.00 -30.75
CA ALA J 114 -2.31 -33.11 -30.14
C ALA J 114 -1.10 -33.06 -31.05
N LEU J 115 -0.51 -31.88 -31.18
CA LEU J 115 0.71 -31.72 -31.96
C LEU J 115 1.92 -32.25 -31.16
N PRO J 116 3.04 -32.59 -31.84
CA PRO J 116 4.08 -33.44 -31.23
C PRO J 116 4.65 -32.97 -29.89
N ASN J 117 4.96 -31.69 -29.79
CA ASN J 117 5.56 -31.11 -28.56
C ASN J 117 4.55 -30.43 -27.61
N ALA J 118 3.27 -30.72 -27.78
CA ALA J 118 2.26 -30.18 -26.89
C ALA J 118 2.34 -30.91 -25.56
N GLU J 119 1.95 -30.19 -24.49
CA GLU J 119 2.02 -30.66 -23.11
C GLU J 119 0.63 -30.92 -22.60
N VAL J 120 0.40 -32.12 -22.06
CA VAL J 120 -0.89 -32.46 -21.46
C VAL J 120 -0.63 -32.75 -20.00
N MET J 121 -1.43 -32.15 -19.11
CA MET J 121 -1.33 -32.40 -17.67
C MET J 121 -2.69 -32.69 -17.08
N ILE J 122 -2.73 -33.68 -16.18
CA ILE J 122 -3.95 -34.04 -15.45
C ILE J 122 -3.67 -34.01 -13.95
N HIS J 123 -4.66 -33.56 -13.18
CA HIS J 123 -4.56 -33.52 -11.72
C HIS J 123 -5.95 -33.47 -11.07
N GLN J 124 -6.02 -33.40 -9.74
CA GLN J 124 -7.31 -33.24 -9.04
C GLN J 124 -7.74 -31.78 -9.09
N PRO J 125 -9.05 -31.53 -8.94
CA PRO J 125 -9.56 -30.18 -8.80
C PRO J 125 -9.10 -29.51 -7.51
N LEU J 126 -8.94 -28.20 -7.60
CA LEU J 126 -8.47 -27.36 -6.51
C LEU J 126 -9.64 -26.50 -6.01
N GLY J 127 -9.65 -26.20 -4.72
CA GLY J 127 -10.71 -25.39 -4.16
C GLY J 127 -10.35 -24.88 -2.79
N GLY J 128 -11.38 -24.42 -2.07
CA GLY J 128 -11.19 -23.80 -0.77
C GLY J 128 -12.45 -23.75 0.03
N ALA J 129 -12.27 -23.65 1.34
CA ALA J 129 -13.36 -23.66 2.29
C ALA J 129 -12.94 -22.87 3.52
N GLN J 130 -13.81 -21.99 3.99
CA GLN J 130 -13.53 -21.29 5.20
C GLN J 130 -14.79 -21.06 6.01
N GLY J 131 -14.68 -21.25 7.31
CA GLY J 131 -15.79 -21.00 8.23
C GLY J 131 -16.00 -22.16 9.20
N GLN J 132 -17.27 -22.39 9.53
CA GLN J 132 -17.67 -23.38 10.53
C GLN J 132 -17.35 -24.77 10.05
N ALA J 133 -17.22 -25.70 10.99
CA ALA J 133 -16.94 -27.10 10.66
C ALA J 133 -17.96 -27.67 9.68
N THR J 134 -19.24 -27.37 9.85
CA THR J 134 -20.27 -27.93 8.95
C THR J 134 -20.21 -27.30 7.56
N GLU J 135 -19.77 -26.04 7.48
CA GLU J 135 -19.55 -25.35 6.19
C GLU J 135 -18.38 -25.98 5.42
N ILE J 136 -17.31 -26.30 6.14
CA ILE J 136 -16.14 -26.93 5.56
C ILE J 136 -16.47 -28.34 5.09
N GLU J 137 -17.28 -29.05 5.88
CA GLU J 137 -17.79 -30.38 5.50
C GLU J 137 -18.53 -30.31 4.15
N ILE J 138 -19.46 -29.37 4.05
CA ILE J 138 -20.24 -29.17 2.82
C ILE J 138 -19.33 -28.95 1.60
N ALA J 139 -18.33 -28.08 1.75
CA ALA J 139 -17.42 -27.76 0.67
C ALA J 139 -16.53 -28.92 0.32
N ALA J 140 -16.09 -29.66 1.33
CA ALA J 140 -15.27 -30.86 1.13
C ALA J 140 -16.06 -31.95 0.44
N ASN J 141 -17.30 -32.18 0.86
CA ASN J 141 -18.19 -33.16 0.20
C ASN J 141 -18.43 -32.78 -1.24
N HIS J 142 -18.63 -31.48 -1.46
CA HIS J 142 -18.86 -30.97 -2.80
C HIS J 142 -17.66 -31.19 -3.74
N ILE J 143 -16.46 -30.77 -3.34
CA ILE J 143 -15.28 -30.93 -4.22
C ILE J 143 -14.92 -32.42 -4.45
N LEU J 144 -15.16 -33.27 -3.46
CA LEU J 144 -14.98 -34.70 -3.62
C LEU J 144 -16.01 -35.31 -4.61
N LYS J 145 -17.28 -34.89 -4.52
CA LYS J 145 -18.33 -35.34 -5.46
C LYS J 145 -17.99 -34.88 -6.88
N THR J 146 -17.49 -33.64 -7.02
CA THR J 146 -17.04 -33.15 -8.33
C THR J 146 -15.75 -33.86 -8.82
N ARG J 147 -14.90 -34.37 -7.93
CA ARG J 147 -13.79 -35.24 -8.35
C ARG J 147 -14.26 -36.58 -8.90
N GLU J 148 -15.23 -37.21 -8.22
CA GLU J 148 -15.81 -38.47 -8.70
C GLU J 148 -16.44 -38.31 -10.08
N LYS J 149 -17.18 -37.21 -10.25
CA LYS J 149 -17.84 -36.84 -11.52
C LYS J 149 -16.86 -36.67 -12.67
N LEU J 150 -15.78 -35.94 -12.43
CA LEU J 150 -14.71 -35.77 -13.43
C LEU J 150 -14.00 -37.09 -13.76
N ASN J 151 -13.68 -37.85 -12.72
CA ASN J 151 -12.99 -39.13 -12.86
C ASN J 151 -13.85 -40.14 -13.62
N ARG J 152 -15.15 -40.17 -13.31
CA ARG J 152 -16.08 -41.06 -14.01
C ARG J 152 -16.09 -40.79 -15.53
N ILE J 153 -16.24 -39.51 -15.90
CA ILE J 153 -16.28 -39.13 -17.33
C ILE J 153 -14.93 -39.34 -18.00
N LEU J 154 -13.84 -39.00 -17.35
CA LEU J 154 -12.51 -39.31 -17.90
C LEU J 154 -12.34 -40.82 -18.15
N SER J 155 -12.89 -41.64 -17.25
CA SER J 155 -12.82 -43.10 -17.37
C SER J 155 -13.56 -43.56 -18.61
N GLU J 156 -14.77 -43.02 -18.80
CA GLU J 156 -15.59 -43.31 -19.97
C GLU J 156 -14.90 -42.97 -21.30
N ARG J 157 -14.13 -41.89 -21.32
CA ARG J 157 -13.59 -41.34 -22.56
C ARG J 157 -12.16 -41.73 -22.89
N THR J 158 -11.40 -42.13 -21.87
CA THR J 158 -10.04 -42.68 -22.06
C THR J 158 -10.05 -44.19 -22.15
N GLY J 159 -11.03 -44.81 -21.51
CA GLY J 159 -11.06 -46.26 -21.36
C GLY J 159 -10.28 -46.78 -20.17
N GLN J 160 -9.69 -45.89 -19.38
CA GLN J 160 -9.01 -46.26 -18.16
C GLN J 160 -10.02 -46.43 -17.04
N SER J 161 -9.65 -47.16 -16.00
CA SER J 161 -10.52 -47.37 -14.84
C SER J 161 -10.58 -46.14 -13.95
N ILE J 162 -11.67 -46.01 -13.20
CA ILE J 162 -11.81 -44.95 -12.20
C ILE J 162 -10.67 -45.00 -11.19
N GLU J 163 -10.34 -46.21 -10.74
CA GLU J 163 -9.25 -46.44 -9.76
C GLU J 163 -7.89 -45.95 -10.27
N LYS J 164 -7.59 -46.18 -11.55
CA LYS J 164 -6.31 -45.75 -12.15
C LYS J 164 -6.24 -44.23 -12.33
N ILE J 165 -7.35 -43.63 -12.76
CA ILE J 165 -7.43 -42.17 -12.89
C ILE J 165 -7.26 -41.45 -11.53
N GLN J 166 -7.92 -41.97 -10.49
CA GLN J 166 -7.73 -41.47 -9.12
C GLN J 166 -6.25 -41.44 -8.70
N LYS J 167 -5.58 -42.59 -8.84
CA LYS J 167 -4.14 -42.73 -8.52
C LYS J 167 -3.30 -41.76 -9.34
N ASP J 168 -3.56 -41.72 -10.65
CA ASP J 168 -2.78 -40.91 -11.59
C ASP J 168 -3.03 -39.39 -11.51
N THR J 169 -4.21 -38.97 -11.03
CA THR J 169 -4.49 -37.55 -10.84
C THR J 169 -4.17 -37.03 -9.42
N ASP J 170 -3.68 -37.89 -8.51
CA ASP J 170 -3.43 -37.49 -7.10
C ASP J 170 -2.48 -36.30 -6.99
N ARG J 171 -1.40 -36.38 -7.76
CA ARG J 171 -0.45 -35.26 -7.84
C ARG J 171 -0.38 -34.87 -9.31
N ASP J 172 0.14 -33.69 -9.61
CA ASP J 172 0.32 -33.22 -10.98
C ASP J 172 1.03 -34.29 -11.79
N ASN J 173 0.49 -34.59 -12.98
CA ASN J 173 0.99 -35.64 -13.86
C ASN J 173 1.16 -35.07 -15.26
N PHE J 174 2.40 -34.76 -15.63
CA PHE J 174 2.71 -34.27 -16.96
C PHE J 174 2.87 -35.45 -17.91
N LEU J 175 2.22 -35.34 -19.08
CA LEU J 175 2.30 -36.30 -20.18
C LEU J 175 2.83 -35.64 -21.46
N THR J 176 3.64 -36.37 -22.23
CA THR J 176 3.90 -36.03 -23.65
C THR J 176 2.68 -36.33 -24.49
N ALA J 177 2.65 -35.75 -25.69
CA ALA J 177 1.59 -36.00 -26.66
C ALA J 177 1.45 -37.50 -26.88
N GLU J 178 2.58 -38.16 -27.08
CA GLU J 178 2.60 -39.61 -27.30
C GLU J 178 2.04 -40.38 -26.08
N GLU J 179 2.44 -39.96 -24.88
CA GLU J 179 1.91 -40.55 -23.63
C GLU J 179 0.40 -40.32 -23.46
N ALA J 180 -0.09 -39.17 -23.90
CA ALA J 180 -1.51 -38.87 -23.89
C ALA J 180 -2.32 -39.80 -24.81
N LYS J 181 -1.74 -40.14 -25.98
CA LYS J 181 -2.34 -41.10 -26.89
C LYS J 181 -2.46 -42.44 -26.22
N GLU J 182 -1.35 -42.93 -25.65
CA GLU J 182 -1.33 -44.21 -24.94
C GLU J 182 -2.32 -44.25 -23.78
N TYR J 183 -2.48 -43.12 -23.10
CA TYR J 183 -3.42 -43.00 -21.98
C TYR J 183 -4.89 -42.99 -22.41
N GLY J 184 -5.17 -42.52 -23.63
CA GLY J 184 -6.55 -42.43 -24.14
C GLY J 184 -7.17 -41.04 -24.08
N LEU J 185 -6.39 -40.04 -23.71
CA LEU J 185 -6.85 -38.64 -23.69
C LEU J 185 -6.98 -38.09 -25.10
N ILE J 186 -6.14 -38.59 -26.01
CA ILE J 186 -6.25 -38.28 -27.42
C ILE J 186 -6.20 -39.57 -28.24
N ASP J 187 -6.59 -39.45 -29.51
CA ASP J 187 -6.58 -40.58 -30.45
C ASP J 187 -5.30 -40.65 -31.31
N GLU J 188 -4.78 -39.49 -31.72
CA GLU J 188 -3.56 -39.44 -32.53
C GLU J 188 -2.70 -38.24 -32.21
N VAL J 189 -1.40 -38.40 -32.40
CA VAL J 189 -0.47 -37.28 -32.47
C VAL J 189 -0.43 -36.80 -33.91
N MET J 190 -0.77 -35.54 -34.15
CA MET J 190 -0.83 -35.00 -35.51
C MET J 190 0.58 -34.71 -36.05
N VAL J 191 1.04 -35.62 -36.90
CA VAL J 191 2.35 -35.54 -37.54
C VAL J 191 2.37 -34.40 -38.59
N PRO J 192 3.56 -33.79 -38.83
CA PRO J 192 3.67 -32.80 -39.94
C PRO J 192 3.57 -33.37 -41.38
N GLU J 193 2.98 -32.56 -42.27
CA GLU J 193 2.43 -32.98 -43.57
C GLU J 193 3.54 -33.30 -44.61
N THR J 194 3.16 -33.87 -45.75
CA THR J 194 4.12 -34.27 -46.77
C THR J 194 3.68 -33.77 -48.16
N ILE K 4 -0.39 2.98 -33.18
CA ILE K 4 -0.28 2.07 -34.35
C ILE K 4 -0.73 2.82 -35.60
N PRO K 5 0.16 3.06 -36.57
CA PRO K 5 -0.20 3.90 -37.72
C PRO K 5 -1.09 3.20 -38.76
N THR K 6 -2.09 3.94 -39.27
CA THR K 6 -2.95 3.35 -40.29
C THR K 6 -2.42 3.75 -41.67
N VAL K 7 -2.41 2.80 -42.61
CA VAL K 7 -2.05 3.06 -44.00
C VAL K 7 -3.25 2.68 -44.89
N ILE K 8 -3.45 3.43 -45.98
CA ILE K 8 -4.57 3.21 -46.89
C ILE K 8 -4.05 2.77 -48.25
N GLU K 9 -4.56 1.64 -48.73
CA GLU K 9 -4.12 1.09 -50.04
C GLU K 9 -5.18 1.34 -51.10
N THR K 10 -4.74 1.61 -52.33
CA THR K 10 -5.63 1.91 -53.46
C THR K 10 -5.57 0.86 -54.57
N THR K 11 -6.74 0.41 -55.04
CA THR K 11 -6.85 -0.64 -56.10
C THR K 11 -7.98 -0.37 -57.13
N ASN K 12 -8.41 -1.38 -57.90
CA ASN K 12 -9.45 -1.22 -58.93
C ASN K 12 -10.84 -1.45 -58.36
N ARG K 13 -10.95 -2.27 -57.31
CA ARG K 13 -12.25 -2.52 -56.65
C ARG K 13 -12.50 -1.61 -55.39
N GLY K 14 -11.62 -0.64 -55.12
CA GLY K 14 -11.72 0.15 -53.87
C GLY K 14 -10.41 0.63 -53.22
N GLU K 15 -10.58 1.27 -52.06
CA GLU K 15 -9.52 1.56 -51.04
C GLU K 15 -9.81 0.73 -49.76
N ARG K 16 -8.75 0.13 -49.23
CA ARG K 16 -8.74 -0.54 -47.91
C ARG K 16 -7.81 0.16 -46.95
N ALA K 17 -8.27 0.29 -45.71
CA ALA K 17 -7.47 0.81 -44.58
C ALA K 17 -6.91 -0.34 -43.73
N TYR K 18 -5.63 -0.27 -43.41
CA TYR K 18 -4.95 -1.29 -42.62
C TYR K 18 -4.14 -0.61 -41.52
N ASP K 19 -4.20 -1.16 -40.32
CA ASP K 19 -3.17 -0.85 -39.32
C ASP K 19 -1.87 -1.48 -39.82
N ILE K 20 -0.77 -0.82 -39.54
CA ILE K 20 0.52 -1.18 -40.14
C ILE K 20 0.82 -2.70 -40.02
N TYR K 21 0.52 -3.29 -38.86
CA TYR K 21 0.82 -4.72 -38.62
C TYR K 21 -0.06 -5.62 -39.46
N SER K 22 -1.33 -5.27 -39.58
CA SER K 22 -2.26 -6.01 -40.45
C SER K 22 -1.85 -5.95 -41.92
N ARG K 23 -1.22 -4.85 -42.31
CA ARG K 23 -0.72 -4.68 -43.68
C ARG K 23 0.47 -5.57 -43.95
N LEU K 24 1.35 -5.68 -42.98
CA LEU K 24 2.45 -6.64 -43.07
C LEU K 24 1.89 -8.07 -43.21
N LEU K 25 0.83 -8.37 -42.47
CA LEU K 25 0.19 -9.70 -42.56
C LEU K 25 -0.38 -9.97 -43.94
N LYS K 26 -0.88 -8.93 -44.63
CA LYS K 26 -1.33 -9.08 -46.03
C LYS K 26 -0.21 -9.53 -46.98
N ASP K 27 1.03 -9.13 -46.69
CA ASP K 27 2.23 -9.63 -47.40
C ASP K 27 2.93 -10.82 -46.71
N ARG K 28 2.18 -11.59 -45.92
CA ARG K 28 2.66 -12.83 -45.28
C ARG K 28 3.81 -12.63 -44.27
N ILE K 29 3.81 -11.47 -43.61
CA ILE K 29 4.77 -11.16 -42.57
C ILE K 29 4.06 -11.18 -41.21
N ILE K 30 4.54 -12.03 -40.31
CA ILE K 30 4.02 -12.14 -38.95
C ILE K 30 5.01 -11.53 -37.95
N MET K 31 4.51 -10.68 -37.06
CA MET K 31 5.33 -10.00 -36.07
C MET K 31 5.28 -10.76 -34.74
N LEU K 32 6.41 -11.34 -34.36
CA LEU K 32 6.65 -11.82 -32.98
C LEU K 32 7.58 -10.80 -32.32
N GLY K 33 6.98 -9.77 -31.71
CA GLY K 33 7.71 -8.61 -31.23
C GLY K 33 7.56 -8.31 -29.75
N SER K 34 7.18 -9.30 -28.95
CA SER K 34 6.93 -9.07 -27.53
C SER K 34 7.20 -10.34 -26.71
N GLN K 35 7.03 -10.24 -25.40
CA GLN K 35 7.15 -11.41 -24.50
C GLN K 35 6.13 -12.45 -24.96
N ILE K 36 6.59 -13.70 -25.07
CA ILE K 36 5.77 -14.81 -25.54
C ILE K 36 4.90 -15.30 -24.38
N ASP K 37 3.60 -15.03 -24.44
CA ASP K 37 2.64 -15.63 -23.52
C ASP K 37 1.60 -16.38 -24.35
N ASP K 38 0.59 -16.98 -23.69
CA ASP K 38 -0.42 -17.74 -24.40
C ASP K 38 -1.19 -16.90 -25.45
N ASN K 39 -1.47 -15.63 -25.16
CA ASN K 39 -2.15 -14.73 -26.14
C ASN K 39 -1.38 -14.53 -27.41
N VAL K 40 -0.12 -14.16 -27.26
CA VAL K 40 0.77 -13.92 -28.37
C VAL K 40 0.89 -15.20 -29.20
N ALA K 41 1.06 -16.34 -28.55
CA ALA K 41 1.14 -17.62 -29.26
C ALA K 41 -0.13 -17.92 -30.07
N ASN K 42 -1.30 -17.80 -29.44
CA ASN K 42 -2.57 -18.04 -30.12
C ASN K 42 -2.77 -17.18 -31.38
N SER K 43 -2.40 -15.90 -31.28
CA SER K 43 -2.45 -14.97 -32.42
C SER K 43 -1.52 -15.43 -33.54
N ILE K 44 -0.26 -15.74 -33.20
CA ILE K 44 0.75 -16.20 -34.20
C ILE K 44 0.26 -17.50 -34.87
N VAL K 45 -0.22 -18.44 -34.06
CA VAL K 45 -0.73 -19.73 -34.57
C VAL K 45 -1.85 -19.48 -35.55
N SER K 46 -2.79 -18.63 -35.16
CA SER K 46 -3.93 -18.31 -36.02
C SER K 46 -3.50 -17.63 -37.32
N GLN K 47 -2.49 -16.77 -37.26
CA GLN K 47 -1.94 -16.13 -38.45
C GLN K 47 -1.32 -17.16 -39.38
N LEU K 48 -0.51 -18.05 -38.81
CA LEU K 48 0.15 -19.10 -39.57
C LEU K 48 -0.84 -20.02 -40.30
N LEU K 49 -1.91 -20.40 -39.61
CA LEU K 49 -2.92 -21.29 -40.20
C LEU K 49 -3.69 -20.62 -41.36
N PHE K 50 -4.00 -19.34 -41.15
CA PHE K 50 -4.65 -18.51 -42.15
C PHE K 50 -3.77 -18.31 -43.36
N LEU K 51 -2.51 -17.96 -43.16
CA LEU K 51 -1.61 -17.74 -44.31
C LEU K 51 -1.43 -19.01 -45.16
N GLN K 52 -1.47 -20.18 -44.52
CA GLN K 52 -1.47 -21.45 -45.25
C GLN K 52 -2.69 -21.61 -46.14
N ALA K 53 -3.86 -21.32 -45.57
CA ALA K 53 -5.12 -21.41 -46.31
C ALA K 53 -5.17 -20.44 -47.50
N GLN K 54 -4.55 -19.27 -47.35
CA GLN K 54 -4.42 -18.30 -48.44
C GLN K 54 -3.61 -18.87 -49.59
N ASP K 55 -2.46 -19.44 -49.24
CA ASP K 55 -1.50 -19.95 -50.22
C ASP K 55 -0.56 -20.92 -49.51
N SER K 56 -0.66 -22.20 -49.84
CA SER K 56 0.17 -23.24 -49.20
C SER K 56 1.57 -23.40 -49.82
N GLU K 57 1.86 -22.66 -50.88
CA GLU K 57 3.16 -22.70 -51.56
C GLU K 57 4.08 -21.57 -51.12
N LYS K 58 3.55 -20.35 -51.04
CA LYS K 58 4.34 -19.11 -50.81
C LYS K 58 4.95 -19.02 -49.42
N ASP K 59 6.15 -18.46 -49.35
CA ASP K 59 6.85 -18.29 -48.09
C ASP K 59 6.12 -17.36 -47.13
N ILE K 60 6.29 -17.66 -45.83
CA ILE K 60 5.87 -16.80 -44.73
C ILE K 60 7.13 -16.24 -44.05
N TYR K 61 7.04 -15.01 -43.55
CA TYR K 61 8.16 -14.32 -42.89
C TYR K 61 7.84 -14.05 -41.42
N LEU K 62 8.59 -14.67 -40.52
CA LEU K 62 8.41 -14.47 -39.07
C LEU K 62 9.49 -13.55 -38.52
N TYR K 63 9.10 -12.31 -38.27
CA TYR K 63 9.94 -11.31 -37.61
C TYR K 63 10.03 -11.62 -36.12
N ILE K 64 11.24 -11.62 -35.57
CA ILE K 64 11.45 -11.92 -34.16
C ILE K 64 12.21 -10.80 -33.46
N ASN K 65 11.54 -10.08 -32.56
CA ASN K 65 12.18 -9.17 -31.58
C ASN K 65 11.56 -9.45 -30.21
N SER K 66 12.03 -10.50 -29.55
CA SER K 66 11.40 -11.02 -28.34
C SER K 66 12.42 -11.48 -27.31
N PRO K 67 12.17 -11.19 -26.02
CA PRO K 67 13.02 -11.70 -24.95
C PRO K 67 12.68 -13.14 -24.57
N GLY K 68 11.71 -13.73 -25.26
CA GLY K 68 11.23 -15.09 -24.95
C GLY K 68 10.01 -15.05 -24.04
N GLY K 69 9.85 -16.10 -23.25
CA GLY K 69 8.69 -16.20 -22.37
C GLY K 69 8.28 -17.64 -22.18
N SER K 70 6.98 -17.89 -22.14
CA SER K 70 6.44 -19.22 -21.86
C SER K 70 6.96 -20.28 -22.83
N VAL K 71 7.54 -21.34 -22.27
CA VAL K 71 8.03 -22.47 -23.07
C VAL K 71 6.88 -23.13 -23.80
N THR K 72 5.80 -23.37 -23.07
CA THR K 72 4.63 -24.04 -23.59
C THR K 72 3.92 -23.28 -24.75
N ALA K 73 3.76 -21.97 -24.56
CA ALA K 73 3.30 -21.08 -25.63
C ALA K 73 4.27 -21.04 -26.80
N GLY K 74 5.56 -21.07 -26.51
CA GLY K 74 6.60 -21.16 -27.54
C GLY K 74 6.45 -22.41 -28.41
N PHE K 75 6.22 -23.55 -27.75
CA PHE K 75 5.98 -24.81 -28.48
C PHE K 75 4.63 -24.86 -29.26
N ALA K 76 3.67 -24.00 -28.91
CA ALA K 76 2.47 -23.84 -29.73
C ALA K 76 2.84 -23.26 -31.07
N ILE K 77 3.69 -22.24 -31.05
CA ILE K 77 4.18 -21.61 -32.27
C ILE K 77 5.06 -22.59 -33.06
N TYR K 78 6.01 -23.22 -32.39
CA TYR K 78 6.96 -24.15 -33.02
C TYR K 78 6.22 -25.25 -33.77
N ASP K 79 5.33 -25.97 -33.08
CA ASP K 79 4.59 -27.08 -33.70
C ASP K 79 3.75 -26.66 -34.90
N THR K 80 3.15 -25.47 -34.82
CA THR K 80 2.36 -24.93 -35.92
C THR K 80 3.25 -24.56 -37.11
N ILE K 81 4.43 -23.98 -36.88
CA ILE K 81 5.40 -23.72 -37.95
C ILE K 81 5.74 -25.02 -38.69
N GLN K 82 6.11 -26.05 -37.93
CA GLN K 82 6.50 -27.34 -38.53
C GLN K 82 5.34 -28.02 -39.24
N HIS K 83 4.14 -27.91 -38.70
CA HIS K 83 2.96 -28.57 -39.27
C HIS K 83 2.55 -28.03 -40.64
N ILE K 84 2.55 -26.72 -40.80
CA ILE K 84 2.08 -26.11 -42.05
C ILE K 84 3.02 -26.35 -43.22
N LYS K 85 2.43 -26.31 -44.40
CA LYS K 85 3.13 -26.62 -45.65
C LYS K 85 4.18 -25.57 -46.05
N PRO K 86 3.84 -24.26 -45.99
CA PRO K 86 4.81 -23.26 -46.40
C PRO K 86 6.08 -23.25 -45.56
N ASP K 87 7.19 -22.89 -46.19
CA ASP K 87 8.39 -22.52 -45.45
C ASP K 87 8.12 -21.25 -44.62
N VAL K 88 8.56 -21.26 -43.36
CA VAL K 88 8.49 -20.08 -42.49
C VAL K 88 9.90 -19.54 -42.29
N GLN K 89 10.19 -18.39 -42.93
CA GLN K 89 11.45 -17.71 -42.70
C GLN K 89 11.42 -17.07 -41.32
N THR K 90 12.57 -17.07 -40.63
CA THR K 90 12.72 -16.40 -39.33
C THR K 90 13.80 -15.35 -39.43
N ILE K 91 13.49 -14.14 -38.96
CA ILE K 91 14.39 -12.98 -39.08
C ILE K 91 14.48 -12.28 -37.73
N CYS K 92 15.66 -12.38 -37.11
CA CYS K 92 15.90 -11.75 -35.82
C CYS K 92 16.37 -10.32 -35.98
N ILE K 93 15.57 -9.37 -35.48
CA ILE K 93 15.88 -7.95 -35.56
C ILE K 93 15.77 -7.39 -34.16
N GLY K 94 16.83 -6.69 -33.72
CA GLY K 94 16.93 -6.21 -32.33
C GLY K 94 17.43 -7.25 -31.36
N MET K 95 16.56 -8.21 -30.99
CA MET K 95 16.88 -9.25 -29.99
C MET K 95 16.04 -10.50 -30.15
N ALA K 96 16.67 -11.67 -30.02
CA ALA K 96 15.94 -12.95 -29.84
C ALA K 96 16.54 -13.73 -28.67
N ALA K 97 15.81 -13.85 -27.57
CA ALA K 97 16.31 -14.49 -26.35
C ALA K 97 15.37 -15.60 -25.86
N SER K 98 15.93 -16.58 -25.14
CA SER K 98 15.16 -17.66 -24.51
C SER K 98 14.39 -18.46 -25.58
N MET K 99 13.06 -18.54 -25.45
CA MET K 99 12.20 -19.20 -26.43
C MET K 99 12.17 -18.46 -27.78
N GLY K 100 12.50 -17.17 -27.76
CA GLY K 100 12.60 -16.38 -28.98
C GLY K 100 13.73 -16.87 -29.88
N SER K 101 14.88 -17.16 -29.30
CA SER K 101 16.01 -17.69 -30.07
C SER K 101 15.78 -19.15 -30.44
N PHE K 102 15.02 -19.88 -29.63
CA PHE K 102 14.62 -21.23 -29.99
C PHE K 102 13.81 -21.24 -31.28
N LEU K 103 12.85 -20.33 -31.33
CA LEU K 103 11.97 -20.19 -32.50
C LEU K 103 12.71 -19.64 -33.71
N LEU K 104 13.69 -18.78 -33.46
CA LEU K 104 14.56 -18.30 -34.54
C LEU K 104 15.21 -19.49 -35.24
N ALA K 105 15.75 -20.42 -34.44
CA ALA K 105 16.36 -21.66 -34.95
C ALA K 105 15.39 -22.64 -35.62
N ALA K 106 14.11 -22.52 -35.32
CA ALA K 106 13.07 -23.39 -35.86
C ALA K 106 12.56 -23.00 -37.27
N GLY K 107 13.07 -21.91 -37.81
CA GLY K 107 12.72 -21.49 -39.15
C GLY K 107 13.17 -22.51 -40.18
N ALA K 108 12.56 -22.41 -41.35
CA ALA K 108 12.83 -23.32 -42.46
C ALA K 108 14.32 -23.34 -42.81
N LYS K 109 14.81 -24.54 -43.11
CA LYS K 109 16.24 -24.76 -43.39
C LYS K 109 16.72 -23.81 -44.48
N GLY K 110 17.77 -23.06 -44.14
CA GLY K 110 18.41 -22.15 -45.10
C GLY K 110 17.79 -20.77 -45.15
N LYS K 111 16.69 -20.57 -44.40
CA LYS K 111 15.96 -19.29 -44.41
C LYS K 111 15.81 -18.71 -43.00
N ARG K 112 16.84 -18.89 -42.18
CA ARG K 112 16.92 -18.33 -40.83
C ARG K 112 17.95 -17.20 -40.84
N PHE K 113 17.49 -15.98 -40.61
CA PHE K 113 18.33 -14.78 -40.76
C PHE K 113 18.40 -13.96 -39.48
N ALA K 114 19.41 -13.11 -39.43
CA ALA K 114 19.51 -12.08 -38.41
C ALA K 114 20.21 -10.89 -39.01
N LEU K 115 19.76 -9.70 -38.66
CA LEU K 115 20.42 -8.46 -39.12
C LEU K 115 21.70 -8.22 -38.30
N PRO K 116 22.65 -7.42 -38.83
CA PRO K 116 24.03 -7.42 -38.31
C PRO K 116 24.21 -7.18 -36.81
N ASN K 117 23.51 -6.19 -36.26
CA ASN K 117 23.61 -5.82 -34.83
C ASN K 117 22.51 -6.43 -33.94
N ALA K 118 21.83 -7.46 -34.43
CA ALA K 118 20.82 -8.14 -33.64
C ALA K 118 21.51 -9.00 -32.59
N GLU K 119 20.83 -9.17 -31.45
CA GLU K 119 21.36 -9.88 -30.29
C GLU K 119 20.63 -11.20 -30.16
N VAL K 120 21.38 -12.28 -30.05
CA VAL K 120 20.80 -13.60 -29.80
C VAL K 120 21.33 -14.13 -28.47
N MET K 121 20.44 -14.62 -27.61
CA MET K 121 20.81 -15.18 -26.33
C MET K 121 20.15 -16.52 -26.13
N ILE K 122 20.92 -17.47 -25.58
CA ILE K 122 20.40 -18.79 -25.22
C ILE K 122 20.69 -19.07 -23.75
N HIS K 123 19.75 -19.74 -23.08
CA HIS K 123 19.94 -20.15 -21.68
C HIS K 123 19.01 -21.33 -21.32
N GLN K 124 19.03 -21.77 -20.05
CA GLN K 124 18.11 -22.81 -19.59
C GLN K 124 16.75 -22.19 -19.29
N PRO K 125 15.69 -23.01 -19.31
CA PRO K 125 14.39 -22.57 -18.88
C PRO K 125 14.34 -22.26 -17.39
N LEU K 126 13.48 -21.29 -17.06
CA LEU K 126 13.30 -20.79 -15.71
C LEU K 126 11.92 -21.25 -15.20
N GLY K 127 11.81 -21.50 -13.92
CA GLY K 127 10.55 -21.91 -13.33
C GLY K 127 10.53 -21.76 -11.84
N GLY K 128 9.57 -22.44 -11.21
CA GLY K 128 9.40 -22.36 -9.78
C GLY K 128 8.60 -23.50 -9.22
N ALA K 129 8.80 -23.76 -7.95
CA ALA K 129 8.14 -24.85 -7.27
C ALA K 129 7.98 -24.48 -5.81
N GLN K 130 6.80 -24.73 -5.26
CA GLN K 130 6.58 -24.48 -3.86
C GLN K 130 5.64 -25.49 -3.26
N GLY K 131 5.97 -25.96 -2.07
CA GLY K 131 5.11 -26.88 -1.32
C GLY K 131 5.89 -28.06 -0.78
N GLN K 132 5.23 -29.22 -0.76
CA GLN K 132 5.79 -30.45 -0.20
C GLN K 132 6.98 -30.95 -1.00
N ALA K 133 7.83 -31.74 -0.37
CA ALA K 133 8.99 -32.30 -1.03
C ALA K 133 8.62 -33.06 -2.31
N THR K 134 7.54 -33.85 -2.29
CA THR K 134 7.15 -34.62 -3.49
C THR K 134 6.57 -33.74 -4.60
N GLU K 135 5.96 -32.62 -4.21
CA GLU K 135 5.50 -31.60 -5.18
C GLU K 135 6.68 -30.91 -5.88
N ILE K 136 7.71 -30.58 -5.11
CA ILE K 136 8.93 -29.95 -5.66
C ILE K 136 9.68 -30.92 -6.58
N GLU K 137 9.72 -32.19 -6.19
CA GLU K 137 10.29 -33.25 -7.03
C GLU K 137 9.59 -33.29 -8.40
N ILE K 138 8.26 -33.33 -8.39
CA ILE K 138 7.45 -33.35 -9.62
C ILE K 138 7.80 -32.18 -10.54
N ALA K 139 7.87 -30.99 -9.96
CA ALA K 139 8.15 -29.76 -10.71
C ALA K 139 9.57 -29.74 -11.23
N ALA K 140 10.51 -30.23 -10.41
CA ALA K 140 11.92 -30.34 -10.80
C ALA K 140 12.13 -31.36 -11.94
N ASN K 141 11.49 -32.52 -11.83
CA ASN K 141 11.50 -33.52 -12.91
C ASN K 141 10.91 -32.98 -14.19
N HIS K 142 9.81 -32.23 -14.04
CA HIS K 142 9.15 -31.62 -15.19
C HIS K 142 10.03 -30.60 -15.92
N ILE K 143 10.59 -29.62 -15.20
CA ILE K 143 11.42 -28.61 -15.86
C ILE K 143 12.70 -29.21 -16.47
N LEU K 144 13.25 -30.25 -15.83
CA LEU K 144 14.41 -30.96 -16.37
C LEU K 144 14.07 -31.73 -17.66
N LYS K 145 12.91 -32.39 -17.67
CA LYS K 145 12.43 -33.09 -18.89
C LYS K 145 12.21 -32.08 -20.02
N THR K 146 11.65 -30.92 -19.70
CA THR K 146 11.47 -29.83 -20.65
C THR K 146 12.80 -29.24 -21.14
N ARG K 147 13.83 -29.25 -20.30
CA ARG K 147 15.17 -28.85 -20.74
C ARG K 147 15.74 -29.84 -21.77
N GLU K 148 15.60 -31.14 -21.50
CA GLU K 148 16.08 -32.19 -22.42
C GLU K 148 15.40 -32.08 -23.78
N LYS K 149 14.10 -31.86 -23.74
CA LYS K 149 13.27 -31.65 -24.92
C LYS K 149 13.72 -30.45 -25.77
N LEU K 150 13.96 -29.31 -25.13
CA LEU K 150 14.45 -28.12 -25.82
C LEU K 150 15.86 -28.35 -26.39
N ASN K 151 16.71 -28.95 -25.58
CA ASN K 151 18.11 -29.22 -25.96
C ASN K 151 18.19 -30.19 -27.15
N ARG K 152 17.35 -31.23 -27.13
CA ARG K 152 17.28 -32.21 -28.22
C ARG K 152 16.93 -31.54 -29.55
N ILE K 153 15.89 -30.71 -29.55
CA ILE K 153 15.45 -30.01 -30.76
C ILE K 153 16.47 -28.97 -31.21
N LEU K 154 17.03 -28.20 -30.28
CA LEU K 154 18.12 -27.27 -30.65
C LEU K 154 19.31 -28.01 -31.30
N SER K 155 19.61 -29.21 -30.79
CA SER K 155 20.69 -30.03 -31.34
C SER K 155 20.40 -30.41 -32.79
N GLU K 156 19.17 -30.87 -33.03
CA GLU K 156 18.70 -31.23 -34.38
C GLU K 156 18.80 -30.09 -35.37
N ARG K 157 18.55 -28.87 -34.93
CA ARG K 157 18.42 -27.72 -35.84
C ARG K 157 19.64 -26.85 -35.98
N THR K 158 20.56 -26.91 -35.01
CA THR K 158 21.87 -26.24 -35.09
C THR K 158 22.94 -27.15 -35.63
N GLY K 159 22.78 -28.46 -35.39
CA GLY K 159 23.81 -29.45 -35.70
C GLY K 159 24.82 -29.63 -34.59
N GLN K 160 24.64 -28.91 -33.48
CA GLN K 160 25.51 -29.06 -32.30
C GLN K 160 25.05 -30.26 -31.50
N SER K 161 25.93 -30.81 -30.67
CA SER K 161 25.59 -31.96 -29.81
C SER K 161 24.74 -31.53 -28.62
N ILE K 162 23.96 -32.46 -28.09
CA ILE K 162 23.18 -32.23 -26.87
C ILE K 162 24.10 -31.81 -25.71
N GLU K 163 25.26 -32.47 -25.60
CA GLU K 163 26.25 -32.17 -24.54
C GLU K 163 26.78 -30.74 -24.62
N LYS K 164 27.03 -30.24 -25.82
CA LYS K 164 27.54 -28.88 -26.00
C LYS K 164 26.48 -27.83 -25.71
N ILE K 165 25.25 -28.09 -26.14
CA ILE K 165 24.13 -27.20 -25.86
C ILE K 165 23.85 -27.07 -24.35
N GLN K 166 23.88 -28.20 -23.64
CA GLN K 166 23.76 -28.22 -22.17
C GLN K 166 24.79 -27.30 -21.51
N LYS K 167 26.07 -27.50 -21.86
CA LYS K 167 27.19 -26.69 -21.33
C LYS K 167 26.96 -25.22 -21.66
N ASP K 168 26.62 -24.93 -22.91
CA ASP K 168 26.49 -23.55 -23.41
C ASP K 168 25.25 -22.81 -22.95
N THR K 169 24.20 -23.55 -22.59
CA THR K 169 22.99 -22.92 -22.01
C THR K 169 22.96 -22.86 -20.48
N ASP K 170 23.99 -23.34 -19.80
CA ASP K 170 23.99 -23.40 -18.31
C ASP K 170 23.78 -22.01 -17.68
N ARG K 171 24.47 -21.06 -18.28
CA ARG K 171 24.28 -19.68 -17.81
C ARG K 171 23.89 -18.89 -19.04
N ASP K 172 23.43 -17.67 -18.85
CA ASP K 172 23.13 -16.78 -19.97
C ASP K 172 24.33 -16.70 -20.91
N ASN K 173 24.07 -16.88 -22.21
CA ASN K 173 25.09 -16.87 -23.27
C ASN K 173 24.67 -15.91 -24.39
N PHE K 174 25.27 -14.72 -24.40
CA PHE K 174 24.99 -13.74 -25.44
C PHE K 174 25.87 -14.03 -26.66
N LEU K 175 25.23 -14.02 -27.83
CA LEU K 175 25.87 -14.20 -29.14
C LEU K 175 25.64 -12.97 -30.05
N THR K 176 26.66 -12.60 -30.84
CA THR K 176 26.47 -11.72 -32.02
C THR K 176 25.77 -12.48 -33.12
N ALA K 177 25.24 -11.74 -34.07
CA ALA K 177 24.59 -12.32 -35.24
C ALA K 177 25.56 -13.29 -35.92
N GLU K 178 26.80 -12.84 -36.09
CA GLU K 178 27.85 -13.65 -36.73
C GLU K 178 28.14 -14.93 -35.92
N GLU K 179 28.21 -14.80 -34.60
CA GLU K 179 28.38 -15.94 -33.70
C GLU K 179 27.20 -16.94 -33.77
N ALA K 180 25.99 -16.40 -33.95
CA ALA K 180 24.78 -17.22 -34.10
C ALA K 180 24.80 -18.05 -35.38
N LYS K 181 25.33 -17.47 -36.45
CA LYS K 181 25.55 -18.18 -37.71
C LYS K 181 26.51 -19.35 -37.50
N GLU K 182 27.66 -19.07 -36.90
CA GLU K 182 28.68 -20.09 -36.62
C GLU K 182 28.13 -21.20 -35.74
N TYR K 183 27.27 -20.82 -34.80
CA TYR K 183 26.65 -21.78 -33.89
C TYR K 183 25.60 -22.67 -34.57
N GLY K 184 24.96 -22.17 -35.62
CA GLY K 184 23.89 -22.90 -36.32
C GLY K 184 22.46 -22.50 -35.98
N LEU K 185 22.31 -21.44 -35.19
CA LEU K 185 20.99 -20.91 -34.84
C LEU K 185 20.37 -20.21 -36.04
N ILE K 186 21.23 -19.62 -36.87
CA ILE K 186 20.80 -19.00 -38.12
C ILE K 186 21.69 -19.49 -39.25
N ASP K 187 21.22 -19.25 -40.48
CA ASP K 187 21.96 -19.64 -41.68
C ASP K 187 22.80 -18.49 -42.25
N GLU K 188 22.28 -17.26 -42.22
CA GLU K 188 23.01 -16.10 -42.74
C GLU K 188 22.75 -14.84 -41.94
N VAL K 189 23.76 -13.96 -41.93
CA VAL K 189 23.58 -12.60 -41.47
C VAL K 189 23.13 -11.76 -42.67
N MET K 190 21.97 -11.14 -42.57
CA MET K 190 21.41 -10.38 -43.70
C MET K 190 22.12 -9.04 -43.86
N VAL K 191 23.01 -8.99 -44.84
CA VAL K 191 23.80 -7.79 -45.17
C VAL K 191 22.89 -6.71 -45.81
N PRO K 192 23.22 -5.41 -45.63
CA PRO K 192 22.48 -4.34 -46.35
C PRO K 192 22.68 -4.25 -47.89
N GLU K 193 21.62 -3.87 -48.60
CA GLU K 193 21.46 -4.03 -50.06
C GLU K 193 22.27 -3.00 -50.90
N THR K 194 22.15 -3.06 -52.23
CA THR K 194 22.57 -1.95 -53.11
C THR K 194 21.34 -1.30 -53.81
N ILE L 4 -5.46 13.15 -29.92
CA ILE L 4 -4.84 13.00 -31.27
C ILE L 4 -5.83 13.33 -32.39
N PRO L 5 -5.65 14.49 -33.06
CA PRO L 5 -6.67 14.96 -34.00
C PRO L 5 -6.69 14.24 -35.35
N THR L 6 -7.84 14.30 -36.00
CA THR L 6 -8.10 13.71 -37.31
C THR L 6 -8.15 14.80 -38.38
N VAL L 7 -7.56 14.54 -39.53
CA VAL L 7 -7.61 15.44 -40.70
C VAL L 7 -8.24 14.68 -41.87
N ILE L 8 -9.03 15.38 -42.69
CA ILE L 8 -9.72 14.77 -43.82
C ILE L 8 -9.19 15.35 -45.13
N GLU L 9 -8.74 14.47 -46.04
CA GLU L 9 -8.18 14.89 -47.34
C GLU L 9 -9.12 14.61 -48.49
N THR L 10 -9.09 15.46 -49.52
CA THR L 10 -9.89 15.30 -50.75
C THR L 10 -9.02 15.05 -51.99
N THR L 11 -9.31 13.97 -52.71
CA THR L 11 -8.50 13.53 -53.89
C THR L 11 -9.37 12.94 -55.03
N ASN L 12 -8.78 12.17 -55.95
CA ASN L 12 -9.50 11.59 -57.09
C ASN L 12 -10.01 10.17 -56.77
N ARG L 13 -9.39 9.46 -55.82
CA ARG L 13 -9.88 8.14 -55.36
C ARG L 13 -10.78 8.20 -54.09
N GLY L 14 -11.21 9.39 -53.65
CA GLY L 14 -12.05 9.51 -52.44
C GLY L 14 -11.88 10.76 -51.59
N GLU L 15 -12.48 10.69 -50.41
CA GLU L 15 -12.23 11.61 -49.32
C GLU L 15 -11.87 10.77 -48.10
N ARG L 16 -10.57 10.76 -47.76
CA ARG L 16 -9.97 9.83 -46.79
C ARG L 16 -9.65 10.58 -45.47
N ALA L 17 -9.99 9.92 -44.35
CA ALA L 17 -9.73 10.44 -42.99
C ALA L 17 -8.46 9.82 -42.43
N TYR L 18 -7.62 10.66 -41.85
CA TYR L 18 -6.36 10.22 -41.26
C TYR L 18 -6.21 10.82 -39.87
N ASP L 19 -5.75 10.02 -38.91
CA ASP L 19 -5.17 10.58 -37.69
C ASP L 19 -3.86 11.28 -38.10
N ILE L 20 -3.55 12.38 -37.43
CA ILE L 20 -2.46 13.26 -37.85
C ILE L 20 -1.16 12.47 -38.11
N TYR L 21 -0.84 11.48 -37.27
CA TYR L 21 0.42 10.71 -37.41
C TYR L 21 0.40 9.83 -38.65
N SER L 22 -0.74 9.20 -38.92
CA SER L 22 -0.91 8.39 -40.12
C SER L 22 -0.79 9.21 -41.38
N ARG L 23 -1.20 10.47 -41.30
CA ARG L 23 -1.11 11.40 -42.44
C ARG L 23 0.32 11.77 -42.72
N LEU L 24 1.10 11.98 -41.66
CA LEU L 24 2.55 12.18 -41.82
C LEU L 24 3.17 10.95 -42.49
N LEU L 25 2.72 9.75 -42.10
CA LEU L 25 3.23 8.52 -42.69
C LEU L 25 2.92 8.43 -44.18
N LYS L 26 1.79 8.96 -44.61
CA LYS L 26 1.45 9.01 -46.05
C LYS L 26 2.47 9.84 -46.85
N ASP L 27 3.04 10.88 -46.24
CA ASP L 27 4.16 11.64 -46.82
C ASP L 27 5.56 11.14 -46.40
N ARG L 28 5.68 9.86 -46.05
CA ARG L 28 6.97 9.20 -45.72
C ARG L 28 7.71 9.77 -44.48
N ILE L 29 6.93 10.28 -43.52
CA ILE L 29 7.45 10.81 -42.24
C ILE L 29 7.08 9.83 -41.12
N ILE L 30 8.10 9.35 -40.44
CA ILE L 30 7.95 8.44 -39.31
C ILE L 30 8.27 9.20 -38.02
N MET L 31 7.39 9.06 -37.03
CA MET L 31 7.56 9.71 -35.72
C MET L 31 8.19 8.76 -34.70
N LEU L 32 9.43 9.06 -34.31
CA LEU L 32 10.06 8.46 -33.13
C LEU L 32 10.02 9.53 -32.04
N GLY L 33 8.92 9.55 -31.30
CA GLY L 33 8.62 10.63 -30.34
C GLY L 33 8.44 10.19 -28.90
N SER L 34 8.96 9.03 -28.52
CA SER L 34 8.78 8.52 -27.17
C SER L 34 9.95 7.66 -26.72
N GLN L 35 9.90 7.16 -25.48
CA GLN L 35 10.90 6.21 -24.97
C GLN L 35 10.92 4.98 -25.91
N ILE L 36 12.12 4.57 -26.28
CA ILE L 36 12.31 3.45 -27.20
C ILE L 36 12.19 2.14 -26.43
N ASP L 37 11.11 1.42 -26.67
CA ASP L 37 10.94 0.05 -26.16
C ASP L 37 10.71 -0.88 -27.36
N ASP L 38 10.52 -2.17 -27.11
CA ASP L 38 10.31 -3.12 -28.19
C ASP L 38 9.06 -2.77 -29.07
N ASN L 39 7.98 -2.27 -28.47
CA ASN L 39 6.77 -1.87 -29.26
C ASN L 39 7.06 -0.77 -30.24
N VAL L 40 7.67 0.29 -29.75
CA VAL L 40 8.00 1.45 -30.56
C VAL L 40 8.91 1.03 -31.69
N ALA L 41 9.91 0.20 -31.39
CA ALA L 41 10.83 -0.31 -32.42
C ALA L 41 10.10 -1.10 -33.49
N ASN L 42 9.26 -2.05 -33.08
CA ASN L 42 8.50 -2.87 -34.05
C ASN L 42 7.64 -2.05 -34.99
N SER L 43 6.98 -1.03 -34.46
CA SER L 43 6.18 -0.09 -35.27
C SER L 43 7.05 0.65 -36.27
N ILE L 44 8.15 1.24 -35.80
CA ILE L 44 9.08 2.00 -36.67
C ILE L 44 9.64 1.08 -37.77
N VAL L 45 10.08 -0.12 -37.38
CA VAL L 45 10.58 -1.14 -38.34
C VAL L 45 9.53 -1.45 -39.40
N SER L 46 8.30 -1.72 -38.97
CA SER L 46 7.20 -2.00 -39.88
C SER L 46 6.89 -0.85 -40.82
N GLN L 47 6.96 0.38 -40.31
CA GLN L 47 6.77 1.59 -41.15
C GLN L 47 7.87 1.70 -42.20
N LEU L 48 9.12 1.53 -41.78
CA LEU L 48 10.27 1.58 -42.70
C LEU L 48 10.17 0.56 -43.84
N LEU L 49 9.77 -0.67 -43.52
CA LEU L 49 9.67 -1.75 -44.51
C LEU L 49 8.56 -1.49 -45.52
N PHE L 50 7.45 -0.97 -45.00
CA PHE L 50 6.31 -0.55 -45.81
C PHE L 50 6.61 0.63 -46.73
N LEU L 51 7.24 1.68 -46.20
CA LEU L 51 7.62 2.81 -47.03
C LEU L 51 8.59 2.43 -48.17
N GLN L 52 9.47 1.45 -47.92
CA GLN L 52 10.32 0.89 -48.98
C GLN L 52 9.51 0.23 -50.09
N ALA L 53 8.55 -0.60 -49.71
CA ALA L 53 7.70 -1.29 -50.67
C ALA L 53 6.85 -0.33 -51.50
N GLN L 54 6.45 0.79 -50.90
CA GLN L 54 5.73 1.87 -51.61
C GLN L 54 6.61 2.50 -52.69
N ASP L 55 7.84 2.84 -52.32
CA ASP L 55 8.76 3.51 -53.22
C ASP L 55 10.17 3.31 -52.67
N SER L 56 11.00 2.54 -53.38
CA SER L 56 12.38 2.26 -52.94
C SER L 56 13.42 3.35 -53.32
N GLU L 57 12.99 4.38 -54.04
CA GLU L 57 13.84 5.50 -54.42
C GLU L 57 13.70 6.71 -53.49
N LYS L 58 12.45 7.08 -53.17
CA LYS L 58 12.15 8.32 -52.44
C LYS L 58 12.65 8.33 -51.00
N ASP L 59 13.07 9.51 -50.55
CA ASP L 59 13.52 9.69 -49.18
C ASP L 59 12.43 9.42 -48.14
N ILE L 60 12.87 8.91 -46.97
CA ILE L 60 12.06 8.78 -45.74
C ILE L 60 12.58 9.80 -44.72
N TYR L 61 11.66 10.35 -43.92
CA TYR L 61 12.01 11.33 -42.88
C TYR L 61 11.73 10.78 -41.48
N LEU L 62 12.77 10.60 -40.68
CA LEU L 62 12.63 10.11 -39.30
C LEU L 62 12.76 11.24 -38.30
N TYR L 63 11.62 11.66 -37.76
CA TYR L 63 11.53 12.66 -36.69
C TYR L 63 11.95 12.03 -35.37
N ILE L 64 12.84 12.69 -34.63
CA ILE L 64 13.33 12.15 -33.35
C ILE L 64 13.13 13.17 -32.22
N ASN L 65 12.21 12.84 -31.30
CA ASN L 65 12.08 13.53 -30.00
C ASN L 65 11.96 12.45 -28.93
N SER L 66 13.11 11.91 -28.53
CA SER L 66 13.16 10.73 -27.66
C SER L 66 14.27 10.82 -26.64
N PRO L 67 14.01 10.38 -25.40
CA PRO L 67 15.07 10.29 -24.39
C PRO L 67 15.90 9.02 -24.53
N GLY L 68 15.62 8.21 -25.53
CA GLY L 68 16.30 6.94 -25.73
C GLY L 68 15.52 5.80 -25.09
N GLY L 69 16.24 4.75 -24.68
CA GLY L 69 15.61 3.56 -24.10
C GLY L 69 16.39 2.31 -24.42
N SER L 70 15.69 1.23 -24.72
CA SER L 70 16.30 -0.07 -24.96
C SER L 70 17.33 -0.03 -26.08
N VAL L 71 18.54 -0.47 -25.76
CA VAL L 71 19.62 -0.57 -26.75
C VAL L 71 19.22 -1.57 -27.84
N THR L 72 18.71 -2.75 -27.43
CA THR L 72 18.32 -3.84 -28.35
C THR L 72 17.24 -3.37 -29.35
N ALA L 73 16.22 -2.72 -28.83
CA ALA L 73 15.14 -2.15 -29.64
C ALA L 73 15.68 -1.06 -30.54
N GLY L 74 16.60 -0.26 -30.03
CA GLY L 74 17.28 0.75 -30.82
C GLY L 74 17.97 0.14 -32.03
N PHE L 75 18.71 -0.95 -31.81
CA PHE L 75 19.40 -1.66 -32.91
C PHE L 75 18.46 -2.37 -33.90
N ALA L 76 17.22 -2.63 -33.50
CA ALA L 76 16.21 -3.09 -34.44
C ALA L 76 15.94 -2.00 -35.47
N ILE L 77 15.78 -0.77 -34.98
CA ILE L 77 15.53 0.39 -35.85
C ILE L 77 16.76 0.67 -36.70
N TYR L 78 17.93 0.71 -36.07
CA TYR L 78 19.17 1.00 -36.77
C TYR L 78 19.40 0.05 -37.94
N ASP L 79 19.38 -1.25 -37.67
CA ASP L 79 19.62 -2.26 -38.72
C ASP L 79 18.64 -2.18 -39.88
N THR L 80 17.37 -1.90 -39.57
CA THR L 80 16.33 -1.74 -40.59
C THR L 80 16.57 -0.49 -41.44
N ILE L 81 16.98 0.62 -40.81
CA ILE L 81 17.36 1.83 -41.56
C ILE L 81 18.46 1.50 -42.56
N GLN L 82 19.53 0.87 -42.10
CA GLN L 82 20.67 0.56 -42.97
C GLN L 82 20.30 -0.44 -44.06
N HIS L 83 19.45 -1.41 -43.74
CA HIS L 83 19.08 -2.44 -44.69
C HIS L 83 18.28 -1.94 -45.89
N ILE L 84 17.31 -1.07 -45.65
CA ILE L 84 16.43 -0.61 -46.73
C ILE L 84 17.14 0.30 -47.72
N LYS L 85 16.60 0.30 -48.93
CA LYS L 85 17.18 1.02 -50.06
C LYS L 85 17.09 2.55 -49.94
N PRO L 86 15.91 3.12 -49.56
CA PRO L 86 15.82 4.58 -49.43
C PRO L 86 16.74 5.20 -48.38
N ASP L 87 17.19 6.43 -48.64
CA ASP L 87 17.84 7.23 -47.64
C ASP L 87 16.82 7.52 -46.55
N VAL L 88 17.24 7.40 -45.31
CA VAL L 88 16.42 7.81 -44.15
C VAL L 88 17.01 9.08 -43.52
N GLN L 89 16.33 10.20 -43.70
CA GLN L 89 16.73 11.45 -43.06
C GLN L 89 16.39 11.36 -41.59
N THR L 90 17.23 11.93 -40.74
CA THR L 90 16.96 12.02 -39.31
C THR L 90 16.92 13.49 -38.89
N ILE L 91 15.87 13.86 -38.15
CA ILE L 91 15.65 15.25 -37.74
C ILE L 91 15.33 15.33 -36.26
N CYS L 92 16.26 15.87 -35.48
CA CYS L 92 16.11 15.99 -34.04
C CYS L 92 15.38 17.25 -33.68
N ILE L 93 14.20 17.10 -33.09
CA ILE L 93 13.38 18.24 -32.67
C ILE L 93 13.03 18.05 -31.19
N GLY L 94 13.28 19.07 -30.39
CA GLY L 94 13.13 18.97 -28.94
C GLY L 94 14.32 18.35 -28.24
N MET L 95 14.44 17.03 -28.35
CA MET L 95 15.49 16.26 -27.66
C MET L 95 15.80 14.94 -28.33
N ALA L 96 17.08 14.59 -28.41
CA ALA L 96 17.51 13.23 -28.76
C ALA L 96 18.59 12.80 -27.77
N ALA L 97 18.28 11.83 -26.90
CA ALA L 97 19.22 11.36 -25.87
C ALA L 97 19.41 9.84 -25.92
N SER L 98 20.57 9.39 -25.42
CA SER L 98 20.90 7.95 -25.33
C SER L 98 20.84 7.25 -26.72
N MET L 99 20.00 6.24 -26.87
CA MET L 99 19.80 5.54 -28.14
C MET L 99 19.11 6.44 -29.19
N GLY L 100 18.40 7.46 -28.74
CA GLY L 100 17.80 8.45 -29.62
C GLY L 100 18.84 9.25 -30.40
N SER L 101 19.91 9.68 -29.74
CA SER L 101 21.00 10.40 -30.38
C SER L 101 21.87 9.46 -31.21
N PHE L 102 21.94 8.19 -30.82
CA PHE L 102 22.62 7.18 -31.64
C PHE L 102 21.96 7.03 -33.00
N LEU L 103 20.63 6.91 -32.97
CA LEU L 103 19.83 6.80 -34.18
C LEU L 103 19.81 8.08 -35.01
N LEU L 104 19.87 9.24 -34.34
CA LEU L 104 20.03 10.51 -35.04
C LEU L 104 21.27 10.45 -35.93
N ALA L 105 22.38 9.99 -35.35
CA ALA L 105 23.65 9.83 -36.06
C ALA L 105 23.63 8.76 -37.18
N ALA L 106 22.68 7.83 -37.10
CA ALA L 106 22.57 6.73 -38.07
C ALA L 106 21.82 7.08 -39.35
N GLY L 107 21.33 8.32 -39.43
CA GLY L 107 20.67 8.79 -40.64
C GLY L 107 21.60 8.81 -41.82
N ALA L 108 21.00 8.83 -43.01
CA ALA L 108 21.75 8.85 -44.27
C ALA L 108 22.77 10.00 -44.31
N LYS L 109 23.96 9.71 -44.84
CA LYS L 109 25.07 10.66 -44.91
C LYS L 109 24.64 11.96 -45.58
N GLY L 110 24.84 13.07 -44.87
CA GLY L 110 24.50 14.40 -45.36
C GLY L 110 23.06 14.82 -45.13
N LYS L 111 22.22 13.92 -44.59
CA LYS L 111 20.81 14.21 -44.33
C LYS L 111 20.41 13.98 -42.85
N ARG L 112 21.32 14.33 -41.93
CA ARG L 112 21.08 14.28 -40.50
C ARG L 112 20.99 15.71 -39.98
N PHE L 113 19.80 16.08 -39.49
CA PHE L 113 19.50 17.45 -39.11
C PHE L 113 19.08 17.60 -37.65
N ALA L 114 19.15 18.83 -37.15
CA ALA L 114 18.57 19.20 -35.88
C ALA L 114 18.14 20.63 -35.96
N LEU L 115 17.00 20.96 -35.37
CA LEU L 115 16.52 22.34 -35.32
C LEU L 115 17.31 23.10 -34.24
N PRO L 116 17.37 24.45 -34.33
CA PRO L 116 18.32 25.25 -33.56
C PRO L 116 18.40 25.01 -32.04
N ASN L 117 17.24 24.95 -31.37
CA ASN L 117 17.18 24.77 -29.90
C ASN L 117 16.95 23.32 -29.46
N ALA L 118 17.17 22.36 -30.35
CA ALA L 118 17.06 20.96 -29.98
C ALA L 118 18.25 20.55 -29.13
N GLU L 119 18.03 19.58 -28.25
CA GLU L 119 18.99 19.11 -27.28
C GLU L 119 19.46 17.72 -27.67
N VAL L 120 20.77 17.54 -27.74
CA VAL L 120 21.34 16.24 -28.02
C VAL L 120 22.18 15.84 -26.82
N MET L 121 22.00 14.61 -26.35
CA MET L 121 22.79 14.08 -25.23
C MET L 121 23.33 12.71 -25.56
N ILE L 122 24.59 12.48 -25.18
CA ILE L 122 25.24 11.17 -25.35
C ILE L 122 25.79 10.70 -24.00
N HIS L 123 25.69 9.39 -23.74
CA HIS L 123 26.23 8.79 -22.52
C HIS L 123 26.48 7.29 -22.71
N GLN L 124 26.92 6.60 -21.65
CA GLN L 124 27.07 5.15 -21.70
C GLN L 124 25.73 4.48 -21.49
N PRO L 125 25.59 3.24 -21.97
CA PRO L 125 24.42 2.45 -21.67
C PRO L 125 24.29 2.12 -20.18
N LEU L 126 23.04 2.01 -19.74
CA LEU L 126 22.67 1.72 -18.37
C LEU L 126 22.11 0.30 -18.30
N GLY L 127 22.35 -0.39 -17.19
CA GLY L 127 21.82 -1.72 -17.01
C GLY L 127 21.83 -2.14 -15.56
N GLY L 128 21.70 -3.44 -15.36
CA GLY L 128 21.65 -4.01 -14.03
C GLY L 128 22.00 -5.47 -14.00
N ALA L 129 22.44 -5.92 -12.84
CA ALA L 129 22.84 -7.31 -12.64
C ALA L 129 22.60 -7.67 -11.18
N GLN L 130 21.99 -8.82 -10.94
CA GLN L 130 21.79 -9.28 -9.59
C GLN L 130 21.88 -10.77 -9.50
N GLY L 131 22.56 -11.25 -8.46
CA GLY L 131 22.72 -12.68 -8.20
C GLY L 131 24.15 -13.06 -7.90
N GLN L 132 24.53 -14.25 -8.36
CA GLN L 132 25.85 -14.82 -8.10
C GLN L 132 26.95 -14.04 -8.79
N ALA L 133 28.16 -14.15 -8.27
CA ALA L 133 29.31 -13.46 -8.86
C ALA L 133 29.49 -13.77 -10.34
N THR L 134 29.33 -15.02 -10.75
CA THR L 134 29.50 -15.39 -12.17
C THR L 134 28.37 -14.84 -13.05
N GLU L 135 27.17 -14.68 -12.47
CA GLU L 135 26.04 -14.06 -13.16
C GLU L 135 26.28 -12.57 -13.39
N ILE L 136 26.83 -11.89 -12.38
CA ILE L 136 27.18 -10.46 -12.48
C ILE L 136 28.30 -10.24 -13.48
N GLU L 137 29.27 -11.15 -13.50
CA GLU L 137 30.33 -11.14 -14.50
C GLU L 137 29.77 -11.19 -15.92
N ILE L 138 28.88 -12.15 -16.18
CA ILE L 138 28.25 -12.31 -17.50
C ILE L 138 27.53 -11.04 -17.94
N ALA L 139 26.76 -10.45 -17.03
CA ALA L 139 26.03 -9.20 -17.30
C ALA L 139 26.97 -8.01 -17.52
N ALA L 140 28.03 -7.93 -16.72
CA ALA L 140 29.04 -6.88 -16.87
C ALA L 140 29.79 -7.00 -18.20
N ASN L 141 30.20 -8.22 -18.56
CA ASN L 141 30.86 -8.46 -19.85
C ASN L 141 29.94 -8.09 -20.99
N HIS L 142 28.67 -8.44 -20.85
CA HIS L 142 27.69 -8.15 -21.87
C HIS L 142 27.49 -6.65 -22.08
N ILE L 143 27.26 -5.88 -21.02
CA ILE L 143 27.03 -4.43 -21.18
C ILE L 143 28.28 -3.70 -21.69
N LEU L 144 29.46 -4.19 -21.30
CA LEU L 144 30.72 -3.63 -21.80
C LEU L 144 30.92 -3.93 -23.29
N LYS L 145 30.60 -5.15 -23.74
CA LYS L 145 30.68 -5.52 -25.16
C LYS L 145 29.70 -4.68 -25.98
N THR L 146 28.51 -4.45 -25.41
CA THR L 146 27.51 -3.56 -26.01
C THR L 146 27.97 -2.09 -26.06
N ARG L 147 28.76 -1.64 -25.07
CA ARG L 147 29.35 -0.30 -25.12
C ARG L 147 30.36 -0.19 -26.26
N GLU L 148 31.22 -1.19 -26.41
CA GLU L 148 32.22 -1.20 -27.49
C GLU L 148 31.55 -1.14 -28.86
N LYS L 149 30.50 -1.94 -29.01
CA LYS L 149 29.67 -1.99 -30.21
C LYS L 149 29.05 -0.63 -30.58
N LEU L 150 28.44 0.02 -29.60
CA LEU L 150 27.86 1.36 -29.79
C LEU L 150 28.94 2.40 -30.14
N ASN L 151 30.04 2.35 -29.39
CA ASN L 151 31.15 3.29 -29.56
C ASN L 151 31.79 3.14 -30.95
N ARG L 152 31.96 1.90 -31.38
CA ARG L 152 32.52 1.62 -32.70
C ARG L 152 31.68 2.24 -33.82
N ILE L 153 30.37 2.01 -33.78
CA ILE L 153 29.47 2.55 -34.79
C ILE L 153 29.38 4.08 -34.71
N LEU L 154 29.29 4.64 -33.51
CA LEU L 154 29.31 6.10 -33.39
C LEU L 154 30.60 6.69 -33.99
N SER L 155 31.71 5.98 -33.82
CA SER L 155 33.01 6.41 -34.36
C SER L 155 32.96 6.46 -35.89
N GLU L 156 32.42 5.40 -36.48
CA GLU L 156 32.24 5.29 -37.93
C GLU L 156 31.39 6.41 -38.53
N ARG L 157 30.37 6.84 -37.79
CA ARG L 157 29.37 7.79 -38.32
C ARG L 157 29.58 9.25 -37.96
N THR L 158 30.33 9.52 -36.90
CA THR L 158 30.72 10.88 -36.54
C THR L 158 32.06 11.25 -37.12
N GLY L 159 32.92 10.25 -37.32
CA GLY L 159 34.31 10.47 -37.69
C GLY L 159 35.24 10.69 -36.51
N GLN L 160 34.70 10.64 -35.28
CA GLN L 160 35.52 10.75 -34.07
C GLN L 160 36.15 9.39 -33.77
N SER L 161 37.22 9.39 -32.99
CA SER L 161 37.89 8.14 -32.58
C SER L 161 37.10 7.41 -31.51
N ILE L 162 37.29 6.09 -31.43
CA ILE L 162 36.70 5.28 -30.36
C ILE L 162 37.13 5.81 -28.97
N GLU L 163 38.41 6.19 -28.85
CA GLU L 163 38.98 6.70 -27.59
C GLU L 163 38.29 7.98 -27.13
N LYS L 164 38.00 8.88 -28.07
CA LYS L 164 37.35 10.15 -27.74
C LYS L 164 35.89 9.95 -27.32
N ILE L 165 35.21 9.06 -28.03
CA ILE L 165 33.81 8.75 -27.71
C ILE L 165 33.68 8.13 -26.33
N GLN L 166 34.58 7.20 -26.00
CA GLN L 166 34.64 6.61 -24.66
C GLN L 166 34.76 7.67 -23.56
N LYS L 167 35.74 8.56 -23.70
CA LYS L 167 35.97 9.67 -22.77
C LYS L 167 34.71 10.56 -22.69
N ASP L 168 34.16 10.92 -23.85
CA ASP L 168 33.04 11.87 -23.93
C ASP L 168 31.68 11.29 -23.51
N THR L 169 31.52 9.97 -23.57
CA THR L 169 30.29 9.33 -23.09
C THR L 169 30.36 8.83 -21.63
N ASP L 170 31.49 9.01 -20.95
CA ASP L 170 31.65 8.49 -19.58
C ASP L 170 30.57 8.99 -18.61
N ARG L 171 30.32 10.27 -18.69
CA ARG L 171 29.21 10.81 -17.90
C ARG L 171 28.28 11.46 -18.91
N ASP L 172 27.09 11.85 -18.48
CA ASP L 172 26.13 12.57 -19.33
C ASP L 172 26.81 13.79 -19.96
N ASN L 173 26.61 13.93 -21.27
CA ASN L 173 27.21 15.01 -22.06
C ASN L 173 26.13 15.69 -22.90
N PHE L 174 25.69 16.86 -22.44
CA PHE L 174 24.70 17.63 -23.19
C PHE L 174 25.40 18.49 -24.26
N LEU L 175 24.84 18.44 -25.47
CA LEU L 175 25.30 19.21 -26.63
C LEU L 175 24.18 20.11 -27.16
N THR L 176 24.54 21.33 -27.59
CA THR L 176 23.66 22.14 -28.46
C THR L 176 23.63 21.54 -29.86
N ALA L 177 22.62 21.94 -30.63
CA ALA L 177 22.52 21.53 -32.02
C ALA L 177 23.82 21.84 -32.76
N GLU L 178 24.33 23.05 -32.57
CA GLU L 178 25.58 23.50 -33.20
C GLU L 178 26.76 22.62 -32.77
N GLU L 179 26.84 22.31 -31.48
CA GLU L 179 27.87 21.41 -30.94
C GLU L 179 27.77 19.99 -31.50
N ALA L 180 26.55 19.52 -31.73
CA ALA L 180 26.32 18.22 -32.36
C ALA L 180 26.82 18.18 -33.81
N LYS L 181 26.66 19.27 -34.54
CA LYS L 181 27.20 19.42 -35.90
C LYS L 181 28.72 19.29 -35.88
N GLU L 182 29.36 20.08 -35.02
CA GLU L 182 30.82 20.04 -34.86
C GLU L 182 31.31 18.65 -34.48
N TYR L 183 30.55 17.97 -33.64
CA TYR L 183 30.89 16.62 -33.19
C TYR L 183 30.76 15.55 -34.28
N GLY L 184 29.85 15.77 -35.23
CA GLY L 184 29.59 14.81 -36.31
C GLY L 184 28.35 13.93 -36.14
N LEU L 185 27.55 14.22 -35.11
CA LEU L 185 26.30 13.50 -34.88
C LEU L 185 25.24 13.92 -35.89
N ILE L 186 25.33 15.17 -36.34
CA ILE L 186 24.47 15.68 -37.42
C ILE L 186 25.33 16.39 -38.46
N ASP L 187 24.74 16.65 -39.62
CA ASP L 187 25.42 17.31 -40.73
C ASP L 187 25.12 18.81 -40.77
N GLU L 188 23.88 19.20 -40.48
CA GLU L 188 23.48 20.62 -40.48
C GLU L 188 22.47 20.95 -39.40
N VAL L 189 22.51 22.20 -38.93
CA VAL L 189 21.45 22.77 -38.13
C VAL L 189 20.45 23.38 -39.09
N MET L 190 19.20 22.92 -39.04
CA MET L 190 18.17 23.39 -39.98
C MET L 190 17.66 24.79 -39.60
N VAL L 191 18.17 25.78 -40.33
CA VAL L 191 17.83 27.19 -40.12
C VAL L 191 16.39 27.49 -40.58
N PRO L 192 15.72 28.51 -39.97
CA PRO L 192 14.39 28.97 -40.47
C PRO L 192 14.37 29.72 -41.83
N GLU L 193 13.30 29.54 -42.59
CA GLU L 193 13.24 29.84 -44.03
C GLU L 193 13.29 31.36 -44.32
N ILE M 4 -15.86 14.31 -25.19
CA ILE M 4 -15.46 15.14 -26.39
C ILE M 4 -16.49 15.03 -27.53
N PRO M 5 -17.28 16.10 -27.75
CA PRO M 5 -18.40 15.98 -28.68
C PRO M 5 -18.02 15.96 -30.17
N THR M 6 -18.92 15.38 -30.98
CA THR M 6 -18.80 15.29 -32.43
C THR M 6 -19.74 16.30 -33.11
N VAL M 7 -19.24 16.96 -34.15
CA VAL M 7 -20.04 17.87 -34.98
C VAL M 7 -20.05 17.35 -36.42
N ILE M 8 -21.17 17.50 -37.10
CA ILE M 8 -21.32 17.04 -38.47
C ILE M 8 -21.48 18.25 -39.39
N GLU M 9 -20.58 18.35 -40.36
CA GLU M 9 -20.69 19.45 -41.34
C GLU M 9 -21.60 18.96 -42.45
N THR M 10 -22.82 19.48 -42.50
CA THR M 10 -23.80 19.05 -43.52
C THR M 10 -23.81 20.09 -44.64
N THR M 11 -23.19 19.77 -45.78
CA THR M 11 -23.06 20.77 -46.87
C THR M 11 -23.90 20.32 -48.08
N ASN M 12 -23.56 20.81 -49.27
CA ASN M 12 -24.24 20.34 -50.51
C ASN M 12 -23.32 19.33 -51.18
N ARG M 13 -22.03 19.35 -50.83
CA ARG M 13 -21.06 18.41 -51.41
C ARG M 13 -20.15 17.84 -50.32
N GLY M 14 -20.53 16.71 -49.74
CA GLY M 14 -19.66 16.06 -48.73
C GLY M 14 -20.14 16.28 -47.31
N GLU M 15 -20.71 15.24 -46.70
CA GLU M 15 -21.09 15.33 -45.27
C GLU M 15 -20.00 14.65 -44.46
N ARG M 16 -19.30 15.40 -43.62
CA ARG M 16 -18.24 14.87 -42.75
C ARG M 16 -18.49 15.04 -41.27
N ALA M 17 -18.10 14.03 -40.50
CA ALA M 17 -18.14 14.07 -39.03
C ALA M 17 -16.75 14.39 -38.46
N TYR M 18 -16.72 15.30 -37.50
CA TYR M 18 -15.48 15.72 -36.85
C TYR M 18 -15.67 15.74 -35.35
N ASP M 19 -14.67 15.25 -34.61
CA ASP M 19 -14.57 15.59 -33.18
C ASP M 19 -14.22 17.08 -33.11
N ILE M 20 -14.73 17.76 -32.09
CA ILE M 20 -14.68 19.23 -32.02
C ILE M 20 -13.25 19.74 -32.29
N TYR M 21 -12.23 19.07 -31.73
CA TYR M 21 -10.83 19.54 -31.84
C TYR M 21 -10.31 19.38 -33.25
N SER M 22 -10.68 18.27 -33.88
CA SER M 22 -10.35 18.05 -35.30
C SER M 22 -11.00 19.06 -36.24
N ARG M 23 -12.18 19.53 -35.87
CA ARG M 23 -12.88 20.57 -36.63
C ARG M 23 -12.18 21.91 -36.53
N LEU M 24 -11.70 22.25 -35.33
CA LEU M 24 -10.89 23.45 -35.16
C LEU M 24 -9.63 23.35 -36.03
N LEU M 25 -9.03 22.16 -36.09
CA LEU M 25 -7.84 21.95 -36.92
C LEU M 25 -8.11 22.15 -38.41
N LYS M 26 -9.33 21.83 -38.86
CA LYS M 26 -9.72 22.12 -40.25
C LYS M 26 -9.70 23.61 -40.57
N ASP M 27 -10.00 24.45 -39.57
CA ASP M 27 -9.85 25.92 -39.69
C ASP M 27 -8.50 26.46 -39.18
N ARG M 28 -7.46 25.63 -39.21
CA ARG M 28 -6.09 26.03 -38.85
C ARG M 28 -5.92 26.51 -37.40
N ILE M 29 -6.73 25.96 -36.50
CA ILE M 29 -6.62 26.21 -35.05
C ILE M 29 -6.06 24.97 -34.35
N ILE M 30 -4.92 25.17 -33.65
CA ILE M 30 -4.26 24.11 -32.89
C ILE M 30 -4.48 24.38 -31.40
N MET M 31 -4.89 23.34 -30.67
CA MET M 31 -5.12 23.42 -29.24
C MET M 31 -3.89 22.92 -28.46
N LEU M 32 -3.23 23.85 -27.77
CA LEU M 32 -2.26 23.53 -26.71
C LEU M 32 -2.96 23.81 -25.38
N GLY M 33 -3.66 22.80 -24.87
CA GLY M 33 -4.57 22.93 -23.73
C GLY M 33 -4.25 22.05 -22.53
N SER M 34 -3.01 21.58 -22.43
CA SER M 34 -2.67 20.67 -21.35
C SER M 34 -1.20 20.82 -20.97
N GLN M 35 -0.77 20.03 -19.98
CA GLN M 35 0.64 19.98 -19.63
C GLN M 35 1.45 19.58 -20.85
N ILE M 36 2.55 20.27 -21.06
CA ILE M 36 3.42 20.01 -22.21
C ILE M 36 4.35 18.85 -21.88
N ASP M 37 4.10 17.70 -22.51
CA ASP M 37 5.05 16.57 -22.47
C ASP M 37 5.44 16.22 -23.90
N ASP M 38 6.27 15.20 -24.08
CA ASP M 38 6.72 14.82 -25.43
C ASP M 38 5.55 14.46 -26.36
N ASN M 39 4.48 13.81 -25.86
CA ASN M 39 3.29 13.46 -26.70
C ASN M 39 2.60 14.67 -27.25
N VAL M 40 2.31 15.61 -26.37
CA VAL M 40 1.63 16.83 -26.73
C VAL M 40 2.47 17.60 -27.74
N ALA M 41 3.77 17.70 -27.51
CA ALA M 41 4.67 18.37 -28.45
C ALA M 41 4.65 17.71 -29.82
N ASN M 42 4.79 16.38 -29.88
CA ASN M 42 4.78 15.65 -31.15
C ASN M 42 3.51 15.87 -31.97
N SER M 43 2.37 15.86 -31.28
CA SER M 43 1.07 16.16 -31.90
C SER M 43 1.03 17.59 -32.49
N ILE M 44 1.39 18.58 -31.67
CA ILE M 44 1.40 19.98 -32.10
C ILE M 44 2.35 20.15 -33.30
N VAL M 45 3.55 19.57 -33.21
CA VAL M 45 4.55 19.64 -34.29
C VAL M 45 3.95 19.08 -35.58
N SER M 46 3.35 17.90 -35.47
CA SER M 46 2.75 17.25 -36.62
C SER M 46 1.60 18.06 -37.23
N GLN M 47 0.81 18.71 -36.37
CA GLN M 47 -0.27 19.60 -36.84
C GLN M 47 0.30 20.81 -37.60
N LEU M 48 1.32 21.44 -37.03
CA LEU M 48 1.98 22.59 -37.65
C LEU M 48 2.53 22.26 -39.04
N LEU M 49 3.17 21.10 -39.16
CA LEU M 49 3.80 20.70 -40.41
C LEU M 49 2.75 20.43 -41.50
N PHE M 50 1.66 19.80 -41.07
CA PHE M 50 0.51 19.50 -41.92
C PHE M 50 -0.21 20.77 -42.39
N LEU M 51 -0.49 21.69 -41.47
CA LEU M 51 -1.11 22.95 -41.85
C LEU M 51 -0.28 23.77 -42.85
N GLN M 52 1.05 23.69 -42.74
CA GLN M 52 1.94 24.31 -43.74
C GLN M 52 1.77 23.69 -45.13
N ALA M 53 1.75 22.36 -45.18
CA ALA M 53 1.56 21.64 -46.45
C ALA M 53 0.21 21.93 -47.11
N GLN M 54 -0.82 22.14 -46.28
CA GLN M 54 -2.16 22.55 -46.76
C GLN M 54 -2.10 23.91 -47.43
N ASP M 55 -1.47 24.87 -46.75
CA ASP M 55 -1.39 26.24 -47.23
C ASP M 55 -0.23 26.94 -46.50
N SER M 56 0.82 27.28 -47.24
CA SER M 56 2.00 27.93 -46.66
C SER M 56 1.87 29.46 -46.48
N GLU M 57 0.76 30.04 -46.95
CA GLU M 57 0.49 31.48 -46.86
C GLU M 57 -0.38 31.83 -45.64
N LYS M 58 -1.46 31.07 -45.45
CA LYS M 58 -2.49 31.38 -44.45
C LYS M 58 -2.03 31.27 -43.01
N ASP M 59 -2.55 32.15 -42.17
CA ASP M 59 -2.25 32.12 -40.74
C ASP M 59 -2.72 30.84 -40.04
N ILE M 60 -1.95 30.44 -39.02
CA ILE M 60 -2.29 29.38 -38.09
C ILE M 60 -2.57 30.02 -36.73
N TYR M 61 -3.52 29.45 -35.99
CA TYR M 61 -3.90 29.96 -34.66
C TYR M 61 -3.55 28.94 -33.57
N LEU M 62 -2.63 29.30 -32.65
CA LEU M 62 -2.25 28.44 -31.52
C LEU M 62 -2.89 28.91 -30.21
N TYR M 63 -3.92 28.16 -29.80
CA TYR M 63 -4.62 28.38 -28.53
C TYR M 63 -3.75 27.84 -27.42
N ILE M 64 -3.53 28.65 -26.38
CA ILE M 64 -2.73 28.24 -25.24
C ILE M 64 -3.50 28.34 -23.91
N ASN M 65 -3.80 27.18 -23.30
CA ASN M 65 -4.29 27.07 -21.90
C ASN M 65 -3.48 25.96 -21.22
N SER M 66 -2.27 26.30 -20.80
CA SER M 66 -1.30 25.31 -20.33
C SER M 66 -0.51 25.83 -19.14
N PRO M 67 -0.26 24.95 -18.14
CA PRO M 67 0.62 25.30 -17.03
C PRO M 67 2.11 25.12 -17.37
N GLY M 68 2.41 24.72 -18.61
CA GLY M 68 3.78 24.49 -19.06
C GLY M 68 4.13 23.02 -18.96
N GLY M 69 5.40 22.73 -18.76
CA GLY M 69 5.86 21.37 -18.65
C GLY M 69 7.27 21.26 -19.20
N SER M 70 7.56 20.17 -19.91
CA SER M 70 8.92 19.85 -20.39
C SER M 70 9.51 20.96 -21.25
N VAL M 71 10.67 21.46 -20.84
CA VAL M 71 11.39 22.49 -21.59
C VAL M 71 11.74 21.97 -22.99
N THR M 72 12.28 20.74 -23.04
CA THR M 72 12.72 20.08 -24.31
C THR M 72 11.56 19.94 -25.29
N ALA M 73 10.43 19.42 -24.81
CA ALA M 73 9.22 19.31 -25.59
C ALA M 73 8.72 20.67 -26.03
N GLY M 74 8.83 21.66 -25.15
CA GLY M 74 8.47 23.03 -25.47
C GLY M 74 9.26 23.57 -26.64
N PHE M 75 10.58 23.32 -26.62
CA PHE M 75 11.47 23.72 -27.71
C PHE M 75 11.27 22.93 -29.03
N ALA M 76 10.64 21.76 -28.95
CA ALA M 76 10.17 21.08 -30.16
C ALA M 76 9.09 21.90 -30.86
N ILE M 77 8.14 22.41 -30.08
CA ILE M 77 7.05 23.25 -30.59
C ILE M 77 7.61 24.59 -31.08
N TYR M 78 8.44 25.23 -30.25
CA TYR M 78 9.04 26.53 -30.61
C TYR M 78 9.79 26.49 -31.95
N ASP M 79 10.72 25.57 -32.08
CA ASP M 79 11.51 25.44 -33.32
C ASP M 79 10.68 25.17 -34.57
N THR M 80 9.64 24.36 -34.43
CA THR M 80 8.72 24.06 -35.54
C THR M 80 7.88 25.29 -35.91
N ILE M 81 7.42 26.06 -34.93
CA ILE M 81 6.75 27.35 -35.20
C ILE M 81 7.66 28.25 -36.05
N GLN M 82 8.90 28.45 -35.61
CA GLN M 82 9.82 29.35 -36.28
C GLN M 82 10.20 28.85 -37.65
N HIS M 83 10.33 27.54 -37.79
CA HIS M 83 10.73 26.92 -39.07
C HIS M 83 9.71 27.07 -40.19
N ILE M 84 8.43 26.87 -39.90
CA ILE M 84 7.39 26.92 -40.93
C ILE M 84 7.11 28.32 -41.46
N LYS M 85 6.62 28.35 -42.70
CA LYS M 85 6.43 29.57 -43.45
C LYS M 85 5.27 30.44 -42.91
N PRO M 86 4.09 29.83 -42.60
CA PRO M 86 2.99 30.64 -42.07
C PRO M 86 3.28 31.32 -40.73
N ASP M 87 2.69 32.49 -40.55
CA ASP M 87 2.63 33.11 -39.25
C ASP M 87 1.80 32.20 -38.32
N VAL M 88 2.29 32.01 -37.08
CA VAL M 88 1.54 31.32 -36.04
C VAL M 88 1.09 32.30 -34.97
N GLN M 89 -0.21 32.58 -34.96
CA GLN M 89 -0.77 33.43 -33.91
C GLN M 89 -0.79 32.63 -32.63
N THR M 90 -0.55 33.29 -31.51
CA THR M 90 -0.68 32.68 -30.19
C THR M 90 -1.73 33.43 -29.37
N ILE M 91 -2.66 32.69 -28.75
CA ILE M 91 -3.78 33.26 -28.00
C ILE M 91 -3.90 32.56 -26.65
N CYS M 92 -3.58 33.30 -25.59
CA CYS M 92 -3.65 32.79 -24.24
C CYS M 92 -5.05 32.95 -23.65
N ILE M 93 -5.70 31.83 -23.35
CA ILE M 93 -7.04 31.83 -22.79
C ILE M 93 -7.00 30.98 -21.53
N GLY M 94 -7.49 31.53 -20.42
CA GLY M 94 -7.41 30.86 -19.13
C GLY M 94 -6.08 31.08 -18.44
N MET M 95 -5.04 30.38 -18.91
CA MET M 95 -3.72 30.40 -18.28
C MET M 95 -2.60 30.02 -19.23
N ALA M 96 -1.48 30.74 -19.18
CA ALA M 96 -0.22 30.32 -19.82
C ALA M 96 0.93 30.48 -18.85
N ALA M 97 1.50 29.36 -18.40
CA ALA M 97 2.57 29.37 -17.38
C ALA M 97 3.79 28.59 -17.84
N SER M 98 4.95 28.95 -17.30
CA SER M 98 6.22 28.25 -17.53
C SER M 98 6.54 28.25 -19.04
N MET M 99 6.69 27.07 -19.63
CA MET M 99 6.95 26.92 -21.07
C MET M 99 5.73 27.34 -21.92
N GLY M 100 4.55 27.34 -21.32
CA GLY M 100 3.33 27.82 -21.97
C GLY M 100 3.40 29.30 -22.28
N SER M 101 3.87 30.10 -21.32
CA SER M 101 4.04 31.55 -21.55
C SER M 101 5.24 31.86 -22.43
N PHE M 102 6.25 30.99 -22.40
CA PHE M 102 7.37 31.10 -23.34
C PHE M 102 6.89 31.00 -24.78
N LEU M 103 6.07 29.98 -25.03
CA LEU M 103 5.49 29.74 -26.36
C LEU M 103 4.48 30.80 -26.76
N LEU M 104 3.77 31.34 -25.78
CA LEU M 104 2.89 32.49 -26.03
C LEU M 104 3.70 33.64 -26.66
N ALA M 105 4.85 33.93 -26.06
CA ALA M 105 5.77 34.97 -26.54
C ALA M 105 6.41 34.65 -27.89
N ALA M 106 6.46 33.37 -28.27
CA ALA M 106 7.09 32.93 -29.52
C ALA M 106 6.20 33.03 -30.76
N GLY M 107 4.96 33.50 -30.57
CA GLY M 107 4.05 33.75 -31.68
C GLY M 107 4.55 34.83 -32.62
N ALA M 108 4.03 34.82 -33.83
CA ALA M 108 4.41 35.76 -34.87
C ALA M 108 4.27 37.21 -34.40
N LYS M 109 5.24 38.03 -34.77
CA LYS M 109 5.31 39.42 -34.33
C LYS M 109 4.02 40.15 -34.64
N GLY M 110 3.43 40.75 -33.61
CA GLY M 110 2.19 41.51 -33.74
C GLY M 110 0.91 40.69 -33.67
N LYS M 111 1.04 39.36 -33.57
CA LYS M 111 -0.10 38.46 -33.53
C LYS M 111 -0.07 37.54 -32.29
N ARG M 112 0.40 38.08 -31.16
CA ARG M 112 0.39 37.41 -29.87
C ARG M 112 -0.66 38.05 -28.97
N PHE M 113 -1.69 37.29 -28.63
CA PHE M 113 -2.87 37.80 -27.93
C PHE M 113 -3.14 37.10 -26.60
N ALA M 114 -3.92 37.76 -25.77
CA ALA M 114 -4.47 37.16 -24.55
C ALA M 114 -5.82 37.78 -24.28
N LEU M 115 -6.77 36.99 -23.85
CA LEU M 115 -8.09 37.49 -23.49
C LEU M 115 -8.02 38.19 -22.12
N PRO M 116 -8.98 39.10 -21.83
CA PRO M 116 -8.83 40.00 -20.68
C PRO M 116 -8.47 39.38 -19.30
N ASN M 117 -9.15 38.31 -18.90
CA ASN M 117 -8.93 37.68 -17.60
C ASN M 117 -8.00 36.45 -17.65
N ALA M 118 -7.23 36.31 -18.72
CA ALA M 118 -6.24 35.23 -18.81
C ALA M 118 -5.05 35.54 -17.91
N GLU M 119 -4.44 34.47 -17.41
CA GLU M 119 -3.35 34.54 -16.44
C GLU M 119 -2.07 34.13 -17.13
N VAL M 120 -1.03 34.96 -17.01
CA VAL M 120 0.29 34.64 -17.56
C VAL M 120 1.26 34.59 -16.38
N MET M 121 2.07 33.53 -16.31
CA MET M 121 3.08 33.39 -15.28
C MET M 121 4.42 33.02 -15.90
N ILE M 122 5.48 33.63 -15.38
CA ILE M 122 6.85 33.32 -15.80
C ILE M 122 7.67 32.97 -14.57
N HIS M 123 8.57 31.99 -14.73
CA HIS M 123 9.49 31.60 -13.65
C HIS M 123 10.73 30.88 -14.22
N GLN M 124 11.62 30.41 -13.35
CA GLN M 124 12.79 29.63 -13.81
C GLN M 124 12.35 28.20 -14.06
N PRO M 125 13.10 27.48 -14.90
CA PRO M 125 12.93 26.06 -15.06
C PRO M 125 13.24 25.26 -13.80
N LEU M 126 12.50 24.16 -13.64
CA LEU M 126 12.58 23.26 -12.49
C LEU M 126 13.21 21.94 -12.93
N GLY M 127 13.95 21.31 -12.05
CA GLY M 127 14.59 20.06 -12.38
C GLY M 127 15.01 19.30 -11.15
N GLY M 128 15.89 18.34 -11.35
CA GLY M 128 16.40 17.51 -10.26
C GLY M 128 17.70 16.81 -10.60
N ALA M 129 18.44 16.47 -9.55
CA ALA M 129 19.73 15.83 -9.70
C ALA M 129 19.96 14.96 -8.49
N GLN M 130 20.41 13.74 -8.72
CA GLN M 130 20.75 12.86 -7.62
C GLN M 130 21.92 11.98 -7.96
N GLY M 131 22.83 11.83 -7.01
CA GLY M 131 23.97 10.95 -7.14
C GLY M 131 25.26 11.61 -6.69
N GLN M 132 26.35 11.27 -7.39
CA GLN M 132 27.69 11.76 -7.08
C GLN M 132 27.82 13.26 -7.31
N ALA M 133 28.79 13.88 -6.65
CA ALA M 133 29.02 15.32 -6.78
C ALA M 133 29.23 15.75 -8.23
N THR M 134 29.98 14.97 -9.01
CA THR M 134 30.21 15.34 -10.42
C THR M 134 28.94 15.20 -11.28
N GLU M 135 28.07 14.25 -10.91
CA GLU M 135 26.77 14.07 -11.59
C GLU M 135 25.83 15.23 -11.33
N ILE M 136 25.82 15.71 -10.09
CA ILE M 136 25.03 16.87 -9.71
C ILE M 136 25.54 18.13 -10.40
N GLU M 137 26.87 18.25 -10.50
CA GLU M 137 27.50 19.36 -11.22
C GLU M 137 27.01 19.40 -12.67
N ILE M 138 27.08 18.25 -13.34
CA ILE M 138 26.62 18.14 -14.73
C ILE M 138 25.17 18.60 -14.90
N ALA M 139 24.29 18.13 -14.01
CA ALA M 139 22.87 18.48 -14.05
C ALA M 139 22.62 19.95 -13.74
N ALA M 140 23.35 20.48 -12.77
CA ALA M 140 23.29 21.90 -12.42
C ALA M 140 23.77 22.79 -13.55
N ASN M 141 24.91 22.45 -14.18
CA ASN M 141 25.41 23.18 -15.35
C ASN M 141 24.42 23.15 -16.51
N HIS M 142 23.81 21.99 -16.70
CA HIS M 142 22.82 21.83 -17.73
C HIS M 142 21.59 22.71 -17.51
N ILE M 143 20.97 22.67 -16.33
CA ILE M 143 19.74 23.45 -16.11
C ILE M 143 20.02 24.96 -16.13
N LEU M 144 21.22 25.35 -15.69
CA LEU M 144 21.65 26.76 -15.78
C LEU M 144 21.87 27.24 -17.22
N LYS M 145 22.48 26.39 -18.04
CA LYS M 145 22.65 26.68 -19.48
C LYS M 145 21.29 26.80 -20.17
N THR M 146 20.36 25.91 -19.80
CA THR M 146 18.99 25.96 -20.30
C THR M 146 18.23 27.20 -19.82
N ARG M 147 18.55 27.70 -18.63
CA ARG M 147 17.97 28.98 -18.19
C ARG M 147 18.48 30.15 -19.02
N GLU M 148 19.78 30.19 -19.30
CA GLU M 148 20.36 31.25 -20.11
C GLU M 148 19.73 31.27 -21.50
N LYS M 149 19.57 30.08 -22.07
CA LYS M 149 18.95 29.88 -23.38
C LYS M 149 17.50 30.41 -23.45
N LEU M 150 16.70 30.05 -22.45
CA LEU M 150 15.33 30.54 -22.35
C LEU M 150 15.29 32.06 -22.16
N ASN M 151 16.14 32.56 -21.27
CA ASN M 151 16.20 33.99 -20.95
C ASN M 151 16.63 34.82 -22.17
N ARG M 152 17.61 34.31 -22.91
CA ARG M 152 18.09 34.96 -24.14
C ARG M 152 16.98 35.12 -25.18
N ILE M 153 16.23 34.05 -25.45
CA ILE M 153 15.11 34.08 -26.40
C ILE M 153 13.93 34.93 -25.90
N LEU M 154 13.58 34.82 -24.63
CA LEU M 154 12.57 35.72 -24.07
C LEU M 154 12.97 37.20 -24.23
N SER M 155 14.27 37.50 -24.07
CA SER M 155 14.80 38.86 -24.21
C SER M 155 14.61 39.38 -25.63
N GLU M 156 14.94 38.52 -26.59
CA GLU M 156 14.76 38.80 -28.01
C GLU M 156 13.31 39.09 -28.40
N ARG M 157 12.35 38.40 -27.77
CA ARG M 157 10.94 38.47 -28.19
C ARG M 157 10.05 39.40 -27.39
N THR M 158 10.45 39.75 -26.16
CA THR M 158 9.77 40.75 -25.35
C THR M 158 10.38 42.14 -25.52
N GLY M 159 11.68 42.18 -25.85
CA GLY M 159 12.44 43.43 -25.87
C GLY M 159 13.02 43.83 -24.53
N GLN M 160 12.82 43.01 -23.50
CA GLN M 160 13.40 43.25 -22.18
C GLN M 160 14.82 42.73 -22.18
N SER M 161 15.64 43.23 -21.25
CA SER M 161 17.03 42.78 -21.11
C SER M 161 17.12 41.40 -20.46
N ILE M 162 18.21 40.69 -20.74
CA ILE M 162 18.49 39.40 -20.08
C ILE M 162 18.52 39.59 -18.56
N GLU M 163 19.15 40.67 -18.09
CA GLU M 163 19.27 40.98 -16.64
C GLU M 163 17.92 41.16 -15.97
N LYS M 164 16.98 41.82 -16.64
CA LYS M 164 15.64 42.04 -16.08
C LYS M 164 14.82 40.76 -16.04
N ILE M 165 14.93 39.96 -17.09
CA ILE M 165 14.23 38.66 -17.14
C ILE M 165 14.71 37.72 -16.02
N GLN M 166 16.02 37.67 -15.80
CA GLN M 166 16.62 36.87 -14.72
C GLN M 166 16.02 37.26 -13.36
N LYS M 167 16.03 38.56 -13.07
CA LYS M 167 15.48 39.11 -11.82
C LYS M 167 14.00 38.73 -11.71
N ASP M 168 13.26 38.96 -12.80
CA ASP M 168 11.81 38.78 -12.80
C ASP M 168 11.34 37.32 -12.83
N THR M 169 12.18 36.41 -13.32
CA THR M 169 11.84 34.97 -13.29
C THR M 169 12.39 34.23 -12.06
N ASP M 170 13.10 34.91 -11.15
CA ASP M 170 13.72 34.25 -9.98
C ASP M 170 12.69 33.47 -9.13
N ARG M 171 11.57 34.13 -8.90
CA ARG M 171 10.49 33.44 -8.19
C ARG M 171 9.28 33.51 -9.12
N ASP M 172 8.25 32.75 -8.83
CA ASP M 172 6.98 32.82 -9.57
C ASP M 172 6.49 34.26 -9.70
N ASN M 173 6.14 34.66 -10.92
CA ASN M 173 5.71 36.02 -11.23
C ASN M 173 4.41 35.96 -12.02
N PHE M 174 3.30 36.23 -11.33
CA PHE M 174 1.99 36.26 -11.99
C PHE M 174 1.74 37.64 -12.60
N LEU M 175 1.30 37.64 -13.86
CA LEU M 175 0.96 38.85 -14.64
C LEU M 175 -0.51 38.79 -15.10
N THR M 176 -1.19 39.95 -15.07
CA THR M 176 -2.46 40.13 -15.81
C THR M 176 -2.17 40.18 -17.29
N ALA M 177 -3.22 39.99 -18.08
CA ALA M 177 -3.13 40.13 -19.53
C ALA M 177 -2.53 41.49 -19.91
N GLU M 178 -3.05 42.55 -19.26
CA GLU M 178 -2.57 43.90 -19.50
C GLU M 178 -1.08 44.03 -19.14
N GLU M 179 -0.68 43.46 -18.01
CA GLU M 179 0.73 43.47 -17.57
C GLU M 179 1.63 42.70 -18.53
N ALA M 180 1.11 41.62 -19.11
CA ALA M 180 1.84 40.85 -20.12
C ALA M 180 2.09 41.63 -21.39
N LYS M 181 1.10 42.46 -21.80
CA LYS M 181 1.26 43.40 -22.94
C LYS M 181 2.38 44.38 -22.68
N GLU M 182 2.32 45.05 -21.52
CA GLU M 182 3.36 46.00 -21.09
C GLU M 182 4.73 45.33 -21.05
N TYR M 183 4.79 44.07 -20.63
CA TYR M 183 6.05 43.33 -20.52
C TYR M 183 6.63 42.93 -21.87
N GLY M 184 5.77 42.75 -22.88
CA GLY M 184 6.20 42.33 -24.21
C GLY M 184 6.00 40.86 -24.53
N LEU M 185 5.33 40.13 -23.63
CA LEU M 185 5.01 38.72 -23.85
C LEU M 185 3.89 38.57 -24.87
N ILE M 186 3.00 39.55 -24.91
CA ILE M 186 1.96 39.64 -25.93
C ILE M 186 1.93 41.04 -26.55
N ASP M 187 1.25 41.17 -27.69
CA ASP M 187 1.12 42.44 -28.42
C ASP M 187 -0.18 43.18 -28.11
N GLU M 188 -1.28 42.45 -27.94
CA GLU M 188 -2.57 43.05 -27.58
C GLU M 188 -3.42 42.19 -26.65
N VAL M 189 -4.25 42.84 -25.84
CA VAL M 189 -5.30 42.17 -25.11
C VAL M 189 -6.51 42.16 -26.02
N MET M 190 -7.03 40.97 -26.33
CA MET M 190 -8.16 40.85 -27.26
C MET M 190 -9.49 41.23 -26.61
N VAL M 191 -9.93 42.45 -26.90
CA VAL M 191 -11.17 43.01 -26.37
C VAL M 191 -12.39 42.32 -26.99
N PRO M 192 -13.52 42.25 -26.25
CA PRO M 192 -14.77 41.74 -26.86
C PRO M 192 -15.40 42.61 -27.96
N ILE N 4 -23.77 6.24 -22.16
CA ILE N 4 -24.17 7.43 -22.99
C ILE N 4 -24.88 7.00 -24.29
N PRO N 5 -26.20 7.20 -24.37
CA PRO N 5 -26.96 6.66 -25.49
C PRO N 5 -26.80 7.39 -26.82
N THR N 6 -27.08 6.67 -27.89
CA THR N 6 -27.05 7.18 -29.26
C THR N 6 -28.48 7.41 -29.79
N VAL N 7 -28.69 8.52 -30.49
CA VAL N 7 -29.95 8.81 -31.17
C VAL N 7 -29.68 8.94 -32.68
N ILE N 8 -30.63 8.50 -33.52
CA ILE N 8 -30.49 8.56 -34.99
C ILE N 8 -31.52 9.50 -35.60
N ARG N 16 -28.33 10.35 -39.84
CA ARG N 16 -27.12 10.65 -38.99
C ARG N 16 -27.31 10.13 -37.59
N ALA N 17 -26.24 9.53 -37.07
CA ALA N 17 -26.17 9.03 -35.68
C ALA N 17 -25.39 10.00 -34.78
N TYR N 18 -25.96 10.32 -33.63
CA TYR N 18 -25.38 11.25 -32.68
C TYR N 18 -25.41 10.62 -31.30
N ASP N 19 -24.31 10.76 -30.55
CA ASP N 19 -24.38 10.59 -29.10
C ASP N 19 -25.20 11.76 -28.54
N ILE N 20 -25.97 11.49 -27.49
CA ILE N 20 -26.99 12.43 -27.00
C ILE N 20 -26.40 13.85 -26.80
N TYR N 21 -25.17 13.95 -26.28
CA TYR N 21 -24.55 15.26 -26.02
C TYR N 21 -24.21 16.00 -27.31
N SER N 22 -23.71 15.25 -28.30
CA SER N 22 -23.42 15.82 -29.62
C SER N 22 -24.67 16.33 -30.33
N ARG N 23 -25.80 15.67 -30.07
CA ARG N 23 -27.09 16.07 -30.62
C ARG N 23 -27.58 17.38 -30.01
N LEU N 24 -27.39 17.53 -28.69
CA LEU N 24 -27.67 18.79 -28.04
C LEU N 24 -26.80 19.91 -28.64
N LEU N 25 -25.52 19.60 -28.92
CA LEU N 25 -24.63 20.57 -29.54
C LEU N 25 -25.11 21.01 -30.94
N LYS N 26 -25.76 20.11 -31.69
CA LYS N 26 -26.37 20.47 -32.98
C LYS N 26 -27.46 21.52 -32.86
N ASP N 27 -28.19 21.51 -31.75
CA ASP N 27 -29.13 22.58 -31.40
C ASP N 27 -28.55 23.70 -30.51
N ARG N 28 -27.24 23.91 -30.58
CA ARG N 28 -26.55 25.00 -29.88
C ARG N 28 -26.63 24.96 -28.35
N ILE N 29 -26.70 23.74 -27.80
CA ILE N 29 -26.70 23.51 -26.36
C ILE N 29 -25.37 22.90 -25.95
N ILE N 30 -24.67 23.58 -25.04
CA ILE N 30 -23.39 23.12 -24.50
C ILE N 30 -23.59 22.64 -23.06
N MET N 31 -23.06 21.44 -22.75
CA MET N 31 -23.15 20.85 -21.41
C MET N 31 -21.90 21.13 -20.58
N LEU N 32 -22.05 21.95 -19.54
CA LEU N 32 -21.04 22.11 -18.48
C LEU N 32 -21.59 21.35 -17.28
N GLY N 33 -21.29 20.05 -17.24
CA GLY N 33 -21.93 19.12 -16.29
C GLY N 33 -20.97 18.39 -15.38
N SER N 34 -19.77 18.93 -15.18
CA SER N 34 -18.79 18.25 -14.36
C SER N 34 -17.85 19.26 -13.69
N GLN N 35 -16.89 18.75 -12.91
CA GLN N 35 -15.85 19.59 -12.34
C GLN N 35 -15.10 20.31 -13.45
N ILE N 36 -14.86 21.60 -13.25
CA ILE N 36 -14.20 22.43 -14.24
C ILE N 36 -12.69 22.23 -14.08
N ASP N 37 -12.09 21.55 -15.04
CA ASP N 37 -10.62 21.50 -15.17
C ASP N 37 -10.23 22.04 -16.56
N ASP N 38 -8.94 22.04 -16.88
CA ASP N 38 -8.48 22.56 -18.16
C ASP N 38 -9.10 21.83 -19.38
N ASN N 39 -9.30 20.51 -19.28
CA ASN N 39 -9.95 19.74 -20.39
C ASN N 39 -11.34 20.19 -20.69
N VAL N 40 -12.16 20.26 -19.64
CA VAL N 40 -13.53 20.66 -19.75
C VAL N 40 -13.59 22.07 -20.35
N ALA N 41 -12.74 22.97 -19.85
CA ALA N 41 -12.72 24.34 -20.36
C ALA N 41 -12.39 24.38 -21.84
N ASN N 42 -11.34 23.67 -22.23
CA ASN N 42 -10.93 23.65 -23.65
C ASN N 42 -12.04 23.16 -24.59
N SER N 43 -12.75 22.12 -24.16
CA SER N 43 -13.90 21.58 -24.90
C SER N 43 -15.01 22.64 -25.04
N ILE N 44 -15.39 23.24 -23.92
CA ILE N 44 -16.46 24.28 -23.91
C ILE N 44 -16.04 25.45 -24.82
N VAL N 45 -14.79 25.90 -24.68
CA VAL N 45 -14.24 27.01 -25.50
C VAL N 45 -14.36 26.66 -26.98
N SER N 46 -13.91 25.47 -27.33
CA SER N 46 -13.97 25.00 -28.71
C SER N 46 -15.39 24.90 -29.26
N GLN N 47 -16.34 24.46 -28.41
CA GLN N 47 -17.75 24.42 -28.78
C GLN N 47 -18.28 25.83 -29.04
N LEU N 48 -18.00 26.75 -28.13
CA LEU N 48 -18.44 28.16 -28.27
C LEU N 48 -17.95 28.80 -29.56
N LEU N 49 -16.68 28.59 -29.90
CA LEU N 49 -16.09 29.20 -31.08
C LEU N 49 -16.72 28.64 -32.36
N PHE N 50 -16.96 27.34 -32.34
CA PHE N 50 -17.60 26.62 -33.44
C PHE N 50 -19.04 27.06 -33.63
N LEU N 51 -19.81 27.13 -32.56
CA LEU N 51 -21.19 27.59 -32.68
C LEU N 51 -21.28 29.03 -33.25
N GLN N 52 -20.31 29.88 -32.92
CA GLN N 52 -20.25 31.24 -33.50
C GLN N 52 -20.06 31.17 -35.00
N ALA N 53 -19.12 30.34 -35.44
CA ALA N 53 -18.84 30.20 -36.86
C ALA N 53 -20.03 29.65 -37.65
N GLN N 54 -20.82 28.77 -37.01
CA GLN N 54 -22.05 28.24 -37.59
C GLN N 54 -23.07 29.34 -37.81
N ASP N 55 -23.29 30.16 -36.77
CA ASP N 55 -24.26 31.24 -36.81
C ASP N 55 -23.91 32.25 -35.72
N SER N 56 -23.49 33.46 -36.13
CA SER N 56 -23.10 34.50 -35.18
C SER N 56 -24.28 35.30 -34.58
N GLU N 57 -25.50 35.04 -35.04
CA GLU N 57 -26.70 35.73 -34.58
C GLU N 57 -27.45 34.93 -33.52
N LYS N 58 -27.63 33.62 -33.76
CA LYS N 58 -28.48 32.75 -32.93
C LYS N 58 -27.95 32.48 -31.52
N ASP N 59 -28.88 32.38 -30.56
CA ASP N 59 -28.53 32.13 -29.16
C ASP N 59 -27.86 30.78 -28.97
N ILE N 60 -26.94 30.75 -27.99
CA ILE N 60 -26.30 29.53 -27.48
C ILE N 60 -26.86 29.30 -26.08
N TYR N 61 -27.03 28.02 -25.71
CA TYR N 61 -27.53 27.63 -24.39
C TYR N 61 -26.46 26.87 -23.60
N LEU N 62 -26.00 27.44 -22.48
CA LEU N 62 -25.04 26.79 -21.59
C LEU N 62 -25.71 26.20 -20.36
N TYR N 63 -25.85 24.88 -20.38
CA TYR N 63 -26.35 24.08 -19.24
C TYR N 63 -25.25 23.97 -18.17
N ILE N 64 -25.60 24.27 -16.92
CA ILE N 64 -24.62 24.22 -15.82
C ILE N 64 -25.12 23.31 -14.68
N ASN N 65 -24.45 22.17 -14.51
CA ASN N 65 -24.58 21.30 -13.30
C ASN N 65 -23.18 20.93 -12.81
N SER N 66 -22.54 21.88 -12.11
CA SER N 66 -21.11 21.79 -11.80
C SER N 66 -20.81 22.28 -10.41
N PRO N 67 -19.89 21.60 -9.71
CA PRO N 67 -19.48 22.06 -8.38
C PRO N 67 -18.38 23.11 -8.47
N GLY N 68 -18.00 23.49 -9.69
CA GLY N 68 -16.94 24.44 -9.91
C GLY N 68 -15.63 23.72 -10.16
N GLY N 69 -14.53 24.38 -9.81
CA GLY N 69 -13.20 23.83 -10.05
C GLY N 69 -12.20 24.92 -10.33
N SER N 70 -11.29 24.67 -11.26
CA SER N 70 -10.20 25.60 -11.57
C SER N 70 -10.69 27.01 -11.94
N VAL N 71 -10.20 28.00 -11.21
CA VAL N 71 -10.52 29.41 -11.48
C VAL N 71 -10.01 29.78 -12.88
N THR N 72 -8.76 29.42 -13.18
CA THR N 72 -8.09 29.73 -14.48
C THR N 72 -8.84 29.14 -15.67
N ALA N 73 -9.19 27.86 -15.57
CA ALA N 73 -10.04 27.19 -16.56
C ALA N 73 -11.42 27.82 -16.66
N GLY N 74 -11.99 28.23 -15.52
CA GLY N 74 -13.25 28.97 -15.49
C GLY N 74 -13.19 30.26 -16.28
N PHE N 75 -12.11 31.03 -16.09
CA PHE N 75 -11.90 32.27 -16.85
C PHE N 75 -11.62 32.06 -18.34
N ALA N 76 -11.20 30.86 -18.73
CA ALA N 76 -11.11 30.52 -20.15
C ALA N 76 -12.50 30.51 -20.77
N ILE N 77 -13.44 29.91 -20.06
CA ILE N 77 -14.83 29.83 -20.50
C ILE N 77 -15.43 31.22 -20.48
N TYR N 78 -15.25 31.94 -19.38
CA TYR N 78 -15.83 33.27 -19.22
C TYR N 78 -15.41 34.18 -20.34
N ASP N 79 -14.11 34.31 -20.56
CA ASP N 79 -13.60 35.23 -21.58
C ASP N 79 -14.10 34.89 -23.00
N THR N 80 -14.21 33.59 -23.30
CA THR N 80 -14.72 33.12 -24.60
C THR N 80 -16.21 33.42 -24.75
N ILE N 81 -17.00 33.27 -23.68
CA ILE N 81 -18.42 33.70 -23.68
C ILE N 81 -18.54 35.18 -24.03
N GLN N 82 -17.81 36.04 -23.31
CA GLN N 82 -17.87 37.48 -23.54
C GLN N 82 -17.38 37.88 -24.93
N HIS N 83 -16.35 37.20 -25.42
CA HIS N 83 -15.74 37.53 -26.73
C HIS N 83 -16.67 37.29 -27.92
N ILE N 84 -17.36 36.16 -27.91
CA ILE N 84 -18.17 35.78 -29.07
C ILE N 84 -19.43 36.64 -29.22
N LYS N 85 -19.90 36.71 -30.47
CA LYS N 85 -20.98 37.60 -30.87
C LYS N 85 -22.34 37.14 -30.32
N PRO N 86 -22.66 35.84 -30.42
CA PRO N 86 -23.96 35.39 -29.89
C PRO N 86 -24.15 35.58 -28.38
N ASP N 87 -25.40 35.80 -27.98
CA ASP N 87 -25.77 35.72 -26.58
C ASP N 87 -25.60 34.27 -26.12
N VAL N 88 -25.00 34.09 -24.94
CA VAL N 88 -24.90 32.75 -24.30
C VAL N 88 -25.83 32.70 -23.09
N GLN N 89 -26.92 31.96 -23.22
CA GLN N 89 -27.84 31.74 -22.11
C GLN N 89 -27.18 30.80 -21.14
N THR N 90 -27.40 31.01 -19.84
CA THR N 90 -26.91 30.10 -18.79
C THR N 90 -28.09 29.56 -18.00
N ILE N 91 -28.14 28.25 -17.82
CA ILE N 91 -29.25 27.56 -17.17
C ILE N 91 -28.72 26.59 -16.12
N CYS N 92 -28.93 26.92 -14.85
CA CYS N 92 -28.49 26.10 -13.75
C CYS N 92 -29.51 25.03 -13.44
N ILE N 93 -29.12 23.78 -13.61
CA ILE N 93 -29.98 22.64 -13.31
C ILE N 93 -29.21 21.72 -12.36
N GLY N 94 -29.86 21.35 -11.25
CA GLY N 94 -29.20 20.56 -10.19
C GLY N 94 -28.38 21.39 -9.23
N MET N 95 -27.21 21.83 -9.68
CA MET N 95 -26.26 22.59 -8.84
C MET N 95 -25.31 23.47 -9.66
N ALA N 96 -25.07 24.69 -9.19
CA ALA N 96 -23.96 25.51 -9.69
C ALA N 96 -23.21 26.09 -8.50
N ALA N 97 -21.96 25.64 -8.29
CA ALA N 97 -21.15 26.07 -7.13
C ALA N 97 -19.79 26.60 -7.57
N SER N 98 -19.21 27.46 -6.73
CA SER N 98 -17.84 28.00 -6.94
C SER N 98 -17.74 28.73 -8.31
N MET N 99 -16.85 28.29 -9.19
CA MET N 99 -16.69 28.87 -10.53
C MET N 99 -17.89 28.55 -11.43
N GLY N 100 -18.65 27.51 -11.09
CA GLY N 100 -19.89 27.19 -11.78
C GLY N 100 -20.95 28.28 -11.62
N SER N 101 -21.12 28.80 -10.41
CA SER N 101 -22.08 29.88 -10.15
C SER N 101 -21.56 31.21 -10.64
N PHE N 102 -20.24 31.36 -10.70
CA PHE N 102 -19.64 32.53 -11.35
C PHE N 102 -20.02 32.60 -12.83
N LEU N 103 -19.87 31.46 -13.52
CA LEU N 103 -20.20 31.35 -14.94
C LEU N 103 -21.70 31.44 -15.20
N LEU N 104 -22.51 30.95 -14.26
CA LEU N 104 -23.95 31.14 -14.33
C LEU N 104 -24.27 32.63 -14.42
N ALA N 105 -23.65 33.42 -13.55
CA ALA N 105 -23.81 34.88 -13.53
C ALA N 105 -23.27 35.59 -14.78
N ALA N 106 -22.36 34.95 -15.51
CA ALA N 106 -21.71 35.54 -16.69
C ALA N 106 -22.51 35.40 -17.97
N GLY N 107 -23.67 34.76 -17.88
CA GLY N 107 -24.56 34.63 -19.02
C GLY N 107 -25.07 35.97 -19.49
N ALA N 108 -25.64 35.95 -20.71
CA ALA N 108 -26.20 37.17 -21.33
C ALA N 108 -27.26 37.77 -20.43
N LYS N 109 -27.21 39.08 -20.28
CA LYS N 109 -28.17 39.77 -19.39
C LYS N 109 -29.58 39.46 -19.88
N GLY N 110 -30.46 39.13 -18.96
CA GLY N 110 -31.85 38.80 -19.32
C GLY N 110 -31.98 37.33 -19.62
N LYS N 111 -30.87 36.63 -19.73
CA LYS N 111 -31.00 35.24 -20.16
C LYS N 111 -30.21 34.27 -19.25
N ARG N 112 -30.19 34.57 -17.96
CA ARG N 112 -29.56 33.72 -16.94
C ARG N 112 -30.67 33.09 -16.12
N PHE N 113 -30.78 31.76 -16.20
CA PHE N 113 -31.91 31.03 -15.60
C PHE N 113 -31.47 29.98 -14.59
N ALA N 114 -32.40 29.57 -13.74
CA ALA N 114 -32.23 28.39 -12.91
C ALA N 114 -33.59 27.74 -12.74
N LEU N 115 -33.62 26.41 -12.76
CA LEU N 115 -34.85 25.67 -12.52
C LEU N 115 -35.17 25.67 -11.00
N PRO N 116 -36.45 25.45 -10.63
CA PRO N 116 -36.92 25.78 -9.27
C PRO N 116 -36.12 25.20 -8.09
N ASN N 117 -35.78 23.91 -8.15
CA ASN N 117 -35.03 23.22 -7.07
C ASN N 117 -33.51 23.10 -7.32
N ALA N 118 -32.97 23.91 -8.21
CA ALA N 118 -31.55 23.97 -8.41
C ALA N 118 -30.88 24.68 -7.24
N GLU N 119 -29.63 24.28 -6.96
CA GLU N 119 -28.83 24.78 -5.85
C GLU N 119 -27.71 25.68 -6.37
N VAL N 120 -27.60 26.89 -5.83
CA VAL N 120 -26.52 27.80 -6.19
C VAL N 120 -25.72 28.05 -4.94
N MET N 121 -24.40 27.95 -5.04
CA MET N 121 -23.50 28.25 -3.93
C MET N 121 -22.40 29.19 -4.37
N ILE N 122 -22.06 30.15 -3.52
CA ILE N 122 -20.94 31.06 -3.74
C ILE N 122 -19.99 31.00 -2.53
N HIS N 123 -18.69 31.08 -2.79
CA HIS N 123 -17.68 31.13 -1.73
C HIS N 123 -16.36 31.74 -2.24
N GLN N 124 -15.33 31.80 -1.39
CA GLN N 124 -14.02 32.29 -1.82
C GLN N 124 -13.29 31.17 -2.55
N PRO N 125 -12.32 31.53 -3.40
CA PRO N 125 -11.44 30.56 -4.02
C PRO N 125 -10.53 29.86 -3.02
N LEU N 126 -10.23 28.62 -3.34
CA LEU N 126 -9.43 27.73 -2.51
C LEU N 126 -8.09 27.50 -3.19
N GLY N 127 -7.04 27.33 -2.41
CA GLY N 127 -5.73 27.09 -2.97
C GLY N 127 -4.79 26.50 -1.96
N GLY N 128 -3.50 26.58 -2.27
CA GLY N 128 -2.46 26.06 -1.42
C GLY N 128 -1.10 26.64 -1.72
N ALA N 129 -0.24 26.59 -0.72
CA ALA N 129 1.10 27.16 -0.81
C ALA N 129 2.01 26.37 0.10
N GLN N 130 3.17 25.98 -0.40
CA GLN N 130 4.13 25.29 0.41
C GLN N 130 5.56 25.68 0.04
N GLY N 131 6.38 25.90 1.07
CA GLY N 131 7.79 26.21 0.90
C GLY N 131 8.23 27.39 1.74
N GLN N 132 9.14 28.19 1.18
CA GLN N 132 9.73 29.33 1.87
C GLN N 132 8.72 30.41 2.15
N ALA N 133 9.00 31.26 3.14
CA ALA N 133 8.11 32.37 3.49
C ALA N 133 7.80 33.28 2.29
N THR N 134 8.80 33.59 1.46
CA THR N 134 8.57 34.46 0.29
C THR N 134 7.75 33.77 -0.82
N GLU N 135 7.86 32.44 -0.92
CA GLU N 135 7.02 31.62 -1.85
C GLU N 135 5.57 31.61 -1.41
N ILE N 136 5.33 31.49 -0.10
CA ILE N 136 3.99 31.52 0.47
C ILE N 136 3.36 32.91 0.31
N GLU N 137 4.17 33.95 0.49
CA GLU N 137 3.74 35.34 0.25
C GLU N 137 3.25 35.52 -1.18
N ILE N 138 4.04 35.08 -2.14
CA ILE N 138 3.67 35.15 -3.57
C ILE N 138 2.33 34.46 -3.88
N ALA N 139 2.16 33.25 -3.34
CA ALA N 139 0.93 32.48 -3.53
C ALA N 139 -0.26 33.11 -2.83
N ALA N 140 -0.04 33.64 -1.63
CA ALA N 140 -1.08 34.35 -0.89
C ALA N 140 -1.52 35.64 -1.61
N ASN N 141 -0.55 36.43 -2.09
CA ASN N 141 -0.84 37.64 -2.87
C ASN N 141 -1.62 37.29 -4.11
N HIS N 142 -1.22 36.21 -4.75
CA HIS N 142 -1.88 35.76 -5.97
C HIS N 142 -3.34 35.38 -5.75
N ILE N 143 -3.61 34.51 -4.79
CA ILE N 143 -4.99 34.08 -4.55
C ILE N 143 -5.89 35.23 -4.07
N LEU N 144 -5.31 36.17 -3.33
CA LEU N 144 -6.05 37.37 -2.90
C LEU N 144 -6.37 38.29 -4.07
N LYS N 145 -5.41 38.48 -4.99
CA LYS N 145 -5.63 39.28 -6.19
C LYS N 145 -6.71 38.62 -7.05
N THR N 146 -6.67 37.29 -7.15
CA THR N 146 -7.69 36.51 -7.86
C THR N 146 -9.07 36.61 -7.18
N ARG N 147 -9.11 36.76 -5.86
CA ARG N 147 -10.39 37.00 -5.16
C ARG N 147 -10.97 38.36 -5.49
N GLU N 148 -10.14 39.40 -5.51
CA GLU N 148 -10.58 40.76 -5.89
C GLU N 148 -11.16 40.78 -7.29
N LYS N 149 -10.45 40.09 -8.20
CA LYS N 149 -10.85 39.94 -9.61
C LYS N 149 -12.21 39.29 -9.80
N LEU N 150 -12.41 38.16 -9.12
CA LEU N 150 -13.70 37.48 -9.12
C LEU N 150 -14.81 38.34 -8.52
N ASN N 151 -14.52 38.96 -7.37
CA ASN N 151 -15.50 39.77 -6.65
C ASN N 151 -15.90 40.99 -7.48
N ARG N 152 -14.93 41.62 -8.14
CA ARG N 152 -15.19 42.78 -9.00
C ARG N 152 -16.17 42.43 -10.13
N ILE N 153 -15.92 41.33 -10.83
CA ILE N 153 -16.79 40.88 -11.92
C ILE N 153 -18.15 40.43 -11.42
N LEU N 154 -18.19 39.69 -10.32
CA LEU N 154 -19.50 39.34 -9.73
C LEU N 154 -20.31 40.59 -9.37
N SER N 155 -19.63 41.64 -8.90
CA SER N 155 -20.26 42.92 -8.54
C SER N 155 -20.89 43.57 -9.76
N GLU N 156 -20.13 43.60 -10.87
CA GLU N 156 -20.59 44.12 -12.15
C GLU N 156 -21.82 43.40 -12.70
N ARG N 157 -21.91 42.10 -12.49
CA ARG N 157 -22.96 41.27 -13.10
C ARG N 157 -24.18 40.97 -12.26
N THR N 158 -24.04 41.07 -10.93
CA THR N 158 -25.17 40.95 -10.00
C THR N 158 -25.77 42.30 -9.65
N GLY N 159 -24.94 43.36 -9.70
CA GLY N 159 -25.31 44.67 -9.23
C GLY N 159 -25.09 44.89 -7.74
N GLN N 160 -24.55 43.87 -7.05
CA GLN N 160 -24.20 44.00 -5.63
C GLN N 160 -22.85 44.68 -5.50
N SER N 161 -22.58 45.24 -4.34
CA SER N 161 -21.30 45.92 -4.09
C SER N 161 -20.18 44.91 -3.87
N ILE N 162 -18.96 45.33 -4.13
CA ILE N 162 -17.78 44.51 -3.82
C ILE N 162 -17.76 44.13 -2.34
N GLU N 163 -18.07 45.10 -1.47
CA GLU N 163 -18.05 44.92 -0.01
C GLU N 163 -19.05 43.85 0.44
N LYS N 164 -20.22 43.81 -0.18
CA LYS N 164 -21.25 42.81 0.16
C LYS N 164 -20.88 41.41 -0.31
N ILE N 165 -20.31 41.32 -1.51
CA ILE N 165 -19.86 40.05 -2.08
C ILE N 165 -18.74 39.44 -1.23
N GLN N 166 -17.78 40.26 -0.82
CA GLN N 166 -16.72 39.83 0.11
C GLN N 166 -17.29 39.20 1.39
N LYS N 167 -18.21 39.93 2.06
CA LYS N 167 -18.87 39.46 3.30
C LYS N 167 -19.61 38.15 3.01
N ASP N 168 -20.38 38.12 1.91
CA ASP N 168 -21.24 36.98 1.57
C ASP N 168 -20.51 35.75 1.02
N THR N 169 -19.32 35.92 0.47
CA THR N 169 -18.50 34.78 0.05
C THR N 169 -17.47 34.29 1.08
N ASP N 170 -17.40 34.90 2.26
CA ASP N 170 -16.39 34.54 3.26
C ASP N 170 -16.45 33.05 3.64
N ARG N 171 -17.67 32.59 3.84
CA ARG N 171 -17.87 31.16 4.11
C ARG N 171 -18.83 30.66 3.05
N ASP N 172 -18.96 29.36 2.92
CA ASP N 172 -19.92 28.77 2.00
C ASP N 172 -21.31 29.35 2.23
N ASN N 173 -21.95 29.76 1.13
CA ASN N 173 -23.27 30.41 1.14
C ASN N 173 -24.18 29.72 0.15
N PHE N 174 -25.05 28.88 0.65
CA PHE N 174 -26.04 28.19 -0.18
C PHE N 174 -27.27 29.08 -0.40
N LEU N 175 -27.69 29.17 -1.67
CA LEU N 175 -28.87 29.94 -2.12
C LEU N 175 -29.87 29.02 -2.83
N THR N 176 -31.16 29.26 -2.60
CA THR N 176 -32.22 28.72 -3.48
C THR N 176 -32.21 29.47 -4.80
N ALA N 177 -32.87 28.88 -5.79
CA ALA N 177 -33.03 29.50 -7.10
C ALA N 177 -33.63 30.90 -6.93
N GLU N 178 -34.69 30.98 -6.12
CA GLU N 178 -35.36 32.25 -5.87
C GLU N 178 -34.41 33.26 -5.22
N GLU N 179 -33.63 32.80 -4.25
CA GLU N 179 -32.63 33.66 -3.59
C GLU N 179 -31.55 34.14 -4.56
N ALA N 180 -31.18 33.30 -5.51
CA ALA N 180 -30.20 33.66 -6.53
C ALA N 180 -30.72 34.75 -7.43
N LYS N 181 -32.02 34.71 -7.74
CA LYS N 181 -32.68 35.77 -8.51
C LYS N 181 -32.59 37.09 -7.77
N GLU N 182 -32.99 37.08 -6.50
CA GLU N 182 -32.95 38.27 -5.64
C GLU N 182 -31.53 38.82 -5.52
N TYR N 183 -30.54 37.93 -5.49
CA TYR N 183 -29.14 38.31 -5.37
C TYR N 183 -28.58 38.91 -6.66
N GLY N 184 -29.14 38.52 -7.81
CA GLY N 184 -28.65 39.02 -9.12
C GLY N 184 -27.75 38.06 -9.89
N LEU N 185 -27.60 36.84 -9.38
CA LEU N 185 -26.81 35.80 -10.07
C LEU N 185 -27.56 35.27 -11.27
N ILE N 186 -28.89 35.28 -11.19
CA ILE N 186 -29.75 34.94 -12.31
C ILE N 186 -30.84 36.00 -12.48
N ASP N 187 -31.51 35.97 -13.62
CA ASP N 187 -32.57 36.91 -13.95
C ASP N 187 -33.96 36.34 -13.68
N GLU N 188 -34.16 35.06 -13.95
CA GLU N 188 -35.46 34.41 -13.70
C GLU N 188 -35.33 32.96 -13.24
N VAL N 189 -36.30 32.52 -12.44
CA VAL N 189 -36.48 31.11 -12.14
C VAL N 189 -37.38 30.55 -13.22
N MET N 190 -36.90 29.57 -13.95
CA MET N 190 -37.67 29.00 -15.07
C MET N 190 -38.79 28.08 -14.56
N VAL N 191 -39.99 28.63 -14.58
CA VAL N 191 -41.20 27.93 -14.17
C VAL N 191 -41.57 26.82 -15.19
N PRO N 192 -42.22 25.72 -14.74
CA PRO N 192 -42.76 24.72 -15.70
C PRO N 192 -43.94 25.17 -16.59
N GLU N 193 -43.97 24.68 -17.83
CA GLU N 193 -44.80 25.24 -18.91
C GLU N 193 -46.29 25.02 -18.69
#